data_3ZGP
#
_entry.id   3ZGP
#
_cell.length_a   1.000
_cell.length_b   1.000
_cell.length_c   1.000
_cell.angle_alpha   90.00
_cell.angle_beta   90.00
_cell.angle_gamma   90.00
#
_symmetry.space_group_name_H-M   'P 1'
#
loop_
_entity.id
_entity.type
_entity.pdbx_description
1 polymer ERFK/YBIS/YCFS/YNHG
2 non-polymer '(4R,5S)-3-({(3S,5S)-5-[(3-carboxyphenyl)carbamoyl]pyrrolidin-3-yl}sulfanyl)-5-[(1S,2R)-1-formyl-2-hydroxypropyl]-4-methyl-4,5-dihydro-1H-pyrrole-2-carboxylic acid'
#
_entity_poly.entity_id   1
_entity_poly.type   'polypeptide(L)'
_entity_poly.pdbx_seq_one_letter_code
;GHMEDTYIEVDLENQHMWYYKDGKVALETDIVSGKPTTPTPAGVFYVWNKEEDATLKGTNDDGTPYESPVNYWMPIDWTG
VGIHDSDWQPEYGGDLWKTRGSHGCINTPPSVMKELFGMVEKGTPVLVF
;
_entity_poly.pdbx_strand_id   A
#
loop_
_chem_comp.id
_chem_comp.type
_chem_comp.name
_chem_comp.formula
1RG non-polymer '(4R,5S)-3-({(3S,5S)-5-[(3-carboxyphenyl)carbamoyl]pyrrolidin-3-yl}sulfanyl)-5-[(1S,2R)-1-formyl-2-hydroxypropyl]-4-methyl-4,5-dihydro-1H-pyrrole-2-carboxylic acid' 'C22 H27 N3 O7 S'
#
# COMPACT_ATOMS: atom_id res chain seq x y z
N GLY A 1 8.29 17.62 0.89
CA GLY A 1 7.57 17.90 -0.38
C GLY A 1 7.83 16.81 -1.41
N HIS A 2 6.79 16.46 -2.16
CA HIS A 2 6.92 15.46 -3.22
C HIS A 2 6.15 15.86 -4.46
N MET A 3 6.89 16.19 -5.51
CA MET A 3 6.33 16.32 -6.86
C MET A 3 5.18 17.33 -6.95
N GLU A 4 4.45 17.28 -8.06
CA GLU A 4 3.16 17.94 -8.16
C GLU A 4 2.22 17.26 -7.17
N ASP A 5 1.07 17.85 -6.90
CA ASP A 5 0.17 17.25 -5.93
C ASP A 5 -0.56 16.09 -6.57
N THR A 6 0.10 14.96 -6.60
CA THR A 6 -0.49 13.69 -6.96
C THR A 6 0.35 12.59 -6.36
N TYR A 7 -0.30 11.60 -5.76
CA TYR A 7 0.43 10.54 -5.09
C TYR A 7 -0.50 9.60 -4.36
N ILE A 8 -0.05 8.40 -4.09
CA ILE A 8 -0.72 7.56 -3.14
C ILE A 8 -0.36 8.01 -1.75
N GLU A 9 -1.26 7.82 -0.85
CA GLU A 9 -1.08 8.27 0.50
C GLU A 9 -1.81 7.36 1.46
N VAL A 10 -1.21 7.06 2.57
CA VAL A 10 -1.85 6.23 3.57
C VAL A 10 -1.73 6.84 4.94
N ASP A 11 -2.60 6.37 5.82
CA ASP A 11 -2.58 6.72 7.23
C ASP A 11 -2.90 5.46 8.00
N LEU A 12 -1.87 4.93 8.63
CA LEU A 12 -1.89 3.61 9.27
C LEU A 12 -2.48 3.71 10.64
N GLU A 13 -2.16 4.83 11.20
CA GLU A 13 -2.65 5.23 12.50
C GLU A 13 -4.14 5.19 12.46
N ASN A 14 -4.59 5.67 11.34
CA ASN A 14 -6.02 5.80 11.04
C ASN A 14 -6.50 4.75 10.07
N GLN A 15 -5.58 3.82 9.80
CA GLN A 15 -5.70 2.74 8.81
C GLN A 15 -6.59 3.07 7.64
N HIS A 16 -6.15 4.05 6.89
CA HIS A 16 -6.86 4.48 5.70
C HIS A 16 -5.88 4.85 4.62
N MET A 17 -6.17 4.43 3.39
CA MET A 17 -5.31 4.69 2.27
C MET A 17 -5.99 5.63 1.28
N TRP A 18 -5.18 6.29 0.49
CA TRP A 18 -5.63 7.29 -0.45
C TRP A 18 -4.83 7.23 -1.73
N TYR A 19 -5.45 7.67 -2.79
CA TYR A 19 -4.71 8.23 -3.88
C TYR A 19 -4.99 9.69 -3.87
N TYR A 20 -4.07 10.41 -4.37
CA TYR A 20 -4.19 11.84 -4.41
C TYR A 20 -3.95 12.35 -5.79
N LYS A 21 -4.94 12.99 -6.31
CA LYS A 21 -4.81 13.75 -7.52
C LYS A 21 -5.20 15.17 -7.18
N ASP A 22 -4.41 16.10 -7.65
CA ASP A 22 -4.71 17.54 -7.50
C ASP A 22 -4.52 18.03 -6.08
N GLY A 23 -3.82 17.25 -5.28
CA GLY A 23 -3.69 17.54 -3.87
C GLY A 23 -4.90 17.16 -3.08
N LYS A 24 -5.78 16.52 -3.78
CA LYS A 24 -7.00 16.02 -3.22
C LYS A 24 -7.02 14.57 -3.60
N VAL A 25 -8.01 13.81 -3.20
CA VAL A 25 -7.91 12.40 -3.50
C VAL A 25 -8.77 11.91 -4.60
N ALA A 26 -8.30 10.79 -5.09
CA ALA A 26 -8.89 10.08 -6.15
C ALA A 26 -9.49 8.87 -5.54
N LEU A 27 -8.85 8.50 -4.47
CA LEU A 27 -9.14 7.31 -3.75
C LEU A 27 -9.20 7.55 -2.28
N GLU A 28 -10.09 6.85 -1.69
CA GLU A 28 -10.26 6.85 -0.30
C GLU A 28 -10.55 5.43 0.03
N THR A 29 -9.70 4.84 0.79
CA THR A 29 -9.94 3.50 1.11
C THR A 29 -9.40 3.18 2.45
N ASP A 30 -9.89 2.12 2.99
CA ASP A 30 -9.49 1.70 4.30
C ASP A 30 -8.51 0.56 4.15
N ILE A 31 -7.47 0.56 4.96
CA ILE A 31 -6.37 -0.38 4.79
C ILE A 31 -5.93 -0.97 6.10
N VAL A 32 -4.88 -1.72 5.98
CA VAL A 32 -4.18 -2.26 7.12
C VAL A 32 -2.70 -2.42 6.76
N SER A 33 -1.90 -1.69 7.51
CA SER A 33 -0.46 -1.67 7.33
C SER A 33 0.17 -2.91 7.95
N GLY A 34 1.48 -2.94 8.09
CA GLY A 34 2.09 -4.16 8.57
C GLY A 34 2.08 -4.25 10.08
N LYS A 35 2.40 -5.45 10.56
CA LYS A 35 2.17 -5.83 11.95
C LYS A 35 3.16 -5.16 12.90
N PRO A 36 2.77 -5.08 14.20
CA PRO A 36 3.49 -4.35 15.26
C PRO A 36 4.90 -4.81 15.44
N THR A 37 5.10 -6.06 15.12
CA THR A 37 6.37 -6.72 15.29
C THR A 37 7.35 -6.19 14.26
N THR A 38 6.80 -5.88 13.10
CA THR A 38 7.55 -5.35 11.98
C THR A 38 6.73 -4.29 11.27
N PRO A 39 6.62 -3.19 11.99
CA PRO A 39 5.78 -2.04 11.69
C PRO A 39 6.07 -1.37 10.38
N THR A 40 5.10 -0.67 9.87
CA THR A 40 5.32 0.09 8.68
C THR A 40 5.86 1.47 9.09
N PRO A 41 6.74 2.03 8.25
CA PRO A 41 7.56 3.20 8.57
C PRO A 41 6.77 4.49 8.52
N ALA A 42 5.97 4.60 7.48
CA ALA A 42 5.23 5.79 7.15
C ALA A 42 6.11 7.01 6.94
N GLY A 43 5.74 7.72 5.91
CA GLY A 43 6.44 8.91 5.49
C GLY A 43 6.30 9.10 4.00
N VAL A 44 7.39 8.92 3.28
CA VAL A 44 7.37 9.04 1.84
C VAL A 44 8.04 7.82 1.18
N PHE A 45 7.24 7.06 0.48
CA PHE A 45 7.68 5.94 -0.33
C PHE A 45 7.36 6.30 -1.79
N TYR A 46 7.51 5.39 -2.73
CA TYR A 46 7.35 5.78 -4.14
C TYR A 46 6.83 4.66 -5.02
N VAL A 47 5.72 4.93 -5.72
CA VAL A 47 5.27 4.02 -6.76
C VAL A 47 5.91 4.40 -8.06
N TRP A 48 7.01 3.78 -8.29
CA TRP A 48 7.74 3.97 -9.51
C TRP A 48 7.32 2.89 -10.48
N ASN A 49 6.25 2.20 -10.08
CA ASN A 49 5.56 1.23 -10.92
C ASN A 49 4.24 0.82 -10.29
N LYS A 50 3.18 0.97 -11.07
CA LYS A 50 1.85 0.46 -10.72
C LYS A 50 1.60 -0.82 -11.50
N GLU A 51 0.90 -1.77 -10.86
CA GLU A 51 0.81 -3.13 -11.37
C GLU A 51 -0.60 -3.64 -11.53
N GLU A 52 -0.69 -4.64 -12.38
CA GLU A 52 -1.89 -5.41 -12.61
C GLU A 52 -1.52 -6.87 -12.67
N ASP A 53 -2.22 -7.65 -11.86
CA ASP A 53 -1.97 -9.07 -11.74
C ASP A 53 -0.49 -9.29 -11.38
N ALA A 54 -0.09 -8.54 -10.38
CA ALA A 54 1.24 -8.56 -9.82
C ALA A 54 1.36 -9.71 -8.85
N THR A 55 2.55 -10.02 -8.42
CA THR A 55 2.70 -10.97 -7.34
C THR A 55 3.65 -10.47 -6.29
N LEU A 56 3.11 -10.33 -5.10
CA LEU A 56 3.85 -9.86 -3.94
C LEU A 56 4.68 -10.94 -3.31
N LYS A 57 5.86 -11.03 -3.82
CA LYS A 57 6.83 -11.97 -3.32
C LYS A 57 7.86 -11.35 -2.43
N GLY A 58 8.76 -12.19 -1.98
CA GLY A 58 9.78 -11.73 -1.09
C GLY A 58 10.03 -12.71 0.01
N THR A 59 10.66 -12.24 1.09
CA THR A 59 10.79 -13.06 2.25
C THR A 59 10.16 -12.41 3.46
N ASN A 60 9.46 -13.23 4.22
CA ASN A 60 8.97 -12.86 5.53
C ASN A 60 10.11 -12.40 6.40
N ASP A 61 9.76 -11.57 7.37
CA ASP A 61 10.68 -11.06 8.37
C ASP A 61 11.40 -12.16 9.12
N ASP A 62 10.96 -13.39 8.85
CA ASP A 62 11.47 -14.56 9.54
C ASP A 62 12.44 -15.28 8.65
N GLY A 63 12.39 -14.98 7.38
CA GLY A 63 13.20 -15.72 6.48
C GLY A 63 12.41 -16.83 5.83
N THR A 64 11.15 -16.57 5.64
CA THR A 64 10.25 -17.51 5.03
C THR A 64 9.61 -16.88 3.80
N PRO A 65 10.16 -17.18 2.62
CA PRO A 65 9.72 -16.58 1.37
C PRO A 65 8.27 -16.86 1.05
N TYR A 66 7.69 -15.93 0.35
CA TYR A 66 6.26 -15.92 0.15
C TYR A 66 5.88 -15.34 -1.18
N GLU A 67 4.60 -15.47 -1.48
CA GLU A 67 4.01 -14.83 -2.63
C GLU A 67 2.60 -14.41 -2.32
N SER A 68 2.18 -13.32 -2.93
CA SER A 68 0.82 -12.90 -2.86
C SER A 68 0.44 -12.30 -4.17
N PRO A 69 -0.18 -13.09 -5.02
CA PRO A 69 -0.58 -12.63 -6.33
C PRO A 69 -1.68 -11.63 -6.22
N VAL A 70 -1.30 -10.43 -6.55
CA VAL A 70 -2.08 -9.27 -6.29
C VAL A 70 -2.58 -8.76 -7.62
N ASN A 71 -3.65 -8.00 -7.61
CA ASN A 71 -4.26 -7.54 -8.83
C ASN A 71 -3.64 -6.25 -9.26
N TYR A 72 -3.05 -5.59 -8.29
CA TYR A 72 -2.56 -4.22 -8.45
C TYR A 72 -1.51 -3.97 -7.38
N TRP A 73 -0.36 -3.51 -7.80
CA TRP A 73 0.82 -3.48 -6.97
C TRP A 73 1.67 -2.27 -7.24
N MET A 74 2.12 -1.65 -6.20
CA MET A 74 3.05 -0.56 -6.32
C MET A 74 4.32 -0.94 -5.58
N PRO A 75 5.32 -1.51 -6.29
CA PRO A 75 6.59 -1.89 -5.67
C PRO A 75 7.38 -0.67 -5.25
N ILE A 76 7.07 -0.16 -4.09
CA ILE A 76 7.73 1.03 -3.58
C ILE A 76 9.05 0.62 -2.94
N ASP A 77 9.87 1.58 -2.52
CA ASP A 77 11.26 1.26 -2.24
C ASP A 77 11.76 1.87 -0.94
N TRP A 78 13.08 1.69 -0.71
CA TRP A 78 13.87 2.18 0.44
C TRP A 78 13.28 1.88 1.82
N THR A 79 12.12 1.26 1.85
CA THR A 79 11.42 1.02 3.11
C THR A 79 10.94 -0.41 3.23
N GLY A 80 10.88 -1.12 2.11
CA GLY A 80 10.42 -2.50 2.12
C GLY A 80 8.95 -2.58 1.83
N VAL A 81 8.25 -1.52 2.21
CA VAL A 81 6.79 -1.40 2.07
C VAL A 81 6.36 -1.59 0.62
N GLY A 82 5.05 -1.65 0.41
CA GLY A 82 4.50 -1.61 -0.90
C GLY A 82 3.00 -1.61 -0.82
N ILE A 83 2.40 -0.62 -1.41
CA ILE A 83 0.97 -0.51 -1.41
C ILE A 83 0.40 -1.41 -2.50
N HIS A 84 -0.72 -2.05 -2.20
CA HIS A 84 -1.28 -3.01 -3.13
C HIS A 84 -2.75 -3.25 -2.85
N ASP A 85 -3.46 -3.77 -3.84
CA ASP A 85 -4.81 -4.19 -3.67
C ASP A 85 -4.81 -5.59 -3.06
N SER A 86 -5.76 -5.90 -2.22
CA SER A 86 -5.74 -7.14 -1.47
C SER A 86 -7.08 -7.79 -1.50
N ASP A 87 -7.20 -8.74 -2.40
CA ASP A 87 -8.45 -9.41 -2.63
C ASP A 87 -8.63 -10.54 -1.62
N TRP A 88 -7.50 -10.89 -1.00
CA TRP A 88 -7.43 -11.99 -0.08
C TRP A 88 -7.84 -11.57 1.33
N GLN A 89 -7.68 -10.29 1.62
CA GLN A 89 -8.11 -9.74 2.88
C GLN A 89 -9.46 -9.06 2.74
N PRO A 90 -10.39 -9.57 3.52
CA PRO A 90 -11.79 -9.17 3.51
C PRO A 90 -12.09 -8.04 4.48
N GLU A 91 -11.12 -7.70 5.30
CA GLU A 91 -11.26 -6.60 6.20
C GLU A 91 -10.42 -5.41 5.83
N TYR A 92 -10.94 -4.26 6.19
CA TYR A 92 -10.21 -3.01 6.18
C TYR A 92 -10.96 -2.09 7.08
N GLY A 93 -10.25 -1.50 7.99
CA GLY A 93 -10.89 -0.68 8.96
C GLY A 93 -9.94 -0.32 10.05
N GLY A 94 -10.48 0.01 11.21
CA GLY A 94 -9.67 0.09 12.40
C GLY A 94 -8.70 -1.04 12.47
N ASP A 95 -7.77 -0.85 13.34
CA ASP A 95 -6.49 -1.49 13.26
C ASP A 95 -6.58 -3.00 13.14
N LEU A 96 -6.37 -3.43 11.90
CA LEU A 96 -6.30 -4.84 11.54
C LEU A 96 -4.85 -5.29 11.54
N TRP A 97 -3.98 -4.37 11.16
CA TRP A 97 -2.56 -4.64 10.98
C TRP A 97 -1.94 -5.29 12.20
N LYS A 98 -2.52 -5.04 13.37
CA LYS A 98 -2.00 -5.58 14.59
C LYS A 98 -2.59 -6.92 14.93
N THR A 99 -3.83 -7.09 14.55
CA THR A 99 -4.57 -8.30 14.87
C THR A 99 -4.42 -9.33 13.77
N ARG A 100 -4.41 -8.83 12.55
CA ARG A 100 -4.30 -9.65 11.36
C ARG A 100 -2.87 -9.67 10.88
N GLY A 101 -2.11 -8.68 11.35
CA GLY A 101 -0.66 -8.73 11.27
C GLY A 101 -0.10 -9.00 9.89
N SER A 102 -0.57 -8.30 8.86
CA SER A 102 -0.17 -8.67 7.52
C SER A 102 1.17 -8.04 7.15
N HIS A 103 2.18 -8.91 7.03
CA HIS A 103 3.56 -8.56 6.64
C HIS A 103 4.00 -7.19 7.17
N GLY A 104 4.36 -6.31 6.24
CA GLY A 104 4.90 -5.02 6.60
C GLY A 104 4.27 -3.86 5.87
N CYS A 105 3.61 -4.12 4.73
CA CYS A 105 3.08 -3.05 3.91
C CYS A 105 1.59 -2.84 4.12
N ILE A 106 1.00 -2.06 3.23
CA ILE A 106 -0.39 -1.63 3.34
C ILE A 106 -1.30 -2.49 2.48
N ASN A 107 -2.32 -3.05 3.09
CA ASN A 107 -3.25 -3.91 2.39
C ASN A 107 -4.49 -3.13 1.98
N THR A 108 -4.52 -2.73 0.73
CA THR A 108 -5.56 -1.90 0.18
C THR A 108 -6.62 -2.72 -0.54
N PRO A 109 -7.88 -2.28 -0.42
CA PRO A 109 -9.03 -2.89 -1.10
C PRO A 109 -8.80 -3.09 -2.58
N PRO A 110 -9.34 -4.18 -3.10
CA PRO A 110 -9.13 -4.58 -4.48
C PRO A 110 -9.74 -3.59 -5.46
N SER A 111 -10.78 -2.91 -5.02
CA SER A 111 -11.52 -1.98 -5.84
C SER A 111 -10.76 -0.66 -6.04
N VAL A 112 -9.86 -0.34 -5.12
CA VAL A 112 -9.28 0.99 -5.08
C VAL A 112 -7.91 1.03 -5.69
N MET A 113 -7.04 0.14 -5.30
CA MET A 113 -5.70 0.17 -5.82
C MET A 113 -5.70 -0.15 -7.30
N LYS A 114 -6.86 -0.44 -7.84
CA LYS A 114 -6.98 -0.63 -9.26
C LYS A 114 -7.07 0.74 -9.91
N GLU A 115 -7.80 1.60 -9.20
CA GLU A 115 -8.11 2.93 -9.59
C GLU A 115 -6.82 3.64 -9.66
N LEU A 116 -6.10 3.38 -8.61
CA LEU A 116 -4.76 3.76 -8.42
C LEU A 116 -3.91 3.48 -9.60
N PHE A 117 -3.73 2.22 -9.89
CA PHE A 117 -2.98 1.82 -11.08
C PHE A 117 -3.43 2.66 -12.29
N GLY A 118 -4.67 3.15 -12.18
CA GLY A 118 -5.28 3.88 -13.26
C GLY A 118 -4.95 5.36 -13.19
N MET A 119 -4.70 5.86 -11.98
CA MET A 119 -4.32 7.25 -11.81
C MET A 119 -2.85 7.44 -11.61
N VAL A 120 -2.25 6.62 -10.79
CA VAL A 120 -0.84 6.75 -10.56
C VAL A 120 -0.05 6.24 -11.72
N GLU A 121 1.08 6.86 -11.86
CA GLU A 121 1.98 6.57 -12.93
C GLU A 121 3.30 6.15 -12.34
N LYS A 122 4.07 5.40 -13.10
CA LYS A 122 5.42 5.08 -12.71
C LYS A 122 6.19 6.34 -12.46
N GLY A 123 6.35 6.64 -11.20
CA GLY A 123 7.01 7.86 -10.78
C GLY A 123 6.19 8.64 -9.79
N THR A 124 4.97 8.17 -9.56
CA THR A 124 4.12 8.73 -8.54
C THR A 124 4.67 8.39 -7.16
N PRO A 125 4.49 9.27 -6.17
CA PRO A 125 4.99 9.06 -4.86
C PRO A 125 3.97 8.33 -4.02
N VAL A 126 4.45 7.60 -3.08
CA VAL A 126 3.64 6.79 -2.24
C VAL A 126 3.84 7.20 -0.81
N LEU A 127 2.79 7.36 -0.09
CA LEU A 127 2.93 7.73 1.28
C LEU A 127 2.07 6.87 2.12
N VAL A 128 2.52 6.63 3.30
CA VAL A 128 1.72 6.07 4.36
C VAL A 128 2.13 6.81 5.60
N PHE A 129 1.18 7.13 6.48
CA PHE A 129 1.46 7.89 7.69
C PHE A 129 0.20 8.12 8.52
C 1RG B . 12.83 -9.03 3.35
N 1RG B . 11.27 -8.79 1.48
O 1RG B . 12.33 -8.84 4.46
CA 1RG B . 12.42 -8.16 2.16
CB 1RG B . 11.88 -6.81 2.66
CD 1RG B . 10.14 -8.37 2.30
CG 1RG B . 10.39 -6.88 2.38
CAA 1RG B . 3.75 -6.01 2.13
CAB 1RG B . 4.82 -6.24 1.01
OAC 1RG B . 3.79 -6.64 3.18
CAD 1RG B . 6.14 -6.83 1.64
CAE 1RG B . 4.29 -7.07 -0.15
CAF 1RG B . 5.35 -7.24 -1.22
OAG 1RG B . 3.87 -8.35 0.32
CAH 1RG B . 7.08 -5.80 2.22
CAI 1RG B . 7.80 -6.56 3.12
NAJ 1RG B . 5.90 -7.69 2.80
SAK 1RG B . 9.42 -6.15 3.68
CAL 1RG B . 7.12 -7.69 3.38
CAM 1RG B . 7.60 -8.69 4.14
CAS 1RG B . 6.39 -4.66 2.95
OAT 1RG B . 6.92 -9.71 4.33
OAU 1RG B . 8.73 -8.60 4.68
NAX 1RG B . 13.76 -9.97 3.04
CAY 1RG B . 14.21 -10.84 3.98
CAZ 1RG B . 15.15 -11.80 3.59
CBA 1RG B . 15.62 -12.73 4.51
CBB 1RG B . 15.16 -12.70 5.83
CBC 1RG B . 14.24 -11.75 6.22
CBD 1RG B . 13.76 -10.82 5.31
CBE 1RG B . 16.55 -13.69 4.12
OBF 1RG B . 16.93 -14.57 4.91
OBG 1RG B . 17.02 -13.69 2.97
HN 1RG B . 11.34 -9.79 1.49
HA 1RG B . 13.25 -8.02 1.48
HB 1RG B . 12.06 -6.72 3.72
HBA 1RG B . 12.32 -5.99 2.10
HD 1RG B . 9.20 -8.60 1.79
HDA 1RG B . 10.19 -8.83 3.29
HG 1RG B . 10.17 -6.37 1.43
HAB 1RG B . 5.00 -5.36 0.49
HAD 1RG B . 6.66 -7.40 0.87
HAE 1RG B . 3.44 -6.55 -0.59
HAF 1RG B . 6.17 -7.83 -0.83
HAFA 1RG B . 5.72 -6.29 -1.55
HAFB 1RG B . 4.92 -7.77 -2.07
HOAG 1RG B . 4.61 -8.80 0.72
HAH 1RG B . 7.72 -5.41 1.44
HNAJ 1RG B . 5.71 -8.62 2.47
HAS 1RG B . 6.07 -3.92 2.23
HASA 1RG B . 7.08 -4.20 3.65
HASB 1RG B . 5.53 -5.03 3.49
HNAX 1RG B . 14.11 -10.04 2.10
HAZ 1RG B . 15.50 -11.82 2.57
HBB 1RG B . 15.53 -13.41 6.54
HBC 1RG B . 13.88 -11.73 7.24
HBD 1RG B . 13.03 -10.09 5.61
HAT2 1RG B . 11.19 -8.44 0.54
N GLY A 1 7.55 18.52 -1.06
CA GLY A 1 8.13 17.28 -0.49
C GLY A 1 8.25 16.18 -1.52
N HIS A 2 7.15 15.93 -2.23
CA HIS A 2 7.16 14.93 -3.29
C HIS A 2 6.38 15.38 -4.51
N MET A 3 7.12 15.79 -5.53
CA MET A 3 6.56 15.97 -6.87
C MET A 3 5.46 17.03 -6.90
N GLU A 4 4.76 17.09 -8.04
CA GLU A 4 3.46 17.74 -8.14
C GLU A 4 2.50 17.13 -7.17
N ASP A 5 1.33 17.73 -7.01
CA ASP A 5 0.38 17.20 -6.08
C ASP A 5 -0.37 16.05 -6.73
N THR A 6 0.28 14.90 -6.69
CA THR A 6 -0.33 13.63 -7.02
C THR A 6 0.48 12.52 -6.41
N TYR A 7 -0.18 11.56 -5.79
CA TYR A 7 0.50 10.49 -5.10
C TYR A 7 -0.47 9.59 -4.38
N ILE A 8 -0.05 8.39 -4.10
CA ILE A 8 -0.73 7.57 -3.14
C ILE A 8 -0.38 8.02 -1.76
N GLU A 9 -1.28 7.82 -0.86
CA GLU A 9 -1.11 8.27 0.49
C GLU A 9 -1.83 7.35 1.44
N VAL A 10 -1.25 7.09 2.60
CA VAL A 10 -1.89 6.26 3.57
C VAL A 10 -1.78 6.86 4.96
N ASP A 11 -2.64 6.39 5.83
CA ASP A 11 -2.62 6.72 7.23
C ASP A 11 -2.94 5.46 7.99
N LEU A 12 -1.92 4.91 8.60
CA LEU A 12 -1.92 3.56 9.18
C LEU A 12 -2.55 3.59 10.52
N GLU A 13 -2.27 4.71 11.13
CA GLU A 13 -2.78 5.08 12.43
C GLU A 13 -4.27 5.02 12.38
N ASN A 14 -4.72 5.58 11.28
CA ASN A 14 -6.14 5.76 11.00
C ASN A 14 -6.64 4.69 10.05
N GLN A 15 -5.71 3.78 9.78
CA GLN A 15 -5.87 2.69 8.81
C GLN A 15 -6.70 3.08 7.61
N HIS A 16 -6.21 4.07 6.88
CA HIS A 16 -6.90 4.55 5.71
C HIS A 16 -5.90 4.89 4.62
N MET A 17 -6.19 4.46 3.42
CA MET A 17 -5.32 4.70 2.30
C MET A 17 -6.00 5.63 1.31
N TRP A 18 -5.20 6.30 0.52
CA TRP A 18 -5.64 7.30 -0.43
C TRP A 18 -4.85 7.23 -1.70
N TYR A 19 -5.44 7.70 -2.77
CA TYR A 19 -4.70 8.25 -3.86
C TYR A 19 -4.96 9.71 -3.86
N TYR A 20 -4.03 10.41 -4.36
CA TYR A 20 -4.11 11.85 -4.40
C TYR A 20 -3.85 12.34 -5.78
N LYS A 21 -4.85 12.95 -6.35
CA LYS A 21 -4.70 13.69 -7.56
C LYS A 21 -5.04 15.12 -7.21
N ASP A 22 -4.29 16.05 -7.75
CA ASP A 22 -4.61 17.46 -7.64
C ASP A 22 -4.49 18.00 -6.25
N GLY A 23 -3.75 17.28 -5.42
CA GLY A 23 -3.66 17.61 -4.01
C GLY A 23 -4.88 17.23 -3.23
N LYS A 24 -5.73 16.53 -3.91
CA LYS A 24 -6.96 16.06 -3.35
C LYS A 24 -6.96 14.58 -3.66
N VAL A 25 -7.95 13.84 -3.24
CA VAL A 25 -7.87 12.43 -3.52
C VAL A 25 -8.74 11.93 -4.61
N ALA A 26 -8.26 10.79 -5.09
CA ALA A 26 -8.87 10.07 -6.13
C ALA A 26 -9.45 8.85 -5.52
N LEU A 27 -8.79 8.51 -4.43
CA LEU A 27 -9.08 7.33 -3.69
C LEU A 27 -9.12 7.60 -2.24
N GLU A 28 -10.03 6.92 -1.63
CA GLU A 28 -10.18 6.93 -0.23
C GLU A 28 -10.53 5.54 0.12
N THR A 29 -9.69 4.92 0.90
CA THR A 29 -9.97 3.59 1.23
C THR A 29 -9.45 3.24 2.57
N ASP A 30 -9.92 2.16 3.07
CA ASP A 30 -9.58 1.68 4.35
C ASP A 30 -8.61 0.52 4.20
N ILE A 31 -7.53 0.57 4.99
CA ILE A 31 -6.42 -0.38 4.84
C ILE A 31 -5.98 -0.94 6.15
N VAL A 32 -4.91 -1.68 6.05
CA VAL A 32 -4.22 -2.20 7.18
C VAL A 32 -2.76 -2.36 6.82
N SER A 33 -1.97 -1.68 7.59
CA SER A 33 -0.54 -1.62 7.43
C SER A 33 0.14 -2.90 7.96
N GLY A 34 1.45 -2.91 8.09
CA GLY A 34 2.09 -4.14 8.50
C GLY A 34 2.08 -4.30 10.01
N LYS A 35 2.39 -5.50 10.46
CA LYS A 35 2.19 -5.90 11.85
C LYS A 35 3.22 -5.26 12.77
N PRO A 36 2.84 -5.14 14.07
CA PRO A 36 3.60 -4.42 15.12
C PRO A 36 5.01 -4.91 15.25
N THR A 37 5.16 -6.17 14.96
CA THR A 37 6.43 -6.85 15.10
C THR A 37 7.41 -6.34 14.05
N THR A 38 6.85 -6.04 12.90
CA THR A 38 7.59 -5.56 11.76
C THR A 38 6.77 -4.49 11.03
N PRO A 39 6.68 -3.38 11.73
CA PRO A 39 5.82 -2.23 11.44
C PRO A 39 6.02 -1.58 10.11
N THR A 40 5.07 -0.74 9.76
CA THR A 40 5.21 0.10 8.63
C THR A 40 5.76 1.46 9.11
N PRO A 41 6.67 2.05 8.33
CA PRO A 41 7.45 3.23 8.71
C PRO A 41 6.63 4.51 8.63
N ALA A 42 5.92 4.63 7.53
CA ALA A 42 5.18 5.82 7.18
C ALA A 42 6.06 7.04 6.98
N GLY A 43 5.69 7.76 5.95
CA GLY A 43 6.38 8.93 5.51
C GLY A 43 6.18 9.10 4.03
N VAL A 44 7.25 8.93 3.28
CA VAL A 44 7.19 9.01 1.84
C VAL A 44 7.88 7.79 1.21
N PHE A 45 7.14 7.01 0.46
CA PHE A 45 7.69 5.93 -0.33
C PHE A 45 7.39 6.25 -1.80
N TYR A 46 7.68 5.36 -2.74
CA TYR A 46 7.56 5.75 -4.14
C TYR A 46 7.00 4.63 -5.02
N VAL A 47 5.89 4.92 -5.72
CA VAL A 47 5.41 4.01 -6.76
C VAL A 47 6.03 4.36 -8.07
N TRP A 48 7.12 3.73 -8.32
CA TRP A 48 7.82 3.89 -9.55
C TRP A 48 7.36 2.79 -10.51
N ASN A 49 6.27 2.14 -10.09
CA ASN A 49 5.55 1.19 -10.93
C ASN A 49 4.22 0.82 -10.28
N LYS A 50 3.18 0.98 -11.07
CA LYS A 50 1.83 0.49 -10.74
C LYS A 50 1.57 -0.78 -11.51
N GLU A 51 0.90 -1.72 -10.86
CA GLU A 51 0.80 -3.08 -11.36
C GLU A 51 -0.61 -3.60 -11.50
N GLU A 52 -0.72 -4.60 -12.36
CA GLU A 52 -1.92 -5.36 -12.58
C GLU A 52 -1.54 -6.82 -12.69
N ASP A 53 -2.21 -7.63 -11.90
CA ASP A 53 -1.93 -9.05 -11.86
C ASP A 53 -0.45 -9.27 -11.52
N ALA A 54 -0.07 -8.53 -10.48
CA ALA A 54 1.27 -8.54 -9.92
C ALA A 54 1.38 -9.68 -8.95
N THR A 55 2.58 -9.98 -8.51
CA THR A 55 2.74 -10.91 -7.41
C THR A 55 3.68 -10.38 -6.36
N LEU A 56 3.14 -10.27 -5.17
CA LEU A 56 3.87 -9.80 -4.01
C LEU A 56 4.74 -10.85 -3.39
N LYS A 57 5.92 -10.90 -3.88
CA LYS A 57 6.93 -11.81 -3.40
C LYS A 57 7.93 -11.15 -2.51
N GLY A 58 8.84 -11.97 -2.04
CA GLY A 58 9.82 -11.48 -1.09
C GLY A 58 10.08 -12.46 0.00
N THR A 59 10.59 -11.98 1.12
CA THR A 59 10.75 -12.84 2.27
C THR A 59 10.05 -12.28 3.48
N ASN A 60 9.40 -13.17 4.21
CA ASN A 60 8.84 -12.87 5.50
C ASN A 60 9.93 -12.38 6.44
N ASP A 61 9.51 -11.63 7.46
CA ASP A 61 10.39 -11.10 8.50
C ASP A 61 11.04 -12.22 9.26
N ASP A 62 10.68 -13.42 8.90
CA ASP A 62 11.16 -14.60 9.55
C ASP A 62 11.98 -15.45 8.60
N GLY A 63 12.22 -14.90 7.42
CA GLY A 63 13.15 -15.50 6.52
C GLY A 63 12.53 -16.54 5.66
N THR A 64 11.23 -16.44 5.56
CA THR A 64 10.45 -17.41 4.84
C THR A 64 9.82 -16.77 3.61
N PRO A 65 10.42 -16.98 2.44
CA PRO A 65 9.96 -16.38 1.20
C PRO A 65 8.54 -16.71 0.86
N TYR A 66 7.91 -15.80 0.15
CA TYR A 66 6.49 -15.87 -0.07
C TYR A 66 6.07 -15.26 -1.38
N GLU A 67 4.79 -15.39 -1.65
CA GLU A 67 4.16 -14.74 -2.78
C GLU A 67 2.74 -14.34 -2.42
N SER A 68 2.28 -13.26 -3.03
CA SER A 68 0.90 -12.89 -2.95
C SER A 68 0.51 -12.28 -4.26
N PRO A 69 -0.09 -13.07 -5.13
CA PRO A 69 -0.48 -12.62 -6.43
C PRO A 69 -1.60 -11.62 -6.33
N VAL A 70 -1.23 -10.41 -6.62
CA VAL A 70 -2.03 -9.26 -6.35
C VAL A 70 -2.54 -8.73 -7.68
N ASN A 71 -3.61 -8.00 -7.65
CA ASN A 71 -4.24 -7.55 -8.87
C ASN A 71 -3.64 -6.23 -9.27
N TYR A 72 -3.04 -5.57 -8.29
CA TYR A 72 -2.58 -4.20 -8.43
C TYR A 72 -1.51 -3.95 -7.38
N TRP A 73 -0.36 -3.49 -7.82
CA TRP A 73 0.82 -3.46 -6.98
C TRP A 73 1.66 -2.26 -7.28
N MET A 74 2.11 -1.62 -6.23
CA MET A 74 3.04 -0.55 -6.36
C MET A 74 4.32 -0.98 -5.66
N PRO A 75 5.29 -1.58 -6.39
CA PRO A 75 6.54 -2.02 -5.82
C PRO A 75 7.40 -0.84 -5.37
N ILE A 76 7.02 -0.26 -4.25
CA ILE A 76 7.74 0.85 -3.71
C ILE A 76 9.03 0.35 -3.06
N ASP A 77 9.82 1.26 -2.52
CA ASP A 77 11.17 0.92 -2.12
C ASP A 77 11.56 1.81 -0.94
N TRP A 78 12.85 1.86 -0.63
CA TRP A 78 13.39 2.66 0.48
C TRP A 78 13.25 1.93 1.80
N THR A 79 12.03 1.57 2.11
CA THR A 79 11.70 1.14 3.45
C THR A 79 11.14 -0.28 3.49
N GLY A 80 10.93 -0.87 2.31
CA GLY A 80 10.47 -2.25 2.26
C GLY A 80 9.00 -2.36 1.97
N VAL A 81 8.26 -1.33 2.36
CA VAL A 81 6.81 -1.27 2.18
C VAL A 81 6.39 -1.48 0.72
N GLY A 82 5.10 -1.60 0.49
CA GLY A 82 4.57 -1.58 -0.84
C GLY A 82 3.08 -1.60 -0.79
N ILE A 83 2.48 -0.60 -1.38
CA ILE A 83 1.04 -0.51 -1.38
C ILE A 83 0.46 -1.39 -2.48
N HIS A 84 -0.65 -2.03 -2.19
CA HIS A 84 -1.24 -2.99 -3.12
C HIS A 84 -2.71 -3.21 -2.83
N ASP A 85 -3.40 -3.75 -3.81
CA ASP A 85 -4.77 -4.18 -3.62
C ASP A 85 -4.73 -5.58 -2.99
N SER A 86 -5.70 -5.89 -2.17
CA SER A 86 -5.67 -7.13 -1.43
C SER A 86 -7.01 -7.82 -1.53
N ASP A 87 -7.07 -8.74 -2.47
CA ASP A 87 -8.29 -9.46 -2.75
C ASP A 87 -8.46 -10.56 -1.72
N TRP A 88 -7.35 -10.85 -1.04
CA TRP A 88 -7.29 -11.92 -0.07
C TRP A 88 -7.68 -11.44 1.32
N GLN A 89 -7.54 -10.15 1.59
CA GLN A 89 -7.92 -9.62 2.87
C GLN A 89 -9.29 -9.00 2.79
N PRO A 90 -10.20 -9.63 3.51
CA PRO A 90 -11.61 -9.31 3.49
C PRO A 90 -11.98 -8.20 4.46
N GLU A 91 -11.04 -7.86 5.31
CA GLU A 91 -11.22 -6.75 6.21
C GLU A 91 -10.33 -5.57 5.90
N TYR A 92 -10.84 -4.42 6.30
CA TYR A 92 -10.15 -3.16 6.26
C TYR A 92 -10.91 -2.25 7.18
N GLY A 93 -10.20 -1.63 8.06
CA GLY A 93 -10.84 -0.77 9.02
C GLY A 93 -9.89 -0.39 10.09
N GLY A 94 -10.42 0.01 11.24
CA GLY A 94 -9.59 0.14 12.41
C GLY A 94 -8.69 -1.04 12.59
N ASP A 95 -7.84 -0.93 13.56
CA ASP A 95 -6.59 -1.64 13.56
C ASP A 95 -6.73 -3.14 13.31
N LEU A 96 -6.42 -3.48 12.07
CA LEU A 96 -6.28 -4.85 11.62
C LEU A 96 -4.82 -5.24 11.66
N TRP A 97 -3.96 -4.30 11.29
CA TRP A 97 -2.54 -4.55 11.07
C TRP A 97 -1.88 -5.22 12.26
N LYS A 98 -2.43 -4.98 13.44
CA LYS A 98 -1.86 -5.50 14.66
C LYS A 98 -2.41 -6.86 15.02
N THR A 99 -3.65 -7.05 14.69
CA THR A 99 -4.35 -8.28 15.02
C THR A 99 -4.26 -9.28 13.87
N ARG A 100 -4.43 -8.76 12.68
CA ARG A 100 -4.43 -9.55 11.46
C ARG A 100 -3.04 -9.57 10.85
N GLY A 101 -2.22 -8.61 11.26
CA GLY A 101 -0.78 -8.70 11.11
C GLY A 101 -0.29 -9.00 9.70
N SER A 102 -0.74 -8.27 8.68
CA SER A 102 -0.37 -8.63 7.33
C SER A 102 1.01 -8.08 6.97
N HIS A 103 1.96 -9.02 6.82
CA HIS A 103 3.35 -8.73 6.43
C HIS A 103 3.87 -7.39 6.98
N GLY A 104 4.28 -6.50 6.09
CA GLY A 104 4.91 -5.26 6.49
C GLY A 104 4.31 -4.03 5.82
N CYS A 105 3.60 -4.21 4.72
CA CYS A 105 3.09 -3.09 3.96
C CYS A 105 1.60 -2.86 4.18
N ILE A 106 1.02 -2.05 3.31
CA ILE A 106 -0.39 -1.66 3.40
C ILE A 106 -1.25 -2.54 2.53
N ASN A 107 -2.35 -3.02 3.09
CA ASN A 107 -3.27 -3.89 2.36
C ASN A 107 -4.51 -3.11 1.95
N THR A 108 -4.51 -2.66 0.71
CA THR A 108 -5.56 -1.84 0.16
C THR A 108 -6.63 -2.65 -0.57
N PRO A 109 -7.89 -2.25 -0.40
CA PRO A 109 -9.06 -2.88 -1.03
C PRO A 109 -8.98 -3.03 -2.51
N PRO A 110 -9.37 -4.18 -3.02
CA PRO A 110 -9.10 -4.53 -4.39
C PRO A 110 -9.65 -3.49 -5.36
N SER A 111 -10.84 -2.98 -5.04
CA SER A 111 -11.53 -2.01 -5.87
C SER A 111 -10.76 -0.69 -6.02
N VAL A 112 -9.91 -0.36 -5.06
CA VAL A 112 -9.33 0.97 -5.02
C VAL A 112 -7.95 1.03 -5.60
N MET A 113 -7.09 0.13 -5.23
CA MET A 113 -5.75 0.16 -5.77
C MET A 113 -5.76 -0.15 -7.25
N LYS A 114 -6.93 -0.43 -7.79
CA LYS A 114 -7.05 -0.60 -9.21
C LYS A 114 -7.13 0.77 -9.86
N GLU A 115 -7.85 1.62 -9.13
CA GLU A 115 -8.14 2.97 -9.50
C GLU A 115 -6.85 3.66 -9.60
N LEU A 116 -6.13 3.38 -8.54
CA LEU A 116 -4.78 3.75 -8.37
C LEU A 116 -3.95 3.47 -9.56
N PHE A 117 -3.77 2.21 -9.85
CA PHE A 117 -3.03 1.81 -11.05
C PHE A 117 -3.50 2.65 -12.25
N GLY A 118 -4.73 3.15 -12.13
CA GLY A 118 -5.34 3.89 -13.20
C GLY A 118 -5.01 5.37 -13.13
N MET A 119 -4.73 5.86 -11.92
CA MET A 119 -4.34 7.24 -11.76
C MET A 119 -2.86 7.43 -11.58
N VAL A 120 -2.27 6.62 -10.75
CA VAL A 120 -0.85 6.76 -10.52
C VAL A 120 -0.07 6.28 -11.69
N GLU A 121 1.05 6.93 -11.85
CA GLU A 121 1.95 6.64 -12.90
C GLU A 121 3.25 6.19 -12.32
N LYS A 122 4.01 5.46 -13.10
CA LYS A 122 5.36 5.12 -12.74
C LYS A 122 6.14 6.38 -12.52
N GLY A 123 6.34 6.67 -11.27
CA GLY A 123 7.00 7.90 -10.88
C GLY A 123 6.19 8.65 -9.85
N THR A 124 4.96 8.21 -9.65
CA THR A 124 4.13 8.72 -8.60
C THR A 124 4.72 8.30 -7.25
N PRO A 125 4.55 9.10 -6.21
CA PRO A 125 5.02 8.76 -4.91
C PRO A 125 3.93 8.08 -4.13
N VAL A 126 4.30 7.35 -3.12
CA VAL A 126 3.31 6.79 -2.24
C VAL A 126 3.65 7.24 -0.85
N LEU A 127 2.67 7.40 -0.05
CA LEU A 127 2.89 7.75 1.30
C LEU A 127 2.03 6.90 2.13
N VAL A 128 2.50 6.64 3.31
CA VAL A 128 1.69 6.08 4.35
C VAL A 128 2.09 6.82 5.60
N PHE A 129 1.15 7.14 6.47
CA PHE A 129 1.41 7.91 7.68
C PHE A 129 0.13 8.14 8.47
C 1RG B . 10.88 -7.71 6.65
N 1RG B . 10.79 -5.26 6.60
O 1RG B . 10.36 -8.78 6.33
CA 1RG B . 10.00 -6.47 6.84
CB 1RG B . 8.94 -6.41 5.74
CD 1RG B . 10.94 -5.26 5.16
CG 1RG B . 9.53 -5.51 4.66
CAA 1RG B . 3.71 -5.94 2.05
CAB 1RG B . 4.76 -6.16 0.91
OAC 1RG B . 3.73 -6.60 3.08
CAD 1RG B . 6.07 -6.78 1.51
CAE 1RG B . 4.20 -6.96 -0.25
CAF 1RG B . 5.28 -7.21 -1.31
OAG 1RG B . 3.70 -8.21 0.21
CAH 1RG B . 7.09 -5.77 1.97
CAI 1RG B . 7.90 -6.57 2.76
NAJ 1RG B . 5.88 -7.53 2.76
SAK 1RG B . 9.59 -6.28 3.06
CAL 1RG B . 7.15 -7.63 3.18
CAM 1RG B . 7.65 -8.65 3.87
CAS 1RG B . 6.47 -4.65 2.83
OAT 1RG B . 6.89 -9.57 4.24
OAU 1RG B . 8.85 -8.69 4.15
NAX 1RG B . 12.21 -7.50 6.89
CAY 1RG B . 13.10 -8.53 6.80
CAZ 1RG B . 14.44 -8.26 7.06
CBA 1RG B . 15.38 -9.29 6.99
CBB 1RG B . 14.98 -10.58 6.66
CBC 1RG B . 13.64 -10.85 6.40
CBD 1RG B . 12.71 -9.83 6.46
CBE 1RG B . 16.72 -9.03 7.26
OBF 1RG B . 17.57 -9.93 7.24
OBG 1RG B . 17.10 -7.87 7.52
HN 1RG B . 11.67 -5.32 7.04
HA 1RG B . 9.54 -6.45 7.82
HB 1RG B . 8.78 -7.42 5.34
HBA 1RG B . 8.01 -5.99 6.12
HD 1RG B . 11.31 -4.29 4.82
HDA 1RG B . 11.61 -6.06 4.84
HG 1RG B . 8.93 -4.60 4.60
HAB 1RG B . 4.95 -5.27 0.40
HAD 1RG B . 6.53 -7.43 0.77
HAE 1RG B . 3.40 -6.41 -0.71
HAF 1RG B . 6.05 -7.84 -0.90
HAFA 1RG B . 5.71 -6.27 -1.61
HAFB 1RG B . 4.84 -7.70 -2.16
HOAG 1RG B . 3.01 -8.07 0.85
HAH 1RG B . 7.64 -5.36 1.12
HNAJ 1RG B . 5.55 -8.45 2.53
HAS 1RG B . 6.17 -3.85 2.17
HASA 1RG B . 7.21 -4.29 3.53
HASB 1RG B . 5.61 -5.04 3.35
HNAX 1RG B . 12.52 -6.59 7.15
HAZ 1RG B . 14.75 -7.26 7.32
HBB 1RG B . 15.70 -11.38 6.60
HBC 1RG B . 13.34 -11.85 6.14
HBD 1RG B . 11.67 -10.04 6.26
HAT2 1RG B . 10.29 -4.45 6.91
N GLY A 1 8.63 18.29 0.30
CA GLY A 1 7.40 17.63 -0.21
C GLY A 1 7.71 16.60 -1.27
N HIS A 2 6.74 16.33 -2.13
CA HIS A 2 6.90 15.34 -3.19
C HIS A 2 6.15 15.72 -4.45
N MET A 3 6.90 16.14 -5.46
CA MET A 3 6.37 16.29 -6.81
C MET A 3 5.24 17.32 -6.89
N GLU A 4 4.53 17.31 -8.01
CA GLU A 4 3.24 17.98 -8.12
C GLU A 4 2.30 17.28 -7.15
N ASP A 5 1.12 17.84 -6.93
CA ASP A 5 0.24 17.25 -5.96
C ASP A 5 -0.49 16.09 -6.59
N THR A 6 0.17 14.95 -6.60
CA THR A 6 -0.42 13.68 -6.95
C THR A 6 0.42 12.57 -6.36
N TYR A 7 -0.24 11.60 -5.76
CA TYR A 7 0.46 10.53 -5.08
C TYR A 7 -0.50 9.63 -4.36
N ILE A 8 -0.07 8.42 -4.08
CA ILE A 8 -0.76 7.60 -3.13
C ILE A 8 -0.41 8.06 -1.75
N GLU A 9 -1.32 7.85 -0.84
CA GLU A 9 -1.15 8.31 0.51
C GLU A 9 -1.86 7.36 1.45
N VAL A 10 -1.27 7.09 2.60
CA VAL A 10 -1.90 6.23 3.57
C VAL A 10 -1.79 6.82 4.95
N ASP A 11 -2.64 6.32 5.83
CA ASP A 11 -2.64 6.64 7.23
C ASP A 11 -2.93 5.35 7.99
N LEU A 12 -1.90 4.82 8.60
CA LEU A 12 -1.89 3.48 9.20
C LEU A 12 -2.49 3.52 10.56
N GLU A 13 -2.21 4.65 11.16
CA GLU A 13 -2.71 5.03 12.45
C GLU A 13 -4.19 4.98 12.40
N ASN A 14 -4.66 5.55 11.31
CA ASN A 14 -6.08 5.74 11.04
C ASN A 14 -6.58 4.70 10.06
N GLN A 15 -5.67 3.79 9.74
CA GLN A 15 -5.83 2.73 8.74
C GLN A 15 -6.71 3.11 7.57
N HIS A 16 -6.25 4.09 6.83
CA HIS A 16 -6.95 4.55 5.66
C HIS A 16 -5.95 4.90 4.59
N MET A 17 -6.23 4.46 3.38
CA MET A 17 -5.36 4.71 2.27
C MET A 17 -6.03 5.63 1.28
N TRP A 18 -5.21 6.30 0.49
CA TRP A 18 -5.67 7.30 -0.45
C TRP A 18 -4.88 7.25 -1.73
N TYR A 19 -5.47 7.71 -2.78
CA TYR A 19 -4.72 8.27 -3.87
C TYR A 19 -4.99 9.72 -3.86
N TYR A 20 -4.07 10.44 -4.36
CA TYR A 20 -4.16 11.88 -4.40
C TYR A 20 -3.91 12.37 -5.78
N LYS A 21 -4.90 13.02 -6.32
CA LYS A 21 -4.76 13.76 -7.54
C LYS A 21 -5.13 15.18 -7.18
N ASP A 22 -4.34 16.12 -7.67
CA ASP A 22 -4.63 17.55 -7.52
C ASP A 22 -4.48 18.06 -6.11
N GLY A 23 -3.79 17.28 -5.29
CA GLY A 23 -3.67 17.60 -3.89
C GLY A 23 -4.88 17.23 -3.11
N LYS A 24 -5.75 16.55 -3.79
CA LYS A 24 -6.97 16.07 -3.24
C LYS A 24 -6.99 14.61 -3.60
N VAL A 25 -7.98 13.86 -3.19
CA VAL A 25 -7.89 12.45 -3.49
C VAL A 25 -8.75 11.96 -4.58
N ALA A 26 -8.29 10.84 -5.07
CA ALA A 26 -8.89 10.13 -6.13
C ALA A 26 -9.48 8.91 -5.54
N LEU A 27 -8.83 8.53 -4.46
CA LEU A 27 -9.13 7.34 -3.75
C LEU A 27 -9.20 7.59 -2.29
N GLU A 28 -10.10 6.87 -1.70
CA GLU A 28 -10.29 6.87 -0.31
C GLU A 28 -10.55 5.46 0.04
N THR A 29 -9.73 4.88 0.83
CA THR A 29 -9.97 3.55 1.16
C THR A 29 -9.45 3.21 2.53
N ASP A 30 -9.94 2.14 3.01
CA ASP A 30 -9.60 1.65 4.29
C ASP A 30 -8.60 0.51 4.16
N ILE A 31 -7.55 0.55 4.97
CA ILE A 31 -6.43 -0.38 4.84
C ILE A 31 -5.99 -0.94 6.15
N VAL A 32 -4.91 -1.67 6.07
CA VAL A 32 -4.24 -2.20 7.22
C VAL A 32 -2.77 -2.36 6.85
N SER A 33 -1.95 -1.64 7.58
CA SER A 33 -0.51 -1.62 7.37
C SER A 33 0.15 -2.86 7.98
N GLY A 34 1.46 -2.88 8.08
CA GLY A 34 2.09 -4.10 8.53
C GLY A 34 2.13 -4.22 10.04
N LYS A 35 2.39 -5.43 10.50
CA LYS A 35 2.22 -5.81 11.88
C LYS A 35 3.25 -5.16 12.80
N PRO A 36 2.92 -5.07 14.11
CA PRO A 36 3.69 -4.34 15.14
C PRO A 36 5.11 -4.82 15.27
N THR A 37 5.26 -6.08 14.96
CA THR A 37 6.54 -6.75 15.11
C THR A 37 7.49 -6.26 14.03
N THR A 38 6.90 -5.95 12.89
CA THR A 38 7.62 -5.47 11.72
C THR A 38 6.81 -4.38 11.04
N PRO A 39 6.77 -3.28 11.75
CA PRO A 39 5.95 -2.12 11.49
C PRO A 39 6.15 -1.47 10.15
N THR A 40 5.19 -0.67 9.77
CA THR A 40 5.35 0.15 8.62
C THR A 40 5.83 1.54 9.06
N PRO A 41 6.73 2.15 8.28
CA PRO A 41 7.50 3.34 8.66
C PRO A 41 6.66 4.60 8.58
N ALA A 42 5.92 4.69 7.50
CA ALA A 42 5.16 5.86 7.14
C ALA A 42 6.03 7.09 6.91
N GLY A 43 5.65 7.78 5.88
CA GLY A 43 6.31 8.97 5.41
C GLY A 43 6.08 9.12 3.94
N VAL A 44 7.15 9.02 3.18
CA VAL A 44 7.06 9.08 1.74
C VAL A 44 7.82 7.91 1.10
N PHE A 45 7.09 7.06 0.39
CA PHE A 45 7.67 5.99 -0.38
C PHE A 45 7.36 6.27 -1.86
N TYR A 46 7.68 5.39 -2.78
CA TYR A 46 7.54 5.74 -4.20
C TYR A 46 6.98 4.62 -5.06
N VAL A 47 5.86 4.90 -5.75
CA VAL A 47 5.38 4.00 -6.78
C VAL A 47 5.99 4.37 -8.10
N TRP A 48 7.08 3.74 -8.36
CA TRP A 48 7.78 3.92 -9.60
C TRP A 48 7.32 2.84 -10.57
N ASN A 49 6.24 2.17 -10.15
CA ASN A 49 5.54 1.22 -10.99
C ASN A 49 4.22 0.81 -10.34
N LYS A 50 3.16 0.95 -11.10
CA LYS A 50 1.85 0.41 -10.75
C LYS A 50 1.63 -0.89 -11.49
N GLU A 51 0.93 -1.82 -10.87
CA GLU A 51 0.85 -3.19 -11.36
C GLU A 51 -0.55 -3.71 -11.54
N GLU A 52 -0.63 -4.73 -12.37
CA GLU A 52 -1.82 -5.49 -12.61
C GLU A 52 -1.46 -6.96 -12.68
N ASP A 53 -2.14 -7.76 -11.90
CA ASP A 53 -1.86 -9.19 -11.83
C ASP A 53 -0.40 -9.39 -11.44
N ALA A 54 -0.03 -8.61 -10.43
CA ALA A 54 1.29 -8.62 -9.84
C ALA A 54 1.37 -9.76 -8.86
N THR A 55 2.55 -10.09 -8.41
CA THR A 55 2.66 -11.04 -7.34
C THR A 55 3.60 -10.55 -6.27
N LEU A 56 3.06 -10.42 -5.09
CA LEU A 56 3.79 -9.99 -3.93
C LEU A 56 4.58 -11.09 -3.30
N LYS A 57 5.76 -11.22 -3.79
CA LYS A 57 6.71 -12.17 -3.31
C LYS A 57 7.75 -11.58 -2.42
N GLY A 58 8.62 -12.44 -1.95
CA GLY A 58 9.66 -12.00 -1.07
C GLY A 58 9.86 -12.95 0.05
N THR A 59 10.49 -12.48 1.11
CA THR A 59 10.55 -13.26 2.31
C THR A 59 9.78 -12.56 3.42
N ASN A 60 9.10 -13.37 4.21
CA ASN A 60 8.52 -12.92 5.45
C ASN A 60 9.61 -12.40 6.35
N ASP A 61 9.20 -11.53 7.26
CA ASP A 61 10.09 -10.95 8.26
C ASP A 61 10.65 -12.02 9.17
N ASP A 62 10.20 -13.23 8.94
CA ASP A 62 10.62 -14.36 9.73
C ASP A 62 11.43 -15.33 8.90
N GLY A 63 11.70 -14.93 7.67
CA GLY A 63 12.62 -15.67 6.85
C GLY A 63 11.95 -16.72 6.04
N THR A 64 10.66 -16.56 5.91
CA THR A 64 9.84 -17.54 5.25
C THR A 64 9.26 -16.96 3.96
N PRO A 65 9.86 -17.31 2.82
CA PRO A 65 9.46 -16.78 1.52
C PRO A 65 8.03 -17.04 1.17
N TYR A 66 7.48 -16.13 0.39
CA TYR A 66 6.06 -16.12 0.13
C TYR A 66 5.69 -15.53 -1.20
N GLU A 67 4.41 -15.62 -1.50
CA GLU A 67 3.82 -14.97 -2.65
C GLU A 67 2.43 -14.50 -2.34
N SER A 68 2.04 -13.40 -2.95
CA SER A 68 0.68 -12.96 -2.90
C SER A 68 0.33 -12.34 -4.23
N PRO A 69 -0.30 -13.11 -5.09
CA PRO A 69 -0.66 -12.64 -6.40
C PRO A 69 -1.75 -11.60 -6.28
N VAL A 70 -1.36 -10.41 -6.60
CA VAL A 70 -2.11 -9.24 -6.34
C VAL A 70 -2.57 -8.69 -7.67
N ASN A 71 -3.66 -7.98 -7.68
CA ASN A 71 -4.26 -7.52 -8.92
C ASN A 71 -3.62 -6.22 -9.31
N TYR A 72 -3.02 -5.58 -8.32
CA TYR A 72 -2.51 -4.22 -8.46
C TYR A 72 -1.47 -3.97 -7.39
N TRP A 73 -0.31 -3.53 -7.82
CA TRP A 73 0.86 -3.49 -6.97
C TRP A 73 1.72 -2.30 -7.26
N MET A 74 2.15 -1.64 -6.22
CA MET A 74 3.08 -0.56 -6.36
C MET A 74 4.36 -0.96 -5.65
N PRO A 75 5.33 -1.54 -6.37
CA PRO A 75 6.60 -1.97 -5.78
C PRO A 75 7.45 -0.80 -5.31
N ILE A 76 7.04 -0.19 -4.22
CA ILE A 76 7.79 0.88 -3.62
C ILE A 76 9.03 0.28 -2.95
N ASP A 77 9.92 1.10 -2.42
CA ASP A 77 11.23 0.57 -2.04
C ASP A 77 11.86 1.32 -0.87
N TRP A 78 13.15 0.99 -0.63
CA TRP A 78 14.04 1.55 0.42
C TRP A 78 13.45 1.51 1.83
N THR A 79 12.23 1.01 1.94
CA THR A 79 11.53 0.93 3.22
C THR A 79 10.95 -0.46 3.45
N GLY A 80 10.89 -1.24 2.37
CA GLY A 80 10.36 -2.58 2.45
C GLY A 80 8.91 -2.63 2.08
N VAL A 81 8.22 -1.55 2.41
CA VAL A 81 6.78 -1.39 2.21
C VAL A 81 6.39 -1.59 0.74
N GLY A 82 5.10 -1.63 0.49
CA GLY A 82 4.57 -1.62 -0.85
C GLY A 82 3.08 -1.64 -0.81
N ILE A 83 2.48 -0.65 -1.40
CA ILE A 83 1.05 -0.54 -1.41
C ILE A 83 0.48 -1.42 -2.51
N HIS A 84 -0.68 -2.03 -2.23
CA HIS A 84 -1.25 -2.99 -3.16
C HIS A 84 -2.72 -3.20 -2.90
N ASP A 85 -3.42 -3.74 -3.87
CA ASP A 85 -4.80 -4.15 -3.69
C ASP A 85 -4.80 -5.55 -3.09
N SER A 86 -5.76 -5.84 -2.24
CA SER A 86 -5.73 -7.07 -1.48
C SER A 86 -7.07 -7.74 -1.52
N ASP A 87 -7.16 -8.71 -2.40
CA ASP A 87 -8.38 -9.45 -2.60
C ASP A 87 -8.53 -10.50 -1.52
N TRP A 88 -7.44 -10.69 -0.76
CA TRP A 88 -7.35 -11.72 0.26
C TRP A 88 -7.69 -11.22 1.66
N GLN A 89 -7.48 -9.92 1.89
CA GLN A 89 -7.82 -9.31 3.15
C GLN A 89 -9.23 -8.77 3.06
N PRO A 90 -10.10 -9.42 3.80
CA PRO A 90 -11.53 -9.20 3.75
C PRO A 90 -11.97 -8.06 4.65
N GLU A 91 -11.11 -7.68 5.56
CA GLU A 91 -11.35 -6.54 6.39
C GLU A 91 -10.40 -5.42 6.09
N TYR A 92 -10.86 -4.24 6.43
CA TYR A 92 -10.09 -3.02 6.38
C TYR A 92 -10.80 -2.08 7.30
N GLY A 93 -10.08 -1.57 8.24
CA GLY A 93 -10.70 -0.73 9.23
C GLY A 93 -9.79 -0.47 10.37
N GLY A 94 -10.37 -0.12 11.51
CA GLY A 94 -9.60 -0.07 12.74
C GLY A 94 -8.74 -1.29 12.90
N ASP A 95 -7.93 -1.25 13.92
CA ASP A 95 -6.66 -1.94 13.89
C ASP A 95 -6.77 -3.41 13.53
N LEU A 96 -6.43 -3.63 12.26
CA LEU A 96 -6.25 -4.93 11.68
C LEU A 96 -4.78 -5.29 11.66
N TRP A 97 -3.96 -4.32 11.30
CA TRP A 97 -2.53 -4.55 11.07
C TRP A 97 -1.85 -5.24 12.23
N LYS A 98 -2.39 -5.05 13.42
CA LYS A 98 -1.81 -5.62 14.61
C LYS A 98 -2.37 -6.99 14.94
N THR A 99 -3.62 -7.16 14.60
CA THR A 99 -4.32 -8.39 14.91
C THR A 99 -4.27 -9.36 13.74
N ARG A 100 -4.46 -8.82 12.56
CA ARG A 100 -4.46 -9.59 11.33
C ARG A 100 -3.04 -9.68 10.81
N GLY A 101 -2.23 -8.73 11.29
CA GLY A 101 -0.80 -8.82 11.20
C GLY A 101 -0.24 -9.03 9.80
N SER A 102 -0.70 -8.29 8.81
CA SER A 102 -0.32 -8.62 7.46
C SER A 102 1.05 -8.05 7.10
N HIS A 103 2.02 -8.96 6.96
CA HIS A 103 3.40 -8.67 6.58
C HIS A 103 3.90 -7.33 7.10
N GLY A 104 4.25 -6.43 6.18
CA GLY A 104 4.85 -5.17 6.56
C GLY A 104 4.28 -3.96 5.83
N CYS A 105 3.55 -4.19 4.73
CA CYS A 105 3.04 -3.09 3.93
C CYS A 105 1.55 -2.85 4.16
N ILE A 106 0.98 -2.04 3.26
CA ILE A 106 -0.41 -1.63 3.36
C ILE A 106 -1.30 -2.52 2.52
N ASN A 107 -2.35 -3.03 3.14
CA ASN A 107 -3.30 -3.90 2.44
C ASN A 107 -4.52 -3.10 2.00
N THR A 108 -4.47 -2.62 0.78
CA THR A 108 -5.52 -1.82 0.20
C THR A 108 -6.57 -2.67 -0.51
N PRO A 109 -7.83 -2.27 -0.39
CA PRO A 109 -8.97 -2.89 -1.09
C PRO A 109 -8.74 -3.08 -2.57
N PRO A 110 -9.27 -4.18 -3.09
CA PRO A 110 -9.07 -4.56 -4.48
C PRO A 110 -9.70 -3.57 -5.44
N SER A 111 -10.74 -2.89 -4.99
CA SER A 111 -11.49 -1.96 -5.81
C SER A 111 -10.75 -0.64 -6.01
N VAL A 112 -9.85 -0.31 -5.09
CA VAL A 112 -9.27 1.01 -5.06
C VAL A 112 -7.89 1.06 -5.67
N MET A 113 -7.04 0.16 -5.29
CA MET A 113 -5.70 0.19 -5.80
C MET A 113 -5.70 -0.12 -7.29
N LYS A 114 -6.86 -0.40 -7.83
CA LYS A 114 -6.98 -0.58 -9.25
C LYS A 114 -7.06 0.80 -9.89
N GLU A 115 -7.79 1.65 -9.18
CA GLU A 115 -8.08 2.99 -9.56
C GLU A 115 -6.79 3.69 -9.65
N LEU A 116 -6.06 3.41 -8.60
CA LEU A 116 -4.72 3.78 -8.41
C LEU A 116 -3.88 3.49 -9.59
N PHE A 117 -3.70 2.24 -9.87
CA PHE A 117 -2.93 1.83 -11.06
C PHE A 117 -3.39 2.65 -12.27
N GLY A 118 -4.62 3.16 -12.17
CA GLY A 118 -5.23 3.89 -13.25
C GLY A 118 -4.91 5.36 -13.18
N MET A 119 -4.63 5.86 -11.97
CA MET A 119 -4.27 7.26 -11.80
C MET A 119 -2.79 7.46 -11.58
N VAL A 120 -2.20 6.64 -10.76
CA VAL A 120 -0.80 6.78 -10.51
C VAL A 120 0.01 6.30 -11.68
N GLU A 121 1.15 6.92 -11.79
CA GLU A 121 2.04 6.66 -12.86
C GLU A 121 3.35 6.18 -12.29
N LYS A 122 4.11 5.47 -13.08
CA LYS A 122 5.46 5.13 -12.71
C LYS A 122 6.23 6.40 -12.49
N GLY A 123 6.39 6.71 -11.23
CA GLY A 123 7.03 7.95 -10.85
C GLY A 123 6.22 8.70 -9.83
N THR A 124 4.98 8.27 -9.65
CA THR A 124 4.14 8.78 -8.59
C THR A 124 4.72 8.34 -7.25
N PRO A 125 4.53 9.13 -6.20
CA PRO A 125 5.00 8.77 -4.90
C PRO A 125 3.91 8.08 -4.14
N VAL A 126 4.27 7.36 -3.12
CA VAL A 126 3.28 6.82 -2.23
C VAL A 126 3.62 7.29 -0.86
N LEU A 127 2.64 7.44 -0.06
CA LEU A 127 2.85 7.79 1.29
C LEU A 127 2.01 6.92 2.14
N VAL A 128 2.49 6.65 3.30
CA VAL A 128 1.69 6.08 4.34
C VAL A 128 2.07 6.82 5.59
N PHE A 129 1.12 7.09 6.46
CA PHE A 129 1.36 7.85 7.68
C PHE A 129 0.07 8.06 8.45
C 1RG B . 12.58 -9.35 3.68
N 1RG B . 11.06 -9.20 1.76
O 1RG B . 12.41 -10.57 3.70
CA 1RG B . 12.21 -8.55 2.42
CB 1RG B . 11.71 -7.16 2.79
CD 1RG B . 9.93 -8.67 2.51
CG 1RG B . 10.23 -7.18 2.51
CAA 1RG B . 3.64 -6.03 2.13
CAB 1RG B . 4.73 -6.29 1.02
OAC 1RG B . 3.63 -6.66 3.17
CAD 1RG B . 6.01 -6.91 1.69
CAE 1RG B . 4.21 -7.10 -0.15
CAF 1RG B . 5.29 -7.30 -1.20
OAG 1RG B . 3.75 -8.38 0.31
CAH 1RG B . 6.97 -5.91 2.28
CAI 1RG B . 7.66 -6.68 3.20
NAJ 1RG B . 5.73 -7.77 2.86
SAK 1RG B . 9.29 -6.35 3.75
CAL 1RG B . 6.92 -7.78 3.49
CAM 1RG B . 7.33 -8.74 4.34
CAS 1RG B . 6.28 -4.75 3.00
OAT 1RG B . 6.60 -9.73 4.55
OAU 1RG B . 8.44 -8.66 4.91
NAX 1RG B . 13.10 -8.59 4.69
CAY 1RG B . 13.42 -9.16 5.88
CAZ 1RG B . 13.94 -8.34 6.89
CBA 1RG B . 14.27 -8.87 8.13
CBB 1RG B . 14.09 -10.23 8.37
CBC 1RG B . 13.57 -11.05 7.39
CBD 1RG B . 13.24 -10.52 6.15
CBE 1RG B . 14.79 -8.04 9.12
OBF 1RG B . 15.03 -8.49 10.27
OBG 1RG B . 15.00 -6.84 8.90
HN 1RG B . 11.09 -10.19 1.85
HA 1RG B . 13.06 -8.51 1.73
HB 1RG B . 11.89 -6.98 3.85
HBA 1RG B . 12.20 -6.39 2.18
HD 1RG B . 9.00 -8.89 2.00
HDA 1RG B . 9.92 -9.06 3.54
HG 1RG B . 10.03 -6.73 1.53
HAB 1RG B . 4.95 -5.42 0.51
HAD 1RG B . 6.54 -7.50 0.95
HAE 1RG B . 3.38 -6.57 -0.59
HAF 1RG B . 5.65 -6.34 -1.52
HAFA 1RG B . 4.88 -7.83 -2.04
HAFB 1RG B . 6.10 -7.87 -0.78
HOAG 1RG B . 4.49 -8.85 0.72
HAH 1RG B . 7.64 -5.54 1.51
HNAJ 1RG B . 5.53 -8.70 2.53
HAS 1RG B . 6.92 -4.39 3.80
HASA 1RG B . 5.35 -5.09 3.42
HASB 1RG B . 6.10 -3.95 2.30
HNAX 1RG B . 13.22 -7.61 4.55
HAZ 1RG B . 14.09 -7.29 6.70
HBB 1RG B . 14.34 -10.65 9.33
HBC 1RG B . 13.43 -12.10 7.57
HBD 1RG B . 12.84 -11.17 5.38
HAT2 1RG B . 11.01 -8.91 0.80
N GLY A 1 8.65 19.03 -0.41
CA GLY A 1 7.60 17.99 -0.48
C GLY A 1 7.87 17.00 -1.60
N HIS A 2 6.82 16.36 -2.10
CA HIS A 2 6.96 15.39 -3.17
C HIS A 2 6.14 15.77 -4.38
N MET A 3 6.82 16.12 -5.46
CA MET A 3 6.21 16.21 -6.78
C MET A 3 5.07 17.26 -6.81
N GLU A 4 4.33 17.32 -7.92
CA GLU A 4 3.10 18.09 -7.99
C GLU A 4 2.10 17.47 -7.01
N ASP A 5 0.90 18.00 -6.91
CA ASP A 5 -0.02 17.40 -5.98
C ASP A 5 -0.67 16.20 -6.63
N THR A 6 0.04 15.08 -6.60
CA THR A 6 -0.50 13.77 -6.94
C THR A 6 0.37 12.69 -6.34
N TYR A 7 -0.26 11.68 -5.74
CA TYR A 7 0.48 10.60 -5.10
C TYR A 7 -0.46 9.68 -4.37
N ILE A 8 -0.02 8.47 -4.09
CA ILE A 8 -0.71 7.64 -3.13
C ILE A 8 -0.35 8.08 -1.75
N GLU A 9 -1.26 7.86 -0.85
CA GLU A 9 -1.08 8.29 0.51
C GLU A 9 -1.80 7.36 1.45
N VAL A 10 -1.21 7.06 2.59
CA VAL A 10 -1.85 6.20 3.56
C VAL A 10 -1.75 6.78 4.95
N ASP A 11 -2.59 6.29 5.82
CA ASP A 11 -2.58 6.60 7.22
C ASP A 11 -2.88 5.31 7.98
N LEU A 12 -1.86 4.78 8.60
CA LEU A 12 -1.85 3.44 9.18
C LEU A 12 -2.46 3.46 10.54
N GLU A 13 -2.20 4.59 11.15
CA GLU A 13 -2.69 4.97 12.45
C GLU A 13 -4.18 4.96 12.41
N ASN A 14 -4.61 5.53 11.31
CA ASN A 14 -6.04 5.74 11.05
C ASN A 14 -6.56 4.72 10.06
N GLN A 15 -5.67 3.76 9.79
CA GLN A 15 -5.86 2.67 8.83
C GLN A 15 -6.69 3.07 7.63
N HIS A 16 -6.20 4.05 6.88
CA HIS A 16 -6.89 4.50 5.69
C HIS A 16 -5.89 4.85 4.62
N MET A 17 -6.18 4.44 3.41
CA MET A 17 -5.31 4.69 2.28
C MET A 17 -5.99 5.63 1.29
N TRP A 18 -5.17 6.29 0.52
CA TRP A 18 -5.61 7.31 -0.42
C TRP A 18 -4.82 7.25 -1.70
N TYR A 19 -5.43 7.70 -2.75
CA TYR A 19 -4.69 8.28 -3.83
C TYR A 19 -4.98 9.73 -3.83
N TYR A 20 -4.07 10.46 -4.32
CA TYR A 20 -4.18 11.89 -4.36
C TYR A 20 -3.94 12.38 -5.75
N LYS A 21 -4.94 12.97 -6.31
CA LYS A 21 -4.81 13.70 -7.53
C LYS A 21 -5.19 15.12 -7.20
N ASP A 22 -4.47 16.07 -7.74
CA ASP A 22 -4.83 17.48 -7.65
C ASP A 22 -4.74 18.03 -6.25
N GLY A 23 -4.02 17.32 -5.40
CA GLY A 23 -3.94 17.69 -3.99
C GLY A 23 -5.16 17.30 -3.22
N LYS A 24 -5.98 16.58 -3.89
CA LYS A 24 -7.19 16.07 -3.35
C LYS A 24 -7.12 14.59 -3.62
N VAL A 25 -8.07 13.81 -3.19
CA VAL A 25 -7.95 12.41 -3.47
C VAL A 25 -8.81 11.89 -4.56
N ALA A 26 -8.31 10.79 -5.05
CA ALA A 26 -8.90 10.07 -6.10
C ALA A 26 -9.49 8.86 -5.48
N LEU A 27 -8.83 8.50 -4.41
CA LEU A 27 -9.11 7.31 -3.69
C LEU A 27 -9.18 7.56 -2.23
N GLU A 28 -10.09 6.85 -1.66
CA GLU A 28 -10.27 6.85 -0.26
C GLU A 28 -10.55 5.43 0.07
N THR A 29 -9.71 4.84 0.83
CA THR A 29 -9.95 3.50 1.15
C THR A 29 -9.42 3.17 2.51
N ASP A 30 -9.90 2.13 3.06
CA ASP A 30 -9.47 1.69 4.35
C ASP A 30 -8.47 0.58 4.18
N ILE A 31 -7.45 0.57 5.02
CA ILE A 31 -6.35 -0.37 4.87
C ILE A 31 -5.90 -0.92 6.16
N VAL A 32 -4.82 -1.64 6.05
CA VAL A 32 -4.13 -2.18 7.19
C VAL A 32 -2.67 -2.32 6.83
N SER A 33 -1.86 -1.64 7.58
CA SER A 33 -0.41 -1.62 7.41
C SER A 33 0.19 -2.87 8.03
N GLY A 34 1.51 -2.93 8.17
CA GLY A 34 2.10 -4.14 8.65
C GLY A 34 2.08 -4.25 10.16
N LYS A 35 2.39 -5.44 10.65
CA LYS A 35 2.13 -5.81 12.03
C LYS A 35 3.11 -5.14 13.01
N PRO A 36 2.70 -5.06 14.30
CA PRO A 36 3.39 -4.31 15.36
C PRO A 36 4.79 -4.77 15.59
N THR A 37 4.97 -6.04 15.32
CA THR A 37 6.24 -6.69 15.53
C THR A 37 7.25 -6.15 14.55
N THR A 38 6.75 -5.85 13.37
CA THR A 38 7.53 -5.34 12.27
C THR A 38 6.76 -4.28 11.50
N PRO A 39 6.60 -3.17 12.18
CA PRO A 39 5.77 -2.03 11.82
C PRO A 39 6.11 -1.38 10.50
N THR A 40 5.14 -0.69 9.95
CA THR A 40 5.38 0.08 8.77
C THR A 40 5.89 1.47 9.18
N PRO A 41 6.75 2.06 8.35
CA PRO A 41 7.54 3.25 8.68
C PRO A 41 6.73 4.52 8.60
N ALA A 42 5.97 4.61 7.53
CA ALA A 42 5.22 5.80 7.17
C ALA A 42 6.09 7.03 6.94
N GLY A 43 5.71 7.72 5.91
CA GLY A 43 6.39 8.90 5.44
C GLY A 43 6.18 9.04 3.96
N VAL A 44 7.26 8.93 3.21
CA VAL A 44 7.17 8.97 1.77
C VAL A 44 7.89 7.76 1.16
N PHE A 45 7.16 6.97 0.41
CA PHE A 45 7.74 5.91 -0.38
C PHE A 45 7.44 6.22 -1.85
N TYR A 46 7.75 5.35 -2.78
CA TYR A 46 7.64 5.73 -4.19
C TYR A 46 7.08 4.62 -5.07
N VAL A 47 5.97 4.91 -5.77
CA VAL A 47 5.47 3.99 -6.79
C VAL A 47 6.07 4.33 -8.12
N TRP A 48 7.15 3.67 -8.38
CA TRP A 48 7.85 3.82 -9.62
C TRP A 48 7.34 2.76 -10.58
N ASN A 49 6.24 2.11 -10.15
CA ASN A 49 5.51 1.18 -10.98
C ASN A 49 4.18 0.81 -10.32
N LYS A 50 3.12 0.98 -11.08
CA LYS A 50 1.80 0.48 -10.75
C LYS A 50 1.55 -0.82 -11.50
N GLU A 51 0.89 -1.76 -10.85
CA GLU A 51 0.77 -3.12 -11.36
C GLU A 51 -0.64 -3.62 -11.54
N GLU A 52 -0.72 -4.67 -12.32
CA GLU A 52 -1.90 -5.47 -12.50
C GLU A 52 -1.46 -6.90 -12.30
N ASP A 53 -2.33 -7.71 -11.73
CA ASP A 53 -2.12 -9.15 -11.63
C ASP A 53 -0.66 -9.43 -11.31
N ALA A 54 -0.20 -8.67 -10.32
CA ALA A 54 1.15 -8.70 -9.79
C ALA A 54 1.26 -9.82 -8.81
N THR A 55 2.46 -10.14 -8.42
CA THR A 55 2.62 -11.06 -7.32
C THR A 55 3.61 -10.53 -6.31
N LEU A 56 3.10 -10.36 -5.12
CA LEU A 56 3.89 -9.86 -4.00
C LEU A 56 4.77 -10.92 -3.43
N LYS A 57 5.92 -11.01 -4.02
CA LYS A 57 6.95 -11.92 -3.61
C LYS A 57 8.05 -11.27 -2.83
N GLY A 58 9.00 -12.09 -2.46
CA GLY A 58 10.07 -11.62 -1.65
C GLY A 58 10.44 -12.61 -0.58
N THR A 59 11.16 -12.16 0.43
CA THR A 59 11.40 -13.00 1.56
C THR A 59 10.86 -12.37 2.83
N ASN A 60 10.24 -13.20 3.64
CA ASN A 60 9.91 -12.85 5.00
C ASN A 60 11.17 -12.44 5.72
N ASP A 61 11.01 -11.57 6.70
CA ASP A 61 12.10 -11.11 7.55
C ASP A 61 12.78 -12.26 8.28
N ASP A 62 12.24 -13.45 8.08
CA ASP A 62 12.76 -14.62 8.76
C ASP A 62 13.39 -15.57 7.78
N GLY A 63 13.36 -15.16 6.52
CA GLY A 63 14.09 -15.86 5.52
C GLY A 63 13.24 -16.82 4.76
N THR A 64 11.96 -16.62 4.86
CA THR A 64 11.00 -17.51 4.28
C THR A 64 10.30 -16.82 3.11
N PRO A 65 10.76 -17.11 1.88
CA PRO A 65 10.21 -16.50 0.68
C PRO A 65 8.74 -16.75 0.51
N TYR A 66 8.09 -15.81 -0.11
CA TYR A 66 6.66 -15.81 -0.16
C TYR A 66 6.13 -15.21 -1.43
N GLU A 67 4.83 -15.35 -1.59
CA GLU A 67 4.12 -14.74 -2.70
C GLU A 67 2.74 -14.31 -2.27
N SER A 68 2.26 -13.24 -2.89
CA SER A 68 0.89 -12.83 -2.76
C SER A 68 0.44 -12.26 -4.06
N PRO A 69 -0.23 -13.07 -4.86
CA PRO A 69 -0.67 -12.65 -6.16
C PRO A 69 -1.75 -11.61 -6.05
N VAL A 70 -1.37 -10.43 -6.43
CA VAL A 70 -2.11 -9.25 -6.20
C VAL A 70 -2.63 -8.76 -7.54
N ASN A 71 -3.67 -7.97 -7.52
CA ASN A 71 -4.31 -7.54 -8.75
C ASN A 71 -3.70 -6.25 -9.20
N TYR A 72 -3.05 -5.58 -8.25
CA TYR A 72 -2.56 -4.23 -8.44
C TYR A 72 -1.50 -3.97 -7.39
N TRP A 73 -0.36 -3.52 -7.84
CA TRP A 73 0.83 -3.50 -7.01
C TRP A 73 1.69 -2.31 -7.30
N MET A 74 2.09 -1.64 -6.26
CA MET A 74 3.04 -0.56 -6.38
C MET A 74 4.32 -0.99 -5.68
N PRO A 75 5.26 -1.61 -6.43
CA PRO A 75 6.53 -2.05 -5.85
C PRO A 75 7.39 -0.89 -5.42
N ILE A 76 7.03 -0.29 -4.30
CA ILE A 76 7.79 0.81 -3.78
C ILE A 76 9.07 0.30 -3.15
N ASP A 77 9.89 1.17 -2.62
CA ASP A 77 11.24 0.81 -2.23
C ASP A 77 11.65 1.61 -1.01
N TRP A 78 12.95 1.60 -0.68
CA TRP A 78 13.51 2.37 0.42
C TRP A 78 13.34 1.67 1.76
N THR A 79 12.11 1.56 2.19
CA THR A 79 11.83 1.19 3.55
C THR A 79 11.26 -0.23 3.65
N GLY A 80 10.95 -0.83 2.51
CA GLY A 80 10.48 -2.21 2.49
C GLY A 80 9.02 -2.31 2.11
N VAL A 81 8.27 -1.27 2.45
CA VAL A 81 6.81 -1.24 2.23
C VAL A 81 6.44 -1.47 0.76
N GLY A 82 5.15 -1.59 0.51
CA GLY A 82 4.63 -1.60 -0.83
C GLY A 82 3.14 -1.62 -0.80
N ILE A 83 2.53 -0.63 -1.39
CA ILE A 83 1.11 -0.53 -1.39
C ILE A 83 0.52 -1.40 -2.50
N HIS A 84 -0.61 -2.03 -2.21
CA HIS A 84 -1.20 -2.97 -3.13
C HIS A 84 -2.66 -3.18 -2.86
N ASP A 85 -3.37 -3.71 -3.84
CA ASP A 85 -4.75 -4.11 -3.66
C ASP A 85 -4.77 -5.53 -3.11
N SER A 86 -5.75 -5.84 -2.30
CA SER A 86 -5.75 -7.11 -1.59
C SER A 86 -7.08 -7.77 -1.72
N ASP A 87 -7.14 -8.68 -2.67
CA ASP A 87 -8.38 -9.36 -2.98
C ASP A 87 -8.60 -10.48 -1.99
N TRP A 88 -7.51 -10.81 -1.29
CA TRP A 88 -7.51 -11.88 -0.33
C TRP A 88 -7.92 -11.40 1.05
N GLN A 89 -7.74 -10.12 1.31
CA GLN A 89 -8.13 -9.58 2.61
C GLN A 89 -9.49 -8.93 2.52
N PRO A 90 -10.41 -9.52 3.26
CA PRO A 90 -11.81 -9.14 3.27
C PRO A 90 -12.12 -8.05 4.26
N GLU A 91 -11.17 -7.74 5.10
CA GLU A 91 -11.31 -6.63 6.01
C GLU A 91 -10.38 -5.48 5.70
N TYR A 92 -10.86 -4.32 6.09
CA TYR A 92 -10.12 -3.08 6.09
C TYR A 92 -10.88 -2.15 6.98
N GLY A 93 -10.19 -1.58 7.89
CA GLY A 93 -10.84 -0.72 8.84
C GLY A 93 -9.92 -0.39 9.96
N GLY A 94 -10.48 0.00 11.09
CA GLY A 94 -9.70 0.08 12.29
C GLY A 94 -8.83 -1.13 12.47
N ASP A 95 -8.00 -1.06 13.46
CA ASP A 95 -6.76 -1.79 13.48
C ASP A 95 -6.90 -3.27 13.17
N LEU A 96 -6.54 -3.56 11.92
CA LEU A 96 -6.33 -4.91 11.44
C LEU A 96 -4.86 -5.26 11.50
N TRP A 97 -4.03 -4.28 11.19
CA TRP A 97 -2.59 -4.49 11.01
C TRP A 97 -1.95 -5.18 12.20
N LYS A 98 -2.56 -5.00 13.37
CA LYS A 98 -2.03 -5.58 14.59
C LYS A 98 -2.58 -6.95 14.87
N THR A 99 -3.83 -7.13 14.53
CA THR A 99 -4.54 -8.37 14.79
C THR A 99 -4.39 -9.34 13.63
N ARG A 100 -4.50 -8.79 12.44
CA ARG A 100 -4.40 -9.56 11.20
C ARG A 100 -2.98 -9.53 10.70
N GLY A 101 -2.20 -8.58 11.20
CA GLY A 101 -0.75 -8.65 11.15
C GLY A 101 -0.16 -8.95 9.78
N SER A 102 -0.56 -8.25 8.74
CA SER A 102 -0.09 -8.63 7.41
C SER A 102 1.28 -8.05 7.11
N HIS A 103 2.29 -8.94 7.04
CA HIS A 103 3.67 -8.59 6.69
C HIS A 103 4.12 -7.21 7.22
N GLY A 104 4.40 -6.30 6.29
CA GLY A 104 4.95 -5.01 6.64
C GLY A 104 4.32 -3.86 5.88
N CYS A 105 3.68 -4.13 4.74
CA CYS A 105 3.14 -3.07 3.91
C CYS A 105 1.66 -2.82 4.16
N ILE A 106 1.06 -2.05 3.25
CA ILE A 106 -0.32 -1.64 3.37
C ILE A 106 -1.21 -2.51 2.49
N ASN A 107 -2.28 -3.01 3.10
CA ASN A 107 -3.20 -3.89 2.39
C ASN A 107 -4.45 -3.12 1.99
N THR A 108 -4.43 -2.63 0.76
CA THR A 108 -5.48 -1.83 0.20
C THR A 108 -6.53 -2.68 -0.53
N PRO A 109 -7.79 -2.26 -0.44
CA PRO A 109 -8.92 -2.87 -1.16
C PRO A 109 -8.67 -3.02 -2.65
N PRO A 110 -9.19 -4.09 -3.21
CA PRO A 110 -8.99 -4.43 -4.61
C PRO A 110 -9.64 -3.42 -5.55
N SER A 111 -10.74 -2.83 -5.09
CA SER A 111 -11.50 -1.90 -5.89
C SER A 111 -10.78 -0.56 -6.06
N VAL A 112 -9.88 -0.26 -5.13
CA VAL A 112 -9.28 1.05 -5.07
C VAL A 112 -7.90 1.09 -5.67
N MET A 113 -7.05 0.19 -5.29
CA MET A 113 -5.70 0.20 -5.82
C MET A 113 -5.71 -0.11 -7.31
N LYS A 114 -6.88 -0.39 -7.85
CA LYS A 114 -7.00 -0.55 -9.26
C LYS A 114 -7.08 0.82 -9.90
N GLU A 115 -7.80 1.68 -9.17
CA GLU A 115 -8.07 3.02 -9.54
C GLU A 115 -6.79 3.72 -9.62
N LEU A 116 -6.06 3.43 -8.57
CA LEU A 116 -4.71 3.79 -8.39
C LEU A 116 -3.88 3.50 -9.57
N PHE A 117 -3.71 2.24 -9.86
CA PHE A 117 -2.98 1.83 -11.05
C PHE A 117 -3.45 2.67 -12.26
N GLY A 118 -4.67 3.18 -12.12
CA GLY A 118 -5.29 3.91 -13.20
C GLY A 118 -4.98 5.39 -13.12
N MET A 119 -4.67 5.88 -11.92
CA MET A 119 -4.29 7.27 -11.76
C MET A 119 -2.82 7.48 -11.56
N VAL A 120 -2.22 6.66 -10.73
CA VAL A 120 -0.81 6.80 -10.49
C VAL A 120 -0.02 6.31 -11.67
N GLU A 121 1.11 6.92 -11.79
CA GLU A 121 1.99 6.65 -12.86
C GLU A 121 3.32 6.21 -12.30
N LYS A 122 4.06 5.47 -13.10
CA LYS A 122 5.42 5.14 -12.75
C LYS A 122 6.19 6.41 -12.51
N GLY A 123 6.38 6.68 -11.26
CA GLY A 123 7.04 7.89 -10.85
C GLY A 123 6.24 8.65 -9.83
N THR A 124 5.01 8.21 -9.62
CA THR A 124 4.19 8.74 -8.57
C THR A 124 4.77 8.32 -7.22
N PRO A 125 4.60 9.12 -6.18
CA PRO A 125 5.07 8.78 -4.88
C PRO A 125 3.96 8.11 -4.10
N VAL A 126 4.33 7.35 -3.11
CA VAL A 126 3.34 6.79 -2.23
C VAL A 126 3.68 7.24 -0.86
N LEU A 127 2.70 7.39 -0.05
CA LEU A 127 2.92 7.74 1.29
C LEU A 127 2.07 6.88 2.14
N VAL A 128 2.55 6.61 3.32
CA VAL A 128 1.74 6.05 4.36
C VAL A 128 2.12 6.79 5.61
N PHE A 129 1.16 7.09 6.47
CA PHE A 129 1.39 7.86 7.67
C PHE A 129 0.08 8.15 8.40
C 1RG B . 7.77 -8.73 7.91
N 1RG B . 9.07 -6.58 7.89
O 1RG B . 7.16 -9.56 7.23
CA 1RG B . 7.82 -7.27 7.45
CB 1RG B . 7.87 -7.23 5.94
CD 1RG B . 9.71 -6.03 6.68
CG 1RG B . 8.60 -5.96 5.66
CAA 1RG B . 3.90 -6.04 2.16
CAB 1RG B . 4.91 -6.24 0.98
OAC 1RG B . 4.03 -6.63 3.22
CAD 1RG B . 6.27 -6.80 1.56
CAE 1RG B . 4.36 -7.10 -0.14
CAF 1RG B . 5.35 -7.27 -1.26
OAG 1RG B . 4.00 -8.39 0.37
CAH 1RG B . 7.19 -5.75 2.19
CAI 1RG B . 7.89 -6.51 3.11
NAJ 1RG B . 6.10 -7.74 2.67
SAK 1RG B . 9.29 -5.96 4.01
CAL 1RG B . 7.33 -7.73 3.18
CAM 1RG B . 8.00 -8.81 3.65
CAS 1RG B . 6.46 -4.62 2.90
OAT 1RG B . 7.41 -9.91 3.73
OAU 1RG B . 9.18 -8.71 4.02
NAX 1RG B . 8.42 -8.97 9.10
CAY 1RG B . 8.50 -10.24 9.59
CAZ 1RG B . 9.15 -10.43 10.81
CBA 1RG B . 9.27 -11.72 11.34
CBB 1RG B . 8.72 -12.81 10.67
CBC 1RG B . 8.08 -12.62 9.46
CBD 1RG B . 7.97 -11.35 8.92
CBE 1RG B . 9.91 -11.91 12.56
OBF 1RG B . 10.00 -13.05 13.07
OBG 1RG B . 10.43 -10.96 13.18
HN 1RG B . 9.69 -7.24 8.33
HA 1RG B . 6.95 -6.73 7.81
HB 1RG B . 8.41 -8.08 5.58
HBA 1RG B . 6.86 -7.19 5.52
HD 1RG B . 10.10 -5.03 6.90
HDA 1RG B . 10.50 -6.69 6.33
HG 1RG B . 7.94 -5.11 5.79
HAB 1RG B . 5.05 -5.37 0.45
HAD 1RG B . 6.81 -7.30 0.76
HAE 1RG B . 3.47 -6.62 -0.53
HAF 1RG B . 4.91 -7.83 -2.07
HAFA 1RG B . 6.23 -7.79 -0.91
HAFB 1RG B . 5.66 -6.29 -1.63
HOAG 1RG B . 3.63 -8.93 -0.33
HAH 1RG B . 7.86 -5.35 1.43
HNAJ 1RG B . 5.93 -8.65 2.29
HAS 1RG B . 6.20 -3.86 2.17
HASA 1RG B . 7.10 -4.19 3.65
HASB 1RG B . 5.56 -5.01 3.36
HNAX 1RG B . 8.85 -8.21 9.59
HAZ 1RG B . 9.57 -9.59 11.34
HBB 1RG B . 8.81 -13.79 11.08
HBC 1RG B . 7.66 -13.47 8.94
HBD 1RG B . 7.45 -11.20 7.98
HAT2 1RG B . 8.84 -5.84 8.53
N GLY A 1 10.33 17.02 -0.10
CA GLY A 1 8.99 16.96 -0.69
C GLY A 1 8.87 15.85 -1.73
N HIS A 2 7.68 15.65 -2.25
CA HIS A 2 7.48 14.70 -3.34
C HIS A 2 6.67 15.31 -4.46
N MET A 3 7.35 15.63 -5.56
CA MET A 3 6.70 15.98 -6.81
C MET A 3 5.72 17.15 -6.63
N GLU A 4 4.81 17.33 -7.59
CA GLU A 4 3.68 18.20 -7.37
C GLU A 4 2.61 17.49 -6.58
N ASP A 5 1.37 17.88 -6.73
CA ASP A 5 0.34 17.23 -5.95
C ASP A 5 -0.33 16.09 -6.71
N THR A 6 0.31 14.93 -6.67
CA THR A 6 -0.30 13.67 -7.02
C THR A 6 0.48 12.54 -6.40
N TYR A 7 -0.21 11.59 -5.79
CA TYR A 7 0.47 10.51 -5.09
C TYR A 7 -0.50 9.61 -4.36
N ILE A 8 -0.08 8.40 -4.08
CA ILE A 8 -0.77 7.58 -3.12
C ILE A 8 -0.40 8.03 -1.74
N GLU A 9 -1.29 7.81 -0.82
CA GLU A 9 -1.11 8.25 0.53
C GLU A 9 -1.83 7.32 1.48
N VAL A 10 -1.26 7.05 2.63
CA VAL A 10 -1.91 6.23 3.60
C VAL A 10 -1.82 6.83 4.98
N ASP A 11 -2.68 6.34 5.85
CA ASP A 11 -2.69 6.67 7.25
C ASP A 11 -2.99 5.39 8.01
N LEU A 12 -1.97 4.87 8.64
CA LEU A 12 -1.97 3.54 9.24
C LEU A 12 -2.57 3.61 10.60
N GLU A 13 -2.28 4.73 11.19
CA GLU A 13 -2.78 5.13 12.48
C GLU A 13 -4.26 5.06 12.43
N ASN A 14 -4.73 5.60 11.33
CA ASN A 14 -6.15 5.77 11.06
C ASN A 14 -6.65 4.73 10.08
N GLN A 15 -5.73 3.80 9.79
CA GLN A 15 -5.90 2.73 8.80
C GLN A 15 -6.75 3.11 7.61
N HIS A 16 -6.29 4.09 6.89
CA HIS A 16 -6.98 4.55 5.71
C HIS A 16 -5.97 4.90 4.63
N MET A 17 -6.25 4.46 3.43
CA MET A 17 -5.37 4.70 2.32
C MET A 17 -6.03 5.65 1.32
N TRP A 18 -5.21 6.29 0.53
CA TRP A 18 -5.65 7.30 -0.42
C TRP A 18 -4.86 7.23 -1.70
N TYR A 19 -5.46 7.71 -2.75
CA TYR A 19 -4.71 8.27 -3.83
C TYR A 19 -4.99 9.72 -3.84
N TYR A 20 -4.06 10.44 -4.34
CA TYR A 20 -4.17 11.88 -4.42
C TYR A 20 -3.92 12.34 -5.81
N LYS A 21 -4.91 12.97 -6.37
CA LYS A 21 -4.79 13.60 -7.65
C LYS A 21 -5.14 15.05 -7.51
N ASP A 22 -4.19 15.93 -7.68
CA ASP A 22 -4.40 17.37 -7.50
C ASP A 22 -4.48 17.78 -6.05
N GLY A 23 -3.61 17.20 -5.23
CA GLY A 23 -3.61 17.54 -3.81
C GLY A 23 -4.91 17.27 -3.13
N LYS A 24 -5.68 16.48 -3.80
CA LYS A 24 -6.94 16.04 -3.33
C LYS A 24 -7.02 14.60 -3.75
N VAL A 25 -7.96 13.85 -3.26
CA VAL A 25 -7.89 12.44 -3.53
C VAL A 25 -8.74 11.94 -4.63
N ALA A 26 -8.27 10.81 -5.09
CA ALA A 26 -8.88 10.09 -6.14
C ALA A 26 -9.45 8.86 -5.53
N LEU A 27 -8.79 8.51 -4.44
CA LEU A 27 -9.09 7.33 -3.70
C LEU A 27 -9.14 7.59 -2.26
N GLU A 28 -10.04 6.90 -1.66
CA GLU A 28 -10.22 6.89 -0.26
C GLU A 28 -10.53 5.49 0.07
N THR A 29 -9.72 4.88 0.86
CA THR A 29 -9.98 3.54 1.19
C THR A 29 -9.48 3.18 2.54
N ASP A 30 -9.94 2.07 3.01
CA ASP A 30 -9.61 1.56 4.28
C ASP A 30 -8.59 0.44 4.13
N ILE A 31 -7.56 0.45 4.97
CA ILE A 31 -6.41 -0.45 4.80
C ILE A 31 -5.95 -1.02 6.09
N VAL A 32 -4.83 -1.71 5.97
CA VAL A 32 -4.10 -2.22 7.09
C VAL A 32 -2.63 -2.34 6.72
N SER A 33 -1.82 -1.64 7.49
CA SER A 33 -0.37 -1.64 7.35
C SER A 33 0.23 -2.90 7.96
N GLY A 34 1.54 -2.96 8.13
CA GLY A 34 2.13 -4.19 8.60
C GLY A 34 2.14 -4.27 10.12
N LYS A 35 2.55 -5.43 10.64
CA LYS A 35 2.36 -5.76 12.04
C LYS A 35 3.39 -5.09 12.94
N PRO A 36 3.04 -4.96 14.24
CA PRO A 36 3.79 -4.20 15.26
C PRO A 36 5.21 -4.66 15.41
N THR A 37 5.39 -5.92 15.11
CA THR A 37 6.67 -6.58 15.24
C THR A 37 7.64 -6.05 14.20
N THR A 38 7.07 -5.74 13.06
CA THR A 38 7.79 -5.23 11.91
C THR A 38 6.96 -4.16 11.25
N PRO A 39 6.90 -3.06 11.98
CA PRO A 39 6.05 -1.92 11.75
C PRO A 39 6.19 -1.26 10.42
N THR A 40 5.11 -0.62 10.02
CA THR A 40 5.12 0.18 8.87
C THR A 40 5.72 1.55 9.23
N PRO A 41 6.69 2.04 8.42
CA PRO A 41 7.49 3.22 8.74
C PRO A 41 6.68 4.49 8.63
N ALA A 42 5.92 4.56 7.57
CA ALA A 42 5.17 5.74 7.19
C ALA A 42 6.03 6.96 6.96
N GLY A 43 5.65 7.64 5.91
CA GLY A 43 6.33 8.81 5.44
C GLY A 43 6.09 8.97 3.97
N VAL A 44 7.16 8.98 3.22
CA VAL A 44 7.10 9.10 1.79
C VAL A 44 7.86 7.96 1.12
N PHE A 45 7.11 7.07 0.49
CA PHE A 45 7.68 5.98 -0.29
C PHE A 45 7.38 6.27 -1.77
N TYR A 46 7.68 5.38 -2.69
CA TYR A 46 7.55 5.72 -4.10
C TYR A 46 7.00 4.58 -4.94
N VAL A 47 5.87 4.81 -5.63
CA VAL A 47 5.39 3.87 -6.62
C VAL A 47 6.11 4.10 -7.91
N TRP A 48 7.17 3.36 -8.05
CA TRP A 48 8.01 3.45 -9.21
C TRP A 48 7.40 2.58 -10.29
N ASN A 49 6.28 1.96 -9.95
CA ASN A 49 5.53 1.12 -10.87
C ASN A 49 4.17 0.73 -10.28
N LYS A 50 3.13 0.97 -11.05
CA LYS A 50 1.79 0.48 -10.76
C LYS A 50 1.54 -0.80 -11.53
N GLU A 51 0.85 -1.75 -10.89
CA GLU A 51 0.77 -3.12 -11.39
C GLU A 51 -0.65 -3.65 -11.55
N GLU A 52 -0.73 -4.68 -12.36
CA GLU A 52 -1.91 -5.45 -12.61
C GLU A 52 -1.56 -6.91 -12.64
N ASP A 53 -2.29 -7.68 -11.85
CA ASP A 53 -2.05 -9.12 -11.75
C ASP A 53 -0.58 -9.36 -11.40
N ALA A 54 -0.15 -8.56 -10.44
CA ALA A 54 1.19 -8.55 -9.90
C ALA A 54 1.34 -9.67 -8.91
N THR A 55 2.54 -9.96 -8.51
CA THR A 55 2.73 -10.91 -7.43
C THR A 55 3.70 -10.39 -6.40
N LEU A 56 3.17 -10.26 -5.21
CA LEU A 56 3.92 -9.78 -4.06
C LEU A 56 4.79 -10.84 -3.46
N LYS A 57 5.96 -10.90 -3.99
CA LYS A 57 6.97 -11.82 -3.55
C LYS A 57 8.03 -11.19 -2.69
N GLY A 58 8.93 -12.04 -2.24
CA GLY A 58 9.97 -11.59 -1.37
C GLY A 58 10.22 -12.57 -0.27
N THR A 59 10.86 -12.12 0.79
CA THR A 59 10.99 -12.93 1.96
C THR A 59 10.25 -12.31 3.13
N ASN A 60 9.66 -13.16 3.94
CA ASN A 60 9.19 -12.76 5.24
C ASN A 60 10.34 -12.25 6.06
N ASP A 61 10.02 -11.36 6.98
CA ASP A 61 10.98 -10.79 7.90
C ASP A 61 11.65 -11.85 8.75
N ASP A 62 11.24 -13.09 8.57
CA ASP A 62 11.77 -14.18 9.35
C ASP A 62 12.55 -15.13 8.47
N GLY A 63 12.60 -14.78 7.19
CA GLY A 63 13.45 -15.50 6.30
C GLY A 63 12.71 -16.53 5.50
N THR A 64 11.42 -16.38 5.46
CA THR A 64 10.56 -17.35 4.83
C THR A 64 9.92 -16.72 3.58
N PRO A 65 10.46 -17.04 2.40
CA PRO A 65 10.00 -16.47 1.14
C PRO A 65 8.55 -16.75 0.85
N TYR A 66 7.96 -15.85 0.09
CA TYR A 66 6.53 -15.87 -0.11
C TYR A 66 6.12 -15.28 -1.42
N GLU A 67 4.84 -15.41 -1.69
CA GLU A 67 4.22 -14.77 -2.83
C GLU A 67 2.80 -14.37 -2.50
N SER A 68 2.35 -13.27 -3.07
CA SER A 68 0.97 -12.88 -2.96
C SER A 68 0.55 -12.27 -4.25
N PRO A 69 -0.08 -13.05 -5.10
CA PRO A 69 -0.53 -12.59 -6.38
C PRO A 69 -1.64 -11.59 -6.22
N VAL A 70 -1.29 -10.38 -6.56
CA VAL A 70 -2.08 -9.23 -6.29
C VAL A 70 -2.59 -8.70 -7.62
N ASN A 71 -3.69 -7.99 -7.59
CA ASN A 71 -4.33 -7.55 -8.82
C ASN A 71 -3.72 -6.25 -9.26
N TYR A 72 -3.09 -5.58 -8.30
CA TYR A 72 -2.61 -4.23 -8.48
C TYR A 72 -1.56 -3.96 -7.42
N TRP A 73 -0.41 -3.51 -7.85
CA TRP A 73 0.76 -3.47 -7.00
C TRP A 73 1.58 -2.24 -7.27
N MET A 74 1.94 -1.56 -6.22
CA MET A 74 2.81 -0.43 -6.31
C MET A 74 4.08 -0.75 -5.56
N PRO A 75 5.06 -1.40 -6.22
CA PRO A 75 6.34 -1.64 -5.60
C PRO A 75 6.96 -0.32 -5.22
N ILE A 76 7.17 -0.15 -3.94
CA ILE A 76 7.84 1.03 -3.43
C ILE A 76 9.09 0.54 -2.72
N ASP A 77 9.67 -0.45 -3.36
CA ASP A 77 10.59 -1.36 -2.71
C ASP A 77 12.03 -0.91 -2.82
N TRP A 78 12.64 -0.81 -1.63
CA TRP A 78 14.01 -0.37 -1.40
C TRP A 78 14.06 0.15 0.02
N THR A 79 12.89 0.55 0.49
CA THR A 79 12.69 0.94 1.89
C THR A 79 11.95 -0.17 2.63
N GLY A 80 11.13 -0.94 1.91
CA GLY A 80 10.52 -2.12 2.47
C GLY A 80 9.06 -2.25 2.11
N VAL A 81 8.30 -1.23 2.47
CA VAL A 81 6.85 -1.18 2.26
C VAL A 81 6.45 -1.40 0.78
N GLY A 82 5.15 -1.51 0.54
CA GLY A 82 4.62 -1.53 -0.81
C GLY A 82 3.13 -1.61 -0.78
N ILE A 83 2.49 -0.61 -1.35
CA ILE A 83 1.05 -0.56 -1.35
C ILE A 83 0.48 -1.43 -2.47
N HIS A 84 -0.65 -2.06 -2.19
CA HIS A 84 -1.24 -3.00 -3.14
C HIS A 84 -2.71 -3.20 -2.86
N ASP A 85 -3.42 -3.71 -3.85
CA ASP A 85 -4.79 -4.11 -3.67
C ASP A 85 -4.79 -5.53 -3.11
N SER A 86 -5.78 -5.88 -2.33
CA SER A 86 -5.78 -7.14 -1.61
C SER A 86 -7.10 -7.82 -1.76
N ASP A 87 -7.15 -8.73 -2.71
CA ASP A 87 -8.38 -9.42 -3.04
C ASP A 87 -8.60 -10.56 -2.08
N TRP A 88 -7.51 -10.89 -1.39
CA TRP A 88 -7.48 -12.00 -0.45
C TRP A 88 -7.96 -11.57 0.93
N GLN A 89 -7.87 -10.29 1.23
CA GLN A 89 -8.27 -9.82 2.55
C GLN A 89 -9.71 -9.39 2.57
N PRO A 90 -10.43 -9.88 3.54
CA PRO A 90 -11.83 -9.52 3.76
C PRO A 90 -12.00 -8.24 4.58
N GLU A 91 -11.04 -7.93 5.45
CA GLU A 91 -11.17 -6.77 6.28
C GLU A 91 -10.27 -5.63 5.87
N TYR A 92 -10.77 -4.46 6.18
CA TYR A 92 -10.04 -3.22 6.15
C TYR A 92 -10.79 -2.31 7.07
N GLY A 93 -10.08 -1.67 7.93
CA GLY A 93 -10.70 -0.79 8.89
C GLY A 93 -9.74 -0.39 9.94
N GLY A 94 -10.25 0.04 11.07
CA GLY A 94 -9.40 0.22 12.23
C GLY A 94 -8.52 -0.96 12.47
N ASP A 95 -7.67 -0.83 13.44
CA ASP A 95 -6.44 -1.57 13.47
C ASP A 95 -6.61 -3.07 13.26
N LEU A 96 -6.31 -3.43 12.01
CA LEU A 96 -6.15 -4.80 11.58
C LEU A 96 -4.66 -5.12 11.59
N TRP A 97 -3.83 -4.17 11.19
CA TRP A 97 -2.40 -4.43 11.01
C TRP A 97 -1.79 -5.16 12.20
N LYS A 98 -2.29 -4.85 13.39
CA LYS A 98 -1.75 -5.40 14.61
C LYS A 98 -2.32 -6.77 14.91
N THR A 99 -3.58 -6.93 14.61
CA THR A 99 -4.29 -8.14 14.95
C THR A 99 -4.14 -9.18 13.84
N ARG A 100 -4.25 -8.69 12.62
CA ARG A 100 -4.18 -9.52 11.44
C ARG A 100 -2.76 -9.56 10.91
N GLY A 101 -1.98 -8.57 11.33
CA GLY A 101 -0.55 -8.64 11.23
C GLY A 101 -0.02 -8.97 9.84
N SER A 102 -0.50 -8.29 8.81
CA SER A 102 -0.11 -8.70 7.47
C SER A 102 1.21 -8.07 7.04
N HIS A 103 2.23 -8.94 6.92
CA HIS A 103 3.58 -8.56 6.51
C HIS A 103 4.04 -7.20 7.06
N GLY A 104 4.40 -6.29 6.14
CA GLY A 104 4.95 -5.01 6.54
C GLY A 104 4.34 -3.82 5.79
N CYS A 105 3.62 -4.08 4.70
CA CYS A 105 3.08 -2.99 3.90
C CYS A 105 1.58 -2.78 4.13
N ILE A 106 0.99 -2.00 3.23
CA ILE A 106 -0.41 -1.61 3.33
C ILE A 106 -1.28 -2.51 2.48
N ASN A 107 -2.36 -2.99 3.06
CA ASN A 107 -3.28 -3.88 2.37
C ASN A 107 -4.52 -3.12 1.96
N THR A 108 -4.49 -2.62 0.74
CA THR A 108 -5.55 -1.85 0.16
C THR A 108 -6.59 -2.70 -0.55
N PRO A 109 -7.86 -2.29 -0.44
CA PRO A 109 -8.98 -2.91 -1.15
C PRO A 109 -8.75 -3.05 -2.64
N PRO A 110 -9.27 -4.13 -3.20
CA PRO A 110 -9.08 -4.46 -4.61
C PRO A 110 -9.73 -3.43 -5.54
N SER A 111 -10.77 -2.79 -5.04
CA SER A 111 -11.55 -1.86 -5.83
C SER A 111 -10.83 -0.54 -6.01
N VAL A 112 -9.95 -0.23 -5.09
CA VAL A 112 -9.34 1.08 -5.05
C VAL A 112 -7.97 1.10 -5.66
N MET A 113 -7.12 0.20 -5.27
CA MET A 113 -5.77 0.21 -5.79
C MET A 113 -5.79 -0.12 -7.27
N LYS A 114 -6.95 -0.38 -7.82
CA LYS A 114 -7.07 -0.57 -9.23
C LYS A 114 -7.13 0.80 -9.88
N GLU A 115 -7.86 1.67 -9.18
CA GLU A 115 -8.13 3.01 -9.56
C GLU A 115 -6.83 3.69 -9.65
N LEU A 116 -6.11 3.41 -8.60
CA LEU A 116 -4.77 3.77 -8.40
C LEU A 116 -3.93 3.47 -9.59
N PHE A 117 -3.77 2.20 -9.88
CA PHE A 117 -3.03 1.80 -11.08
C PHE A 117 -3.48 2.64 -12.27
N GLY A 118 -4.70 3.17 -12.15
CA GLY A 118 -5.30 3.91 -13.23
C GLY A 118 -4.97 5.38 -13.15
N MET A 119 -4.68 5.87 -11.94
CA MET A 119 -4.29 7.25 -11.78
C MET A 119 -2.83 7.44 -11.56
N VAL A 120 -2.25 6.64 -10.71
CA VAL A 120 -0.84 6.75 -10.46
C VAL A 120 -0.04 6.28 -11.63
N GLU A 121 1.06 6.94 -11.79
CA GLU A 121 1.96 6.66 -12.84
C GLU A 121 3.24 6.15 -12.25
N LYS A 122 3.98 5.40 -13.02
CA LYS A 122 5.31 5.05 -12.65
C LYS A 122 6.12 6.29 -12.46
N GLY A 123 6.32 6.61 -11.22
CA GLY A 123 6.99 7.83 -10.86
C GLY A 123 6.17 8.63 -9.87
N THR A 124 4.94 8.21 -9.67
CA THR A 124 4.12 8.72 -8.60
C THR A 124 4.71 8.27 -7.28
N PRO A 125 4.57 9.04 -6.22
CA PRO A 125 5.07 8.66 -4.95
C PRO A 125 3.98 7.99 -4.16
N VAL A 126 4.34 7.37 -3.08
CA VAL A 126 3.33 6.87 -2.19
C VAL A 126 3.65 7.36 -0.82
N LEU A 127 2.66 7.47 -0.03
CA LEU A 127 2.85 7.79 1.33
C LEU A 127 2.01 6.88 2.15
N VAL A 128 2.47 6.64 3.34
CA VAL A 128 1.67 6.05 4.36
C VAL A 128 2.05 6.78 5.62
N PHE A 129 1.08 7.09 6.47
CA PHE A 129 1.33 7.83 7.69
C PHE A 129 0.04 8.05 8.47
C 1RG B . 12.94 -8.78 3.01
N 1RG B . 11.26 -8.61 1.23
O 1RG B . 12.14 -9.39 3.71
CA 1RG B . 12.44 -7.97 1.82
CB 1RG B . 11.93 -6.60 2.29
CD 1RG B . 10.18 -8.17 2.09
CG 1RG B . 10.42 -6.67 2.12
CAA 1RG B . 3.79 -5.92 2.10
CAB 1RG B . 4.84 -6.13 0.96
OAC 1RG B . 3.85 -6.54 3.15
CAD 1RG B . 6.18 -6.68 1.58
CAE 1RG B . 4.31 -6.98 -0.18
CAF 1RG B . 5.37 -7.17 -1.26
OAG 1RG B . 3.89 -8.25 0.32
CAH 1RG B . 7.11 -5.60 2.12
CAI 1RG B . 7.89 -6.34 2.99
NAJ 1RG B . 6.00 -7.52 2.76
SAK 1RG B . 9.53 -5.91 3.45
CAL 1RG B . 7.22 -7.48 3.31
CAM 1RG B . 7.73 -8.41 4.12
CAS 1RG B . 6.38 -4.50 2.89
OAT 1RG B . 7.06 -9.44 4.38
OAU 1RG B . 8.87 -8.28 4.64
NAX 1RG B . 14.29 -8.72 3.20
CAY 1RG B . 14.87 -9.44 4.21
CAZ 1RG B . 16.25 -9.35 4.36
CBA 1RG B . 16.88 -10.05 5.38
CBB 1RG B . 16.14 -10.84 6.25
CBC 1RG B . 14.76 -10.92 6.11
CBD 1RG B . 14.13 -10.23 5.09
CBE 1RG B . 18.26 -9.97 5.52
OBF 1RG B . 18.85 -10.61 6.42
OBG 1RG B . 18.95 -9.27 4.76
HN 1RG B . 11.34 -9.60 1.28
HA 1RG B . 13.23 -7.84 1.07
HB 1RG B . 12.18 -6.46 3.34
HBA 1RG B . 12.34 -5.78 1.69
HD 1RG B . 9.22 -8.40 1.65
HDA 1RG B . 10.27 -8.59 3.10
HG 1RG B . 10.14 -6.19 1.17
HAB 1RG B . 4.99 -5.24 0.43
HAD 1RG B . 6.71 -7.23 0.81
HAE 1RG B . 3.46 -6.48 -0.63
HAF 1RG B . 5.72 -6.21 -1.59
HAFA 1RG B . 4.94 -7.70 -2.09
HAFB 1RG B . 6.19 -7.73 -0.85
HOAG 1RG B . 3.56 -8.78 -0.40
HAH 1RG B . 7.70 -5.19 1.31
HNAJ 1RG B . 5.84 -8.46 2.44
HAS 1RG B . 6.16 -3.69 2.20
HASA 1RG B . 7.01 -4.14 3.69
HASB 1RG B . 5.46 -4.89 3.30
HNAX 1RG B . 14.86 -8.19 2.58
HAZ 1RG B . 16.82 -8.74 3.69
HBB 1RG B . 16.63 -11.38 7.04
HBC 1RG B . 14.18 -11.54 6.78
HBD 1RG B . 13.06 -10.30 4.99
HAT2 1RG B . 11.12 -8.31 0.28
N GLY A 1 8.74 17.51 0.66
CA GLY A 1 7.84 17.65 -0.51
C GLY A 1 7.99 16.53 -1.51
N HIS A 2 6.91 16.19 -2.19
CA HIS A 2 6.97 15.17 -3.23
C HIS A 2 6.21 15.58 -4.47
N MET A 3 6.96 16.00 -5.48
CA MET A 3 6.42 16.18 -6.82
C MET A 3 5.32 17.24 -6.87
N GLU A 4 4.58 17.24 -7.97
CA GLU A 4 3.31 17.94 -8.03
C GLU A 4 2.35 17.23 -7.08
N ASP A 5 1.18 17.79 -6.88
CA ASP A 5 0.28 17.20 -5.91
C ASP A 5 -0.45 16.05 -6.54
N THR A 6 0.22 14.91 -6.55
CA THR A 6 -0.37 13.64 -6.89
C THR A 6 0.46 12.53 -6.31
N TYR A 7 -0.20 11.54 -5.73
CA TYR A 7 0.51 10.46 -5.07
C TYR A 7 -0.45 9.54 -4.38
N ILE A 8 -0.03 8.31 -4.15
CA ILE A 8 -0.73 7.46 -3.23
C ILE A 8 -0.39 7.90 -1.85
N GLU A 9 -1.31 7.68 -0.97
CA GLU A 9 -1.16 8.17 0.36
C GLU A 9 -1.85 7.24 1.34
N VAL A 10 -1.31 7.09 2.52
CA VAL A 10 -1.92 6.25 3.53
C VAL A 10 -1.77 6.84 4.92
N ASP A 11 -2.62 6.37 5.81
CA ASP A 11 -2.60 6.69 7.20
C ASP A 11 -2.92 5.43 7.98
N LEU A 12 -1.89 4.87 8.59
CA LEU A 12 -1.91 3.52 9.17
C LEU A 12 -2.53 3.55 10.52
N GLU A 13 -2.25 4.66 11.15
CA GLU A 13 -2.75 5.04 12.46
C GLU A 13 -4.24 5.03 12.40
N ASN A 14 -4.67 5.60 11.30
CA ASN A 14 -6.07 5.83 11.02
C ASN A 14 -6.62 4.79 10.07
N GLN A 15 -5.73 3.84 9.78
CA GLN A 15 -5.92 2.76 8.83
C GLN A 15 -6.75 3.15 7.62
N HIS A 16 -6.25 4.12 6.88
CA HIS A 16 -6.93 4.57 5.69
C HIS A 16 -5.92 4.89 4.61
N MET A 17 -6.20 4.45 3.41
CA MET A 17 -5.34 4.69 2.29
C MET A 17 -6.01 5.63 1.30
N TRP A 18 -5.21 6.26 0.48
CA TRP A 18 -5.67 7.25 -0.45
C TRP A 18 -4.89 7.16 -1.74
N TYR A 19 -5.46 7.67 -2.78
CA TYR A 19 -4.69 8.23 -3.86
C TYR A 19 -4.94 9.68 -3.84
N TYR A 20 -4.01 10.40 -4.32
CA TYR A 20 -4.10 11.84 -4.33
C TYR A 20 -3.84 12.36 -5.71
N LYS A 21 -4.84 12.98 -6.26
CA LYS A 21 -4.70 13.74 -7.46
C LYS A 21 -5.05 15.16 -7.11
N ASP A 22 -4.29 16.10 -7.64
CA ASP A 22 -4.60 17.52 -7.51
C ASP A 22 -4.46 18.04 -6.10
N GLY A 23 -3.75 17.28 -5.28
CA GLY A 23 -3.64 17.60 -3.87
C GLY A 23 -4.85 17.23 -3.09
N LYS A 24 -5.70 16.53 -3.76
CA LYS A 24 -6.93 16.04 -3.21
C LYS A 24 -6.92 14.58 -3.56
N VAL A 25 -7.91 13.83 -3.17
CA VAL A 25 -7.84 12.42 -3.46
C VAL A 25 -8.71 11.94 -4.56
N ALA A 26 -8.25 10.81 -5.05
CA ALA A 26 -8.86 10.11 -6.11
C ALA A 26 -9.45 8.88 -5.52
N LEU A 27 -8.80 8.51 -4.45
CA LEU A 27 -9.11 7.33 -3.72
C LEU A 27 -9.16 7.58 -2.27
N GLU A 28 -10.06 6.88 -1.68
CA GLU A 28 -10.23 6.90 -0.28
C GLU A 28 -10.53 5.50 0.07
N THR A 29 -9.70 4.89 0.85
CA THR A 29 -9.98 3.57 1.20
C THR A 29 -9.45 3.24 2.56
N ASP A 30 -9.93 2.17 3.07
CA ASP A 30 -9.57 1.73 4.36
C ASP A 30 -8.59 0.58 4.25
N ILE A 31 -7.55 0.61 5.07
CA ILE A 31 -6.44 -0.33 4.93
C ILE A 31 -6.01 -0.89 6.24
N VAL A 32 -4.94 -1.62 6.13
CA VAL A 32 -4.24 -2.16 7.27
C VAL A 32 -2.78 -2.30 6.89
N SER A 33 -1.95 -1.59 7.63
CA SER A 33 -0.52 -1.57 7.41
C SER A 33 0.12 -2.82 8.01
N GLY A 34 1.43 -2.88 8.13
CA GLY A 34 2.03 -4.11 8.55
C GLY A 34 2.05 -4.26 10.06
N LYS A 35 2.30 -5.49 10.50
CA LYS A 35 2.11 -5.91 11.88
C LYS A 35 3.09 -5.21 12.85
N PRO A 36 2.68 -5.12 14.13
CA PRO A 36 3.39 -4.38 15.21
C PRO A 36 4.81 -4.80 15.40
N THR A 37 5.03 -6.06 15.12
CA THR A 37 6.33 -6.67 15.31
C THR A 37 7.32 -6.08 14.30
N THR A 38 6.77 -5.72 13.16
CA THR A 38 7.52 -5.13 12.08
C THR A 38 6.70 -4.05 11.41
N PRO A 39 6.56 -2.98 12.15
CA PRO A 39 5.72 -1.85 11.86
C PRO A 39 6.05 -1.17 10.57
N THR A 40 5.03 -0.62 9.94
CA THR A 40 5.24 0.12 8.76
C THR A 40 5.79 1.51 9.14
N PRO A 41 6.69 2.06 8.31
CA PRO A 41 7.51 3.23 8.63
C PRO A 41 6.71 4.50 8.55
N ALA A 42 5.95 4.59 7.49
CA ALA A 42 5.21 5.79 7.13
C ALA A 42 6.10 6.99 6.89
N GLY A 43 5.72 7.70 5.86
CA GLY A 43 6.43 8.86 5.39
C GLY A 43 6.19 9.02 3.92
N VAL A 44 7.25 8.94 3.15
CA VAL A 44 7.16 9.03 1.72
C VAL A 44 7.92 7.87 1.04
N PHE A 45 7.17 7.02 0.38
CA PHE A 45 7.73 5.94 -0.40
C PHE A 45 7.41 6.23 -1.88
N TYR A 46 7.71 5.34 -2.81
CA TYR A 46 7.56 5.71 -4.24
C TYR A 46 7.00 4.60 -5.11
N VAL A 47 5.89 4.89 -5.80
CA VAL A 47 5.39 3.99 -6.83
C VAL A 47 6.01 4.36 -8.16
N TRP A 48 7.09 3.72 -8.42
CA TRP A 48 7.79 3.89 -9.67
C TRP A 48 7.29 2.83 -10.64
N ASN A 49 6.21 2.17 -10.21
CA ASN A 49 5.49 1.23 -11.06
C ASN A 49 4.16 0.85 -10.41
N LYS A 50 3.10 1.02 -11.17
CA LYS A 50 1.77 0.51 -10.82
C LYS A 50 1.53 -0.79 -11.56
N GLU A 51 0.88 -1.74 -10.89
CA GLU A 51 0.79 -3.11 -11.37
C GLU A 51 -0.60 -3.64 -11.51
N GLU A 52 -0.69 -4.65 -12.37
CA GLU A 52 -1.87 -5.42 -12.61
C GLU A 52 -1.48 -6.87 -12.69
N ASP A 53 -2.15 -7.70 -11.91
CA ASP A 53 -1.84 -9.13 -11.84
C ASP A 53 -0.37 -9.29 -11.47
N ALA A 54 0.00 -8.55 -10.45
CA ALA A 54 1.32 -8.54 -9.86
C ALA A 54 1.43 -9.70 -8.90
N THR A 55 2.62 -9.99 -8.45
CA THR A 55 2.78 -10.94 -7.38
C THR A 55 3.72 -10.43 -6.32
N LEU A 56 3.18 -10.30 -5.13
CA LEU A 56 3.90 -9.82 -3.98
C LEU A 56 4.72 -10.90 -3.33
N LYS A 57 5.92 -10.97 -3.77
CA LYS A 57 6.89 -11.89 -3.25
C LYS A 57 7.86 -11.25 -2.32
N GLY A 58 8.72 -12.08 -1.79
CA GLY A 58 9.69 -11.60 -0.85
C GLY A 58 9.86 -12.54 0.29
N THR A 59 10.32 -12.03 1.41
CA THR A 59 10.34 -12.82 2.60
C THR A 59 9.47 -12.18 3.66
N ASN A 60 8.74 -13.03 4.37
CA ASN A 60 8.05 -12.63 5.56
C ASN A 60 9.03 -12.06 6.53
N ASP A 61 8.48 -11.19 7.35
CA ASP A 61 9.19 -10.53 8.45
C ASP A 61 9.91 -11.51 9.32
N ASP A 62 9.53 -12.73 9.17
CA ASP A 62 10.03 -13.78 10.02
C ASP A 62 11.19 -14.47 9.34
N GLY A 63 11.26 -14.32 8.04
CA GLY A 63 12.26 -15.03 7.31
C GLY A 63 11.68 -16.22 6.60
N THR A 64 10.43 -16.09 6.21
CA THR A 64 9.73 -17.13 5.52
C THR A 64 9.19 -16.59 4.19
N PRO A 65 9.89 -16.92 3.09
CA PRO A 65 9.56 -16.40 1.76
C PRO A 65 8.15 -16.74 1.32
N TYR A 66 7.62 -15.87 0.49
CA TYR A 66 6.21 -15.93 0.16
C TYR A 66 5.90 -15.35 -1.19
N GLU A 67 4.65 -15.48 -1.54
CA GLU A 67 4.09 -14.83 -2.70
C GLU A 67 2.67 -14.42 -2.42
N SER A 68 2.26 -13.33 -3.02
CA SER A 68 0.88 -12.92 -2.97
C SER A 68 0.53 -12.30 -4.28
N PRO A 69 -0.08 -13.07 -5.16
CA PRO A 69 -0.45 -12.59 -6.46
C PRO A 69 -1.58 -11.62 -6.34
N VAL A 70 -1.21 -10.39 -6.61
CA VAL A 70 -2.01 -9.25 -6.34
C VAL A 70 -2.51 -8.70 -7.67
N ASN A 71 -3.61 -8.00 -7.64
CA ASN A 71 -4.23 -7.54 -8.86
C ASN A 71 -3.61 -6.23 -9.26
N TYR A 72 -3.01 -5.56 -8.28
CA TYR A 72 -2.53 -4.20 -8.42
C TYR A 72 -1.48 -3.95 -7.36
N TRP A 73 -0.33 -3.49 -7.81
CA TRP A 73 0.86 -3.45 -6.98
C TRP A 73 1.70 -2.25 -7.29
N MET A 74 2.17 -1.61 -6.26
CA MET A 74 3.11 -0.54 -6.41
C MET A 74 4.38 -0.94 -5.70
N PRO A 75 5.36 -1.53 -6.42
CA PRO A 75 6.61 -1.98 -5.83
C PRO A 75 7.47 -0.82 -5.34
N ILE A 76 7.08 -0.23 -4.25
CA ILE A 76 7.84 0.86 -3.68
C ILE A 76 9.11 0.28 -3.03
N ASP A 77 10.00 1.12 -2.55
CA ASP A 77 11.35 0.64 -2.24
C ASP A 77 11.94 1.30 -0.99
N TRP A 78 13.20 0.91 -0.69
CA TRP A 78 14.07 1.49 0.36
C TRP A 78 13.48 1.48 1.77
N THR A 79 12.24 1.03 1.88
CA THR A 79 11.54 0.98 3.15
C THR A 79 10.95 -0.40 3.41
N GLY A 80 10.88 -1.19 2.35
CA GLY A 80 10.37 -2.54 2.47
C GLY A 80 8.92 -2.61 2.10
N VAL A 81 8.21 -1.53 2.42
CA VAL A 81 6.78 -1.39 2.20
C VAL A 81 6.40 -1.59 0.72
N GLY A 82 5.11 -1.62 0.47
CA GLY A 82 4.59 -1.59 -0.86
C GLY A 82 3.10 -1.59 -0.82
N ILE A 83 2.51 -0.59 -1.42
CA ILE A 83 1.07 -0.49 -1.42
C ILE A 83 0.49 -1.37 -2.51
N HIS A 84 -0.65 -1.99 -2.22
CA HIS A 84 -1.23 -2.96 -3.15
C HIS A 84 -2.70 -3.17 -2.87
N ASP A 85 -3.40 -3.72 -3.85
CA ASP A 85 -4.76 -4.15 -3.67
C ASP A 85 -4.76 -5.56 -3.08
N SER A 86 -5.67 -5.86 -2.20
CA SER A 86 -5.58 -7.08 -1.44
C SER A 86 -6.91 -7.79 -1.42
N ASP A 87 -7.01 -8.78 -2.29
CA ASP A 87 -8.23 -9.52 -2.47
C ASP A 87 -8.35 -10.57 -1.37
N TRP A 88 -7.23 -10.77 -0.68
CA TRP A 88 -7.12 -11.80 0.35
C TRP A 88 -7.46 -11.25 1.73
N GLN A 89 -7.26 -9.96 1.94
CA GLN A 89 -7.63 -9.32 3.18
C GLN A 89 -9.03 -8.79 3.05
N PRO A 90 -9.93 -9.48 3.70
CA PRO A 90 -11.36 -9.26 3.60
C PRO A 90 -11.85 -8.14 4.49
N GLU A 91 -11.04 -7.76 5.44
CA GLU A 91 -11.33 -6.64 6.27
C GLU A 91 -10.42 -5.49 5.99
N TYR A 92 -10.97 -4.33 6.27
CA TYR A 92 -10.23 -3.10 6.29
C TYR A 92 -11.00 -2.21 7.22
N GLY A 93 -10.29 -1.60 8.10
CA GLY A 93 -10.92 -0.77 9.09
C GLY A 93 -9.97 -0.38 10.15
N GLY A 94 -10.49 -0.02 11.31
CA GLY A 94 -9.65 0.13 12.47
C GLY A 94 -8.73 -1.05 12.63
N ASP A 95 -7.86 -0.92 13.58
CA ASP A 95 -6.62 -1.64 13.57
C ASP A 95 -6.75 -3.13 13.36
N LEU A 96 -6.49 -3.49 12.11
CA LEU A 96 -6.38 -4.86 11.67
C LEU A 96 -4.93 -5.27 11.64
N TRP A 97 -4.09 -4.30 11.28
CA TRP A 97 -2.67 -4.53 11.05
C TRP A 97 -2.01 -5.22 12.23
N LYS A 98 -2.57 -5.01 13.40
CA LYS A 98 -2.04 -5.58 14.61
C LYS A 98 -2.62 -6.94 14.91
N THR A 99 -3.89 -7.08 14.61
CA THR A 99 -4.62 -8.28 14.95
C THR A 99 -4.49 -9.30 13.83
N ARG A 100 -4.57 -8.79 12.62
CA ARG A 100 -4.49 -9.60 11.42
C ARG A 100 -3.04 -9.64 10.94
N GLY A 101 -2.26 -8.65 11.38
CA GLY A 101 -0.83 -8.71 11.26
C GLY A 101 -0.35 -9.02 9.86
N SER A 102 -0.90 -8.38 8.84
CA SER A 102 -0.60 -8.83 7.50
C SER A 102 0.70 -8.19 6.99
N HIS A 103 1.71 -9.04 6.86
CA HIS A 103 3.02 -8.67 6.31
C HIS A 103 3.58 -7.35 6.87
N GLY A 104 4.27 -6.58 6.04
CA GLY A 104 4.86 -5.34 6.50
C GLY A 104 4.20 -4.10 5.93
N CYS A 105 3.55 -4.24 4.77
CA CYS A 105 3.06 -3.08 4.05
C CYS A 105 1.57 -2.84 4.22
N ILE A 106 1.03 -1.99 3.36
CA ILE A 106 -0.37 -1.60 3.44
C ILE A 106 -1.24 -2.54 2.61
N ASN A 107 -2.33 -2.98 3.19
CA ASN A 107 -3.26 -3.87 2.50
C ASN A 107 -4.49 -3.09 2.04
N THR A 108 -4.41 -2.57 0.85
CA THR A 108 -5.47 -1.80 0.25
C THR A 108 -6.50 -2.67 -0.46
N PRO A 109 -7.78 -2.29 -0.35
CA PRO A 109 -8.90 -2.94 -1.04
C PRO A 109 -8.66 -3.15 -2.51
N PRO A 110 -9.18 -4.26 -3.04
CA PRO A 110 -8.97 -4.65 -4.41
C PRO A 110 -9.64 -3.69 -5.39
N SER A 111 -10.61 -2.97 -4.89
CA SER A 111 -11.42 -2.08 -5.70
C SER A 111 -10.75 -0.73 -5.93
N VAL A 112 -9.87 -0.37 -5.03
CA VAL A 112 -9.30 0.96 -5.02
C VAL A 112 -7.94 1.02 -5.65
N MET A 113 -7.07 0.13 -5.28
CA MET A 113 -5.74 0.16 -5.84
C MET A 113 -5.77 -0.15 -7.32
N LYS A 114 -6.95 -0.42 -7.85
CA LYS A 114 -7.08 -0.59 -9.27
C LYS A 114 -7.19 0.78 -9.91
N GLU A 115 -7.90 1.63 -9.16
CA GLU A 115 -8.20 2.97 -9.54
C GLU A 115 -6.91 3.68 -9.64
N LEU A 116 -6.17 3.39 -8.60
CA LEU A 116 -4.83 3.77 -8.42
C LEU A 116 -3.99 3.48 -9.62
N PHE A 117 -3.81 2.23 -9.92
CA PHE A 117 -3.08 1.84 -11.12
C PHE A 117 -3.56 2.68 -12.31
N GLY A 118 -4.78 3.18 -12.17
CA GLY A 118 -5.40 3.93 -13.24
C GLY A 118 -5.07 5.41 -13.16
N MET A 119 -4.75 5.90 -11.95
CA MET A 119 -4.35 7.27 -11.78
C MET A 119 -2.87 7.46 -11.61
N VAL A 120 -2.28 6.63 -10.80
CA VAL A 120 -0.86 6.74 -10.56
C VAL A 120 -0.07 6.29 -11.73
N GLU A 121 1.06 6.91 -11.86
CA GLU A 121 1.95 6.65 -12.93
C GLU A 121 3.27 6.21 -12.37
N LYS A 122 4.04 5.48 -13.17
CA LYS A 122 5.39 5.17 -12.79
C LYS A 122 6.14 6.44 -12.59
N GLY A 123 6.33 6.75 -11.33
CA GLY A 123 6.97 7.99 -10.95
C GLY A 123 6.16 8.74 -9.93
N THR A 124 4.95 8.26 -9.68
CA THR A 124 4.13 8.74 -8.60
C THR A 124 4.74 8.31 -7.28
N PRO A 125 4.56 9.08 -6.21
CA PRO A 125 5.04 8.72 -4.92
C PRO A 125 3.95 8.00 -4.16
N VAL A 126 4.32 7.32 -3.12
CA VAL A 126 3.34 6.77 -2.24
C VAL A 126 3.68 7.23 -0.85
N LEU A 127 2.69 7.38 -0.06
CA LEU A 127 2.90 7.77 1.28
C LEU A 127 2.05 6.92 2.15
N VAL A 128 2.52 6.70 3.33
CA VAL A 128 1.71 6.15 4.38
C VAL A 128 2.12 6.88 5.64
N PHE A 129 1.17 7.17 6.52
CA PHE A 129 1.43 7.87 7.78
C PHE A 129 0.14 8.10 8.54
C 1RG B . 12.10 -7.95 3.84
N 1RG B . 10.91 -7.80 1.69
O 1RG B . 11.85 -9.16 3.84
CA 1RG B . 11.95 -7.16 2.54
CB 1RG B . 11.43 -5.75 2.83
CD 1RG B . 9.95 -6.74 1.36
CG 1RG B . 9.95 -5.88 2.61
CAA 1RG B . 3.62 -5.86 2.07
CAB 1RG B . 4.73 -6.19 1.02
OAC 1RG B . 3.50 -6.51 3.10
CAD 1RG B . 5.91 -6.94 1.75
CAE 1RG B . 4.19 -6.96 -0.18
CAF 1RG B . 5.29 -7.26 -1.19
OAG 1RG B . 3.59 -8.19 0.25
CAH 1RG B . 6.95 -6.02 2.36
CAI 1RG B . 7.52 -6.87 3.31
NAJ 1RG B . 5.50 -7.73 2.92
SAK 1RG B . 9.16 -6.72 3.94
CAL 1RG B . 6.62 -7.81 3.64
CAM 1RG B . 6.84 -8.71 4.63
CAS 1RG B . 6.34 -4.80 3.03
OAT 1RG B . 5.98 -9.57 4.88
OAU 1RG B . 7.90 -8.70 5.28
NAX 1RG B . 12.54 -7.21 4.91
CAY 1RG B . 12.65 -7.78 6.13
CAZ 1RG B . 13.12 -6.99 7.17
CBA 1RG B . 13.26 -7.51 8.45
CBB 1RG B . 12.92 -8.84 8.69
CBC 1RG B . 12.46 -9.63 7.66
CBD 1RG B . 12.31 -9.11 6.38
CBE 1RG B . 13.73 -6.72 9.49
OBF 1RG B . 13.90 -7.19 10.63
OBG 1RG B . 14.01 -5.52 9.31
HN 1RG B . 10.45 -8.52 2.21
HA 1RG B . 12.91 -7.12 2.01
HB 1RG B . 11.64 -5.49 3.85
HBA 1RG B . 11.86 -5.03 2.13
HD 1RG B . 10.29 -6.18 0.50
HDA 1RG B . 8.95 -7.16 1.20
HG 1RG B . 9.51 -4.88 2.43
HAB 1RG B . 5.04 -5.34 0.52
HAD 1RG B . 6.40 -7.59 1.02
HAE 1RG B . 3.44 -6.35 -0.67
HAF 1RG B . 4.87 -7.76 -2.04
HAFA 1RG B . 6.03 -7.90 -0.73
HAFB 1RG B . 5.76 -6.34 -1.50
HOAG 1RG B . 2.87 -7.99 0.86
HAH 1RG B . 7.68 -5.74 1.60
HNAJ 1RG B . 5.26 -8.66 2.60
HAS 1RG B . 5.39 -5.05 3.46
HASA 1RG B . 6.20 -4.02 2.29
HASB 1RG B . 7.01 -4.44 3.80
HNAX 1RG B . 12.75 -6.25 4.78
HAZ 1RG B . 13.39 -5.96 6.99
HBB 1RG B . 13.03 -9.26 9.68
HBC 1RG B . 12.19 -10.67 7.84
HBD 1RG B . 11.95 -9.74 5.58
HAT2 1RG B . 11.32 -8.18 0.86
N GLY A 1 7.82 18.95 -1.39
CA GLY A 1 8.08 17.58 -0.89
C GLY A 1 8.24 16.58 -2.02
N HIS A 2 7.12 16.00 -2.44
CA HIS A 2 7.15 15.02 -3.53
C HIS A 2 6.35 15.49 -4.72
N MET A 3 7.06 15.99 -5.73
CA MET A 3 6.46 16.25 -7.03
C MET A 3 5.35 17.30 -6.97
N GLU A 4 4.58 17.40 -8.04
CA GLU A 4 3.29 18.06 -8.00
C GLU A 4 2.36 17.30 -7.08
N ASP A 5 1.20 17.87 -6.81
CA ASP A 5 0.30 17.25 -5.87
C ASP A 5 -0.46 16.13 -6.54
N THR A 6 0.19 14.98 -6.59
CA THR A 6 -0.43 13.71 -6.93
C THR A 6 0.41 12.59 -6.38
N TYR A 7 -0.24 11.61 -5.78
CA TYR A 7 0.48 10.54 -5.11
C TYR A 7 -0.48 9.62 -4.39
N ILE A 8 -0.05 8.42 -4.11
CA ILE A 8 -0.75 7.59 -3.16
C ILE A 8 -0.39 8.04 -1.78
N GLU A 9 -1.29 7.82 -0.88
CA GLU A 9 -1.11 8.27 0.48
C GLU A 9 -1.83 7.33 1.41
N VAL A 10 -1.25 7.06 2.57
CA VAL A 10 -1.90 6.21 3.54
C VAL A 10 -1.81 6.81 4.92
N ASP A 11 -2.66 6.30 5.80
CA ASP A 11 -2.66 6.62 7.20
C ASP A 11 -2.95 5.34 7.97
N LEU A 12 -1.91 4.83 8.59
CA LEU A 12 -1.87 3.49 9.16
C LEU A 12 -2.51 3.48 10.50
N GLU A 13 -2.26 4.60 11.14
CA GLU A 13 -2.79 4.95 12.43
C GLU A 13 -4.28 4.89 12.37
N ASN A 14 -4.72 5.48 11.29
CA ASN A 14 -6.14 5.68 11.01
C ASN A 14 -6.65 4.64 10.04
N GLN A 15 -5.74 3.71 9.75
CA GLN A 15 -5.92 2.64 8.78
C GLN A 15 -6.74 3.04 7.58
N HIS A 16 -6.25 4.02 6.84
CA HIS A 16 -6.92 4.51 5.67
C HIS A 16 -5.91 4.85 4.61
N MET A 17 -6.19 4.42 3.39
CA MET A 17 -5.33 4.67 2.28
C MET A 17 -6.00 5.62 1.30
N TRP A 18 -5.19 6.28 0.50
CA TRP A 18 -5.65 7.28 -0.44
C TRP A 18 -4.86 7.21 -1.73
N TYR A 19 -5.47 7.69 -2.77
CA TYR A 19 -4.72 8.27 -3.86
C TYR A 19 -4.98 9.72 -3.84
N TYR A 20 -4.06 10.43 -4.35
CA TYR A 20 -4.17 11.87 -4.39
C TYR A 20 -3.93 12.36 -5.78
N LYS A 21 -4.92 13.01 -6.31
CA LYS A 21 -4.77 13.76 -7.52
C LYS A 21 -5.14 15.18 -7.17
N ASP A 22 -4.30 16.10 -7.60
CA ASP A 22 -4.57 17.54 -7.45
C ASP A 22 -4.38 18.04 -6.04
N GLY A 23 -3.68 17.24 -5.23
CA GLY A 23 -3.55 17.54 -3.81
C GLY A 23 -4.76 17.17 -3.03
N LYS A 24 -5.65 16.55 -3.73
CA LYS A 24 -6.87 16.07 -3.17
C LYS A 24 -6.93 14.62 -3.59
N VAL A 25 -7.93 13.88 -3.18
CA VAL A 25 -7.87 12.47 -3.48
C VAL A 25 -8.73 12.00 -4.59
N ALA A 26 -8.28 10.86 -5.06
CA ALA A 26 -8.89 10.15 -6.11
C ALA A 26 -9.49 8.93 -5.49
N LEU A 27 -8.83 8.56 -4.43
CA LEU A 27 -9.12 7.37 -3.70
C LEU A 27 -9.15 7.63 -2.24
N GLU A 28 -10.03 6.90 -1.64
CA GLU A 28 -10.17 6.91 -0.23
C GLU A 28 -10.51 5.50 0.11
N THR A 29 -9.68 4.89 0.88
CA THR A 29 -9.96 3.54 1.21
C THR A 29 -9.42 3.19 2.57
N ASP A 30 -9.89 2.09 3.04
CA ASP A 30 -9.53 1.61 4.32
C ASP A 30 -8.54 0.47 4.18
N ILE A 31 -7.47 0.51 4.96
CA ILE A 31 -6.36 -0.42 4.81
C ILE A 31 -5.90 -1.00 6.10
N VAL A 32 -4.83 -1.73 6.00
CA VAL A 32 -4.13 -2.26 7.13
C VAL A 32 -2.68 -2.41 6.78
N SER A 33 -1.92 -1.72 7.57
CA SER A 33 -0.49 -1.65 7.46
C SER A 33 0.17 -2.90 8.07
N GLY A 34 1.47 -2.89 8.25
CA GLY A 34 2.11 -4.08 8.77
C GLY A 34 2.07 -4.14 10.29
N LYS A 35 2.52 -5.24 10.85
CA LYS A 35 2.24 -5.58 12.24
C LYS A 35 3.13 -4.84 13.23
N PRO A 36 2.78 -4.80 14.52
CA PRO A 36 3.53 -4.04 15.53
C PRO A 36 4.99 -4.44 15.57
N THR A 37 5.20 -5.72 15.40
CA THR A 37 6.54 -6.29 15.51
C THR A 37 7.44 -5.74 14.42
N THR A 38 6.81 -5.44 13.30
CA THR A 38 7.51 -4.96 12.12
C THR A 38 6.66 -3.90 11.43
N PRO A 39 6.61 -2.79 12.10
CA PRO A 39 5.77 -1.64 11.82
C PRO A 39 5.94 -1.04 10.46
N THR A 40 4.89 -0.42 10.00
CA THR A 40 4.93 0.33 8.81
C THR A 40 5.56 1.69 9.13
N PRO A 41 6.57 2.11 8.33
CA PRO A 41 7.42 3.28 8.63
C PRO A 41 6.66 4.58 8.54
N ALA A 42 5.88 4.68 7.49
CA ALA A 42 5.17 5.90 7.12
C ALA A 42 6.09 7.09 6.87
N GLY A 43 5.71 7.80 5.84
CA GLY A 43 6.42 8.93 5.36
C GLY A 43 6.16 9.11 3.89
N VAL A 44 7.22 9.03 3.12
CA VAL A 44 7.14 9.17 1.69
C VAL A 44 7.89 8.01 1.01
N PHE A 45 7.12 7.11 0.40
CA PHE A 45 7.68 6.01 -0.36
C PHE A 45 7.39 6.30 -1.85
N TYR A 46 7.68 5.39 -2.77
CA TYR A 46 7.57 5.74 -4.18
C TYR A 46 7.00 4.62 -5.05
N VAL A 47 5.90 4.90 -5.76
CA VAL A 47 5.41 4.01 -6.79
C VAL A 47 6.02 4.38 -8.12
N TRP A 48 7.10 3.72 -8.39
CA TRP A 48 7.80 3.89 -9.63
C TRP A 48 7.26 2.88 -10.63
N ASN A 49 6.19 2.21 -10.20
CA ASN A 49 5.45 1.28 -11.04
C ASN A 49 4.15 0.87 -10.36
N LYS A 50 3.05 1.01 -11.09
CA LYS A 50 1.78 0.41 -10.69
C LYS A 50 1.58 -0.90 -11.42
N GLU A 51 0.85 -1.82 -10.79
CA GLU A 51 0.76 -3.19 -11.29
C GLU A 51 -0.65 -3.70 -11.47
N GLU A 52 -0.72 -4.74 -12.28
CA GLU A 52 -1.92 -5.52 -12.51
C GLU A 52 -1.55 -6.97 -12.59
N ASP A 53 -2.23 -7.78 -11.79
CA ASP A 53 -1.94 -9.20 -11.70
C ASP A 53 -0.47 -9.38 -11.34
N ALA A 54 -0.09 -8.59 -10.35
CA ALA A 54 1.24 -8.61 -9.76
C ALA A 54 1.33 -9.75 -8.78
N THR A 55 2.51 -10.09 -8.36
CA THR A 55 2.63 -11.05 -7.28
C THR A 55 3.60 -10.59 -6.22
N LEU A 56 3.06 -10.44 -5.04
CA LEU A 56 3.80 -10.00 -3.88
C LEU A 56 4.61 -11.11 -3.26
N LYS A 57 5.78 -11.23 -3.77
CA LYS A 57 6.74 -12.20 -3.30
C LYS A 57 7.81 -11.63 -2.42
N GLY A 58 8.70 -12.52 -2.01
CA GLY A 58 9.77 -12.12 -1.14
C GLY A 58 10.01 -13.15 -0.08
N THR A 59 10.71 -12.78 0.97
CA THR A 59 10.83 -13.65 2.11
C THR A 59 10.34 -12.96 3.36
N ASN A 60 9.61 -13.71 4.16
CA ASN A 60 9.29 -13.32 5.50
C ASN A 60 10.57 -13.03 6.26
N ASP A 61 10.46 -12.13 7.25
CA ASP A 61 11.57 -11.80 8.13
C ASP A 61 12.11 -13.00 8.87
N ASP A 62 11.45 -14.12 8.65
CA ASP A 62 11.76 -15.36 9.33
C ASP A 62 12.44 -16.28 8.36
N GLY A 63 12.45 -15.92 7.11
CA GLY A 63 13.10 -16.75 6.15
C GLY A 63 12.15 -17.75 5.58
N THR A 64 10.93 -17.31 5.39
CA THR A 64 9.91 -18.13 4.81
C THR A 64 9.32 -17.42 3.60
N PRO A 65 9.87 -17.72 2.41
CA PRO A 65 9.47 -17.06 1.18
C PRO A 65 8.02 -17.24 0.87
N TYR A 66 7.48 -16.23 0.25
CA TYR A 66 6.04 -16.12 0.12
C TYR A 66 5.65 -15.49 -1.18
N GLU A 67 4.37 -15.61 -1.46
CA GLU A 67 3.78 -14.98 -2.62
C GLU A 67 2.39 -14.52 -2.32
N SER A 68 2.00 -13.42 -2.92
CA SER A 68 0.64 -12.97 -2.86
C SER A 68 0.31 -12.35 -4.18
N PRO A 69 -0.32 -13.12 -5.05
CA PRO A 69 -0.69 -12.65 -6.35
C PRO A 69 -1.78 -11.62 -6.24
N VAL A 70 -1.38 -10.42 -6.53
CA VAL A 70 -2.13 -9.25 -6.27
C VAL A 70 -2.61 -8.72 -7.61
N ASN A 71 -3.67 -7.96 -7.59
CA ASN A 71 -4.27 -7.51 -8.82
C ASN A 71 -3.65 -6.21 -9.22
N TYR A 72 -3.05 -5.56 -8.24
CA TYR A 72 -2.56 -4.20 -8.39
C TYR A 72 -1.50 -3.95 -7.33
N TRP A 73 -0.35 -3.51 -7.76
CA TRP A 73 0.83 -3.48 -6.92
C TRP A 73 1.69 -2.29 -7.22
N MET A 74 2.12 -1.63 -6.18
CA MET A 74 3.08 -0.57 -6.32
C MET A 74 4.35 -0.99 -5.62
N PRO A 75 5.32 -1.56 -6.36
CA PRO A 75 6.56 -2.04 -5.77
C PRO A 75 7.44 -0.91 -5.27
N ILE A 76 6.99 -0.23 -4.24
CA ILE A 76 7.76 0.83 -3.64
C ILE A 76 8.99 0.22 -2.96
N ASP A 77 9.93 1.04 -2.50
CA ASP A 77 11.23 0.48 -2.14
C ASP A 77 11.90 1.27 -1.03
N TRP A 78 13.17 0.89 -0.76
CA TRP A 78 14.10 1.49 0.23
C TRP A 78 13.51 1.64 1.63
N THR A 79 12.27 1.20 1.80
CA THR A 79 11.56 1.31 3.07
C THR A 79 10.94 -0.03 3.47
N GLY A 80 10.88 -0.94 2.49
CA GLY A 80 10.38 -2.28 2.74
C GLY A 80 8.94 -2.41 2.31
N VAL A 81 8.21 -1.33 2.54
CA VAL A 81 6.78 -1.26 2.29
C VAL A 81 6.43 -1.51 0.83
N GLY A 82 5.13 -1.60 0.57
CA GLY A 82 4.62 -1.63 -0.78
C GLY A 82 3.13 -1.66 -0.76
N ILE A 83 2.52 -0.67 -1.34
CA ILE A 83 1.08 -0.57 -1.34
C ILE A 83 0.50 -1.45 -2.44
N HIS A 84 -0.64 -2.08 -2.15
CA HIS A 84 -1.23 -3.02 -3.08
C HIS A 84 -2.71 -3.22 -2.82
N ASP A 85 -3.41 -3.73 -3.82
CA ASP A 85 -4.78 -4.13 -3.65
C ASP A 85 -4.80 -5.54 -3.09
N SER A 86 -5.78 -5.86 -2.29
CA SER A 86 -5.78 -7.11 -1.57
C SER A 86 -7.12 -7.79 -1.67
N ASP A 87 -7.20 -8.71 -2.61
CA ASP A 87 -8.44 -9.38 -2.93
C ASP A 87 -8.69 -10.50 -1.94
N TRP A 88 -7.60 -10.90 -1.29
CA TRP A 88 -7.62 -11.99 -0.35
C TRP A 88 -8.08 -11.54 1.03
N GLN A 89 -8.03 -10.24 1.25
CA GLN A 89 -8.42 -9.67 2.53
C GLN A 89 -9.79 -9.06 2.44
N PRO A 90 -10.68 -9.65 3.21
CA PRO A 90 -12.08 -9.31 3.25
C PRO A 90 -12.36 -8.19 4.21
N GLU A 91 -11.36 -7.89 5.00
CA GLU A 91 -11.43 -6.83 5.95
C GLU A 91 -10.47 -5.69 5.66
N TYR A 92 -10.92 -4.54 6.09
CA TYR A 92 -10.16 -3.32 6.12
C TYR A 92 -10.90 -2.44 7.07
N GLY A 93 -10.21 -1.83 7.94
CA GLY A 93 -10.87 -0.98 8.89
C GLY A 93 -9.93 -0.58 9.96
N GLY A 94 -10.49 -0.22 11.12
CA GLY A 94 -9.68 -0.10 12.29
C GLY A 94 -8.76 -1.28 12.45
N ASP A 95 -7.93 -1.19 13.43
CA ASP A 95 -6.67 -1.88 13.41
C ASP A 95 -6.77 -3.36 13.11
N LEU A 96 -6.42 -3.66 11.85
CA LEU A 96 -6.20 -5.01 11.38
C LEU A 96 -4.73 -5.33 11.46
N TRP A 97 -3.92 -4.32 11.21
CA TRP A 97 -2.48 -4.50 11.06
C TRP A 97 -1.84 -5.18 12.26
N LYS A 98 -2.47 -5.02 13.41
CA LYS A 98 -1.95 -5.60 14.64
C LYS A 98 -2.51 -6.98 14.88
N THR A 99 -3.74 -7.14 14.46
CA THR A 99 -4.48 -8.36 14.67
C THR A 99 -4.22 -9.36 13.55
N ARG A 100 -4.25 -8.84 12.35
CA ARG A 100 -4.00 -9.63 11.16
C ARG A 100 -2.54 -9.60 10.81
N GLY A 101 -1.86 -8.59 11.35
CA GLY A 101 -0.42 -8.57 11.39
C GLY A 101 0.24 -8.86 10.07
N SER A 102 -0.20 -8.22 8.99
CA SER A 102 0.26 -8.64 7.68
C SER A 102 1.59 -8.01 7.30
N HIS A 103 2.63 -8.85 7.26
CA HIS A 103 3.99 -8.45 6.87
C HIS A 103 4.39 -7.06 7.37
N GLY A 104 4.53 -6.13 6.42
CA GLY A 104 5.01 -4.80 6.75
C GLY A 104 4.41 -3.69 5.89
N CYS A 105 3.71 -4.03 4.81
CA CYS A 105 3.16 -3.01 3.93
C CYS A 105 1.68 -2.77 4.19
N ILE A 106 1.06 -2.05 3.26
CA ILE A 106 -0.33 -1.63 3.39
C ILE A 106 -1.22 -2.47 2.50
N ASN A 107 -2.30 -2.94 3.09
CA ASN A 107 -3.22 -3.82 2.41
C ASN A 107 -4.45 -3.06 1.97
N THR A 108 -4.43 -2.59 0.75
CA THR A 108 -5.49 -1.81 0.17
C THR A 108 -6.54 -2.67 -0.53
N PRO A 109 -7.81 -2.27 -0.43
CA PRO A 109 -8.92 -2.90 -1.15
C PRO A 109 -8.68 -3.02 -2.63
N PRO A 110 -9.23 -4.09 -3.22
CA PRO A 110 -9.02 -4.43 -4.61
C PRO A 110 -9.68 -3.41 -5.55
N SER A 111 -10.71 -2.77 -5.04
CA SER A 111 -11.50 -1.84 -5.81
C SER A 111 -10.78 -0.51 -6.00
N VAL A 112 -9.89 -0.22 -5.08
CA VAL A 112 -9.28 1.09 -5.03
C VAL A 112 -7.90 1.11 -5.64
N MET A 113 -7.05 0.21 -5.24
CA MET A 113 -5.71 0.21 -5.77
C MET A 113 -5.72 -0.12 -7.25
N LYS A 114 -6.89 -0.39 -7.78
CA LYS A 114 -7.01 -0.58 -9.19
C LYS A 114 -7.09 0.78 -9.86
N GLU A 115 -7.82 1.64 -9.17
CA GLU A 115 -8.09 2.97 -9.56
C GLU A 115 -6.80 3.66 -9.65
N LEU A 116 -6.09 3.41 -8.59
CA LEU A 116 -4.75 3.78 -8.40
C LEU A 116 -3.90 3.47 -9.57
N PHE A 117 -3.72 2.22 -9.84
CA PHE A 117 -2.95 1.78 -11.01
C PHE A 117 -3.36 2.62 -12.23
N GLY A 118 -4.58 3.13 -12.16
CA GLY A 118 -5.15 3.87 -13.25
C GLY A 118 -4.82 5.35 -13.17
N MET A 119 -4.64 5.86 -11.94
CA MET A 119 -4.29 7.25 -11.78
C MET A 119 -2.83 7.47 -11.55
N VAL A 120 -2.23 6.65 -10.72
CA VAL A 120 -0.83 6.79 -10.48
C VAL A 120 -0.03 6.32 -11.64
N GLU A 121 1.08 6.98 -11.80
CA GLU A 121 1.95 6.70 -12.87
C GLU A 121 3.26 6.20 -12.31
N LYS A 122 4.00 5.48 -13.13
CA LYS A 122 5.36 5.14 -12.79
C LYS A 122 6.13 6.42 -12.58
N GLY A 123 6.32 6.72 -11.33
CA GLY A 123 6.97 7.96 -10.97
C GLY A 123 6.16 8.71 -9.93
N THR A 124 4.94 8.28 -9.71
CA THR A 124 4.12 8.78 -8.64
C THR A 124 4.73 8.35 -7.32
N PRO A 125 4.55 9.11 -6.26
CA PRO A 125 5.03 8.74 -4.97
C PRO A 125 3.93 8.05 -4.20
N VAL A 126 4.29 7.32 -3.19
CA VAL A 126 3.30 6.78 -2.30
C VAL A 126 3.64 7.26 -0.92
N LEU A 127 2.64 7.41 -0.14
CA LEU A 127 2.85 7.76 1.22
C LEU A 127 2.02 6.90 2.07
N VAL A 128 2.50 6.68 3.25
CA VAL A 128 1.70 6.13 4.31
C VAL A 128 2.09 6.90 5.54
N PHE A 129 1.13 7.23 6.39
CA PHE A 129 1.36 8.03 7.59
C PHE A 129 0.05 8.38 8.29
C 1RG B . 8.20 -8.63 7.97
N 1RG B . 9.93 -7.02 7.21
O 1RG B . 7.92 -9.50 7.15
CA 1RG B . 8.52 -7.20 7.49
CB 1RG B . 7.89 -6.91 6.15
CD 1RG B . 9.95 -5.72 6.54
CG 1RG B . 8.74 -5.78 5.58
CAA 1RG B . 3.77 -6.11 2.26
CAB 1RG B . 4.81 -6.32 1.09
OAC 1RG B . 3.86 -6.73 3.30
CAD 1RG B . 6.16 -6.90 1.69
CAE 1RG B . 4.25 -7.15 -0.05
CAF 1RG B . 5.30 -7.34 -1.15
OAG 1RG B . 3.83 -8.42 0.43
CAH 1RG B . 7.09 -5.87 2.30
CAI 1RG B . 7.81 -6.65 3.19
NAJ 1RG B . 5.96 -7.82 2.82
SAK 1RG B . 9.32 -6.16 3.94
CAL 1RG B . 7.18 -7.83 3.35
CAM 1RG B . 7.77 -8.89 3.95
CAS 1RG B . 6.37 -4.75 3.04
OAT 1RG B . 7.13 -9.95 4.09
OAU 1RG B . 8.95 -8.82 4.38
NAX 1RG B . 8.28 -8.77 9.32
CAY 1RG B . 8.01 -9.97 9.90
CAZ 1RG B . 8.10 -10.06 11.28
CBA 1RG B . 7.82 -11.26 11.93
CBB 1RG B . 7.47 -12.39 11.19
CBC 1RG B . 7.38 -12.30 9.82
CBD 1RG B . 7.65 -11.11 9.17
CBE 1RG B . 7.91 -11.33 13.32
OBF 1RG B . 7.66 -12.38 13.93
OBG 1RG B . 8.23 -10.34 13.99
HN 1RG B . 10.28 -7.72 6.59
HA 1RG B . 8.17 -6.48 8.22
HB 1RG B . 7.96 -7.79 5.51
HBA 1RG B . 6.86 -6.59 6.26
HD 1RG B . 9.81 -4.92 7.26
HDA 1RG B . 10.87 -5.58 5.98
HG 1RG B . 8.16 -4.85 5.56
HAB 1RG B . 4.98 -5.44 0.58
HAD 1RG B . 6.69 -7.44 0.89
HAE 1RG B . 3.40 -6.63 -0.48
HAF 1RG B . 4.85 -7.87 -1.98
HAFA 1RG B . 6.12 -7.94 -0.77
HAFB 1RG B . 5.66 -6.38 -1.47
HOAG 1RG B . 4.58 -8.89 0.84
HAH 1RG B . 7.74 -5.47 1.53
HNAJ 1RG B . 5.76 -8.73 2.46
HAS 1RG B . 6.22 -3.93 2.35
HASA 1RG B . 6.96 -4.43 3.87
HASB 1RG B . 5.41 -5.11 3.38
HNAX 1RG B . 8.53 -8.00 9.88
HAZ 1RG B . 8.37 -9.19 11.86
HBB 1RG B . 7.26 -13.31 11.70
HBC 1RG B . 7.11 -13.18 9.24
HBD 1RG B . 7.58 -11.05 8.09
HAT2 1RG B . 10.46 -6.98 8.07
N GLY A 1 8.49 17.45 0.27
CA GLY A 1 7.86 17.88 -0.99
C GLY A 1 8.01 16.84 -2.08
N HIS A 2 6.98 16.03 -2.27
CA HIS A 2 7.01 15.01 -3.32
C HIS A 2 6.23 15.44 -4.54
N MET A 3 6.95 15.95 -5.53
CA MET A 3 6.40 16.14 -6.86
C MET A 3 5.29 17.19 -6.88
N GLU A 4 4.55 17.23 -7.98
CA GLU A 4 3.28 17.93 -8.03
C GLU A 4 2.33 17.26 -7.05
N ASP A 5 1.16 17.84 -6.81
CA ASP A 5 0.27 17.23 -5.86
C ASP A 5 -0.46 16.09 -6.52
N THR A 6 0.21 14.96 -6.54
CA THR A 6 -0.37 13.69 -6.91
C THR A 6 0.45 12.57 -6.33
N TYR A 7 -0.19 11.59 -5.74
CA TYR A 7 0.50 10.51 -5.06
C TYR A 7 -0.47 9.61 -4.36
N ILE A 8 -0.04 8.39 -4.09
CA ILE A 8 -0.74 7.57 -3.14
C ILE A 8 -0.40 8.02 -1.76
N GLU A 9 -1.31 7.79 -0.86
CA GLU A 9 -1.13 8.23 0.50
C GLU A 9 -1.85 7.30 1.44
N VAL A 10 -1.28 7.05 2.60
CA VAL A 10 -1.94 6.21 3.57
C VAL A 10 -1.84 6.81 4.96
N ASP A 11 -2.69 6.32 5.83
CA ASP A 11 -2.67 6.65 7.23
C ASP A 11 -2.97 5.37 8.00
N LEU A 12 -1.94 4.84 8.62
CA LEU A 12 -1.93 3.50 9.21
C LEU A 12 -2.56 3.53 10.56
N GLU A 13 -2.31 4.66 11.16
CA GLU A 13 -2.83 5.05 12.44
C GLU A 13 -4.31 4.98 12.39
N ASN A 14 -4.77 5.52 11.29
CA ASN A 14 -6.19 5.70 11.00
C ASN A 14 -6.68 4.66 10.03
N GLN A 15 -5.75 3.74 9.75
CA GLN A 15 -5.91 2.66 8.78
C GLN A 15 -6.74 3.05 7.57
N HIS A 16 -6.26 4.04 6.85
CA HIS A 16 -6.94 4.52 5.67
C HIS A 16 -5.93 4.86 4.60
N MET A 17 -6.22 4.43 3.39
CA MET A 17 -5.36 4.67 2.27
C MET A 17 -6.02 5.61 1.28
N TRP A 18 -5.22 6.27 0.50
CA TRP A 18 -5.65 7.29 -0.44
C TRP A 18 -4.86 7.22 -1.71
N TYR A 19 -5.46 7.68 -2.77
CA TYR A 19 -4.70 8.25 -3.86
C TYR A 19 -4.97 9.71 -3.83
N TYR A 20 -4.05 10.43 -4.32
CA TYR A 20 -4.14 11.86 -4.35
C TYR A 20 -3.87 12.37 -5.73
N LYS A 21 -4.87 12.99 -6.29
CA LYS A 21 -4.71 13.75 -7.50
C LYS A 21 -5.07 15.16 -7.15
N ASP A 22 -4.31 16.10 -7.65
CA ASP A 22 -4.62 17.53 -7.52
C ASP A 22 -4.49 18.05 -6.11
N GLY A 23 -3.79 17.29 -5.28
CA GLY A 23 -3.70 17.62 -3.87
C GLY A 23 -4.90 17.24 -3.10
N LYS A 24 -5.77 16.56 -3.79
CA LYS A 24 -7.00 16.07 -3.25
C LYS A 24 -7.00 14.60 -3.59
N VAL A 25 -7.98 13.85 -3.20
CA VAL A 25 -7.90 12.45 -3.50
C VAL A 25 -8.75 11.95 -4.58
N ALA A 26 -8.26 10.83 -5.08
CA ALA A 26 -8.86 10.12 -6.13
C ALA A 26 -9.45 8.89 -5.53
N LEU A 27 -8.81 8.53 -4.45
CA LEU A 27 -9.12 7.35 -3.73
C LEU A 27 -9.18 7.59 -2.27
N GLU A 28 -10.08 6.86 -1.69
CA GLU A 28 -10.26 6.87 -0.29
C GLU A 28 -10.55 5.46 0.05
N THR A 29 -9.72 4.87 0.85
CA THR A 29 -9.98 3.54 1.19
C THR A 29 -9.45 3.21 2.55
N ASP A 30 -9.91 2.12 3.05
CA ASP A 30 -9.52 1.66 4.33
C ASP A 30 -8.53 0.51 4.19
N ILE A 31 -7.45 0.57 4.97
CA ILE A 31 -6.37 -0.38 4.82
C ILE A 31 -5.93 -0.94 6.14
N VAL A 32 -4.86 -1.67 6.04
CA VAL A 32 -4.17 -2.19 7.19
C VAL A 32 -2.71 -2.35 6.82
N SER A 33 -1.89 -1.63 7.56
CA SER A 33 -0.45 -1.64 7.37
C SER A 33 0.18 -2.89 7.97
N GLY A 34 1.50 -2.96 8.07
CA GLY A 34 2.11 -4.18 8.53
C GLY A 34 2.15 -4.28 10.03
N LYS A 35 2.53 -5.45 10.53
CA LYS A 35 2.31 -5.80 11.92
C LYS A 35 3.31 -5.14 12.87
N PRO A 36 2.92 -5.02 14.16
CA PRO A 36 3.64 -4.30 15.22
C PRO A 36 5.07 -4.72 15.36
N THR A 37 5.28 -5.97 15.03
CA THR A 37 6.57 -6.60 15.17
C THR A 37 7.56 -5.95 14.22
N THR A 38 7.00 -5.56 13.09
CA THR A 38 7.73 -4.93 12.02
C THR A 38 6.88 -3.86 11.37
N PRO A 39 6.72 -2.82 12.14
CA PRO A 39 5.83 -1.70 11.88
C PRO A 39 6.12 -1.02 10.56
N THR A 40 5.09 -0.54 9.93
CA THR A 40 5.29 0.19 8.73
C THR A 40 5.82 1.59 9.09
N PRO A 41 6.70 2.14 8.25
CA PRO A 41 7.52 3.32 8.56
C PRO A 41 6.72 4.59 8.50
N ALA A 42 5.91 4.67 7.47
CA ALA A 42 5.15 5.85 7.13
C ALA A 42 6.01 7.07 6.87
N GLY A 43 5.64 7.73 5.81
CA GLY A 43 6.32 8.89 5.31
C GLY A 43 6.08 9.00 3.84
N VAL A 44 7.15 9.10 3.10
CA VAL A 44 7.10 9.19 1.66
C VAL A 44 7.87 8.04 1.01
N PHE A 45 7.13 7.11 0.43
CA PHE A 45 7.71 6.01 -0.33
C PHE A 45 7.44 6.32 -1.82
N TYR A 46 7.77 5.41 -2.74
CA TYR A 46 7.66 5.78 -4.16
C TYR A 46 7.09 4.65 -5.02
N VAL A 47 6.00 4.93 -5.74
CA VAL A 47 5.49 4.01 -6.75
C VAL A 47 6.12 4.34 -8.08
N TRP A 48 7.20 3.68 -8.32
CA TRP A 48 7.91 3.81 -9.56
C TRP A 48 7.40 2.74 -10.51
N ASN A 49 6.30 2.11 -10.08
CA ASN A 49 5.57 1.15 -10.91
C ASN A 49 4.24 0.80 -10.28
N LYS A 50 3.20 0.97 -11.05
CA LYS A 50 1.84 0.50 -10.72
C LYS A 50 1.56 -0.77 -11.50
N GLU A 51 0.91 -1.73 -10.85
CA GLU A 51 0.79 -3.07 -11.38
C GLU A 51 -0.62 -3.57 -11.53
N GLU A 52 -0.72 -4.57 -12.37
CA GLU A 52 -1.85 -5.43 -12.49
C GLU A 52 -1.33 -6.84 -12.43
N ASP A 53 -2.19 -7.66 -11.83
CA ASP A 53 -2.02 -9.12 -11.75
C ASP A 53 -0.61 -9.46 -11.30
N ALA A 54 -0.15 -8.63 -10.37
CA ALA A 54 1.19 -8.66 -9.83
C ALA A 54 1.29 -9.76 -8.81
N THR A 55 2.48 -10.11 -8.42
CA THR A 55 2.62 -11.04 -7.32
C THR A 55 3.60 -10.53 -6.30
N LEU A 56 3.07 -10.34 -5.12
CA LEU A 56 3.83 -9.86 -3.99
C LEU A 56 4.67 -10.93 -3.36
N LYS A 57 5.83 -11.05 -3.89
CA LYS A 57 6.81 -11.98 -3.40
C LYS A 57 7.87 -11.34 -2.57
N GLY A 58 8.75 -12.17 -2.09
CA GLY A 58 9.80 -11.68 -1.25
C GLY A 58 10.03 -12.58 -0.09
N THR A 59 10.61 -12.02 0.96
CA THR A 59 10.71 -12.73 2.20
C THR A 59 9.98 -11.99 3.28
N ASN A 60 9.25 -12.73 4.10
CA ASN A 60 8.71 -12.19 5.32
C ASN A 60 9.82 -11.58 6.12
N ASP A 61 9.48 -10.56 6.88
CA ASP A 61 10.41 -9.91 7.79
C ASP A 61 11.00 -10.89 8.79
N ASP A 62 10.57 -12.14 8.71
CA ASP A 62 11.01 -13.15 9.64
C ASP A 62 11.78 -14.22 8.91
N GLY A 63 11.99 -13.97 7.62
CA GLY A 63 12.90 -14.79 6.86
C GLY A 63 12.22 -15.91 6.16
N THR A 64 10.94 -15.76 5.96
CA THR A 64 10.13 -16.79 5.37
C THR A 64 9.55 -16.30 4.03
N PRO A 65 10.16 -16.73 2.93
CA PRO A 65 9.75 -16.30 1.59
C PRO A 65 8.32 -16.62 1.27
N TYR A 66 7.74 -15.78 0.45
CA TYR A 66 6.31 -15.82 0.23
C TYR A 66 5.89 -15.28 -1.11
N GLU A 67 4.60 -15.38 -1.36
CA GLU A 67 3.98 -14.78 -2.51
C GLU A 67 2.58 -14.31 -2.18
N SER A 68 2.15 -13.24 -2.82
CA SER A 68 0.79 -12.82 -2.75
C SER A 68 0.40 -12.25 -4.09
N PRO A 69 -0.25 -13.05 -4.92
CA PRO A 69 -0.66 -12.63 -6.22
C PRO A 69 -1.75 -11.60 -6.13
N VAL A 70 -1.37 -10.42 -6.51
CA VAL A 70 -2.13 -9.24 -6.29
C VAL A 70 -2.65 -8.76 -7.63
N ASN A 71 -3.66 -7.95 -7.63
CA ASN A 71 -4.29 -7.52 -8.86
C ASN A 71 -3.68 -6.22 -9.28
N TYR A 72 -3.07 -5.55 -8.32
CA TYR A 72 -2.59 -4.19 -8.47
C TYR A 72 -1.53 -3.94 -7.42
N TRP A 73 -0.37 -3.51 -7.87
CA TRP A 73 0.81 -3.50 -7.04
C TRP A 73 1.68 -2.31 -7.32
N MET A 74 2.06 -1.64 -6.27
CA MET A 74 3.03 -0.60 -6.39
C MET A 74 4.29 -1.06 -5.69
N PRO A 75 5.25 -1.67 -6.42
CA PRO A 75 6.50 -2.15 -5.84
C PRO A 75 7.38 -1.01 -5.37
N ILE A 76 6.93 -0.32 -4.36
CA ILE A 76 7.65 0.81 -3.85
C ILE A 76 8.95 0.33 -3.20
N ASP A 77 9.75 1.26 -2.77
CA ASP A 77 11.09 0.96 -2.32
C ASP A 77 11.45 1.96 -1.25
N TRP A 78 12.74 2.04 -0.90
CA TRP A 78 13.22 2.96 0.13
C TRP A 78 13.06 2.36 1.51
N THR A 79 11.87 1.82 1.76
CA THR A 79 11.47 1.51 3.11
C THR A 79 10.98 0.07 3.24
N GLY A 80 10.86 -0.65 2.12
CA GLY A 80 10.46 -2.04 2.16
C GLY A 80 8.98 -2.22 1.90
N VAL A 81 8.21 -1.23 2.28
CA VAL A 81 6.76 -1.21 2.10
C VAL A 81 6.37 -1.44 0.64
N GLY A 82 5.08 -1.57 0.40
CA GLY A 82 4.54 -1.58 -0.92
C GLY A 82 3.04 -1.59 -0.87
N ILE A 83 2.45 -0.59 -1.46
CA ILE A 83 1.01 -0.49 -1.44
C ILE A 83 0.43 -1.36 -2.55
N HIS A 84 -0.68 -2.01 -2.24
CA HIS A 84 -1.26 -2.97 -3.17
C HIS A 84 -2.73 -3.21 -2.87
N ASP A 85 -3.44 -3.73 -3.86
CA ASP A 85 -4.80 -4.15 -3.66
C ASP A 85 -4.80 -5.56 -3.09
N SER A 86 -5.77 -5.89 -2.29
CA SER A 86 -5.77 -7.14 -1.56
C SER A 86 -7.11 -7.81 -1.68
N ASP A 87 -7.18 -8.71 -2.63
CA ASP A 87 -8.41 -9.42 -2.95
C ASP A 87 -8.60 -10.54 -1.95
N TRP A 88 -7.49 -10.86 -1.28
CA TRP A 88 -7.45 -11.93 -0.32
C TRP A 88 -7.84 -11.45 1.08
N GLN A 89 -7.67 -10.16 1.34
CA GLN A 89 -8.03 -9.62 2.64
C GLN A 89 -9.38 -8.98 2.59
N PRO A 90 -10.30 -9.60 3.30
CA PRO A 90 -11.71 -9.24 3.32
C PRO A 90 -12.02 -8.16 4.32
N GLU A 91 -11.05 -7.85 5.15
CA GLU A 91 -11.19 -6.77 6.09
C GLU A 91 -10.30 -5.59 5.79
N TYR A 92 -10.81 -4.45 6.22
CA TYR A 92 -10.11 -3.19 6.21
C TYR A 92 -10.86 -2.30 7.16
N GLY A 93 -10.15 -1.70 8.05
CA GLY A 93 -10.79 -0.85 9.01
C GLY A 93 -9.84 -0.48 10.09
N GLY A 94 -10.39 -0.07 11.23
CA GLY A 94 -9.58 0.05 12.41
C GLY A 94 -8.68 -1.13 12.60
N ASP A 95 -7.84 -1.03 13.58
CA ASP A 95 -6.58 -1.73 13.57
C ASP A 95 -6.71 -3.23 13.31
N LEU A 96 -6.40 -3.55 12.06
CA LEU A 96 -6.22 -4.91 11.58
C LEU A 96 -4.75 -5.27 11.62
N TRP A 97 -3.93 -4.29 11.28
CA TRP A 97 -2.49 -4.51 11.07
C TRP A 97 -1.82 -5.19 12.26
N LYS A 98 -2.39 -4.99 13.43
CA LYS A 98 -1.82 -5.53 14.64
C LYS A 98 -2.37 -6.89 14.98
N THR A 99 -3.61 -7.08 14.65
CA THR A 99 -4.33 -8.31 14.97
C THR A 99 -4.23 -9.31 13.83
N ARG A 100 -4.40 -8.80 12.64
CA ARG A 100 -4.36 -9.60 11.43
C ARG A 100 -2.96 -9.61 10.86
N GLY A 101 -2.18 -8.62 11.29
CA GLY A 101 -0.74 -8.68 11.15
C GLY A 101 -0.25 -8.94 9.74
N SER A 102 -0.74 -8.22 8.75
CA SER A 102 -0.41 -8.58 7.39
C SER A 102 0.96 -8.00 6.99
N HIS A 103 1.91 -8.92 6.83
CA HIS A 103 3.27 -8.61 6.36
C HIS A 103 3.82 -7.30 6.94
N GLY A 104 4.35 -6.44 6.07
CA GLY A 104 4.96 -5.20 6.50
C GLY A 104 4.32 -3.97 5.87
N CYS A 105 3.67 -4.14 4.73
CA CYS A 105 3.14 -3.00 4.00
C CYS A 105 1.65 -2.81 4.17
N ILE A 106 1.08 -1.99 3.30
CA ILE A 106 -0.33 -1.62 3.38
C ILE A 106 -1.18 -2.55 2.52
N ASN A 107 -2.28 -3.00 3.09
CA ASN A 107 -3.18 -3.90 2.37
C ASN A 107 -4.46 -3.16 1.99
N THR A 108 -4.48 -2.69 0.76
CA THR A 108 -5.54 -1.90 0.22
C THR A 108 -6.59 -2.72 -0.51
N PRO A 109 -7.86 -2.30 -0.41
CA PRO A 109 -8.98 -2.91 -1.13
C PRO A 109 -8.75 -3.06 -2.61
N PRO A 110 -9.28 -4.15 -3.17
CA PRO A 110 -9.09 -4.49 -4.56
C PRO A 110 -9.72 -3.46 -5.50
N SER A 111 -10.75 -2.79 -5.00
CA SER A 111 -11.52 -1.85 -5.79
C SER A 111 -10.80 -0.54 -5.99
N VAL A 112 -9.91 -0.23 -5.08
CA VAL A 112 -9.29 1.07 -5.03
C VAL A 112 -7.93 1.09 -5.65
N MET A 113 -7.08 0.19 -5.27
CA MET A 113 -5.74 0.19 -5.80
C MET A 113 -5.76 -0.13 -7.29
N LYS A 114 -6.93 -0.40 -7.82
CA LYS A 114 -7.06 -0.58 -9.25
C LYS A 114 -7.12 0.80 -9.89
N GLU A 115 -7.83 1.66 -9.17
CA GLU A 115 -8.11 3.01 -9.56
C GLU A 115 -6.80 3.69 -9.64
N LEU A 116 -6.09 3.41 -8.59
CA LEU A 116 -4.75 3.78 -8.40
C LEU A 116 -3.90 3.47 -9.57
N PHE A 117 -3.74 2.21 -9.86
CA PHE A 117 -3.00 1.80 -11.05
C PHE A 117 -3.45 2.63 -12.25
N GLY A 118 -4.66 3.16 -12.14
CA GLY A 118 -5.26 3.91 -13.22
C GLY A 118 -4.90 5.38 -13.14
N MET A 119 -4.63 5.88 -11.93
CA MET A 119 -4.24 7.26 -11.76
C MET A 119 -2.77 7.44 -11.56
N VAL A 120 -2.19 6.61 -10.73
CA VAL A 120 -0.77 6.73 -10.49
C VAL A 120 0.01 6.20 -11.64
N GLU A 121 1.15 6.80 -11.80
CA GLU A 121 2.03 6.50 -12.86
C GLU A 121 3.37 6.13 -12.29
N LYS A 122 4.15 5.39 -13.06
CA LYS A 122 5.52 5.12 -12.70
C LYS A 122 6.24 6.42 -12.51
N GLY A 123 6.40 6.77 -11.27
CA GLY A 123 7.00 8.04 -10.92
C GLY A 123 6.18 8.78 -9.89
N THR A 124 4.95 8.33 -9.69
CA THR A 124 4.12 8.80 -8.63
C THR A 124 4.73 8.36 -7.30
N PRO A 125 4.56 9.12 -6.23
CA PRO A 125 5.04 8.74 -4.95
C PRO A 125 3.95 8.04 -4.18
N VAL A 126 4.31 7.36 -3.14
CA VAL A 126 3.32 6.82 -2.26
C VAL A 126 3.62 7.27 -0.87
N LEU A 127 2.63 7.39 -0.08
CA LEU A 127 2.81 7.74 1.27
C LEU A 127 1.98 6.85 2.11
N VAL A 128 2.45 6.64 3.31
CA VAL A 128 1.65 6.07 4.35
C VAL A 128 2.03 6.83 5.61
N PHE A 129 1.07 7.11 6.48
CA PHE A 129 1.33 7.86 7.72
C PHE A 129 0.06 8.06 8.52
C 1RG B . 12.72 -7.41 3.18
N 1RG B . 11.41 -6.91 1.18
O 1RG B . 11.90 -8.28 3.44
CA 1RG B . 12.38 -6.34 2.14
CB 1RG B . 11.66 -5.16 2.78
CD 1RG B . 10.31 -5.96 1.09
CG 1RG B . 10.21 -5.40 2.50
CAA 1RG B . 3.85 -5.80 2.06
CAB 1RG B . 4.92 -6.09 0.94
OAC 1RG B . 3.84 -6.43 3.11
CAD 1RG B . 6.18 -6.79 1.59
CAE 1RG B . 4.34 -6.85 -0.24
CAF 1RG B . 5.41 -7.18 -1.27
OAG 1RG B . 3.74 -8.07 0.23
CAH 1RG B . 7.22 -5.87 2.18
CAI 1RG B . 7.86 -6.74 3.06
NAJ 1RG B . 5.83 -7.63 2.76
SAK 1RG B . 9.53 -6.62 3.61
CAL 1RG B . 7.00 -7.73 3.39
CAM 1RG B . 7.32 -8.68 4.28
CAS 1RG B . 6.61 -4.68 2.94
OAT 1RG B . 6.48 -9.58 4.53
OAU 1RG B . 8.42 -8.72 4.85
NAX 1RG B . 13.98 -7.30 3.71
CAY 1RG B . 14.40 -8.18 4.66
CAZ 1RG B . 15.69 -8.03 5.18
CBA 1RG B . 16.16 -8.91 6.14
CBB 1RG B . 15.35 -9.95 6.59
CBC 1RG B . 14.09 -10.11 6.08
CBD 1RG B . 13.61 -9.24 5.12
CBE 1RG B . 17.44 -8.75 6.66
OBF 1RG B . 17.88 -9.52 7.54
OBG 1RG B . 18.19 -7.83 6.27
HN 1RG B . 11.08 -7.79 1.50
HA 1RG B . 13.28 -6.02 1.62
HB 1RG B . 11.85 -5.16 3.85
HBA 1RG B . 11.97 -4.22 2.34
HD 1RG B . 10.54 -5.17 0.38
HDA 1RG B . 9.38 -6.47 0.81
HG 1RG B . 9.64 -4.46 2.55
HAB 1RG B . 5.19 -5.22 0.45
HAD 1RG B . 6.64 -7.42 0.84
HAE 1RG B . 3.58 -6.24 -0.71
HAF 1RG B . 5.89 -6.26 -1.58
HAFA 1RG B . 4.94 -7.64 -2.13
HAFB 1RG B . 6.13 -7.84 -0.85
HOAG 1RG B . 3.03 -7.86 0.84
HAH 1RG B . 7.89 -5.52 1.40
HNAJ 1RG B . 5.57 -8.54 2.43
HAS 1RG B . 5.83 -5.03 3.59
HASA 1RG B . 6.20 -3.99 2.22
HASB 1RG B . 7.38 -4.19 3.51
HNAX 1RG B . 14.57 -6.55 3.41
HAZ 1RG B . 16.30 -7.22 4.83
HBB 1RG B . 15.72 -10.64 7.34
HBC 1RG B . 13.46 -10.93 6.43
HBD 1RG B . 12.60 -9.38 4.72
HAT2 1RG B . 11.85 -7.02 0.27
N GLY A 1 9.36 17.63 0.28
CA GLY A 1 8.11 17.57 -0.53
C GLY A 1 8.23 16.57 -1.65
N HIS A 2 7.08 16.09 -2.13
CA HIS A 2 7.07 15.10 -3.20
C HIS A 2 6.30 15.55 -4.41
N MET A 3 7.03 15.98 -5.42
CA MET A 3 6.49 16.16 -6.77
C MET A 3 5.39 17.21 -6.84
N GLU A 4 4.68 17.20 -7.97
CA GLU A 4 3.41 17.89 -8.09
C GLU A 4 2.42 17.21 -7.15
N ASP A 5 1.24 17.78 -6.97
CA ASP A 5 0.31 17.21 -6.03
C ASP A 5 -0.41 16.06 -6.68
N THR A 6 0.25 14.92 -6.66
CA THR A 6 -0.35 13.65 -6.99
C THR A 6 0.47 12.55 -6.36
N TYR A 7 -0.20 11.58 -5.76
CA TYR A 7 0.50 10.51 -5.07
C TYR A 7 -0.47 9.60 -4.36
N ILE A 8 -0.03 8.39 -4.08
CA ILE A 8 -0.73 7.58 -3.13
C ILE A 8 -0.38 8.02 -1.75
N GLU A 9 -1.28 7.81 -0.84
CA GLU A 9 -1.11 8.26 0.51
C GLU A 9 -1.83 7.32 1.47
N VAL A 10 -1.25 7.07 2.61
CA VAL A 10 -1.89 6.22 3.58
C VAL A 10 -1.78 6.80 4.97
N ASP A 11 -2.64 6.31 5.83
CA ASP A 11 -2.65 6.63 7.24
C ASP A 11 -2.95 5.35 7.99
N LEU A 12 -1.93 4.82 8.62
CA LEU A 12 -1.93 3.47 9.20
C LEU A 12 -2.56 3.49 10.53
N GLU A 13 -2.34 4.62 11.14
CA GLU A 13 -2.88 5.00 12.42
C GLU A 13 -4.37 4.94 12.34
N ASN A 14 -4.80 5.52 11.25
CA ASN A 14 -6.21 5.70 10.94
C ASN A 14 -6.69 4.66 9.96
N GLN A 15 -5.77 3.72 9.72
CA GLN A 15 -5.91 2.64 8.76
C GLN A 15 -6.72 3.03 7.54
N HIS A 16 -6.23 4.01 6.84
CA HIS A 16 -6.90 4.50 5.65
C HIS A 16 -5.90 4.84 4.59
N MET A 17 -6.18 4.41 3.38
CA MET A 17 -5.31 4.67 2.27
C MET A 17 -5.98 5.59 1.27
N TRP A 18 -5.18 6.28 0.50
CA TRP A 18 -5.63 7.28 -0.44
C TRP A 18 -4.84 7.22 -1.72
N TYR A 19 -5.44 7.69 -2.77
CA TYR A 19 -4.70 8.25 -3.86
C TYR A 19 -4.97 9.71 -3.86
N TYR A 20 -4.05 10.42 -4.35
CA TYR A 20 -4.13 11.85 -4.37
C TYR A 20 -3.86 12.37 -5.75
N LYS A 21 -4.87 12.98 -6.31
CA LYS A 21 -4.71 13.75 -7.52
C LYS A 21 -5.05 15.17 -7.15
N ASP A 22 -4.31 16.11 -7.69
CA ASP A 22 -4.61 17.53 -7.56
C ASP A 22 -4.47 18.04 -6.14
N GLY A 23 -3.75 17.28 -5.33
CA GLY A 23 -3.65 17.59 -3.92
C GLY A 23 -4.88 17.22 -3.15
N LYS A 24 -5.74 16.54 -3.84
CA LYS A 24 -6.96 16.05 -3.29
C LYS A 24 -6.97 14.58 -3.60
N VAL A 25 -7.96 13.83 -3.19
CA VAL A 25 -7.88 12.42 -3.49
C VAL A 25 -8.75 11.91 -4.57
N ALA A 26 -8.27 10.80 -5.05
CA ALA A 26 -8.88 10.08 -6.10
C ALA A 26 -9.46 8.86 -5.49
N LEU A 27 -8.79 8.49 -4.42
CA LEU A 27 -9.08 7.32 -3.69
C LEU A 27 -9.13 7.56 -2.24
N GLU A 28 -10.04 6.86 -1.65
CA GLU A 28 -10.21 6.86 -0.25
C GLU A 28 -10.51 5.45 0.08
N THR A 29 -9.68 4.85 0.86
CA THR A 29 -9.94 3.52 1.19
C THR A 29 -9.42 3.18 2.55
N ASP A 30 -9.89 2.11 3.05
CA ASP A 30 -9.54 1.64 4.33
C ASP A 30 -8.54 0.51 4.19
N ILE A 31 -7.47 0.58 4.98
CA ILE A 31 -6.37 -0.36 4.85
C ILE A 31 -5.96 -0.94 6.15
N VAL A 32 -4.91 -1.69 6.06
CA VAL A 32 -4.23 -2.22 7.22
C VAL A 32 -2.76 -2.38 6.87
N SER A 33 -1.95 -1.65 7.61
CA SER A 33 -0.52 -1.61 7.40
C SER A 33 0.15 -2.84 7.98
N GLY A 34 1.47 -2.85 8.08
CA GLY A 34 2.13 -4.06 8.49
C GLY A 34 2.15 -4.21 10.00
N LYS A 35 2.44 -5.42 10.44
CA LYS A 35 2.22 -5.84 11.81
C LYS A 35 3.20 -5.17 12.79
N PRO A 36 2.77 -5.09 14.07
CA PRO A 36 3.49 -4.41 15.17
C PRO A 36 4.90 -4.89 15.35
N THR A 37 5.06 -6.14 15.01
CA THR A 37 6.33 -6.81 15.19
C THR A 37 7.35 -6.24 14.22
N THR A 38 6.85 -5.86 13.07
CA THR A 38 7.65 -5.29 12.01
C THR A 38 6.86 -4.20 11.30
N PRO A 39 6.71 -3.13 12.06
CA PRO A 39 5.86 -2.00 11.78
C PRO A 39 6.15 -1.30 10.48
N THR A 40 5.12 -0.73 9.91
CA THR A 40 5.30 0.06 8.73
C THR A 40 5.83 1.45 9.15
N PRO A 41 6.70 2.05 8.33
CA PRO A 41 7.49 3.23 8.66
C PRO A 41 6.68 4.50 8.60
N ALA A 42 5.92 4.60 7.53
CA ALA A 42 5.17 5.80 7.19
C ALA A 42 6.05 7.02 6.98
N GLY A 43 5.68 7.71 5.94
CA GLY A 43 6.36 8.89 5.49
C GLY A 43 6.16 9.05 4.01
N VAL A 44 7.23 8.93 3.26
CA VAL A 44 7.17 9.03 1.82
C VAL A 44 7.90 7.84 1.16
N PHE A 45 7.15 7.03 0.44
CA PHE A 45 7.70 5.95 -0.36
C PHE A 45 7.39 6.26 -1.83
N TYR A 46 7.69 5.38 -2.78
CA TYR A 46 7.54 5.76 -4.19
C TYR A 46 6.98 4.64 -5.06
N VAL A 47 5.88 4.93 -5.78
CA VAL A 47 5.40 4.02 -6.81
C VAL A 47 6.00 4.40 -8.13
N TRP A 48 7.09 3.77 -8.40
CA TRP A 48 7.78 3.95 -9.64
C TRP A 48 7.30 2.88 -10.60
N ASN A 49 6.23 2.20 -10.17
CA ASN A 49 5.50 1.26 -11.01
C ASN A 49 4.19 0.86 -10.34
N LYS A 50 3.13 1.01 -11.10
CA LYS A 50 1.80 0.49 -10.74
C LYS A 50 1.58 -0.82 -11.48
N GLU A 51 0.89 -1.75 -10.84
CA GLU A 51 0.81 -3.12 -11.33
C GLU A 51 -0.60 -3.64 -11.53
N GLU A 52 -0.66 -4.65 -12.38
CA GLU A 52 -1.86 -5.42 -12.64
C GLU A 52 -1.47 -6.87 -12.71
N ASP A 53 -2.16 -7.68 -11.94
CA ASP A 53 -1.87 -9.10 -11.82
C ASP A 53 -0.40 -9.27 -11.45
N ALA A 54 -0.04 -8.55 -10.41
CA ALA A 54 1.27 -8.57 -9.80
C ALA A 54 1.36 -9.71 -8.84
N THR A 55 2.54 -10.04 -8.40
CA THR A 55 2.66 -11.00 -7.33
C THR A 55 3.63 -10.53 -6.27
N LEU A 56 3.08 -10.37 -5.09
CA LEU A 56 3.80 -9.91 -3.93
C LEU A 56 4.61 -11.00 -3.30
N LYS A 57 5.80 -11.12 -3.79
CA LYS A 57 6.77 -12.05 -3.30
C LYS A 57 7.79 -11.42 -2.42
N GLY A 58 8.67 -12.27 -1.93
CA GLY A 58 9.70 -11.80 -1.04
C GLY A 58 9.91 -12.77 0.08
N THR A 59 10.46 -12.27 1.17
CA THR A 59 10.51 -13.06 2.37
C THR A 59 9.74 -12.39 3.48
N ASN A 60 9.01 -13.19 4.24
CA ASN A 60 8.42 -12.75 5.48
C ASN A 60 9.52 -12.22 6.36
N ASP A 61 9.14 -11.30 7.25
CA ASP A 61 10.06 -10.73 8.23
C ASP A 61 10.60 -11.80 9.16
N ASP A 62 10.10 -13.01 8.96
CA ASP A 62 10.49 -14.14 9.76
C ASP A 62 11.29 -15.12 8.96
N GLY A 63 11.60 -14.73 7.73
CA GLY A 63 12.55 -15.47 6.95
C GLY A 63 11.90 -16.54 6.14
N THR A 64 10.61 -16.40 6.00
CA THR A 64 9.80 -17.39 5.34
C THR A 64 9.26 -16.81 4.03
N PRO A 65 9.88 -17.15 2.90
CA PRO A 65 9.51 -16.62 1.60
C PRO A 65 8.06 -16.87 1.26
N TYR A 66 7.53 -16.02 0.42
CA TYR A 66 6.11 -16.02 0.16
C TYR A 66 5.76 -15.44 -1.19
N GLU A 67 4.49 -15.56 -1.50
CA GLU A 67 3.91 -14.91 -2.67
C GLU A 67 2.50 -14.47 -2.36
N SER A 68 2.11 -13.38 -2.96
CA SER A 68 0.73 -12.95 -2.90
C SER A 68 0.38 -12.33 -4.23
N PRO A 69 -0.25 -13.09 -5.08
CA PRO A 69 -0.63 -12.62 -6.39
C PRO A 69 -1.72 -11.59 -6.26
N VAL A 70 -1.32 -10.39 -6.56
CA VAL A 70 -2.09 -9.23 -6.30
C VAL A 70 -2.56 -8.69 -7.64
N ASN A 71 -3.64 -7.97 -7.65
CA ASN A 71 -4.23 -7.50 -8.88
C ASN A 71 -3.59 -6.21 -9.28
N TYR A 72 -3.02 -5.55 -8.29
CA TYR A 72 -2.51 -4.19 -8.43
C TYR A 72 -1.47 -3.95 -7.37
N TRP A 73 -0.32 -3.49 -7.80
CA TRP A 73 0.86 -3.46 -6.95
C TRP A 73 1.72 -2.25 -7.25
N MET A 74 2.14 -1.60 -6.21
CA MET A 74 3.07 -0.53 -6.35
C MET A 74 4.36 -0.94 -5.65
N PRO A 75 5.31 -1.53 -6.39
CA PRO A 75 6.58 -1.98 -5.81
C PRO A 75 7.46 -0.83 -5.35
N ILE A 76 7.03 -0.18 -4.29
CA ILE A 76 7.80 0.90 -3.70
C ILE A 76 9.05 0.30 -3.06
N ASP A 77 9.95 1.12 -2.53
CA ASP A 77 11.26 0.58 -2.19
C ASP A 77 11.91 1.30 -1.00
N TRP A 78 13.16 0.87 -0.70
CA TRP A 78 14.08 1.45 0.31
C TRP A 78 13.51 1.46 1.74
N THR A 79 12.24 1.14 1.87
CA THR A 79 11.57 1.10 3.15
C THR A 79 10.98 -0.28 3.42
N GLY A 80 10.91 -1.08 2.36
CA GLY A 80 10.43 -2.44 2.48
C GLY A 80 8.97 -2.53 2.12
N VAL A 81 8.25 -1.46 2.40
CA VAL A 81 6.82 -1.36 2.18
C VAL A 81 6.45 -1.56 0.71
N GLY A 82 5.15 -1.63 0.46
CA GLY A 82 4.63 -1.61 -0.88
C GLY A 82 3.13 -1.64 -0.83
N ILE A 83 2.53 -0.64 -1.41
CA ILE A 83 1.09 -0.54 -1.40
C ILE A 83 0.49 -1.42 -2.50
N HIS A 84 -0.64 -2.05 -2.20
CA HIS A 84 -1.22 -3.00 -3.12
C HIS A 84 -2.70 -3.22 -2.86
N ASP A 85 -3.40 -3.74 -3.86
CA ASP A 85 -4.77 -4.16 -3.69
C ASP A 85 -4.78 -5.56 -3.10
N SER A 86 -5.77 -5.87 -2.29
CA SER A 86 -5.79 -7.13 -1.58
C SER A 86 -7.16 -7.78 -1.70
N ASP A 87 -7.23 -8.71 -2.61
CA ASP A 87 -8.47 -9.41 -2.87
C ASP A 87 -8.68 -10.49 -1.81
N TRP A 88 -7.63 -10.72 -1.02
CA TRP A 88 -7.59 -11.80 -0.06
C TRP A 88 -7.96 -11.34 1.36
N GLN A 89 -7.78 -10.07 1.67
CA GLN A 89 -8.08 -9.55 2.99
C GLN A 89 -9.49 -8.98 3.01
N PRO A 90 -10.32 -9.61 3.82
CA PRO A 90 -11.75 -9.38 3.86
C PRO A 90 -12.16 -8.19 4.72
N GLU A 91 -11.32 -7.80 5.66
CA GLU A 91 -11.57 -6.59 6.40
C GLU A 91 -10.55 -5.51 6.09
N TYR A 92 -11.02 -4.31 6.32
CA TYR A 92 -10.22 -3.12 6.28
C TYR A 92 -10.95 -2.15 7.16
N GLY A 93 -10.24 -1.55 8.05
CA GLY A 93 -10.87 -0.67 8.99
C GLY A 93 -9.92 -0.32 10.09
N GLY A 94 -10.45 0.11 11.22
CA GLY A 94 -9.63 0.22 12.41
C GLY A 94 -8.75 -0.98 12.61
N ASP A 95 -7.92 -0.89 13.59
CA ASP A 95 -6.66 -1.61 13.60
C ASP A 95 -6.82 -3.09 13.29
N LEU A 96 -6.50 -3.38 12.04
CA LEU A 96 -6.33 -4.73 11.53
C LEU A 96 -4.88 -5.13 11.58
N TRP A 97 -4.02 -4.18 11.26
CA TRP A 97 -2.59 -4.44 11.05
C TRP A 97 -1.95 -5.13 12.24
N LYS A 98 -2.50 -4.90 13.41
CA LYS A 98 -1.95 -5.47 14.63
C LYS A 98 -2.52 -6.83 14.94
N THR A 99 -3.75 -6.99 14.57
CA THR A 99 -4.49 -8.21 14.82
C THR A 99 -4.32 -9.20 13.68
N ARG A 100 -4.45 -8.67 12.48
CA ARG A 100 -4.32 -9.43 11.27
C ARG A 100 -2.89 -9.48 10.83
N GLY A 101 -2.13 -8.54 11.37
CA GLY A 101 -0.69 -8.61 11.33
C GLY A 101 -0.13 -8.88 9.96
N SER A 102 -0.62 -8.18 8.95
CA SER A 102 -0.30 -8.58 7.60
C SER A 102 1.04 -8.02 7.14
N HIS A 103 2.00 -8.93 7.00
CA HIS A 103 3.33 -8.64 6.49
C HIS A 103 3.89 -7.31 7.02
N GLY A 104 4.38 -6.47 6.11
CA GLY A 104 5.01 -5.22 6.52
C GLY A 104 4.39 -3.99 5.89
N CYS A 105 3.69 -4.18 4.77
CA CYS A 105 3.18 -3.05 4.02
C CYS A 105 1.69 -2.82 4.21
N ILE A 106 1.13 -1.99 3.33
CA ILE A 106 -0.27 -1.62 3.43
C ILE A 106 -1.14 -2.54 2.59
N ASN A 107 -2.22 -3.00 3.17
CA ASN A 107 -3.16 -3.85 2.48
C ASN A 107 -4.36 -3.04 2.06
N THR A 108 -4.36 -2.62 0.81
CA THR A 108 -5.41 -1.83 0.23
C THR A 108 -6.44 -2.69 -0.48
N PRO A 109 -7.71 -2.31 -0.34
CA PRO A 109 -8.83 -2.97 -1.01
C PRO A 109 -8.67 -3.12 -2.50
N PRO A 110 -9.17 -4.21 -3.04
CA PRO A 110 -8.98 -4.53 -4.44
C PRO A 110 -9.41 -3.36 -5.33
N SER A 111 -10.66 -2.97 -5.08
CA SER A 111 -11.42 -2.03 -5.88
C SER A 111 -10.77 -0.67 -6.01
N VAL A 112 -9.90 -0.35 -5.06
CA VAL A 112 -9.31 0.97 -5.00
C VAL A 112 -7.93 1.02 -5.61
N MET A 113 -7.07 0.12 -5.25
CA MET A 113 -5.73 0.16 -5.78
C MET A 113 -5.74 -0.15 -7.27
N LYS A 114 -6.91 -0.43 -7.80
CA LYS A 114 -7.04 -0.61 -9.22
C LYS A 114 -7.14 0.76 -9.86
N GLU A 115 -7.85 1.61 -9.12
CA GLU A 115 -8.15 2.95 -9.49
C GLU A 115 -6.87 3.66 -9.59
N LEU A 116 -6.14 3.39 -8.55
CA LEU A 116 -4.79 3.76 -8.38
C LEU A 116 -3.95 3.49 -9.57
N PHE A 117 -3.79 2.24 -9.88
CA PHE A 117 -3.05 1.86 -11.09
C PHE A 117 -3.56 2.70 -12.27
N GLY A 118 -4.79 3.18 -12.13
CA GLY A 118 -5.43 3.92 -13.18
C GLY A 118 -5.12 5.41 -13.10
N MET A 119 -4.75 5.88 -11.92
CA MET A 119 -4.36 7.26 -11.76
C MET A 119 -2.88 7.45 -11.57
N VAL A 120 -2.28 6.64 -10.75
CA VAL A 120 -0.87 6.77 -10.53
C VAL A 120 -0.09 6.28 -11.70
N GLU A 121 1.05 6.92 -11.87
CA GLU A 121 1.92 6.63 -12.93
C GLU A 121 3.23 6.17 -12.36
N LYS A 122 3.99 5.42 -13.14
CA LYS A 122 5.34 5.09 -12.77
C LYS A 122 6.12 6.36 -12.58
N GLY A 123 6.29 6.71 -11.34
CA GLY A 123 6.93 7.95 -10.98
C GLY A 123 6.14 8.71 -9.95
N THR A 124 4.92 8.27 -9.70
CA THR A 124 4.11 8.77 -8.63
C THR A 124 4.72 8.34 -7.29
N PRO A 125 4.54 9.10 -6.22
CA PRO A 125 5.02 8.74 -4.94
C PRO A 125 3.93 8.04 -4.16
N VAL A 126 4.30 7.36 -3.11
CA VAL A 126 3.32 6.81 -2.22
C VAL A 126 3.67 7.28 -0.84
N LEU A 127 2.68 7.42 -0.04
CA LEU A 127 2.90 7.76 1.32
C LEU A 127 2.05 6.89 2.16
N VAL A 128 2.52 6.62 3.33
CA VAL A 128 1.70 6.07 4.38
C VAL A 128 2.09 6.80 5.62
N PHE A 129 1.14 7.10 6.50
CA PHE A 129 1.40 7.86 7.72
C PHE A 129 0.13 8.08 8.52
C 1RG B . 12.45 -7.87 4.12
N 1RG B . 11.25 -7.56 2.01
O 1RG B . 11.54 -8.62 4.48
CA 1RG B . 12.22 -6.92 2.95
CB 1RG B . 11.56 -5.62 3.40
CD 1RG B . 10.30 -6.50 1.66
CG 1RG B . 10.12 -5.77 2.97
CAA 1RG B . 3.77 -5.91 2.13
CAB 1RG B . 4.86 -6.24 1.05
OAC 1RG B . 3.71 -6.54 3.18
CAD 1RG B . 6.07 -6.98 1.74
CAE 1RG B . 4.30 -6.98 -0.14
CAF 1RG B . 5.37 -7.27 -1.18
OAG 1RG B . 3.72 -8.22 0.30
CAH 1RG B . 7.09 -6.07 2.42
CAI 1RG B . 7.65 -6.95 3.35
NAJ 1RG B . 5.66 -7.83 2.86
SAK 1RG B . 9.22 -6.78 4.11
CAL 1RG B . 6.80 -7.96 3.55
CAM 1RG B . 7.08 -9.00 4.37
CAS 1RG B . 6.47 -4.86 3.11
OAT 1RG B . 6.26 -9.92 4.50
OAU 1RG B . 8.16 -9.05 5.00
NAX 1RG B . 13.69 -7.79 4.69
CAY 1RG B . 14.02 -8.56 5.76
CAZ 1RG B . 15.31 -8.45 6.30
CBA 1RG B . 15.67 -9.22 7.40
CBB 1RG B . 14.76 -10.12 7.95
CBC 1RG B . 13.49 -10.24 7.43
CBD 1RG B . 13.12 -9.47 6.33
CBE 1RG B . 16.96 -9.11 7.93
OBF 1RG B . 17.30 -9.80 8.92
OBG 1RG B . 17.78 -8.32 7.45
HN 1RG B . 10.77 -8.30 2.46
HA 1RG B . 13.16 -6.72 2.43
HB 1RG B . 11.61 -5.54 4.48
HBA 1RG B . 12.01 -4.75 2.92
HD 1RG B . 10.73 -5.85 0.90
HDA 1RG B . 9.35 -6.92 1.31
HG 1RG B . 9.65 -4.78 2.85
HAB 1RG B . 5.16 -5.38 0.55
HAD 1RG B . 6.58 -7.57 0.99
HAE 1RG B . 3.53 -6.38 -0.59
HAF 1RG B . 5.83 -6.34 -1.49
HAFA 1RG B . 4.92 -7.76 -2.03
HAFB 1RG B . 6.12 -7.91 -0.75
HOAG 1RG B . 4.39 -8.75 0.72
HAH 1RG B . 7.84 -5.76 1.68
HNAJ 1RG B . 5.41 -8.73 2.49
HAS 1RG B . 7.20 -4.42 3.78
HASA 1RG B . 5.60 -5.17 3.66
HASB 1RG B . 6.18 -4.14 2.36
HNAX 1RG B . 14.36 -7.15 4.32
HAZ 1RG B . 16.01 -7.76 5.87
HBB 1RG B . 15.05 -10.73 8.80
HBC 1RG B . 12.79 -10.94 7.86
HBD 1RG B . 12.12 -9.57 5.92
HAT2 1RG B . 11.73 -7.89 1.19
N GLY A 1 9.42 18.26 -0.67
CA GLY A 1 8.18 17.44 -0.71
C GLY A 1 8.29 16.33 -1.73
N HIS A 2 7.17 16.01 -2.37
CA HIS A 2 7.15 14.99 -3.40
C HIS A 2 6.37 15.44 -4.62
N MET A 3 7.11 15.84 -5.64
CA MET A 3 6.53 16.06 -6.96
C MET A 3 5.46 17.16 -6.96
N GLU A 4 4.70 17.23 -8.04
CA GLU A 4 3.46 17.98 -8.07
C GLU A 4 2.47 17.24 -7.16
N ASP A 5 1.30 17.82 -6.93
CA ASP A 5 0.39 17.22 -5.98
C ASP A 5 -0.35 16.08 -6.63
N THR A 6 0.28 14.93 -6.62
CA THR A 6 -0.32 13.67 -6.96
C THR A 6 0.49 12.55 -6.37
N TYR A 7 -0.18 11.58 -5.76
CA TYR A 7 0.50 10.50 -5.08
C TYR A 7 -0.47 9.61 -4.36
N ILE A 8 -0.06 8.39 -4.08
CA ILE A 8 -0.76 7.58 -3.12
C ILE A 8 -0.40 8.04 -1.74
N GLU A 9 -1.30 7.83 -0.83
CA GLU A 9 -1.12 8.28 0.52
C GLU A 9 -1.83 7.34 1.47
N VAL A 10 -1.26 7.08 2.62
CA VAL A 10 -1.90 6.23 3.59
C VAL A 10 -1.81 6.83 4.98
N ASP A 11 -2.66 6.34 5.85
CA ASP A 11 -2.65 6.63 7.26
C ASP A 11 -2.96 5.34 8.00
N LEU A 12 -1.93 4.80 8.62
CA LEU A 12 -1.91 3.44 9.17
C LEU A 12 -2.55 3.42 10.51
N GLU A 13 -2.31 4.53 11.16
CA GLU A 13 -2.84 4.86 12.46
C GLU A 13 -4.32 4.83 12.39
N ASN A 14 -4.76 5.44 11.31
CA ASN A 14 -6.16 5.66 11.02
C ASN A 14 -6.67 4.64 10.03
N GLN A 15 -5.77 3.70 9.75
CA GLN A 15 -5.93 2.63 8.77
C GLN A 15 -6.76 3.05 7.57
N HIS A 16 -6.27 4.04 6.85
CA HIS A 16 -6.95 4.53 5.68
C HIS A 16 -5.93 4.87 4.61
N MET A 17 -6.22 4.45 3.39
CA MET A 17 -5.35 4.69 2.29
C MET A 17 -6.02 5.63 1.28
N TRP A 18 -5.20 6.29 0.51
CA TRP A 18 -5.64 7.32 -0.42
C TRP A 18 -4.86 7.25 -1.71
N TYR A 19 -5.46 7.71 -2.76
CA TYR A 19 -4.73 8.27 -3.85
C TYR A 19 -4.99 9.72 -3.84
N TYR A 20 -4.06 10.44 -4.34
CA TYR A 20 -4.14 11.87 -4.38
C TYR A 20 -3.85 12.36 -5.77
N LYS A 21 -4.85 12.98 -6.33
CA LYS A 21 -4.67 13.73 -7.54
C LYS A 21 -4.99 15.16 -7.18
N ASP A 22 -4.19 16.07 -7.67
CA ASP A 22 -4.45 17.50 -7.54
C ASP A 22 -4.32 18.01 -6.12
N GLY A 23 -3.64 17.24 -5.29
CA GLY A 23 -3.56 17.55 -3.87
C GLY A 23 -4.79 17.21 -3.12
N LYS A 24 -5.66 16.55 -3.82
CA LYS A 24 -6.90 16.08 -3.29
C LYS A 24 -6.93 14.62 -3.63
N VAL A 25 -7.93 13.89 -3.23
CA VAL A 25 -7.86 12.47 -3.50
C VAL A 25 -8.74 11.98 -4.59
N ALA A 26 -8.28 10.85 -5.07
CA ALA A 26 -8.89 10.13 -6.12
C ALA A 26 -9.49 8.91 -5.52
N LEU A 27 -8.85 8.54 -4.43
CA LEU A 27 -9.16 7.35 -3.72
C LEU A 27 -9.23 7.60 -2.26
N GLU A 28 -10.12 6.88 -1.67
CA GLU A 28 -10.31 6.89 -0.27
C GLU A 28 -10.56 5.46 0.07
N THR A 29 -9.73 4.89 0.86
CA THR A 29 -9.98 3.55 1.19
C THR A 29 -9.46 3.21 2.55
N ASP A 30 -9.94 2.13 3.04
CA ASP A 30 -9.59 1.65 4.33
C ASP A 30 -8.61 0.50 4.19
N ILE A 31 -7.56 0.55 5.01
CA ILE A 31 -6.44 -0.38 4.86
C ILE A 31 -5.98 -0.94 6.16
N VAL A 32 -4.88 -1.64 6.05
CA VAL A 32 -4.17 -2.14 7.19
C VAL A 32 -2.70 -2.26 6.82
N SER A 33 -1.89 -1.55 7.57
CA SER A 33 -0.45 -1.53 7.38
C SER A 33 0.20 -2.77 7.99
N GLY A 34 1.51 -2.79 8.11
CA GLY A 34 2.15 -4.00 8.55
C GLY A 34 2.16 -4.13 10.05
N LYS A 35 2.55 -5.31 10.52
CA LYS A 35 2.26 -5.74 11.89
C LYS A 35 3.21 -5.11 12.92
N PRO A 36 2.87 -5.13 14.20
CA PRO A 36 3.66 -4.46 15.26
C PRO A 36 5.10 -4.91 15.26
N THR A 37 5.27 -6.18 15.00
CA THR A 37 6.58 -6.80 15.07
C THR A 37 7.50 -6.24 13.99
N THR A 38 6.88 -5.92 12.88
CA THR A 38 7.56 -5.39 11.72
C THR A 38 6.69 -4.32 11.06
N PRO A 39 6.65 -3.21 11.76
CA PRO A 39 5.81 -2.06 11.50
C PRO A 39 6.08 -1.40 10.18
N THR A 40 5.12 -0.63 9.73
CA THR A 40 5.32 0.19 8.60
C THR A 40 5.83 1.56 9.06
N PRO A 41 6.73 2.17 8.29
CA PRO A 41 7.49 3.36 8.67
C PRO A 41 6.66 4.62 8.62
N ALA A 42 5.91 4.73 7.55
CA ALA A 42 5.16 5.91 7.20
C ALA A 42 6.03 7.14 6.97
N GLY A 43 5.68 7.79 5.89
CA GLY A 43 6.36 8.95 5.40
C GLY A 43 6.14 9.08 3.94
N VAL A 44 7.21 8.98 3.17
CA VAL A 44 7.13 9.07 1.73
C VAL A 44 7.86 7.90 1.06
N PHE A 45 7.12 7.07 0.37
CA PHE A 45 7.68 5.99 -0.40
C PHE A 45 7.37 6.28 -1.89
N TYR A 46 7.67 5.37 -2.80
CA TYR A 46 7.55 5.73 -4.23
C TYR A 46 6.96 4.60 -5.08
N VAL A 47 5.86 4.91 -5.78
CA VAL A 47 5.37 4.01 -6.81
C VAL A 47 5.95 4.38 -8.14
N TRP A 48 7.05 3.75 -8.40
CA TRP A 48 7.75 3.94 -9.64
C TRP A 48 7.27 2.86 -10.60
N ASN A 49 6.21 2.19 -10.17
CA ASN A 49 5.52 1.21 -10.99
C ASN A 49 4.20 0.82 -10.33
N LYS A 50 3.14 0.96 -11.09
CA LYS A 50 1.82 0.45 -10.74
C LYS A 50 1.57 -0.85 -11.48
N GLU A 51 0.90 -1.79 -10.83
CA GLU A 51 0.81 -3.16 -11.32
C GLU A 51 -0.59 -3.67 -11.47
N GLU A 52 -0.70 -4.65 -12.35
CA GLU A 52 -1.88 -5.44 -12.57
C GLU A 52 -1.46 -6.87 -12.71
N ASP A 53 -2.07 -7.72 -11.92
CA ASP A 53 -1.72 -9.13 -11.86
C ASP A 53 -0.23 -9.25 -11.51
N ALA A 54 0.07 -8.60 -10.40
CA ALA A 54 1.38 -8.61 -9.78
C ALA A 54 1.44 -9.76 -8.80
N THR A 55 2.60 -10.11 -8.35
CA THR A 55 2.69 -11.07 -7.27
C THR A 55 3.63 -10.62 -6.19
N LEU A 56 3.07 -10.48 -5.01
CA LEU A 56 3.78 -10.03 -3.86
C LEU A 56 4.68 -11.09 -3.28
N LYS A 57 5.87 -11.12 -3.78
CA LYS A 57 6.86 -12.06 -3.34
C LYS A 57 7.92 -11.45 -2.48
N GLY A 58 8.81 -12.30 -2.03
CA GLY A 58 9.87 -11.85 -1.17
C GLY A 58 10.10 -12.81 -0.04
N THR A 59 10.74 -12.33 1.01
CA THR A 59 10.80 -13.09 2.23
C THR A 59 10.07 -12.36 3.34
N ASN A 60 9.35 -13.13 4.14
CA ASN A 60 8.81 -12.63 5.38
C ASN A 60 9.94 -12.10 6.23
N ASP A 61 9.62 -11.14 7.10
CA ASP A 61 10.57 -10.57 8.05
C ASP A 61 11.11 -11.63 9.00
N ASP A 62 10.65 -12.86 8.81
CA ASP A 62 11.04 -13.96 9.67
C ASP A 62 11.81 -14.99 8.87
N GLY A 63 11.99 -14.69 7.60
CA GLY A 63 12.86 -15.49 6.79
C GLY A 63 12.12 -16.52 6.00
N THR A 64 10.85 -16.32 5.88
CA THR A 64 9.98 -17.27 5.24
C THR A 64 9.44 -16.69 3.94
N PRO A 65 10.01 -17.08 2.80
CA PRO A 65 9.63 -16.56 1.50
C PRO A 65 8.18 -16.79 1.18
N TYR A 66 7.65 -15.89 0.38
CA TYR A 66 6.21 -15.85 0.17
C TYR A 66 5.83 -15.31 -1.18
N GLU A 67 4.55 -15.42 -1.46
CA GLU A 67 3.95 -14.84 -2.64
C GLU A 67 2.52 -14.41 -2.34
N SER A 68 2.10 -13.34 -2.96
CA SER A 68 0.73 -12.94 -2.91
C SER A 68 0.36 -12.33 -4.23
N PRO A 69 -0.24 -13.11 -5.11
CA PRO A 69 -0.57 -12.62 -6.42
C PRO A 69 -1.68 -11.61 -6.32
N VAL A 70 -1.26 -10.39 -6.56
CA VAL A 70 -2.05 -9.24 -6.32
C VAL A 70 -2.51 -8.69 -7.66
N ASN A 71 -3.63 -8.02 -7.66
CA ASN A 71 -4.21 -7.56 -8.90
C ASN A 71 -3.61 -6.23 -9.26
N TYR A 72 -3.03 -5.58 -8.25
CA TYR A 72 -2.54 -4.22 -8.37
C TYR A 72 -1.50 -3.97 -7.31
N TRP A 73 -0.34 -3.52 -7.75
CA TRP A 73 0.84 -3.48 -6.92
C TRP A 73 1.68 -2.28 -7.22
N MET A 74 2.12 -1.62 -6.19
CA MET A 74 3.06 -0.55 -6.33
C MET A 74 4.33 -0.95 -5.62
N PRO A 75 5.31 -1.54 -6.34
CA PRO A 75 6.56 -1.99 -5.74
C PRO A 75 7.44 -0.85 -5.27
N ILE A 76 6.98 -0.16 -4.24
CA ILE A 76 7.76 0.91 -3.65
C ILE A 76 8.99 0.30 -2.97
N ASP A 77 9.90 1.12 -2.46
CA ASP A 77 11.20 0.57 -2.08
C ASP A 77 11.85 1.33 -0.93
N TRP A 78 13.12 0.95 -0.65
CA TRP A 78 14.02 1.53 0.35
C TRP A 78 13.44 1.61 1.76
N THR A 79 12.21 1.16 1.92
CA THR A 79 11.53 1.19 3.21
C THR A 79 10.90 -0.16 3.53
N GLY A 80 10.86 -1.03 2.52
CA GLY A 80 10.34 -2.37 2.71
C GLY A 80 8.91 -2.45 2.27
N VAL A 81 8.19 -1.36 2.53
CA VAL A 81 6.75 -1.26 2.28
C VAL A 81 6.40 -1.48 0.81
N GLY A 82 5.11 -1.55 0.54
CA GLY A 82 4.60 -1.56 -0.80
C GLY A 82 3.11 -1.61 -0.80
N ILE A 83 2.49 -0.62 -1.38
CA ILE A 83 1.06 -0.54 -1.38
C ILE A 83 0.49 -1.43 -2.47
N HIS A 84 -0.63 -2.08 -2.17
CA HIS A 84 -1.20 -3.04 -3.09
C HIS A 84 -2.68 -3.25 -2.81
N ASP A 85 -3.39 -3.78 -3.80
CA ASP A 85 -4.76 -4.17 -3.62
C ASP A 85 -4.79 -5.56 -3.00
N SER A 86 -5.78 -5.85 -2.19
CA SER A 86 -5.80 -7.08 -1.43
C SER A 86 -7.15 -7.73 -1.53
N ASP A 87 -7.24 -8.66 -2.46
CA ASP A 87 -8.48 -9.34 -2.74
C ASP A 87 -8.70 -10.46 -1.75
N TRP A 88 -7.59 -10.86 -1.14
CA TRP A 88 -7.58 -11.98 -0.21
C TRP A 88 -7.98 -11.52 1.19
N GLN A 89 -7.84 -10.24 1.47
CA GLN A 89 -8.18 -9.71 2.78
C GLN A 89 -9.54 -9.06 2.72
N PRO A 90 -10.45 -9.65 3.47
CA PRO A 90 -11.85 -9.29 3.50
C PRO A 90 -12.16 -8.17 4.47
N GLU A 91 -11.20 -7.85 5.29
CA GLU A 91 -11.33 -6.73 6.19
C GLU A 91 -10.41 -5.58 5.85
N TYR A 92 -10.88 -4.42 6.27
CA TYR A 92 -10.15 -3.18 6.26
C TYR A 92 -10.89 -2.30 7.21
N GLY A 93 -10.17 -1.70 8.09
CA GLY A 93 -10.80 -0.85 9.06
C GLY A 93 -9.85 -0.49 10.15
N GLY A 94 -10.38 -0.12 11.30
CA GLY A 94 -9.58 -0.01 12.49
C GLY A 94 -8.67 -1.21 12.64
N ASP A 95 -7.84 -1.14 13.64
CA ASP A 95 -6.59 -1.85 13.64
C ASP A 95 -6.74 -3.32 13.30
N LEU A 96 -6.38 -3.59 12.04
CA LEU A 96 -6.20 -4.93 11.53
C LEU A 96 -4.74 -5.29 11.56
N TRP A 97 -3.91 -4.31 11.27
CA TRP A 97 -2.47 -4.53 11.06
C TRP A 97 -1.83 -5.25 12.22
N LYS A 98 -2.39 -5.06 13.40
CA LYS A 98 -1.84 -5.65 14.60
C LYS A 98 -2.41 -7.02 14.89
N THR A 99 -3.67 -7.18 14.58
CA THR A 99 -4.39 -8.40 14.87
C THR A 99 -4.30 -9.38 13.70
N ARG A 100 -4.42 -8.83 12.52
CA ARG A 100 -4.40 -9.59 11.29
C ARG A 100 -2.99 -9.59 10.71
N GLY A 101 -2.18 -8.65 11.20
CA GLY A 101 -0.74 -8.74 11.08
C GLY A 101 -0.23 -8.96 9.67
N SER A 102 -0.66 -8.18 8.70
CA SER A 102 -0.29 -8.48 7.33
C SER A 102 1.10 -7.95 7.01
N HIS A 103 2.03 -8.90 6.86
CA HIS A 103 3.43 -8.64 6.51
C HIS A 103 3.95 -7.31 7.07
N GLY A 104 4.22 -6.36 6.16
CA GLY A 104 4.83 -5.11 6.55
C GLY A 104 4.27 -3.90 5.83
N CYS A 105 3.53 -4.12 4.73
CA CYS A 105 3.02 -3.02 3.94
C CYS A 105 1.54 -2.79 4.16
N ILE A 106 0.96 -1.99 3.27
CA ILE A 106 -0.43 -1.58 3.37
C ILE A 106 -1.30 -2.48 2.52
N ASN A 107 -2.36 -2.99 3.11
CA ASN A 107 -3.28 -3.88 2.42
C ASN A 107 -4.53 -3.12 2.00
N THR A 108 -4.50 -2.62 0.78
CA THR A 108 -5.55 -1.83 0.21
C THR A 108 -6.59 -2.66 -0.51
N PRO A 109 -7.86 -2.25 -0.40
CA PRO A 109 -8.99 -2.87 -1.10
C PRO A 109 -8.74 -3.04 -2.58
N PRO A 110 -9.30 -4.11 -3.14
CA PRO A 110 -9.10 -4.48 -4.52
C PRO A 110 -9.73 -3.47 -5.47
N SER A 111 -10.73 -2.78 -4.97
CA SER A 111 -11.52 -1.85 -5.75
C SER A 111 -10.78 -0.53 -5.97
N VAL A 112 -9.89 -0.22 -5.06
CA VAL A 112 -9.28 1.09 -5.03
C VAL A 112 -7.92 1.11 -5.65
N MET A 113 -7.07 0.20 -5.27
CA MET A 113 -5.73 0.19 -5.81
C MET A 113 -5.77 -0.14 -7.30
N LYS A 114 -6.95 -0.40 -7.82
CA LYS A 114 -7.09 -0.58 -9.24
C LYS A 114 -7.16 0.79 -9.89
N GLU A 115 -7.86 1.65 -9.17
CA GLU A 115 -8.15 2.99 -9.57
C GLU A 115 -6.84 3.68 -9.65
N LEU A 116 -6.13 3.42 -8.60
CA LEU A 116 -4.79 3.78 -8.40
C LEU A 116 -3.93 3.49 -9.57
N PHE A 117 -3.75 2.22 -9.85
CA PHE A 117 -2.99 1.81 -11.03
C PHE A 117 -3.42 2.65 -12.23
N GLY A 118 -4.65 3.15 -12.14
CA GLY A 118 -5.24 3.90 -13.23
C GLY A 118 -4.89 5.36 -13.15
N MET A 119 -4.70 5.88 -11.94
CA MET A 119 -4.33 7.27 -11.78
C MET A 119 -2.85 7.46 -11.57
N VAL A 120 -2.27 6.64 -10.74
CA VAL A 120 -0.85 6.76 -10.51
C VAL A 120 -0.07 6.26 -11.68
N GLU A 121 1.03 6.91 -11.86
CA GLU A 121 1.91 6.61 -12.92
C GLU A 121 3.22 6.15 -12.34
N LYS A 122 3.95 5.41 -13.13
CA LYS A 122 5.32 5.09 -12.80
C LYS A 122 6.09 6.35 -12.58
N GLY A 123 6.29 6.64 -11.32
CA GLY A 123 6.97 7.84 -10.92
C GLY A 123 6.20 8.60 -9.87
N THR A 124 4.94 8.20 -9.68
CA THR A 124 4.11 8.72 -8.62
C THR A 124 4.71 8.30 -7.29
N PRO A 125 4.53 9.10 -6.23
CA PRO A 125 5.00 8.75 -4.93
C PRO A 125 3.90 8.06 -4.16
N VAL A 126 4.27 7.35 -3.14
CA VAL A 126 3.28 6.81 -2.24
C VAL A 126 3.63 7.28 -0.87
N LEU A 127 2.65 7.44 -0.07
CA LEU A 127 2.88 7.79 1.29
C LEU A 127 2.04 6.94 2.14
N VAL A 128 2.51 6.68 3.31
CA VAL A 128 1.71 6.12 4.37
C VAL A 128 2.09 6.87 5.61
N PHE A 129 1.12 7.18 6.46
CA PHE A 129 1.34 7.96 7.68
C PHE A 129 0.04 8.25 8.40
C 1RG B . 12.76 -8.88 3.94
N 1RG B . 11.23 -8.93 2.02
O 1RG B . 11.91 -9.46 4.63
CA 1RG B . 12.34 -8.18 2.64
CB 1RG B . 11.75 -6.80 2.97
CD 1RG B . 10.05 -8.42 2.69
CG 1RG B . 10.27 -6.94 2.63
CAA 1RG B . 3.64 -5.95 2.13
CAB 1RG B . 4.71 -6.19 1.01
OAC 1RG B . 3.65 -6.60 3.16
CAD 1RG B . 6.02 -6.78 1.65
CAE 1RG B . 4.17 -7.02 -0.14
CAF 1RG B . 5.22 -7.22 -1.23
OAG 1RG B . 3.74 -8.31 0.34
CAH 1RG B . 6.95 -5.74 2.27
CAI 1RG B . 7.64 -6.51 3.19
NAJ 1RG B . 5.78 -7.68 2.79
SAK 1RG B . 9.24 -6.09 3.80
CAL 1RG B . 6.95 -7.63 3.45
CAM 1RG B . 7.37 -8.56 4.33
CAS 1RG B . 6.22 -4.62 2.99
OAT 1RG B . 6.68 -9.59 4.51
OAU 1RG B . 8.43 -8.42 4.96
NAX 1RG B . 14.08 -8.76 4.23
CAY 1RG B . 14.60 -9.37 5.33
CAZ 1RG B . 15.96 -9.22 5.58
CBA 1RG B . 16.55 -9.83 6.69
CBB 1RG B . 15.77 -10.60 7.56
CBC 1RG B . 14.41 -10.75 7.32
CBD 1RG B . 13.83 -10.15 6.21
CBE 1RG B . 17.91 -9.68 6.95
OBF 1RG B . 18.45 -10.23 7.93
OBG 1RG B . 18.62 -8.98 6.20
HN 1RG B . 11.31 -9.91 2.16
HA 1RG B . 13.19 -8.10 1.96
HB 1RG B . 11.88 -6.59 4.02
HBA 1RG B . 12.21 -6.04 2.34
HD 1RG B . 9.15 -8.71 2.15
HDA 1RG B . 10.02 -8.76 3.73
HG 1RG B . 10.09 -6.53 1.62
HAB 1RG B . 4.90 -5.32 0.48
HAD 1RG B . 6.57 -7.33 0.88
HAE 1RG B . 3.32 -6.52 -0.58
HAF 1RG B . 5.59 -6.27 -1.54
HAFA 1RG B . 4.77 -7.73 -2.07
HAFB 1RG B . 6.03 -7.81 -0.84
HOAG 1RG B . 4.49 -8.76 0.74
HAH 1RG B . 7.61 -5.36 1.51
HNAJ 1RG B . 5.66 -8.61 2.43
HAS 1RG B . 6.10 -3.79 2.29
HASA 1RG B . 6.80 -4.30 3.84
HASB 1RG B . 5.25 -4.96 3.31
HNAX 1RG B . 14.68 -8.25 3.62
HAZ 1RG B . 16.57 -8.63 4.93
HBB 1RG B . 16.21 -11.07 8.43
HBC 1RG B . 13.80 -11.34 7.98
HBD 1RG B . 12.78 -10.27 6.03
HAT2 1RG B . 11.19 -8.73 1.03
N GLY A 1 9.66 17.35 -0.03
CA GLY A 1 8.32 17.06 -0.59
C GLY A 1 8.37 16.00 -1.67
N HIS A 2 7.25 15.81 -2.35
CA HIS A 2 7.18 14.83 -3.43
C HIS A 2 6.38 15.35 -4.61
N MET A 3 7.10 15.77 -5.64
CA MET A 3 6.50 16.03 -6.94
C MET A 3 5.45 17.14 -6.89
N GLU A 4 4.61 17.19 -7.92
CA GLU A 4 3.37 17.94 -7.88
C GLU A 4 2.44 17.19 -6.92
N ASP A 5 1.29 17.78 -6.62
CA ASP A 5 0.40 17.12 -5.68
C ASP A 5 -0.38 16.04 -6.39
N THR A 6 0.25 14.89 -6.48
CA THR A 6 -0.38 13.66 -6.88
C THR A 6 0.44 12.51 -6.35
N TYR A 7 -0.22 11.56 -5.74
CA TYR A 7 0.47 10.47 -5.07
C TYR A 7 -0.49 9.57 -4.35
N ILE A 8 -0.07 8.37 -4.09
CA ILE A 8 -0.77 7.55 -3.14
C ILE A 8 -0.43 7.98 -1.76
N GLU A 9 -1.33 7.72 -0.86
CA GLU A 9 -1.17 8.10 0.51
C GLU A 9 -1.88 7.07 1.37
N VAL A 10 -1.35 6.82 2.53
CA VAL A 10 -1.95 5.98 3.51
C VAL A 10 -1.77 6.57 4.89
N ASP A 11 -2.66 6.22 5.77
CA ASP A 11 -2.60 6.63 7.13
C ASP A 11 -2.93 5.40 7.96
N LEU A 12 -1.90 4.86 8.55
CA LEU A 12 -1.90 3.53 9.16
C LEU A 12 -2.55 3.59 10.49
N GLU A 13 -2.26 4.71 11.10
CA GLU A 13 -2.78 5.10 12.39
C GLU A 13 -4.27 5.05 12.32
N ASN A 14 -4.70 5.61 11.21
CA ASN A 14 -6.11 5.83 10.93
C ASN A 14 -6.63 4.77 9.98
N GLN A 15 -5.73 3.81 9.74
CA GLN A 15 -5.90 2.72 8.79
C GLN A 15 -6.72 3.11 7.58
N HIS A 16 -6.22 4.06 6.84
CA HIS A 16 -6.92 4.55 5.67
C HIS A 16 -5.92 4.86 4.57
N MET A 17 -6.24 4.44 3.37
CA MET A 17 -5.39 4.66 2.25
C MET A 17 -6.05 5.61 1.27
N TRP A 18 -5.26 6.25 0.45
CA TRP A 18 -5.71 7.24 -0.50
C TRP A 18 -4.93 7.15 -1.78
N TYR A 19 -5.50 7.68 -2.81
CA TYR A 19 -4.74 8.25 -3.89
C TYR A 19 -4.97 9.71 -3.86
N TYR A 20 -4.04 10.41 -4.34
CA TYR A 20 -4.10 11.85 -4.36
C TYR A 20 -3.86 12.36 -5.75
N LYS A 21 -4.84 13.04 -6.26
CA LYS A 21 -4.69 13.81 -7.45
C LYS A 21 -5.02 15.22 -7.08
N ASP A 22 -4.21 16.15 -7.53
CA ASP A 22 -4.49 17.59 -7.39
C ASP A 22 -4.31 18.08 -5.97
N GLY A 23 -3.63 17.30 -5.16
CA GLY A 23 -3.53 17.58 -3.73
C GLY A 23 -4.75 17.20 -2.98
N LYS A 24 -5.63 16.56 -3.68
CA LYS A 24 -6.85 16.07 -3.13
C LYS A 24 -6.89 14.61 -3.52
N VAL A 25 -7.88 13.87 -3.10
CA VAL A 25 -7.81 12.47 -3.41
C VAL A 25 -8.70 11.98 -4.49
N ALA A 26 -8.25 10.88 -5.01
CA ALA A 26 -8.88 10.19 -6.07
C ALA A 26 -9.49 8.97 -5.50
N LEU A 27 -8.84 8.57 -4.43
CA LEU A 27 -9.15 7.38 -3.72
C LEU A 27 -9.19 7.63 -2.26
N GLU A 28 -10.09 6.92 -1.67
CA GLU A 28 -10.24 6.92 -0.26
C GLU A 28 -10.56 5.52 0.08
N THR A 29 -9.74 4.90 0.85
CA THR A 29 -10.02 3.56 1.19
C THR A 29 -9.50 3.22 2.54
N ASP A 30 -9.98 2.14 3.03
CA ASP A 30 -9.65 1.63 4.30
C ASP A 30 -8.66 0.49 4.17
N ILE A 31 -7.60 0.54 4.97
CA ILE A 31 -6.49 -0.39 4.83
C ILE A 31 -6.04 -0.93 6.14
N VAL A 32 -4.96 -1.66 6.04
CA VAL A 32 -4.25 -2.17 7.18
C VAL A 32 -2.80 -2.32 6.80
N SER A 33 -1.96 -1.63 7.54
CA SER A 33 -0.53 -1.64 7.34
C SER A 33 0.07 -2.90 7.95
N GLY A 34 1.38 -2.98 8.06
CA GLY A 34 1.96 -4.23 8.50
C GLY A 34 2.00 -4.37 10.01
N LYS A 35 2.33 -5.57 10.46
CA LYS A 35 2.14 -5.95 11.86
C LYS A 35 3.16 -5.26 12.78
N PRO A 36 2.79 -5.12 14.07
CA PRO A 36 3.54 -4.38 15.11
C PRO A 36 4.96 -4.84 15.25
N THR A 37 5.14 -6.09 14.94
CA THR A 37 6.42 -6.74 15.10
C THR A 37 7.38 -6.24 14.02
N THR A 38 6.79 -5.93 12.88
CA THR A 38 7.50 -5.40 11.74
C THR A 38 6.67 -4.33 11.04
N PRO A 39 6.57 -3.23 11.76
CA PRO A 39 5.74 -2.08 11.47
C PRO A 39 6.04 -1.44 10.14
N THR A 40 5.06 -0.73 9.63
CA THR A 40 5.27 0.02 8.44
C THR A 40 5.87 1.37 8.83
N PRO A 41 6.72 1.92 7.96
CA PRO A 41 7.61 3.05 8.28
C PRO A 41 6.88 4.37 8.29
N ALA A 42 6.02 4.52 7.31
CA ALA A 42 5.30 5.76 7.03
C ALA A 42 6.18 6.97 6.85
N GLY A 43 5.79 7.73 5.87
CA GLY A 43 6.45 8.93 5.46
C GLY A 43 6.22 9.16 4.00
N VAL A 44 7.26 9.00 3.21
CA VAL A 44 7.15 9.08 1.77
C VAL A 44 7.84 7.87 1.14
N PHE A 45 7.10 7.14 0.32
CA PHE A 45 7.65 6.06 -0.45
C PHE A 45 7.33 6.35 -1.93
N TYR A 46 7.63 5.46 -2.84
CA TYR A 46 7.51 5.81 -4.25
C TYR A 46 6.94 4.67 -5.10
N VAL A 47 5.84 4.95 -5.80
CA VAL A 47 5.34 4.03 -6.81
C VAL A 47 5.95 4.39 -8.13
N TRP A 48 7.05 3.76 -8.37
CA TRP A 48 7.76 3.93 -9.59
C TRP A 48 7.33 2.83 -10.54
N ASN A 49 6.25 2.15 -10.12
CA ASN A 49 5.57 1.16 -10.93
C ASN A 49 4.23 0.80 -10.30
N LYS A 50 3.17 0.94 -11.08
CA LYS A 50 1.83 0.45 -10.73
C LYS A 50 1.57 -0.84 -11.48
N GLU A 51 0.88 -1.76 -10.83
CA GLU A 51 0.77 -3.13 -11.32
C GLU A 51 -0.63 -3.67 -11.47
N GLU A 52 -0.72 -4.69 -12.31
CA GLU A 52 -1.92 -5.46 -12.55
C GLU A 52 -1.55 -6.92 -12.64
N ASP A 53 -2.22 -7.73 -11.84
CA ASP A 53 -1.91 -9.13 -11.68
C ASP A 53 -0.42 -9.29 -11.37
N ALA A 54 -0.04 -8.54 -10.35
CA ALA A 54 1.28 -8.55 -9.80
C ALA A 54 1.40 -9.69 -8.82
N THR A 55 2.59 -10.01 -8.41
CA THR A 55 2.74 -10.95 -7.31
C THR A 55 3.73 -10.43 -6.30
N LEU A 56 3.22 -10.28 -5.11
CA LEU A 56 4.02 -9.80 -3.99
C LEU A 56 4.89 -10.88 -3.43
N LYS A 57 6.03 -10.97 -4.02
CA LYS A 57 7.04 -11.93 -3.65
C LYS A 57 8.19 -11.32 -2.91
N GLY A 58 9.11 -12.18 -2.57
CA GLY A 58 10.28 -11.75 -1.87
C GLY A 58 10.64 -12.72 -0.80
N THR A 59 11.45 -12.28 0.13
CA THR A 59 11.65 -13.05 1.32
C THR A 59 11.18 -12.27 2.52
N ASN A 60 10.53 -12.97 3.43
CA ASN A 60 10.31 -12.45 4.74
C ASN A 60 11.67 -12.09 5.29
N ASP A 61 11.74 -11.03 6.07
CA ASP A 61 13.01 -10.60 6.67
C ASP A 61 13.60 -11.68 7.56
N ASP A 62 12.86 -12.77 7.68
CA ASP A 62 13.26 -13.86 8.53
C ASP A 62 13.72 -15.02 7.68
N GLY A 63 13.70 -14.80 6.38
CA GLY A 63 14.33 -15.70 5.46
C GLY A 63 13.38 -16.70 4.88
N THR A 64 12.12 -16.36 4.95
CA THR A 64 11.08 -17.24 4.52
C THR A 64 10.39 -16.64 3.29
N PRO A 65 10.78 -17.09 2.09
CA PRO A 65 10.25 -16.57 0.84
C PRO A 65 8.77 -16.75 0.72
N TYR A 66 8.17 -15.84 0.00
CA TYR A 66 6.73 -15.77 -0.04
C TYR A 66 6.22 -15.20 -1.33
N GLU A 67 4.92 -15.29 -1.49
CA GLU A 67 4.23 -14.72 -2.63
C GLU A 67 2.83 -14.28 -2.25
N SER A 68 2.39 -13.21 -2.87
CA SER A 68 1.01 -12.80 -2.76
C SER A 68 0.59 -12.20 -4.07
N PRO A 69 -0.06 -13.00 -4.91
CA PRO A 69 -0.49 -12.56 -6.20
C PRO A 69 -1.59 -11.54 -6.08
N VAL A 70 -1.21 -10.36 -6.45
CA VAL A 70 -1.97 -9.19 -6.19
C VAL A 70 -2.47 -8.65 -7.52
N ASN A 71 -3.60 -7.99 -7.50
CA ASN A 71 -4.22 -7.56 -8.74
C ASN A 71 -3.62 -6.24 -9.16
N TYR A 72 -3.02 -5.58 -8.19
CA TYR A 72 -2.54 -4.21 -8.35
C TYR A 72 -1.49 -3.94 -7.30
N TRP A 73 -0.35 -3.49 -7.74
CA TRP A 73 0.84 -3.44 -6.92
C TRP A 73 1.67 -2.23 -7.21
N MET A 74 2.14 -1.60 -6.18
CA MET A 74 3.06 -0.50 -6.31
C MET A 74 4.34 -0.89 -5.59
N PRO A 75 5.30 -1.51 -6.30
CA PRO A 75 6.56 -1.91 -5.71
C PRO A 75 7.39 -0.71 -5.30
N ILE A 76 7.10 -0.19 -4.12
CA ILE A 76 7.80 0.95 -3.62
C ILE A 76 9.11 0.50 -2.98
N ASP A 77 9.85 1.44 -2.45
CA ASP A 77 11.22 1.19 -2.07
C ASP A 77 11.56 2.06 -0.87
N TRP A 78 12.86 2.18 -0.55
CA TRP A 78 13.33 3.00 0.59
C TRP A 78 13.31 2.21 1.88
N THR A 79 12.15 1.73 2.25
CA THR A 79 11.93 1.28 3.60
C THR A 79 11.46 -0.17 3.71
N GLY A 80 10.75 -0.67 2.70
CA GLY A 80 10.37 -2.07 2.68
C GLY A 80 8.93 -2.26 2.35
N VAL A 81 8.14 -1.30 2.79
CA VAL A 81 6.71 -1.24 2.53
C VAL A 81 6.37 -1.34 1.03
N GLY A 82 5.09 -1.50 0.72
CA GLY A 82 4.62 -1.45 -0.64
C GLY A 82 3.12 -1.51 -0.67
N ILE A 83 2.53 -0.54 -1.28
CA ILE A 83 1.09 -0.47 -1.32
C ILE A 83 0.54 -1.37 -2.43
N HIS A 84 -0.59 -2.00 -2.15
CA HIS A 84 -1.17 -2.96 -3.07
C HIS A 84 -2.63 -3.17 -2.79
N ASP A 85 -3.33 -3.74 -3.76
CA ASP A 85 -4.70 -4.14 -3.56
C ASP A 85 -4.68 -5.55 -2.99
N SER A 86 -5.65 -5.88 -2.18
CA SER A 86 -5.61 -7.13 -1.43
C SER A 86 -6.93 -7.84 -1.54
N ASP A 87 -6.97 -8.77 -2.48
CA ASP A 87 -8.18 -9.49 -2.77
C ASP A 87 -8.36 -10.61 -1.77
N TRP A 88 -7.27 -10.90 -1.07
CA TRP A 88 -7.22 -11.99 -0.12
C TRP A 88 -7.65 -11.54 1.27
N GLN A 89 -7.58 -10.24 1.52
CA GLN A 89 -7.94 -9.72 2.82
C GLN A 89 -9.32 -9.12 2.78
N PRO A 90 -10.20 -9.74 3.56
CA PRO A 90 -11.62 -9.44 3.59
C PRO A 90 -11.98 -8.32 4.54
N GLU A 91 -11.04 -7.94 5.38
CA GLU A 91 -11.24 -6.81 6.23
C GLU A 91 -10.36 -5.63 5.85
N TYR A 92 -10.92 -4.48 6.17
CA TYR A 92 -10.22 -3.21 6.16
C TYR A 92 -11.00 -2.33 7.09
N GLY A 93 -10.29 -1.68 7.94
CA GLY A 93 -10.92 -0.82 8.90
C GLY A 93 -9.94 -0.41 9.94
N GLY A 94 -10.45 0.02 11.09
CA GLY A 94 -9.60 0.20 12.24
C GLY A 94 -8.69 -0.97 12.45
N ASP A 95 -7.83 -0.82 13.41
CA ASP A 95 -6.58 -1.55 13.45
C ASP A 95 -6.75 -3.04 13.26
N LEU A 96 -6.45 -3.43 12.03
CA LEU A 96 -6.34 -4.80 11.61
C LEU A 96 -4.88 -5.20 11.60
N TRP A 97 -4.04 -4.25 11.22
CA TRP A 97 -2.61 -4.49 11.00
C TRP A 97 -1.96 -5.16 12.18
N LYS A 98 -2.52 -4.93 13.35
CA LYS A 98 -1.97 -5.48 14.56
C LYS A 98 -2.56 -6.83 14.90
N THR A 99 -3.83 -6.99 14.60
CA THR A 99 -4.54 -8.20 14.92
C THR A 99 -4.41 -9.23 13.81
N ARG A 100 -4.42 -8.74 12.59
CA ARG A 100 -4.34 -9.55 11.40
C ARG A 100 -2.93 -9.56 10.86
N GLY A 101 -2.15 -8.56 11.27
CA GLY A 101 -0.71 -8.61 11.15
C GLY A 101 -0.18 -8.94 9.76
N SER A 102 -0.62 -8.28 8.71
CA SER A 102 -0.18 -8.70 7.39
C SER A 102 1.19 -8.10 7.06
N HIS A 103 2.19 -8.98 7.01
CA HIS A 103 3.56 -8.63 6.64
C HIS A 103 4.01 -7.27 7.19
N GLY A 104 4.24 -6.33 6.28
CA GLY A 104 4.80 -5.05 6.66
C GLY A 104 4.24 -3.88 5.87
N CYS A 105 3.55 -4.15 4.74
CA CYS A 105 3.04 -3.08 3.92
C CYS A 105 1.54 -2.85 4.14
N ILE A 106 0.96 -2.07 3.22
CA ILE A 106 -0.43 -1.65 3.34
C ILE A 106 -1.33 -2.51 2.48
N ASN A 107 -2.37 -3.03 3.09
CA ASN A 107 -3.30 -3.91 2.40
C ASN A 107 -4.55 -3.14 1.98
N THR A 108 -4.50 -2.63 0.77
CA THR A 108 -5.57 -1.85 0.21
C THR A 108 -6.60 -2.70 -0.51
N PRO A 109 -7.88 -2.31 -0.40
CA PRO A 109 -8.99 -2.94 -1.10
C PRO A 109 -8.74 -3.11 -2.58
N PRO A 110 -9.20 -4.23 -3.11
CA PRO A 110 -8.97 -4.58 -4.50
C PRO A 110 -9.63 -3.59 -5.46
N SER A 111 -10.65 -2.93 -4.97
CA SER A 111 -11.46 -2.02 -5.76
C SER A 111 -10.78 -0.68 -5.97
N VAL A 112 -9.91 -0.33 -5.05
CA VAL A 112 -9.34 1.01 -5.04
C VAL A 112 -7.97 1.05 -5.65
N MET A 113 -7.10 0.18 -5.26
CA MET A 113 -5.76 0.20 -5.78
C MET A 113 -5.77 -0.13 -7.25
N LYS A 114 -6.94 -0.41 -7.79
CA LYS A 114 -7.06 -0.59 -9.21
C LYS A 114 -7.14 0.77 -9.86
N GLU A 115 -7.87 1.63 -9.16
CA GLU A 115 -8.17 2.96 -9.54
C GLU A 115 -6.88 3.68 -9.63
N LEU A 116 -6.16 3.41 -8.58
CA LEU A 116 -4.82 3.78 -8.39
C LEU A 116 -3.97 3.51 -9.57
N PHE A 117 -3.79 2.24 -9.85
CA PHE A 117 -3.02 1.83 -11.04
C PHE A 117 -3.46 2.68 -12.25
N GLY A 118 -4.69 3.18 -12.16
CA GLY A 118 -5.28 3.92 -13.24
C GLY A 118 -4.95 5.39 -13.16
N MET A 119 -4.71 5.89 -11.96
CA MET A 119 -4.32 7.28 -11.78
C MET A 119 -2.85 7.46 -11.58
N VAL A 120 -2.27 6.63 -10.76
CA VAL A 120 -0.86 6.74 -10.52
C VAL A 120 -0.07 6.24 -11.69
N GLU A 121 1.04 6.88 -11.85
CA GLU A 121 1.93 6.59 -12.90
C GLU A 121 3.23 6.12 -12.32
N LYS A 122 3.97 5.37 -13.09
CA LYS A 122 5.31 5.01 -12.72
C LYS A 122 6.12 6.26 -12.54
N GLY A 123 6.28 6.61 -11.30
CA GLY A 123 6.95 7.83 -10.94
C GLY A 123 6.17 8.60 -9.90
N THR A 124 4.91 8.21 -9.71
CA THR A 124 4.09 8.74 -8.65
C THR A 124 4.69 8.33 -7.32
N PRO A 125 4.51 9.11 -6.27
CA PRO A 125 4.98 8.76 -4.97
C PRO A 125 3.89 8.07 -4.20
N VAL A 126 4.25 7.38 -3.17
CA VAL A 126 3.26 6.83 -2.29
C VAL A 126 3.58 7.31 -0.90
N LEU A 127 2.59 7.41 -0.10
CA LEU A 127 2.79 7.77 1.25
C LEU A 127 1.99 6.86 2.09
N VAL A 128 2.49 6.63 3.25
CA VAL A 128 1.73 6.08 4.32
C VAL A 128 2.20 6.84 5.53
N PHE A 129 1.30 7.23 6.41
CA PHE A 129 1.64 8.02 7.59
C PHE A 129 0.40 8.40 8.38
C 1RG B . 10.52 -6.90 7.36
N 1RG B . 11.44 -5.89 5.29
O 1RG B . 9.96 -7.79 6.73
CA 1RG B . 10.96 -5.60 6.65
CB 1RG B . 9.77 -4.70 6.38
CD 1RG B . 10.22 -6.22 4.56
CG 1RG B . 9.19 -5.19 5.05
CAA 1RG B . 3.83 -6.05 2.15
CAB 1RG B . 4.91 -6.16 1.01
OAC 1RG B . 3.92 -6.71 3.17
CAD 1RG B . 6.24 -6.75 1.64
CAE 1RG B . 4.43 -6.95 -0.18
CAF 1RG B . 5.52 -7.12 -1.22
OAG 1RG B . 3.98 -8.25 0.24
CAH 1RG B . 7.04 -5.79 2.54
CAI 1RG B . 7.29 -6.57 3.66
NAJ 1RG B . 6.00 -7.91 2.51
SAK 1RG B . 7.64 -6.00 5.28
CAL 1RG B . 7.03 -7.83 3.35
CAM 1RG B . 7.75 -8.84 3.82
CAS 1RG B . 6.30 -4.52 2.95
OAT 1RG B . 7.47 -10.01 3.54
OAU 1RG B . 8.72 -8.62 4.57
NAX 1RG B . 10.78 -6.91 8.71
CAY 1RG B . 10.46 -8.00 9.45
CAZ 1RG B . 10.77 -7.98 10.81
CBA 1RG B . 10.46 -9.08 11.62
CBB 1RG B . 9.83 -10.19 11.07
CBC 1RG B . 9.52 -10.22 9.72
CBD 1RG B . 9.83 -9.14 8.92
CBE 1RG B . 10.77 -9.06 12.97
OBF 1RG B . 10.50 -10.03 13.71
OBG 1RG B . 11.31 -8.07 13.49
HN 1RG B . 12.06 -6.67 5.29
HA 1RG B . 11.72 -5.08 7.24
HB 1RG B . 9.04 -4.81 7.18
HBA 1RG B . 10.09 -3.65 6.29
HD 1RG B . 10.38 -6.12 3.50
HDA 1RG B . 9.88 -7.23 4.81
HG 1RG B . 9.08 -4.34 4.37
HAB 1RG B . 5.08 -5.26 0.55
HAD 1RG B . 6.90 -7.07 0.82
HAE 1RG B . 3.60 -6.42 -0.63
HAF 1RG B . 6.33 -7.70 -0.82
HAFA 1RG B . 5.90 -6.14 -1.51
HAFB 1RG B . 5.12 -7.61 -2.10
HOAG 1RG B . 4.71 -8.71 0.65
HAH 1RG B . 7.97 -5.51 2.03
HNAJ 1RG B . 6.10 -8.75 1.97
HAS 1RG B . 6.17 -3.88 2.09
HASA 1RG B . 6.86 -4.00 3.71
HASB 1RG B . 5.33 -4.80 3.35
HNAX 1RG B . 11.24 -6.13 9.13
HAZ 1RG B . 11.25 -7.12 11.24
HBB 1RG B . 9.59 -11.05 11.69
HBC 1RG B . 9.03 -11.08 9.30
HBD 1RG B . 9.58 -9.16 7.87
HAT2 1RG B . 11.88 -5.07 4.90
N GLY A 1 9.43 17.93 -0.29
CA GLY A 1 8.13 17.28 -0.60
C GLY A 1 8.27 16.20 -1.65
N HIS A 2 7.18 15.93 -2.38
CA HIS A 2 7.19 14.92 -3.42
C HIS A 2 6.40 15.38 -4.63
N MET A 3 7.13 15.80 -5.67
CA MET A 3 6.55 16.01 -6.98
C MET A 3 5.46 17.08 -6.98
N GLU A 4 4.72 17.16 -8.08
CA GLU A 4 3.44 17.84 -8.11
C GLU A 4 2.48 17.16 -7.16
N ASP A 5 1.31 17.77 -6.97
CA ASP A 5 0.36 17.20 -6.04
C ASP A 5 -0.36 16.03 -6.68
N THR A 6 0.30 14.89 -6.63
CA THR A 6 -0.29 13.63 -6.97
C THR A 6 0.52 12.52 -6.33
N TYR A 7 -0.17 11.54 -5.75
CA TYR A 7 0.51 10.46 -5.07
C TYR A 7 -0.46 9.56 -4.36
N ILE A 8 -0.05 8.34 -4.09
CA ILE A 8 -0.76 7.53 -3.15
C ILE A 8 -0.42 7.96 -1.77
N GLU A 9 -1.32 7.72 -0.87
CA GLU A 9 -1.17 8.10 0.50
C GLU A 9 -1.88 7.06 1.36
N VAL A 10 -1.34 6.80 2.52
CA VAL A 10 -1.94 5.96 3.49
C VAL A 10 -1.78 6.54 4.87
N ASP A 11 -2.66 6.16 5.74
CA ASP A 11 -2.58 6.55 7.12
C ASP A 11 -2.92 5.32 7.93
N LEU A 12 -1.89 4.78 8.54
CA LEU A 12 -1.88 3.45 9.15
C LEU A 12 -2.51 3.51 10.51
N GLU A 13 -2.23 4.64 11.09
CA GLU A 13 -2.71 5.05 12.38
C GLU A 13 -4.21 5.05 12.33
N ASN A 14 -4.64 5.62 11.22
CA ASN A 14 -6.04 5.84 10.96
C ASN A 14 -6.59 4.81 10.00
N GLN A 15 -5.71 3.82 9.76
CA GLN A 15 -5.90 2.73 8.80
C GLN A 15 -6.74 3.13 7.60
N HIS A 16 -6.25 4.07 6.85
CA HIS A 16 -6.95 4.53 5.67
C HIS A 16 -5.95 4.84 4.57
N MET A 17 -6.26 4.43 3.38
CA MET A 17 -5.40 4.65 2.26
C MET A 17 -6.07 5.59 1.27
N TRP A 18 -5.26 6.24 0.48
CA TRP A 18 -5.71 7.24 -0.48
C TRP A 18 -4.92 7.16 -1.76
N TYR A 19 -5.49 7.68 -2.80
CA TYR A 19 -4.73 8.23 -3.87
C TYR A 19 -4.95 9.69 -3.85
N TYR A 20 -4.02 10.40 -4.35
CA TYR A 20 -4.08 11.83 -4.35
C TYR A 20 -3.84 12.35 -5.74
N LYS A 21 -4.83 13.00 -6.26
CA LYS A 21 -4.69 13.77 -7.47
C LYS A 21 -5.03 15.19 -7.09
N ASP A 22 -4.29 16.13 -7.63
CA ASP A 22 -4.58 17.55 -7.47
C ASP A 22 -4.37 18.04 -6.05
N GLY A 23 -3.66 17.24 -5.27
CA GLY A 23 -3.49 17.53 -3.86
C GLY A 23 -4.67 17.17 -3.04
N LYS A 24 -5.58 16.53 -3.70
CA LYS A 24 -6.79 16.06 -3.11
C LYS A 24 -6.84 14.59 -3.49
N VAL A 25 -7.83 13.86 -3.08
CA VAL A 25 -7.78 12.45 -3.40
C VAL A 25 -8.68 12.00 -4.48
N ALA A 26 -8.24 10.87 -4.99
CA ALA A 26 -8.88 10.19 -6.07
C ALA A 26 -9.50 8.97 -5.48
N LEU A 27 -8.85 8.56 -4.42
CA LEU A 27 -9.17 7.36 -3.73
C LEU A 27 -9.23 7.59 -2.27
N GLU A 28 -10.14 6.88 -1.69
CA GLU A 28 -10.32 6.87 -0.30
C GLU A 28 -10.57 5.46 0.03
N THR A 29 -9.75 4.87 0.82
CA THR A 29 -10.01 3.54 1.16
C THR A 29 -9.50 3.19 2.52
N ASP A 30 -9.97 2.11 3.02
CA ASP A 30 -9.63 1.63 4.30
C ASP A 30 -8.64 0.49 4.18
N ILE A 31 -7.59 0.53 5.00
CA ILE A 31 -6.47 -0.40 4.86
C ILE A 31 -6.00 -0.93 6.18
N VAL A 32 -4.91 -1.63 6.08
CA VAL A 32 -4.19 -2.13 7.22
C VAL A 32 -2.73 -2.30 6.83
N SER A 33 -1.89 -1.61 7.58
CA SER A 33 -0.45 -1.65 7.38
C SER A 33 0.15 -2.90 8.01
N GLY A 34 1.46 -2.99 8.13
CA GLY A 34 2.04 -4.23 8.61
C GLY A 34 2.07 -4.31 10.12
N LYS A 35 2.41 -5.49 10.62
CA LYS A 35 2.22 -5.83 12.03
C LYS A 35 3.26 -5.15 12.92
N PRO A 36 2.92 -5.00 14.22
CA PRO A 36 3.68 -4.23 15.22
C PRO A 36 5.10 -4.67 15.35
N THR A 37 5.27 -5.94 15.09
CA THR A 37 6.55 -6.60 15.22
C THR A 37 7.50 -6.08 14.15
N THR A 38 6.91 -5.77 13.02
CA THR A 38 7.61 -5.28 11.85
C THR A 38 6.80 -4.20 11.18
N PRO A 39 6.76 -3.10 11.88
CA PRO A 39 5.93 -1.94 11.62
C PRO A 39 6.16 -1.32 10.28
N THR A 40 5.17 -0.61 9.82
CA THR A 40 5.35 0.18 8.64
C THR A 40 5.84 1.56 9.08
N PRO A 41 6.75 2.15 8.29
CA PRO A 41 7.53 3.35 8.65
C PRO A 41 6.71 4.61 8.58
N ALA A 42 5.95 4.70 7.50
CA ALA A 42 5.21 5.89 7.14
C ALA A 42 6.08 7.11 6.94
N GLY A 43 5.72 7.80 5.89
CA GLY A 43 6.39 8.98 5.44
C GLY A 43 6.18 9.16 3.97
N VAL A 44 7.24 8.99 3.20
CA VAL A 44 7.14 9.03 1.76
C VAL A 44 7.85 7.82 1.14
N PHE A 45 7.10 7.03 0.39
CA PHE A 45 7.66 5.95 -0.37
C PHE A 45 7.34 6.24 -1.85
N TYR A 46 7.66 5.35 -2.78
CA TYR A 46 7.52 5.72 -4.18
C TYR A 46 6.94 4.59 -5.04
N VAL A 47 5.83 4.87 -5.73
CA VAL A 47 5.34 3.97 -6.75
C VAL A 47 5.98 4.32 -8.07
N TRP A 48 7.07 3.67 -8.29
CA TRP A 48 7.80 3.84 -9.51
C TRP A 48 7.33 2.79 -10.48
N ASN A 49 6.24 2.14 -10.09
CA ASN A 49 5.51 1.22 -10.95
C ASN A 49 4.18 0.84 -10.32
N LYS A 50 3.13 1.04 -11.09
CA LYS A 50 1.79 0.53 -10.78
C LYS A 50 1.57 -0.76 -11.53
N GLU A 51 0.90 -1.70 -10.87
CA GLU A 51 0.82 -3.07 -11.35
C GLU A 51 -0.58 -3.61 -11.50
N GLU A 52 -0.66 -4.61 -12.35
CA GLU A 52 -1.83 -5.40 -12.58
C GLU A 52 -1.43 -6.84 -12.68
N ASP A 53 -2.07 -7.69 -11.90
CA ASP A 53 -1.74 -9.10 -11.86
C ASP A 53 -0.26 -9.27 -11.48
N ALA A 54 0.09 -8.54 -10.45
CA ALA A 54 1.41 -8.52 -9.85
C ALA A 54 1.51 -9.65 -8.86
N THR A 55 2.70 -9.96 -8.41
CA THR A 55 2.84 -10.92 -7.33
C THR A 55 3.77 -10.41 -6.24
N LEU A 56 3.19 -10.30 -5.08
CA LEU A 56 3.89 -9.84 -3.88
C LEU A 56 4.67 -10.92 -3.21
N LYS A 57 5.89 -11.01 -3.61
CA LYS A 57 6.83 -11.95 -3.06
C LYS A 57 7.78 -11.34 -2.07
N GLY A 58 8.64 -12.19 -1.55
CA GLY A 58 9.58 -11.73 -0.56
C GLY A 58 9.71 -12.71 0.57
N THR A 59 10.18 -12.24 1.71
CA THR A 59 10.20 -13.07 2.88
C THR A 59 9.40 -12.45 4.01
N ASN A 60 8.63 -13.30 4.67
CA ASN A 60 7.96 -12.93 5.90
C ASN A 60 8.97 -12.47 6.92
N ASP A 61 8.45 -11.69 7.85
CA ASP A 61 9.20 -11.14 8.97
C ASP A 61 9.88 -12.21 9.76
N ASP A 62 9.46 -13.40 9.49
CA ASP A 62 9.91 -14.54 10.25
C ASP A 62 11.01 -15.22 9.50
N GLY A 63 11.12 -14.94 8.24
CA GLY A 63 12.08 -15.62 7.44
C GLY A 63 11.45 -16.75 6.67
N THR A 64 10.23 -16.53 6.30
CA THR A 64 9.46 -17.50 5.55
C THR A 64 8.98 -16.87 4.25
N PRO A 65 9.66 -17.17 3.15
CA PRO A 65 9.35 -16.60 1.85
C PRO A 65 7.96 -16.89 1.38
N TYR A 66 7.43 -15.97 0.61
CA TYR A 66 6.03 -16.01 0.27
C TYR A 66 5.76 -15.40 -1.09
N GLU A 67 4.51 -15.51 -1.48
CA GLU A 67 3.99 -14.85 -2.65
C GLU A 67 2.57 -14.42 -2.39
N SER A 68 2.19 -13.31 -2.99
CA SER A 68 0.82 -12.89 -2.96
C SER A 68 0.49 -12.27 -4.28
N PRO A 69 -0.11 -13.04 -5.15
CA PRO A 69 -0.46 -12.57 -6.45
C PRO A 69 -1.58 -11.57 -6.35
N VAL A 70 -1.20 -10.36 -6.62
CA VAL A 70 -1.99 -9.22 -6.35
C VAL A 70 -2.48 -8.68 -7.68
N ASN A 71 -3.59 -7.99 -7.67
CA ASN A 71 -4.21 -7.54 -8.89
C ASN A 71 -3.61 -6.22 -9.28
N TYR A 72 -3.01 -5.57 -8.29
CA TYR A 72 -2.53 -4.20 -8.43
C TYR A 72 -1.48 -3.95 -7.36
N TRP A 73 -0.33 -3.47 -7.80
CA TRP A 73 0.85 -3.44 -6.96
C TRP A 73 1.67 -2.21 -7.24
N MET A 74 2.11 -1.58 -6.20
CA MET A 74 3.01 -0.46 -6.32
C MET A 74 4.28 -0.80 -5.59
N PRO A 75 5.25 -1.41 -6.29
CA PRO A 75 6.55 -1.75 -5.69
C PRO A 75 7.29 -0.51 -5.28
N ILE A 76 7.22 -0.19 -4.00
CA ILE A 76 7.89 0.95 -3.46
C ILE A 76 9.17 0.49 -2.75
N ASP A 77 9.99 1.40 -2.24
CA ASP A 77 11.34 1.00 -1.86
C ASP A 77 11.84 1.69 -0.60
N TRP A 78 13.15 1.50 -0.34
CA TRP A 78 13.92 2.04 0.82
C TRP A 78 13.32 1.71 2.18
N THR A 79 12.14 1.10 2.19
CA THR A 79 11.45 0.79 3.43
C THR A 79 10.97 -0.66 3.47
N GLY A 80 10.86 -1.27 2.30
CA GLY A 80 10.36 -2.63 2.22
C GLY A 80 8.89 -2.66 1.92
N VAL A 81 8.21 -1.60 2.33
CA VAL A 81 6.76 -1.45 2.16
C VAL A 81 6.35 -1.61 0.70
N GLY A 82 5.05 -1.64 0.47
CA GLY A 82 4.53 -1.59 -0.86
C GLY A 82 3.04 -1.60 -0.81
N ILE A 83 2.45 -0.61 -1.40
CA ILE A 83 1.01 -0.50 -1.40
C ILE A 83 0.43 -1.38 -2.50
N HIS A 84 -0.70 -2.01 -2.22
CA HIS A 84 -1.28 -2.97 -3.15
C HIS A 84 -2.74 -3.20 -2.87
N ASP A 85 -3.43 -3.76 -3.84
CA ASP A 85 -4.80 -4.18 -3.65
C ASP A 85 -4.80 -5.58 -3.05
N SER A 86 -5.78 -5.88 -2.24
CA SER A 86 -5.78 -7.13 -1.49
C SER A 86 -7.11 -7.78 -1.61
N ASP A 87 -7.18 -8.71 -2.53
CA ASP A 87 -8.39 -9.43 -2.82
C ASP A 87 -8.56 -10.56 -1.81
N TRP A 88 -7.48 -10.80 -1.08
CA TRP A 88 -7.40 -11.88 -0.12
C TRP A 88 -7.79 -11.42 1.27
N GLN A 89 -7.65 -10.12 1.55
CA GLN A 89 -8.01 -9.61 2.85
C GLN A 89 -9.39 -9.00 2.79
N PRO A 90 -10.28 -9.63 3.54
CA PRO A 90 -11.70 -9.32 3.55
C PRO A 90 -12.05 -8.21 4.51
N GLU A 91 -11.10 -7.86 5.35
CA GLU A 91 -11.27 -6.74 6.24
C GLU A 91 -10.38 -5.58 5.91
N TYR A 92 -10.86 -4.43 6.33
CA TYR A 92 -10.17 -3.16 6.31
C TYR A 92 -10.93 -2.29 7.26
N GLY A 93 -10.22 -1.65 8.11
CA GLY A 93 -10.88 -0.82 9.09
C GLY A 93 -9.93 -0.39 10.14
N GLY A 94 -10.45 -0.03 11.30
CA GLY A 94 -9.61 0.11 12.47
C GLY A 94 -8.66 -1.04 12.61
N ASP A 95 -7.81 -0.94 13.59
CA ASP A 95 -6.57 -1.64 13.60
C ASP A 95 -6.71 -3.13 13.34
N LEU A 96 -6.40 -3.47 12.09
CA LEU A 96 -6.24 -4.84 11.63
C LEU A 96 -4.78 -5.21 11.66
N TRP A 97 -3.94 -4.25 11.34
CA TRP A 97 -2.52 -4.48 11.11
C TRP A 97 -1.85 -5.16 12.30
N LYS A 98 -2.40 -4.92 13.47
CA LYS A 98 -1.83 -5.47 14.68
C LYS A 98 -2.41 -6.81 15.03
N THR A 99 -3.67 -6.97 14.73
CA THR A 99 -4.42 -8.17 15.07
C THR A 99 -4.33 -9.19 13.96
N ARG A 100 -4.49 -8.71 12.74
CA ARG A 100 -4.48 -9.54 11.56
C ARG A 100 -3.09 -9.62 10.99
N GLY A 101 -2.27 -8.64 11.40
CA GLY A 101 -0.83 -8.72 11.26
C GLY A 101 -0.33 -8.98 9.85
N SER A 102 -0.83 -8.25 8.86
CA SER A 102 -0.49 -8.61 7.49
C SER A 102 0.88 -8.07 7.10
N HIS A 103 1.83 -9.00 6.93
CA HIS A 103 3.21 -8.72 6.50
C HIS A 103 3.76 -7.40 7.06
N GLY A 104 4.14 -6.50 6.16
CA GLY A 104 4.78 -5.25 6.57
C GLY A 104 4.21 -4.03 5.88
N CYS A 105 3.52 -4.22 4.76
CA CYS A 105 3.02 -3.08 4.00
C CYS A 105 1.53 -2.86 4.18
N ILE A 106 0.96 -2.06 3.29
CA ILE A 106 -0.43 -1.64 3.38
C ILE A 106 -1.30 -2.54 2.52
N ASN A 107 -2.38 -3.04 3.11
CA ASN A 107 -3.30 -3.91 2.40
C ASN A 107 -4.54 -3.14 1.99
N THR A 108 -4.52 -2.66 0.76
CA THR A 108 -5.56 -1.86 0.20
C THR A 108 -6.61 -2.70 -0.53
N PRO A 109 -7.88 -2.29 -0.41
CA PRO A 109 -9.01 -2.92 -1.12
C PRO A 109 -8.78 -3.08 -2.59
N PRO A 110 -9.31 -4.18 -3.13
CA PRO A 110 -9.10 -4.54 -4.52
C PRO A 110 -9.74 -3.53 -5.49
N SER A 111 -10.80 -2.89 -5.02
CA SER A 111 -11.55 -1.96 -5.84
C SER A 111 -10.81 -0.64 -6.03
N VAL A 112 -9.92 -0.31 -5.10
CA VAL A 112 -9.33 1.01 -5.06
C VAL A 112 -7.96 1.06 -5.66
N MET A 113 -7.10 0.16 -5.27
CA MET A 113 -5.75 0.19 -5.79
C MET A 113 -5.76 -0.13 -7.28
N LYS A 114 -6.92 -0.41 -7.81
CA LYS A 114 -7.04 -0.59 -9.24
C LYS A 114 -7.12 0.78 -9.88
N GLU A 115 -7.86 1.63 -9.17
CA GLU A 115 -8.17 2.97 -9.56
C GLU A 115 -6.88 3.68 -9.65
N LEU A 116 -6.16 3.41 -8.60
CA LEU A 116 -4.82 3.79 -8.41
C LEU A 116 -3.98 3.51 -9.60
N PHE A 117 -3.79 2.25 -9.89
CA PHE A 117 -3.03 1.86 -11.08
C PHE A 117 -3.49 2.71 -12.28
N GLY A 118 -4.72 3.20 -12.17
CA GLY A 118 -5.33 3.94 -13.24
C GLY A 118 -5.01 5.41 -13.17
N MET A 119 -4.74 5.90 -11.96
CA MET A 119 -4.35 7.29 -11.79
C MET A 119 -2.88 7.47 -11.59
N VAL A 120 -2.28 6.64 -10.77
CA VAL A 120 -0.87 6.76 -10.53
C VAL A 120 -0.09 6.25 -11.70
N GLU A 121 1.03 6.88 -11.87
CA GLU A 121 1.92 6.57 -12.91
C GLU A 121 3.21 6.07 -12.34
N LYS A 122 3.96 5.33 -13.14
CA LYS A 122 5.31 5.00 -12.78
C LYS A 122 6.09 6.28 -12.60
N GLY A 123 6.27 6.62 -11.36
CA GLY A 123 6.91 7.87 -11.02
C GLY A 123 6.12 8.64 -9.98
N THR A 124 4.90 8.20 -9.74
CA THR A 124 4.09 8.72 -8.67
C THR A 124 4.70 8.28 -7.33
N PRO A 125 4.53 9.06 -6.27
CA PRO A 125 5.01 8.69 -4.98
C PRO A 125 3.93 7.98 -4.21
N VAL A 126 4.29 7.34 -3.14
CA VAL A 126 3.29 6.81 -2.25
C VAL A 126 3.61 7.31 -0.88
N LEU A 127 2.61 7.43 -0.07
CA LEU A 127 2.80 7.77 1.28
C LEU A 127 2.00 6.87 2.11
N VAL A 128 2.48 6.64 3.28
CA VAL A 128 1.71 6.08 4.34
C VAL A 128 2.15 6.85 5.55
N PHE A 129 1.24 7.24 6.42
CA PHE A 129 1.56 8.04 7.60
C PHE A 129 0.32 8.46 8.37
C 1RG B . 10.36 -7.60 7.15
N 1RG B . 10.59 -5.19 6.71
O 1RG B . 9.68 -8.63 7.03
CA 1RG B . 9.65 -6.24 7.11
CB 1RG B . 8.62 -6.22 5.99
CD 1RG B . 10.76 -5.44 5.29
CG 1RG B . 9.33 -5.60 4.80
CAA 1RG B . 3.51 -5.95 2.08
CAB 1RG B . 4.61 -6.22 1.00
OAC 1RG B . 3.43 -6.63 3.09
CAD 1RG B . 5.85 -6.90 1.68
CAE 1RG B . 4.09 -6.99 -0.20
CAF 1RG B . 5.21 -7.23 -1.21
OAG 1RG B . 3.57 -8.25 0.23
CAH 1RG B . 6.91 -5.94 2.16
CAI 1RG B . 7.62 -6.78 3.00
NAJ 1RG B . 5.56 -7.61 2.93
SAK 1RG B . 9.33 -6.62 3.34
CAL 1RG B . 6.78 -7.74 3.45
CAM 1RG B . 7.17 -8.69 4.31
CAS 1RG B . 6.33 -4.77 2.93
OAT 1RG B . 6.34 -9.55 4.70
OAU 1RG B . 8.33 -8.74 4.72
NAX 1RG B . 11.70 -7.53 7.34
CAY 1RG B . 12.46 -8.65 7.35
CAZ 1RG B . 13.82 -8.52 7.57
CBA 1RG B . 14.63 -9.66 7.60
CBB 1RG B . 14.08 -10.92 7.40
CBC 1RG B . 12.72 -11.04 7.17
CBD 1RG B . 11.91 -9.93 7.15
CBE 1RG B . 15.99 -9.52 7.84
OBF 1RG B . 16.72 -10.52 7.93
OBG 1RG B . 16.52 -8.40 7.95
HN 1RG B . 11.46 -5.28 7.18
HA 1RG B . 9.19 -6.00 8.07
HB 1RG B . 8.31 -7.24 5.76
HBA 1RG B . 7.75 -5.62 6.27
HD 1RG B . 11.25 -4.61 4.81
HDA 1RG B . 11.32 -6.38 5.13
HG 1RG B . 8.87 -4.62 4.56
HAB 1RG B . 4.88 -5.34 0.51
HAD 1RG B . 6.30 -7.58 0.97
HAE 1RG B . 3.32 -6.41 -0.68
HAF 1RG B . 5.97 -7.86 -0.78
HAFA 1RG B . 5.65 -6.28 -1.50
HAFB 1RG B . 4.81 -7.72 -2.08
HOAG 1RG B . 4.25 -8.76 0.67
HAH 1RG B . 7.52 -5.60 1.32
HNAJ 1RG B . 5.21 -8.54 2.70
HAS 1RG B . 7.06 -4.43 3.66
HASA 1RG B . 5.43 -5.08 3.44
HASB 1RG B . 6.10 -3.97 2.26
HNAX 1RG B . 12.14 -6.63 7.46
HAZ 1RG B . 14.26 -7.55 7.73
HBB 1RG B . 14.70 -11.79 7.42
HBC 1RG B . 12.29 -12.02 7.02
HBD 1RG B . 10.85 -10.04 6.97
HAT2 1RG B . 10.19 -4.29 6.86
N GLY A 1 6.90 18.93 -1.12
CA GLY A 1 7.43 17.72 -0.44
C GLY A 1 7.70 16.59 -1.42
N HIS A 2 6.74 16.30 -2.28
CA HIS A 2 6.91 15.26 -3.28
C HIS A 2 6.17 15.59 -4.56
N MET A 3 6.93 16.04 -5.56
CA MET A 3 6.42 16.16 -6.92
C MET A 3 5.29 17.17 -7.04
N GLU A 4 4.63 17.15 -8.19
CA GLU A 4 3.32 17.76 -8.34
C GLU A 4 2.36 17.16 -7.35
N ASP A 5 1.21 17.80 -7.16
CA ASP A 5 0.29 17.28 -6.18
C ASP A 5 -0.46 16.10 -6.78
N THR A 6 0.20 14.96 -6.74
CA THR A 6 -0.41 13.69 -7.05
C THR A 6 0.42 12.58 -6.44
N TYR A 7 -0.23 11.61 -5.82
CA TYR A 7 0.46 10.55 -5.14
C TYR A 7 -0.50 9.64 -4.42
N ILE A 8 -0.06 8.43 -4.14
CA ILE A 8 -0.74 7.62 -3.17
C ILE A 8 -0.38 8.07 -1.80
N GLU A 9 -1.27 7.85 -0.89
CA GLU A 9 -1.08 8.29 0.47
C GLU A 9 -1.80 7.34 1.40
N VAL A 10 -1.25 7.12 2.58
CA VAL A 10 -1.89 6.27 3.54
C VAL A 10 -1.79 6.85 4.94
N ASP A 11 -2.64 6.35 5.81
CA ASP A 11 -2.62 6.66 7.21
C ASP A 11 -2.93 5.38 7.96
N LEU A 12 -1.90 4.83 8.57
CA LEU A 12 -1.89 3.48 9.12
C LEU A 12 -2.54 3.46 10.46
N GLU A 13 -2.27 4.55 11.12
CA GLU A 13 -2.78 4.88 12.43
C GLU A 13 -4.27 4.84 12.36
N ASN A 14 -4.70 5.44 11.28
CA ASN A 14 -6.12 5.65 10.99
C ASN A 14 -6.63 4.65 9.99
N GLN A 15 -5.73 3.71 9.72
CA GLN A 15 -5.90 2.64 8.73
C GLN A 15 -6.71 3.08 7.53
N HIS A 16 -6.19 4.05 6.81
CA HIS A 16 -6.86 4.55 5.63
C HIS A 16 -5.84 4.89 4.57
N MET A 17 -6.12 4.45 3.36
CA MET A 17 -5.26 4.70 2.25
C MET A 17 -5.95 5.62 1.25
N TRP A 18 -5.15 6.32 0.48
CA TRP A 18 -5.61 7.34 -0.44
C TRP A 18 -4.84 7.28 -1.72
N TYR A 19 -5.46 7.74 -2.78
CA TYR A 19 -4.72 8.29 -3.88
C TYR A 19 -5.00 9.74 -3.88
N TYR A 20 -4.08 10.46 -4.37
CA TYR A 20 -4.16 11.89 -4.40
C TYR A 20 -3.90 12.40 -5.79
N LYS A 21 -4.90 13.00 -6.35
CA LYS A 21 -4.77 13.75 -7.57
C LYS A 21 -5.09 15.18 -7.24
N ASP A 22 -4.33 16.10 -7.78
CA ASP A 22 -4.62 17.53 -7.66
C ASP A 22 -4.45 18.07 -6.27
N GLY A 23 -3.74 17.30 -5.45
CA GLY A 23 -3.63 17.63 -4.04
C GLY A 23 -4.85 17.28 -3.26
N LYS A 24 -5.71 16.58 -3.92
CA LYS A 24 -6.94 16.11 -3.36
C LYS A 24 -6.98 14.64 -3.70
N VAL A 25 -7.98 13.90 -3.29
CA VAL A 25 -7.91 12.49 -3.55
C VAL A 25 -8.78 11.98 -4.64
N ALA A 26 -8.32 10.84 -5.09
CA ALA A 26 -8.92 10.11 -6.13
C ALA A 26 -9.50 8.89 -5.53
N LEU A 27 -8.83 8.52 -4.45
CA LEU A 27 -9.12 7.35 -3.72
C LEU A 27 -9.18 7.61 -2.27
N GLU A 28 -10.06 6.90 -1.67
CA GLU A 28 -10.23 6.92 -0.27
C GLU A 28 -10.51 5.51 0.08
N THR A 29 -9.68 4.93 0.87
CA THR A 29 -9.92 3.61 1.22
C THR A 29 -9.39 3.30 2.58
N ASP A 30 -9.90 2.26 3.13
CA ASP A 30 -9.53 1.83 4.42
C ASP A 30 -8.60 0.65 4.29
N ILE A 31 -7.50 0.68 5.03
CA ILE A 31 -6.45 -0.30 4.85
C ILE A 31 -5.99 -0.89 6.14
N VAL A 32 -4.94 -1.64 6.01
CA VAL A 32 -4.24 -2.20 7.12
C VAL A 32 -2.80 -2.40 6.75
N SER A 33 -2.00 -1.71 7.50
CA SER A 33 -0.56 -1.69 7.36
C SER A 33 0.07 -2.96 7.90
N GLY A 34 1.38 -3.00 8.05
CA GLY A 34 2.01 -4.23 8.48
C GLY A 34 1.99 -4.37 9.99
N LYS A 35 2.46 -5.50 10.47
CA LYS A 35 2.21 -5.92 11.85
C LYS A 35 3.14 -5.22 12.85
N PRO A 36 2.83 -5.23 14.15
CA PRO A 36 3.62 -4.53 15.15
C PRO A 36 5.08 -4.94 15.14
N THR A 37 5.28 -6.22 14.91
CA THR A 37 6.60 -6.79 14.98
C THR A 37 7.48 -6.23 13.87
N THR A 38 6.82 -5.94 12.76
CA THR A 38 7.47 -5.42 11.57
C THR A 38 6.58 -4.36 10.94
N PRO A 39 6.56 -3.24 11.63
CA PRO A 39 5.69 -2.10 11.40
C PRO A 39 5.84 -1.46 10.06
N THR A 40 4.86 -0.66 9.75
CA THR A 40 4.89 0.16 8.61
C THR A 40 5.52 1.51 9.01
N PRO A 41 6.55 1.96 8.27
CA PRO A 41 7.39 3.12 8.65
C PRO A 41 6.62 4.42 8.54
N ALA A 42 5.91 4.57 7.44
CA ALA A 42 5.18 5.78 7.12
C ALA A 42 6.08 7.00 6.92
N GLY A 43 5.63 7.79 5.97
CA GLY A 43 6.29 8.97 5.53
C GLY A 43 6.06 9.14 4.06
N VAL A 44 7.11 8.96 3.28
CA VAL A 44 7.01 8.98 1.84
C VAL A 44 7.73 7.77 1.26
N PHE A 45 7.03 7.02 0.42
CA PHE A 45 7.64 5.97 -0.37
C PHE A 45 7.37 6.29 -1.85
N TYR A 46 7.73 5.44 -2.78
CA TYR A 46 7.61 5.82 -4.18
C TYR A 46 7.08 4.69 -5.07
N VAL A 47 5.95 4.94 -5.74
CA VAL A 47 5.46 4.01 -6.75
C VAL A 47 6.08 4.34 -8.08
N TRP A 48 7.17 3.69 -8.32
CA TRP A 48 7.87 3.85 -9.56
C TRP A 48 7.38 2.81 -10.53
N ASN A 49 6.29 2.14 -10.12
CA ASN A 49 5.57 1.21 -10.96
C ASN A 49 4.25 0.81 -10.30
N LYS A 50 3.18 0.97 -11.06
CA LYS A 50 1.84 0.46 -10.70
C LYS A 50 1.59 -0.82 -11.48
N GLU A 51 0.92 -1.76 -10.83
CA GLU A 51 0.82 -3.13 -11.33
C GLU A 51 -0.60 -3.64 -11.47
N GLU A 52 -0.71 -4.64 -12.33
CA GLU A 52 -1.91 -5.39 -12.57
C GLU A 52 -1.55 -6.86 -12.68
N ASP A 53 -2.23 -7.67 -11.88
CA ASP A 53 -1.94 -9.09 -11.80
C ASP A 53 -0.47 -9.29 -11.45
N ALA A 54 -0.09 -8.56 -10.41
CA ALA A 54 1.23 -8.57 -9.84
C ALA A 54 1.36 -9.72 -8.88
N THR A 55 2.56 -10.03 -8.47
CA THR A 55 2.72 -10.98 -7.39
C THR A 55 3.70 -10.47 -6.35
N LEU A 56 3.17 -10.33 -5.17
CA LEU A 56 3.91 -9.85 -4.03
C LEU A 56 4.77 -10.92 -3.42
N LYS A 57 5.93 -11.01 -3.95
CA LYS A 57 6.93 -11.93 -3.48
C LYS A 57 7.97 -11.26 -2.63
N GLY A 58 8.88 -12.08 -2.16
CA GLY A 58 9.91 -11.58 -1.32
C GLY A 58 10.18 -12.48 -0.15
N THR A 59 10.74 -11.94 0.90
CA THR A 59 10.87 -12.67 2.12
C THR A 59 10.11 -11.99 3.23
N ASN A 60 9.42 -12.79 4.04
CA ASN A 60 8.86 -12.32 5.28
C ASN A 60 9.98 -11.73 6.11
N ASP A 61 9.62 -10.79 6.97
CA ASP A 61 10.57 -10.13 7.87
C ASP A 61 11.20 -11.14 8.81
N ASP A 62 10.76 -12.37 8.70
CA ASP A 62 11.23 -13.44 9.56
C ASP A 62 12.02 -14.45 8.77
N GLY A 63 12.20 -14.15 7.48
CA GLY A 63 13.10 -14.91 6.68
C GLY A 63 12.44 -16.00 5.92
N THR A 64 11.16 -15.89 5.79
CA THR A 64 10.37 -16.91 5.15
C THR A 64 9.78 -16.37 3.85
N PRO A 65 10.40 -16.72 2.71
CA PRO A 65 9.98 -16.24 1.40
C PRO A 65 8.55 -16.60 1.07
N TYR A 66 7.95 -15.73 0.29
CA TYR A 66 6.51 -15.81 0.08
C TYR A 66 6.08 -15.25 -1.26
N GLU A 67 4.80 -15.40 -1.51
CA GLU A 67 4.15 -14.79 -2.65
C GLU A 67 2.74 -14.37 -2.29
N SER A 68 2.28 -13.30 -2.92
CA SER A 68 0.91 -12.90 -2.85
C SER A 68 0.52 -12.31 -4.18
N PRO A 69 -0.11 -13.09 -5.03
CA PRO A 69 -0.52 -12.65 -6.33
C PRO A 69 -1.63 -11.65 -6.21
N VAL A 70 -1.27 -10.43 -6.53
CA VAL A 70 -2.05 -9.28 -6.28
C VAL A 70 -2.56 -8.76 -7.61
N ASN A 71 -3.63 -8.00 -7.57
CA ASN A 71 -4.27 -7.54 -8.80
C ASN A 71 -3.63 -6.24 -9.20
N TYR A 72 -3.03 -5.58 -8.23
CA TYR A 72 -2.54 -4.23 -8.39
C TYR A 72 -1.49 -3.98 -7.33
N TRP A 73 -0.34 -3.51 -7.76
CA TRP A 73 0.85 -3.49 -6.93
C TRP A 73 1.67 -2.27 -7.22
N MET A 74 2.10 -1.62 -6.17
CA MET A 74 3.02 -0.53 -6.31
C MET A 74 4.31 -0.93 -5.63
N PRO A 75 5.24 -1.56 -6.38
CA PRO A 75 6.56 -1.92 -5.85
C PRO A 75 7.33 -0.65 -5.56
N ILE A 76 7.17 -0.18 -4.34
CA ILE A 76 7.72 1.10 -3.95
C ILE A 76 9.16 0.95 -3.53
N ASP A 77 9.69 1.86 -2.74
CA ASP A 77 11.12 1.97 -2.64
C ASP A 77 11.71 1.11 -1.53
N TRP A 78 13.00 1.25 -1.41
CA TRP A 78 13.91 0.35 -0.71
C TRP A 78 13.86 0.53 0.80
N THR A 79 12.70 0.91 1.28
CA THR A 79 12.46 1.00 2.69
C THR A 79 11.73 -0.24 3.17
N GLY A 80 11.05 -0.91 2.24
CA GLY A 80 10.47 -2.20 2.52
C GLY A 80 9.02 -2.31 2.13
N VAL A 81 8.28 -1.24 2.38
CA VAL A 81 6.83 -1.21 2.16
C VAL A 81 6.46 -1.43 0.70
N GLY A 82 5.16 -1.54 0.45
CA GLY A 82 4.64 -1.53 -0.89
C GLY A 82 3.15 -1.58 -0.85
N ILE A 83 2.52 -0.59 -1.43
CA ILE A 83 1.09 -0.52 -1.41
C ILE A 83 0.50 -1.41 -2.50
N HIS A 84 -0.62 -2.04 -2.20
CA HIS A 84 -1.21 -3.00 -3.12
C HIS A 84 -2.68 -3.22 -2.83
N ASP A 85 -3.38 -3.76 -3.80
CA ASP A 85 -4.76 -4.16 -3.61
C ASP A 85 -4.75 -5.57 -3.02
N SER A 86 -5.68 -5.87 -2.15
CA SER A 86 -5.61 -7.11 -1.40
C SER A 86 -6.95 -7.80 -1.39
N ASP A 87 -7.08 -8.76 -2.29
CA ASP A 87 -8.32 -9.45 -2.49
C ASP A 87 -8.49 -10.54 -1.45
N TRP A 88 -7.35 -10.91 -0.86
CA TRP A 88 -7.28 -12.00 0.10
C TRP A 88 -7.67 -11.53 1.49
N GLN A 89 -7.51 -10.25 1.76
CA GLN A 89 -7.77 -9.71 3.08
C GLN A 89 -9.23 -9.31 3.20
N PRO A 90 -9.82 -9.80 4.27
CA PRO A 90 -11.24 -9.64 4.56
C PRO A 90 -11.60 -8.21 4.98
N GLU A 91 -10.89 -7.67 5.97
CA GLU A 91 -11.29 -6.44 6.60
C GLU A 91 -10.34 -5.31 6.32
N TYR A 92 -10.88 -4.15 6.53
CA TYR A 92 -10.17 -2.89 6.43
C TYR A 92 -10.90 -1.94 7.31
N GLY A 93 -10.19 -1.40 8.24
CA GLY A 93 -10.80 -0.57 9.23
C GLY A 93 -9.89 -0.36 10.37
N GLY A 94 -10.45 -0.02 11.52
CA GLY A 94 -9.70 -0.08 12.75
C GLY A 94 -8.80 -1.25 12.79
N ASP A 95 -7.89 -1.16 13.70
CA ASP A 95 -6.63 -1.83 13.60
C ASP A 95 -6.76 -3.31 13.28
N LEU A 96 -6.50 -3.59 12.00
CA LEU A 96 -6.32 -4.94 11.51
C LEU A 96 -4.85 -5.28 11.52
N TRP A 97 -4.01 -4.33 11.17
CA TRP A 97 -2.59 -4.59 10.92
C TRP A 97 -1.95 -5.39 12.05
N LYS A 98 -2.44 -5.16 13.26
CA LYS A 98 -1.89 -5.79 14.43
C LYS A 98 -2.51 -7.15 14.67
N THR A 99 -3.77 -7.25 14.37
CA THR A 99 -4.55 -8.43 14.63
C THR A 99 -4.47 -9.41 13.47
N ARG A 100 -4.58 -8.87 12.28
CA ARG A 100 -4.54 -9.66 11.06
C ARG A 100 -3.11 -9.72 10.57
N GLY A 101 -2.31 -8.79 11.06
CA GLY A 101 -0.86 -8.90 10.98
C GLY A 101 -0.33 -9.16 9.60
N SER A 102 -0.78 -8.42 8.60
CA SER A 102 -0.43 -8.76 7.25
C SER A 102 0.92 -8.17 6.86
N HIS A 103 1.89 -9.07 6.71
CA HIS A 103 3.25 -8.75 6.28
C HIS A 103 3.78 -7.43 6.87
N GLY A 104 4.24 -6.53 6.00
CA GLY A 104 4.88 -5.32 6.44
C GLY A 104 4.28 -4.06 5.84
N CYS A 105 3.59 -4.21 4.71
CA CYS A 105 3.10 -3.06 3.99
C CYS A 105 1.60 -2.85 4.16
N ILE A 106 1.05 -2.00 3.30
CA ILE A 106 -0.36 -1.63 3.38
C ILE A 106 -1.21 -2.54 2.53
N ASN A 107 -2.26 -3.07 3.13
CA ASN A 107 -3.18 -3.95 2.44
C ASN A 107 -4.42 -3.17 2.03
N THR A 108 -4.36 -2.59 0.86
CA THR A 108 -5.42 -1.80 0.30
C THR A 108 -6.49 -2.66 -0.37
N PRO A 109 -7.76 -2.24 -0.25
CA PRO A 109 -8.89 -2.88 -0.92
C PRO A 109 -8.67 -3.08 -2.40
N PRO A 110 -9.20 -4.19 -2.92
CA PRO A 110 -9.03 -4.57 -4.30
C PRO A 110 -9.66 -3.59 -5.27
N SER A 111 -10.67 -2.88 -4.79
CA SER A 111 -11.46 -1.98 -5.62
C SER A 111 -10.75 -0.66 -5.86
N VAL A 112 -9.87 -0.32 -4.95
CA VAL A 112 -9.27 1.01 -4.95
C VAL A 112 -7.91 1.05 -5.57
N MET A 113 -7.04 0.15 -5.20
CA MET A 113 -5.71 0.18 -5.74
C MET A 113 -5.74 -0.15 -7.23
N LYS A 114 -6.91 -0.43 -7.75
CA LYS A 114 -7.05 -0.62 -9.17
C LYS A 114 -7.13 0.75 -9.82
N GLU A 115 -7.85 1.61 -9.11
CA GLU A 115 -8.15 2.94 -9.49
C GLU A 115 -6.85 3.65 -9.59
N LEU A 116 -6.12 3.38 -8.55
CA LEU A 116 -4.78 3.75 -8.37
C LEU A 116 -3.94 3.47 -9.56
N PHE A 117 -3.76 2.21 -9.85
CA PHE A 117 -3.02 1.82 -11.04
C PHE A 117 -3.48 2.65 -12.24
N GLY A 118 -4.71 3.14 -12.13
CA GLY A 118 -5.32 3.88 -13.20
C GLY A 118 -4.98 5.35 -13.13
N MET A 119 -4.69 5.85 -11.93
CA MET A 119 -4.31 7.24 -11.77
C MET A 119 -2.84 7.43 -11.56
N VAL A 120 -2.24 6.63 -10.74
CA VAL A 120 -0.84 6.77 -10.48
C VAL A 120 -0.03 6.32 -11.65
N GLU A 121 1.09 6.98 -11.79
CA GLU A 121 1.98 6.71 -12.85
C GLU A 121 3.27 6.20 -12.28
N LYS A 122 4.00 5.45 -13.09
CA LYS A 122 5.35 5.10 -12.73
C LYS A 122 6.14 6.36 -12.53
N GLY A 123 6.36 6.65 -11.28
CA GLY A 123 7.03 7.89 -10.91
C GLY A 123 6.21 8.67 -9.92
N THR A 124 4.99 8.22 -9.67
CA THR A 124 4.16 8.75 -8.63
C THR A 124 4.74 8.34 -7.28
N PRO A 125 4.56 9.12 -6.24
CA PRO A 125 5.01 8.79 -4.94
C PRO A 125 3.92 8.10 -4.17
N VAL A 126 4.28 7.40 -3.15
CA VAL A 126 3.28 6.87 -2.26
C VAL A 126 3.63 7.35 -0.88
N LEU A 127 2.64 7.49 -0.08
CA LEU A 127 2.86 7.82 1.27
C LEU A 127 2.02 6.95 2.10
N VAL A 128 2.48 6.71 3.28
CA VAL A 128 1.68 6.12 4.31
C VAL A 128 2.07 6.83 5.58
N PHE A 129 1.12 7.13 6.46
CA PHE A 129 1.39 7.87 7.69
C PHE A 129 0.13 8.11 8.49
C 1RG B . 12.65 -7.51 3.93
N 1RG B . 11.26 -7.37 1.90
O 1RG B . 11.82 -8.29 4.41
CA 1RG B . 12.28 -6.65 2.72
CB 1RG B . 11.60 -5.35 3.15
CD 1RG B . 10.29 -6.35 1.52
CG 1RG B . 10.15 -5.55 2.79
CAA 1RG B . 3.81 -5.87 2.08
CAB 1RG B . 4.90 -6.16 1.00
OAC 1RG B . 3.76 -6.50 3.13
CAD 1RG B . 6.15 -6.86 1.69
CAE 1RG B . 4.36 -6.94 -0.18
CAF 1RG B . 5.45 -7.21 -1.22
OAG 1RG B . 3.82 -8.19 0.27
CAH 1RG B . 7.14 -5.91 2.35
CAI 1RG B . 7.74 -6.75 3.30
NAJ 1RG B . 5.78 -7.71 2.83
SAK 1RG B . 9.32 -6.51 4.01
CAL 1RG B . 6.92 -7.80 3.52
CAM 1RG B . 7.25 -8.79 4.37
CAS 1RG B . 6.47 -4.71 3.04
OAT 1RG B . 6.47 -9.74 4.53
OAU 1RG B . 8.33 -8.79 4.98
NAX 1RG B . 13.92 -7.32 4.37
CAY 1RG B . 14.39 -8.00 5.45
CAZ 1RG B . 15.70 -7.77 5.87
CBA 1RG B . 16.22 -8.45 6.96
CBB 1RG B . 15.44 -9.39 7.64
CBC 1RG B . 14.14 -9.63 7.22
CBD 1RG B . 13.62 -8.95 6.14
CBE 1RG B . 17.52 -8.20 7.38
OBF 1RG B . 17.99 -8.77 8.38
OBG 1RG B . 18.25 -7.39 6.76
HN 1RG B . 10.81 -8.07 2.45
HA 1RG B . 13.15 -6.44 2.12
HB 1RG B . 11.70 -5.22 4.22
HBA 1RG B . 12.01 -4.50 2.61
HD 1RG B . 10.69 -5.74 0.71
HDA 1RG B . 9.34 -6.81 1.24
HG 1RG B . 9.64 -4.58 2.63
HAB 1RG B . 5.19 -5.29 0.50
HAD 1RG B . 6.67 -7.44 0.95
HAE 1RG B . 3.58 -6.35 -0.65
HAF 1RG B . 6.21 -7.84 -0.80
HAFA 1RG B . 5.89 -6.27 -1.53
HAFB 1RG B . 5.01 -7.70 -2.07
HOAG 1RG B . 3.47 -8.67 -0.48
HAH 1RG B . 7.86 -5.57 1.62
HNAJ 1RG B . 5.56 -8.63 2.48
HAS 1RG B . 6.17 -4.00 2.30
HASA 1RG B . 7.17 -4.25 3.72
HASB 1RG B . 5.60 -5.06 3.58
HNAX 1RG B . 14.51 -6.65 3.91
HAZ 1RG B . 16.30 -7.04 5.34
HBB 1RG B . 15.84 -9.92 8.48
HBC 1RG B . 13.54 -10.36 7.74
HBD 1RG B . 12.61 -9.15 5.81
HAT2 1RG B . 11.70 -7.78 1.10
N GLY A 1 4.85 19.23 -1.12
CA GLY A 1 6.01 18.30 -1.10
C GLY A 1 5.83 17.16 -2.05
N HIS A 2 6.92 16.43 -2.32
CA HIS A 2 6.97 15.35 -3.33
C HIS A 2 6.21 15.67 -4.60
N MET A 3 6.91 16.19 -5.59
CA MET A 3 6.37 16.33 -6.93
C MET A 3 5.25 17.36 -6.99
N GLU A 4 4.49 17.31 -8.09
CA GLU A 4 3.20 17.98 -8.18
C GLU A 4 2.29 17.34 -7.15
N ASP A 5 1.10 17.90 -6.94
CA ASP A 5 0.22 17.32 -5.97
C ASP A 5 -0.51 16.16 -6.60
N THR A 6 0.16 15.03 -6.61
CA THR A 6 -0.42 13.75 -6.97
C THR A 6 0.43 12.65 -6.38
N TYR A 7 -0.21 11.66 -5.79
CA TYR A 7 0.50 10.58 -5.12
C TYR A 7 -0.47 9.68 -4.40
N ILE A 8 -0.03 8.48 -4.11
CA ILE A 8 -0.71 7.65 -3.17
C ILE A 8 -0.37 8.10 -1.78
N GLU A 9 -1.28 7.86 -0.87
CA GLU A 9 -1.10 8.30 0.49
C GLU A 9 -1.82 7.34 1.41
N VAL A 10 -1.27 7.09 2.58
CA VAL A 10 -1.92 6.23 3.54
C VAL A 10 -1.83 6.81 4.94
N ASP A 11 -2.70 6.32 5.81
CA ASP A 11 -2.68 6.63 7.21
C ASP A 11 -2.99 5.35 7.97
N LEU A 12 -1.96 4.80 8.58
CA LEU A 12 -1.96 3.45 9.14
C LEU A 12 -2.58 3.43 10.49
N GLU A 13 -2.33 4.54 11.12
CA GLU A 13 -2.85 4.88 12.43
C GLU A 13 -4.34 4.87 12.36
N ASN A 14 -4.76 5.47 11.27
CA ASN A 14 -6.17 5.69 10.98
C ASN A 14 -6.67 4.67 9.99
N GLN A 15 -5.79 3.72 9.72
CA GLN A 15 -5.95 2.65 8.73
C GLN A 15 -6.77 3.07 7.52
N HIS A 16 -6.26 4.06 6.81
CA HIS A 16 -6.93 4.54 5.62
C HIS A 16 -5.91 4.88 4.56
N MET A 17 -6.20 4.46 3.35
CA MET A 17 -5.32 4.70 2.23
C MET A 17 -5.99 5.64 1.24
N TRP A 18 -5.18 6.31 0.45
CA TRP A 18 -5.61 7.33 -0.47
C TRP A 18 -4.83 7.28 -1.75
N TYR A 19 -5.44 7.74 -2.80
CA TYR A 19 -4.69 8.30 -3.89
C TYR A 19 -4.97 9.76 -3.88
N TYR A 20 -4.05 10.49 -4.37
CA TYR A 20 -4.14 11.91 -4.41
C TYR A 20 -3.89 12.41 -5.80
N LYS A 21 -4.88 13.03 -6.34
CA LYS A 21 -4.73 13.80 -7.55
C LYS A 21 -5.08 15.22 -7.20
N ASP A 22 -4.27 16.14 -7.66
CA ASP A 22 -4.55 17.58 -7.52
C ASP A 22 -4.41 18.08 -6.10
N GLY A 23 -3.75 17.29 -5.28
CA GLY A 23 -3.65 17.61 -3.86
C GLY A 23 -4.87 17.25 -3.10
N LYS A 24 -5.73 16.59 -3.79
CA LYS A 24 -6.96 16.11 -3.26
C LYS A 24 -6.99 14.65 -3.64
N VAL A 25 -7.96 13.89 -3.24
CA VAL A 25 -7.89 12.49 -3.52
C VAL A 25 -8.74 12.00 -4.63
N ALA A 26 -8.27 10.88 -5.10
CA ALA A 26 -8.87 10.15 -6.16
C ALA A 26 -9.46 8.93 -5.55
N LEU A 27 -8.80 8.56 -4.48
CA LEU A 27 -9.09 7.37 -3.76
C LEU A 27 -9.17 7.62 -2.30
N GLU A 28 -10.05 6.90 -1.71
CA GLU A 28 -10.23 6.91 -0.31
C GLU A 28 -10.52 5.50 0.03
N THR A 29 -9.69 4.89 0.82
CA THR A 29 -9.95 3.56 1.15
C THR A 29 -9.44 3.21 2.51
N ASP A 30 -9.90 2.12 3.00
CA ASP A 30 -9.55 1.66 4.29
C ASP A 30 -8.58 0.50 4.16
N ILE A 31 -7.50 0.56 4.92
CA ILE A 31 -6.41 -0.39 4.76
C ILE A 31 -5.95 -0.95 6.07
N VAL A 32 -4.88 -1.66 5.97
CA VAL A 32 -4.16 -2.16 7.11
C VAL A 32 -2.69 -2.27 6.74
N SER A 33 -1.90 -1.53 7.48
CA SER A 33 -0.44 -1.52 7.33
C SER A 33 0.17 -2.78 7.92
N GLY A 34 1.47 -2.83 8.07
CA GLY A 34 2.09 -4.05 8.51
C GLY A 34 2.12 -4.20 10.01
N LYS A 35 2.60 -5.35 10.47
CA LYS A 35 2.45 -5.78 11.86
C LYS A 35 3.43 -5.08 12.78
N PRO A 36 3.08 -5.03 14.08
CA PRO A 36 3.82 -4.29 15.13
C PRO A 36 5.24 -4.75 15.29
N THR A 37 5.43 -6.00 14.97
CA THR A 37 6.72 -6.65 15.14
C THR A 37 7.69 -6.15 14.09
N THR A 38 7.13 -5.85 12.93
CA THR A 38 7.87 -5.33 11.80
C THR A 38 7.03 -4.27 11.12
N PRO A 39 6.94 -3.18 11.85
CA PRO A 39 6.04 -2.05 11.62
C PRO A 39 6.18 -1.36 10.30
N THR A 40 5.13 -0.64 9.96
CA THR A 40 5.12 0.18 8.82
C THR A 40 5.72 1.54 9.20
N PRO A 41 6.66 2.06 8.38
CA PRO A 41 7.46 3.24 8.70
C PRO A 41 6.65 4.52 8.60
N ALA A 42 5.89 4.60 7.53
CA ALA A 42 5.15 5.80 7.16
C ALA A 42 6.03 7.01 6.94
N GLY A 43 5.64 7.74 5.92
CA GLY A 43 6.32 8.91 5.48
C GLY A 43 6.12 9.10 4.01
N VAL A 44 7.19 8.97 3.25
CA VAL A 44 7.12 9.05 1.81
C VAL A 44 7.84 7.86 1.18
N PHE A 45 7.10 7.07 0.43
CA PHE A 45 7.67 5.99 -0.33
C PHE A 45 7.37 6.27 -1.81
N TYR A 46 7.69 5.37 -2.73
CA TYR A 46 7.57 5.74 -4.14
C TYR A 46 7.01 4.61 -5.01
N VAL A 47 5.91 4.90 -5.72
CA VAL A 47 5.42 3.99 -6.74
C VAL A 47 6.04 4.35 -8.06
N TRP A 48 7.13 3.70 -8.31
CA TRP A 48 7.83 3.86 -9.55
C TRP A 48 7.37 2.77 -10.50
N ASN A 49 6.29 2.11 -10.09
CA ASN A 49 5.58 1.14 -10.91
C ASN A 49 4.25 0.77 -10.27
N LYS A 50 3.20 0.92 -11.04
CA LYS A 50 1.86 0.43 -10.70
C LYS A 50 1.58 -0.88 -11.43
N GLU A 51 0.87 -1.78 -10.78
CA GLU A 51 0.73 -3.15 -11.25
C GLU A 51 -0.69 -3.65 -11.37
N GLU A 52 -0.81 -4.70 -12.18
CA GLU A 52 -2.02 -5.43 -12.41
C GLU A 52 -1.69 -6.90 -12.45
N ASP A 53 -2.40 -7.68 -11.65
CA ASP A 53 -2.18 -9.12 -11.56
C ASP A 53 -0.71 -9.37 -11.25
N ALA A 54 -0.27 -8.60 -10.26
CA ALA A 54 1.08 -8.62 -9.73
C ALA A 54 1.23 -9.75 -8.75
N THR A 55 2.43 -10.06 -8.36
CA THR A 55 2.62 -11.00 -7.28
C THR A 55 3.60 -10.49 -6.26
N LEU A 56 3.10 -10.34 -5.06
CA LEU A 56 3.87 -9.85 -3.95
C LEU A 56 4.76 -10.91 -3.37
N LYS A 57 5.90 -10.98 -3.94
CA LYS A 57 6.93 -11.89 -3.54
C LYS A 57 8.00 -11.24 -2.72
N GLY A 58 8.94 -12.07 -2.30
CA GLY A 58 10.00 -11.58 -1.47
C GLY A 58 10.32 -12.55 -0.37
N THR A 59 11.00 -12.07 0.66
CA THR A 59 11.17 -12.86 1.84
C THR A 59 10.48 -12.23 3.02
N ASN A 60 9.90 -13.08 3.86
CA ASN A 60 9.44 -12.68 5.16
C ASN A 60 10.62 -12.17 5.96
N ASP A 61 10.32 -11.32 6.94
CA ASP A 61 11.33 -10.77 7.83
C ASP A 61 11.96 -11.86 8.66
N ASP A 62 11.46 -13.06 8.46
CA ASP A 62 11.96 -14.21 9.16
C ASP A 62 12.67 -15.16 8.22
N GLY A 63 12.85 -14.70 7.00
CA GLY A 63 13.72 -15.40 6.08
C GLY A 63 12.99 -16.45 5.32
N THR A 64 11.70 -16.31 5.28
CA THR A 64 10.84 -17.29 4.66
C THR A 64 10.14 -16.68 3.45
N PRO A 65 10.69 -16.95 2.24
CA PRO A 65 10.17 -16.38 1.00
C PRO A 65 8.74 -16.72 0.74
N TYR A 66 8.09 -15.80 0.05
CA TYR A 66 6.65 -15.85 -0.08
C TYR A 66 6.16 -15.25 -1.37
N GLU A 67 4.86 -15.38 -1.57
CA GLU A 67 4.17 -14.77 -2.68
C GLU A 67 2.77 -14.37 -2.29
N SER A 68 2.30 -13.30 -2.89
CA SER A 68 0.92 -12.90 -2.76
C SER A 68 0.49 -12.30 -4.07
N PRO A 69 -0.16 -13.09 -4.91
CA PRO A 69 -0.61 -12.63 -6.20
C PRO A 69 -1.71 -11.62 -6.04
N VAL A 70 -1.35 -10.42 -6.37
CA VAL A 70 -2.11 -9.25 -6.07
C VAL A 70 -2.66 -8.70 -7.36
N ASN A 71 -3.77 -8.02 -7.26
CA ASN A 71 -4.45 -7.54 -8.46
C ASN A 71 -3.80 -6.27 -8.94
N TYR A 72 -3.13 -5.59 -8.03
CA TYR A 72 -2.59 -4.26 -8.28
C TYR A 72 -1.52 -3.99 -7.26
N TRP A 73 -0.39 -3.51 -7.70
CA TRP A 73 0.81 -3.49 -6.89
C TRP A 73 1.66 -2.30 -7.20
N MET A 74 2.07 -1.62 -6.17
CA MET A 74 3.03 -0.55 -6.30
C MET A 74 4.29 -0.97 -5.58
N PRO A 75 5.25 -1.59 -6.30
CA PRO A 75 6.51 -2.02 -5.72
C PRO A 75 7.36 -0.85 -5.28
N ILE A 76 6.98 -0.26 -4.17
CA ILE A 76 7.70 0.86 -3.64
C ILE A 76 8.98 0.37 -2.97
N ASP A 77 9.77 1.27 -2.46
CA ASP A 77 11.12 0.95 -2.06
C ASP A 77 11.52 1.86 -0.91
N TRP A 78 12.82 1.89 -0.58
CA TRP A 78 13.37 2.74 0.48
C TRP A 78 13.23 2.10 1.84
N THR A 79 12.02 1.69 2.15
CA THR A 79 11.67 1.34 3.51
C THR A 79 11.09 -0.07 3.62
N GLY A 80 10.87 -0.71 2.48
CA GLY A 80 10.41 -2.09 2.48
C GLY A 80 8.96 -2.21 2.12
N VAL A 81 8.20 -1.17 2.43
CA VAL A 81 6.74 -1.13 2.24
C VAL A 81 6.34 -1.39 0.78
N GLY A 82 5.05 -1.52 0.54
CA GLY A 82 4.51 -1.55 -0.79
C GLY A 82 3.02 -1.60 -0.76
N ILE A 83 2.41 -0.61 -1.35
CA ILE A 83 0.96 -0.52 -1.36
C ILE A 83 0.39 -1.41 -2.45
N HIS A 84 -0.75 -2.03 -2.19
CA HIS A 84 -1.30 -3.01 -3.13
C HIS A 84 -2.78 -3.25 -2.92
N ASP A 85 -3.46 -3.76 -3.95
CA ASP A 85 -4.85 -4.18 -3.79
C ASP A 85 -4.90 -5.63 -3.36
N SER A 86 -5.69 -5.90 -2.34
CA SER A 86 -5.60 -7.15 -1.60
C SER A 86 -6.91 -7.88 -1.68
N ASP A 87 -6.96 -8.81 -2.60
CA ASP A 87 -8.19 -9.50 -2.92
C ASP A 87 -8.41 -10.64 -1.94
N TRP A 88 -7.33 -11.00 -1.27
CA TRP A 88 -7.34 -12.08 -0.31
C TRP A 88 -7.78 -11.59 1.06
N GLN A 89 -7.81 -10.28 1.21
CA GLN A 89 -8.15 -9.69 2.50
C GLN A 89 -9.52 -9.07 2.44
N PRO A 90 -10.40 -9.65 3.21
CA PRO A 90 -11.80 -9.27 3.28
C PRO A 90 -12.06 -8.20 4.32
N GLU A 91 -11.04 -7.91 5.10
CA GLU A 91 -11.14 -6.86 6.07
C GLU A 91 -10.28 -5.67 5.76
N TYR A 92 -10.78 -4.53 6.21
CA TYR A 92 -10.09 -3.26 6.22
C TYR A 92 -10.85 -2.41 7.20
N GLY A 93 -10.13 -1.81 8.07
CA GLY A 93 -10.78 -0.99 9.07
C GLY A 93 -9.81 -0.63 10.15
N GLY A 94 -10.34 -0.28 11.31
CA GLY A 94 -9.52 -0.17 12.48
C GLY A 94 -8.58 -1.35 12.61
N ASP A 95 -7.73 -1.26 13.59
CA ASP A 95 -6.47 -1.93 13.54
C ASP A 95 -6.57 -3.41 13.21
N LEU A 96 -6.27 -3.68 11.95
CA LEU A 96 -6.08 -5.02 11.44
C LEU A 96 -4.60 -5.34 11.43
N TRP A 97 -3.81 -4.33 11.16
CA TRP A 97 -2.37 -4.49 10.92
C TRP A 97 -1.68 -5.20 12.07
N LYS A 98 -2.24 -5.05 13.26
CA LYS A 98 -1.65 -5.63 14.44
C LYS A 98 -2.18 -7.02 14.72
N THR A 99 -3.44 -7.18 14.48
CA THR A 99 -4.13 -8.43 14.78
C THR A 99 -4.01 -9.40 13.62
N ARG A 100 -4.19 -8.87 12.43
CA ARG A 100 -4.10 -9.63 11.20
C ARG A 100 -2.69 -9.57 10.68
N GLY A 101 -1.92 -8.59 11.16
CA GLY A 101 -0.48 -8.65 11.11
C GLY A 101 0.11 -8.91 9.74
N SER A 102 -0.31 -8.18 8.72
CA SER A 102 0.15 -8.52 7.38
C SER A 102 1.53 -7.93 7.10
N HIS A 103 2.52 -8.83 7.00
CA HIS A 103 3.92 -8.49 6.70
C HIS A 103 4.34 -7.10 7.20
N GLY A 104 4.49 -6.16 6.26
CA GLY A 104 5.01 -4.85 6.58
C GLY A 104 4.43 -3.72 5.73
N CYS A 105 3.62 -4.04 4.72
CA CYS A 105 3.07 -3.00 3.85
C CYS A 105 1.58 -2.77 4.10
N ILE A 106 0.96 -2.04 3.17
CA ILE A 106 -0.43 -1.62 3.29
C ILE A 106 -1.33 -2.48 2.42
N ASN A 107 -2.39 -2.96 3.03
CA ASN A 107 -3.32 -3.86 2.37
C ASN A 107 -4.56 -3.09 1.92
N THR A 108 -4.58 -2.73 0.64
CA THR A 108 -5.62 -1.92 0.08
C THR A 108 -6.72 -2.73 -0.63
N PRO A 109 -7.98 -2.30 -0.44
CA PRO A 109 -9.20 -2.89 -1.07
C PRO A 109 -9.15 -3.00 -2.56
N PRO A 110 -9.44 -4.20 -3.08
CA PRO A 110 -9.16 -4.59 -4.47
C PRO A 110 -9.84 -3.70 -5.50
N SER A 111 -10.70 -2.84 -5.02
CA SER A 111 -11.47 -1.97 -5.84
C SER A 111 -10.79 -0.62 -6.02
N VAL A 112 -9.87 -0.33 -5.12
CA VAL A 112 -9.25 0.98 -5.06
C VAL A 112 -7.86 1.05 -5.67
N MET A 113 -6.98 0.16 -5.33
CA MET A 113 -5.62 0.28 -5.87
C MET A 113 -5.65 -0.04 -7.35
N LYS A 114 -6.81 -0.39 -7.86
CA LYS A 114 -6.98 -0.56 -9.26
C LYS A 114 -7.08 0.81 -9.89
N GLU A 115 -7.78 1.66 -9.15
CA GLU A 115 -8.08 3.00 -9.53
C GLU A 115 -6.79 3.71 -9.63
N LEU A 116 -6.06 3.44 -8.59
CA LEU A 116 -4.71 3.82 -8.42
C LEU A 116 -3.89 3.52 -9.61
N PHE A 117 -3.72 2.26 -9.90
CA PHE A 117 -2.99 1.86 -11.11
C PHE A 117 -3.47 2.69 -12.29
N GLY A 118 -4.70 3.21 -12.16
CA GLY A 118 -5.31 3.94 -13.24
C GLY A 118 -4.98 5.42 -13.17
N MET A 119 -4.64 5.91 -11.97
CA MET A 119 -4.24 7.29 -11.82
C MET A 119 -2.77 7.48 -11.61
N VAL A 120 -2.18 6.66 -10.78
CA VAL A 120 -0.77 6.78 -10.54
C VAL A 120 0.03 6.28 -11.70
N GLU A 121 1.17 6.89 -11.82
CA GLU A 121 2.06 6.59 -12.89
C GLU A 121 3.38 6.15 -12.29
N LYS A 122 4.15 5.40 -13.06
CA LYS A 122 5.49 5.06 -12.65
C LYS A 122 6.29 6.32 -12.44
N GLY A 123 6.43 6.64 -11.19
CA GLY A 123 7.09 7.87 -10.81
C GLY A 123 6.29 8.66 -9.81
N THR A 124 5.03 8.26 -9.65
CA THR A 124 4.20 8.78 -8.59
C THR A 124 4.76 8.34 -7.26
N PRO A 125 4.58 9.12 -6.21
CA PRO A 125 5.05 8.77 -4.91
C PRO A 125 3.94 8.09 -4.14
N VAL A 126 4.29 7.38 -3.13
CA VAL A 126 3.30 6.85 -2.24
C VAL A 126 3.63 7.32 -0.86
N LEU A 127 2.65 7.47 -0.06
CA LEU A 127 2.88 7.81 1.29
C LEU A 127 2.02 6.94 2.13
N VAL A 128 2.49 6.66 3.30
CA VAL A 128 1.68 6.09 4.33
C VAL A 128 2.05 6.82 5.58
N PHE A 129 1.09 7.12 6.43
CA PHE A 129 1.33 7.90 7.64
C PHE A 129 0.02 8.17 8.38
C 1RG B . 13.02 -8.74 3.51
N 1RG B . 11.41 -8.77 1.65
O 1RG B . 12.19 -9.25 4.27
CA 1RG B . 12.56 -8.06 2.22
CB 1RG B . 12.03 -6.66 2.54
CD 1RG B . 10.28 -8.24 2.39
CG 1RG B . 10.53 -6.74 2.30
CAA 1RG B . 3.85 -6.04 2.22
CAB 1RG B . 4.89 -6.22 1.07
OAC 1RG B . 3.96 -6.63 3.28
CAD 1RG B . 6.26 -6.72 1.67
CAE 1RG B . 4.38 -7.08 -0.07
CAF 1RG B . 5.43 -7.22 -1.17
OAG 1RG B . 4.03 -8.37 0.43
CAH 1RG B . 7.17 -5.62 2.21
CAI 1RG B . 7.96 -6.35 3.08
NAJ 1RG B . 6.12 -7.59 2.84
SAK 1RG B . 9.60 -5.86 3.53
CAL 1RG B . 7.34 -7.50 3.41
CAM 1RG B . 7.86 -8.40 4.25
CAS 1RG B . 6.42 -4.53 2.98
OAT 1RG B . 7.24 -9.45 4.49
OAU 1RG B . 8.97 -8.22 4.78
NAX 1RG B . 14.37 -8.70 3.71
CAY 1RG B . 14.92 -9.29 4.80
CAZ 1RG B . 16.30 -9.22 4.97
CBA 1RG B . 16.92 -9.81 6.07
CBB 1RG B . 16.14 -10.48 7.01
CBC 1RG B . 14.77 -10.56 6.86
CBD 1RG B . 14.16 -9.96 5.77
CBE 1RG B . 18.29 -9.74 6.23
OBF 1RG B . 18.86 -10.28 7.19
OBG 1RG B . 19.00 -9.15 5.39
HN 1RG B . 11.48 -9.76 1.81
HA 1RG B . 13.38 -8.01 1.50
HB 1RG B . 12.24 -6.42 3.57
HBA 1RG B . 12.47 -5.92 1.86
HD 1RG B . 9.35 -8.51 1.92
HDA 1RG B . 10.30 -8.56 3.44
HG 1RG B . 10.30 -6.35 1.31
HAB 1RG B . 5.02 -5.32 0.54
HAD 1RG B . 6.80 -7.26 0.89
HAE 1RG B . 3.50 -6.61 -0.49
HAF 1RG B . 5.72 -6.24 -1.52
HAFA 1RG B . 5.00 -7.78 -1.99
HAFB 1RG B . 6.28 -7.75 -0.78
HOAG 1RG B . 4.80 -8.79 0.81
HAH 1RG B . 7.75 -5.19 1.40
HNAJ 1RG B . 5.99 -8.53 2.52
HAS 1RG B . 6.15 -3.75 2.28
HASA 1RG B . 7.06 -4.13 3.75
HASB 1RG B . 5.53 -4.95 3.41
HNAX 1RG B . 14.95 -8.24 3.05
HAZ 1RG B . 16.91 -8.71 4.23
HBB 1RG B . 16.61 -10.94 7.86
HBC 1RG B . 14.17 -11.07 7.60
HBD 1RG B . 13.09 -10.02 5.65
HAT2 1RG B . 11.31 -8.58 0.67
N GLY A 1 5.40 19.99 -0.24
CA GLY A 1 6.34 18.86 -0.42
C GLY A 1 5.89 17.95 -1.54
N HIS A 2 6.58 16.80 -1.69
CA HIS A 2 6.32 15.88 -2.78
C HIS A 2 6.65 16.50 -4.11
N MET A 3 6.38 15.71 -5.10
CA MET A 3 6.28 16.14 -6.47
C MET A 3 5.21 17.23 -6.62
N GLU A 4 4.72 17.41 -7.84
CA GLU A 4 3.44 18.07 -8.02
C GLU A 4 2.38 17.25 -7.28
N ASP A 5 1.24 17.85 -7.00
CA ASP A 5 0.32 17.22 -6.09
C ASP A 5 -0.41 16.07 -6.76
N THR A 6 0.23 14.93 -6.74
CA THR A 6 -0.37 13.65 -7.07
C THR A 6 0.44 12.55 -6.44
N TYR A 7 -0.23 11.60 -5.83
CA TYR A 7 0.47 10.53 -5.12
C TYR A 7 -0.50 9.62 -4.40
N ILE A 8 -0.08 8.42 -4.13
CA ILE A 8 -0.77 7.60 -3.18
C ILE A 8 -0.41 8.04 -1.78
N GLU A 9 -1.30 7.81 -0.87
CA GLU A 9 -1.11 8.25 0.49
C GLU A 9 -1.82 7.30 1.43
N VAL A 10 -1.25 7.05 2.59
CA VAL A 10 -1.90 6.20 3.55
C VAL A 10 -1.79 6.76 4.95
N ASP A 11 -2.64 6.26 5.81
CA ASP A 11 -2.62 6.57 7.21
C ASP A 11 -2.93 5.28 7.96
N LEU A 12 -1.90 4.75 8.57
CA LEU A 12 -1.90 3.41 9.17
C LEU A 12 -2.49 3.45 10.53
N GLU A 13 -2.23 4.60 11.10
CA GLU A 13 -2.72 5.00 12.40
C GLU A 13 -4.21 4.98 12.35
N ASN A 14 -4.65 5.56 11.27
CA ASN A 14 -6.06 5.78 11.00
C ASN A 14 -6.59 4.76 10.01
N GLN A 15 -5.71 3.80 9.75
CA GLN A 15 -5.89 2.73 8.77
C GLN A 15 -6.73 3.13 7.58
N HIS A 16 -6.24 4.09 6.84
CA HIS A 16 -6.94 4.57 5.66
C HIS A 16 -5.93 4.91 4.58
N MET A 17 -6.22 4.49 3.37
CA MET A 17 -5.36 4.73 2.25
C MET A 17 -6.02 5.67 1.26
N TRP A 18 -5.21 6.31 0.46
CA TRP A 18 -5.64 7.33 -0.48
C TRP A 18 -4.86 7.26 -1.76
N TYR A 19 -5.46 7.73 -2.82
CA TYR A 19 -4.72 8.28 -3.92
C TYR A 19 -4.99 9.74 -3.92
N TYR A 20 -4.05 10.45 -4.43
CA TYR A 20 -4.14 11.88 -4.46
C TYR A 20 -3.90 12.39 -5.84
N LYS A 21 -4.89 13.03 -6.37
CA LYS A 21 -4.74 13.81 -7.57
C LYS A 21 -5.07 15.23 -7.19
N ASP A 22 -4.30 16.16 -7.69
CA ASP A 22 -4.57 17.58 -7.51
C ASP A 22 -4.36 18.06 -6.09
N GLY A 23 -3.68 17.25 -5.30
CA GLY A 23 -3.54 17.52 -3.89
C GLY A 23 -4.75 17.16 -3.10
N LYS A 24 -5.65 16.55 -3.80
CA LYS A 24 -6.89 16.09 -3.25
C LYS A 24 -6.93 14.62 -3.61
N VAL A 25 -7.91 13.88 -3.17
CA VAL A 25 -7.85 12.47 -3.48
C VAL A 25 -8.74 11.98 -4.56
N ALA A 26 -8.27 10.86 -5.07
CA ALA A 26 -8.90 10.16 -6.12
C ALA A 26 -9.48 8.93 -5.52
N LEU A 27 -8.82 8.55 -4.46
CA LEU A 27 -9.12 7.37 -3.73
C LEU A 27 -9.16 7.63 -2.29
N GLU A 28 -10.05 6.93 -1.69
CA GLU A 28 -10.21 6.95 -0.30
C GLU A 28 -10.54 5.55 0.07
N THR A 29 -9.72 4.94 0.84
CA THR A 29 -9.99 3.61 1.19
C THR A 29 -9.47 3.28 2.55
N ASP A 30 -9.94 2.20 3.07
CA ASP A 30 -9.57 1.73 4.34
C ASP A 30 -8.60 0.58 4.20
N ILE A 31 -7.52 0.62 4.96
CA ILE A 31 -6.44 -0.33 4.81
C ILE A 31 -5.98 -0.89 6.11
N VAL A 32 -4.91 -1.62 6.00
CA VAL A 32 -4.21 -2.13 7.14
C VAL A 32 -2.75 -2.31 6.75
N SER A 33 -1.92 -1.59 7.46
CA SER A 33 -0.48 -1.63 7.27
C SER A 33 0.10 -2.91 7.87
N GLY A 34 1.40 -3.02 7.99
CA GLY A 34 1.97 -4.28 8.40
C GLY A 34 2.00 -4.43 9.90
N LYS A 35 2.42 -5.60 10.35
CA LYS A 35 2.26 -5.99 11.75
C LYS A 35 3.31 -5.34 12.65
N PRO A 36 2.96 -5.21 13.95
CA PRO A 36 3.76 -4.51 14.98
C PRO A 36 5.17 -5.03 15.09
N THR A 37 5.30 -6.28 14.74
CA THR A 37 6.57 -6.98 14.86
C THR A 37 7.54 -6.47 13.81
N THR A 38 6.97 -6.07 12.70
CA THR A 38 7.70 -5.53 11.56
C THR A 38 6.90 -4.39 10.96
N PRO A 39 6.88 -3.33 11.74
CA PRO A 39 6.07 -2.15 11.58
C PRO A 39 6.22 -1.42 10.28
N THR A 40 5.15 -0.76 9.91
CA THR A 40 5.13 0.08 8.80
C THR A 40 5.79 1.42 9.17
N PRO A 41 6.73 1.91 8.34
CA PRO A 41 7.54 3.10 8.65
C PRO A 41 6.72 4.37 8.56
N ALA A 42 5.98 4.46 7.48
CA ALA A 42 5.21 5.65 7.13
C ALA A 42 6.07 6.89 6.94
N GLY A 43 5.63 7.65 5.98
CA GLY A 43 6.30 8.86 5.57
C GLY A 43 6.09 9.05 4.08
N VAL A 44 7.15 8.88 3.33
CA VAL A 44 7.08 8.95 1.89
C VAL A 44 7.79 7.73 1.27
N PHE A 45 7.07 7.01 0.43
CA PHE A 45 7.65 5.94 -0.36
C PHE A 45 7.36 6.26 -1.83
N TYR A 46 7.69 5.39 -2.75
CA TYR A 46 7.54 5.78 -4.16
C TYR A 46 7.01 4.66 -5.04
N VAL A 47 5.89 4.92 -5.72
CA VAL A 47 5.39 3.99 -6.73
C VAL A 47 6.04 4.32 -8.05
N TRP A 48 7.13 3.65 -8.27
CA TRP A 48 7.86 3.80 -9.49
C TRP A 48 7.32 2.79 -10.49
N ASN A 49 6.23 2.14 -10.09
CA ASN A 49 5.50 1.24 -10.94
C ASN A 49 4.17 0.84 -10.29
N LYS A 50 3.12 1.03 -11.06
CA LYS A 50 1.77 0.53 -10.73
C LYS A 50 1.52 -0.76 -11.49
N GLU A 51 0.89 -1.71 -10.82
CA GLU A 51 0.81 -3.07 -11.33
C GLU A 51 -0.59 -3.60 -11.47
N GLU A 52 -0.67 -4.59 -12.33
CA GLU A 52 -1.79 -5.48 -12.45
C GLU A 52 -1.25 -6.87 -12.41
N ASP A 53 -2.05 -7.73 -11.78
CA ASP A 53 -1.83 -9.17 -11.75
C ASP A 53 -0.42 -9.48 -11.27
N ALA A 54 0.01 -8.61 -10.36
CA ALA A 54 1.35 -8.61 -9.80
C ALA A 54 1.46 -9.69 -8.78
N THR A 55 2.65 -10.00 -8.36
CA THR A 55 2.80 -10.92 -7.26
C THR A 55 3.74 -10.39 -6.23
N LEU A 56 3.20 -10.24 -5.05
CA LEU A 56 3.92 -9.73 -3.91
C LEU A 56 4.81 -10.76 -3.30
N LYS A 57 5.97 -10.81 -3.84
CA LYS A 57 7.01 -11.71 -3.41
C LYS A 57 8.05 -11.03 -2.57
N GLY A 58 9.01 -11.82 -2.16
CA GLY A 58 10.04 -11.31 -1.33
C GLY A 58 10.37 -12.25 -0.21
N THR A 59 10.99 -11.73 0.83
CA THR A 59 11.15 -12.51 2.01
C THR A 59 10.44 -11.87 3.18
N ASN A 60 9.83 -12.72 4.00
CA ASN A 60 9.33 -12.31 5.29
C ASN A 60 10.46 -11.73 6.10
N ASP A 61 10.11 -10.87 7.03
CA ASP A 61 11.09 -10.23 7.93
C ASP A 61 11.78 -11.26 8.79
N ASP A 62 11.38 -12.50 8.61
CA ASP A 62 11.94 -13.60 9.36
C ASP A 62 12.71 -14.56 8.47
N GLY A 63 12.83 -14.18 7.22
CA GLY A 63 13.72 -14.88 6.34
C GLY A 63 13.03 -15.97 5.58
N THR A 64 11.73 -15.86 5.55
CA THR A 64 10.90 -16.87 4.96
C THR A 64 10.20 -16.30 3.70
N PRO A 65 10.74 -16.62 2.52
CA PRO A 65 10.24 -16.09 1.26
C PRO A 65 8.79 -16.42 1.00
N TYR A 66 8.16 -15.55 0.25
CA TYR A 66 6.72 -15.61 0.09
C TYR A 66 6.25 -15.03 -1.22
N GLU A 67 4.96 -15.21 -1.46
CA GLU A 67 4.31 -14.61 -2.61
C GLU A 67 2.88 -14.25 -2.28
N SER A 68 2.39 -13.18 -2.90
CA SER A 68 1.00 -12.84 -2.83
C SER A 68 0.58 -12.24 -4.15
N PRO A 69 -0.02 -13.04 -5.00
CA PRO A 69 -0.44 -12.62 -6.30
C PRO A 69 -1.58 -11.64 -6.20
N VAL A 70 -1.24 -10.42 -6.55
CA VAL A 70 -2.04 -9.28 -6.31
C VAL A 70 -2.54 -8.78 -7.66
N ASN A 71 -3.59 -8.01 -7.66
CA ASN A 71 -4.20 -7.56 -8.90
C ASN A 71 -3.62 -6.23 -9.28
N TYR A 72 -3.03 -5.57 -8.29
CA TYR A 72 -2.56 -4.20 -8.44
C TYR A 72 -1.52 -3.95 -7.37
N TRP A 73 -0.37 -3.50 -7.81
CA TRP A 73 0.82 -3.47 -6.97
C TRP A 73 1.66 -2.24 -7.24
N MET A 74 2.09 -1.62 -6.18
CA MET A 74 3.04 -0.55 -6.28
C MET A 74 4.31 -0.97 -5.53
N PRO A 75 5.29 -1.54 -6.26
CA PRO A 75 6.56 -2.01 -5.66
C PRO A 75 7.43 -0.86 -5.17
N ILE A 76 6.98 -0.22 -4.10
CA ILE A 76 7.64 0.96 -3.57
C ILE A 76 8.92 0.57 -2.83
N ASP A 77 9.87 0.06 -3.58
CA ASP A 77 11.04 -0.54 -2.99
C ASP A 77 12.09 0.52 -2.76
N TRP A 78 12.51 0.60 -1.53
CA TRP A 78 13.27 1.71 -1.01
C TRP A 78 13.55 1.40 0.46
N THR A 79 12.43 1.28 1.18
CA THR A 79 12.44 1.04 2.60
C THR A 79 11.84 -0.33 2.93
N GLY A 80 11.04 -0.86 2.00
CA GLY A 80 10.48 -2.18 2.17
C GLY A 80 9.01 -2.27 1.85
N VAL A 81 8.29 -1.22 2.20
CA VAL A 81 6.82 -1.17 2.05
C VAL A 81 6.36 -1.40 0.61
N GLY A 82 5.05 -1.51 0.42
CA GLY A 82 4.48 -1.54 -0.90
C GLY A 82 2.98 -1.59 -0.83
N ILE A 83 2.35 -0.59 -1.39
CA ILE A 83 0.92 -0.53 -1.40
C ILE A 83 0.36 -1.40 -2.51
N HIS A 84 -0.76 -2.05 -2.23
CA HIS A 84 -1.32 -3.01 -3.16
C HIS A 84 -2.78 -3.25 -2.88
N ASP A 85 -3.49 -3.79 -3.88
CA ASP A 85 -4.86 -4.21 -3.69
C ASP A 85 -4.85 -5.61 -3.09
N SER A 86 -5.80 -5.90 -2.24
CA SER A 86 -5.78 -7.14 -1.49
C SER A 86 -7.13 -7.81 -1.58
N ASP A 87 -7.21 -8.74 -2.50
CA ASP A 87 -8.45 -9.43 -2.79
C ASP A 87 -8.63 -10.55 -1.80
N TRP A 88 -7.52 -10.89 -1.16
CA TRP A 88 -7.47 -11.99 -0.20
C TRP A 88 -7.85 -11.50 1.20
N GLN A 89 -7.77 -10.19 1.40
CA GLN A 89 -8.11 -9.63 2.69
C GLN A 89 -9.47 -8.99 2.63
N PRO A 90 -10.38 -9.59 3.37
CA PRO A 90 -11.78 -9.22 3.40
C PRO A 90 -12.08 -8.12 4.40
N GLU A 91 -11.10 -7.81 5.22
CA GLU A 91 -11.23 -6.72 6.15
C GLU A 91 -10.34 -5.54 5.83
N TYR A 92 -10.84 -4.40 6.26
CA TYR A 92 -10.14 -3.13 6.25
C TYR A 92 -10.88 -2.28 7.22
N GLY A 93 -10.18 -1.65 8.08
CA GLY A 93 -10.81 -0.81 9.06
C GLY A 93 -9.85 -0.41 10.11
N GLY A 94 -10.36 -0.04 11.27
CA GLY A 94 -9.52 0.12 12.43
C GLY A 94 -8.57 -1.03 12.59
N ASP A 95 -7.71 -0.91 13.56
CA ASP A 95 -6.46 -1.61 13.56
C ASP A 95 -6.61 -3.10 13.31
N LEU A 96 -6.32 -3.45 12.05
CA LEU A 96 -6.19 -4.81 11.60
C LEU A 96 -4.72 -5.20 11.62
N TRP A 97 -3.88 -4.24 11.25
CA TRP A 97 -2.46 -4.49 11.03
C TRP A 97 -1.79 -5.17 12.22
N LYS A 98 -2.34 -4.93 13.41
CA LYS A 98 -1.77 -5.47 14.62
C LYS A 98 -2.32 -6.83 14.96
N THR A 99 -3.58 -7.00 14.69
CA THR A 99 -4.28 -8.23 15.03
C THR A 99 -4.18 -9.24 13.89
N ARG A 100 -4.36 -8.72 12.69
CA ARG A 100 -4.36 -9.52 11.48
C ARG A 100 -2.96 -9.54 10.89
N GLY A 101 -2.15 -8.58 11.32
CA GLY A 101 -0.72 -8.65 11.16
C GLY A 101 -0.23 -8.95 9.76
N SER A 102 -0.72 -8.24 8.74
CA SER A 102 -0.36 -8.62 7.40
C SER A 102 0.98 -8.02 7.00
N HIS A 103 1.97 -8.91 6.87
CA HIS A 103 3.33 -8.58 6.43
C HIS A 103 3.84 -7.23 6.97
N GLY A 104 4.26 -6.36 6.05
CA GLY A 104 4.89 -5.10 6.45
C GLY A 104 4.28 -3.89 5.79
N CYS A 105 3.58 -4.09 4.67
CA CYS A 105 3.07 -2.98 3.91
C CYS A 105 1.57 -2.77 4.09
N ILE A 106 0.99 -1.96 3.20
CA ILE A 106 -0.41 -1.58 3.29
C ILE A 106 -1.27 -2.49 2.44
N ASN A 107 -2.34 -2.98 3.03
CA ASN A 107 -3.24 -3.88 2.34
C ASN A 107 -4.52 -3.15 1.96
N THR A 108 -4.52 -2.64 0.75
CA THR A 108 -5.59 -1.86 0.20
C THR A 108 -6.64 -2.70 -0.52
N PRO A 109 -7.91 -2.28 -0.40
CA PRO A 109 -9.04 -2.90 -1.09
C PRO A 109 -8.81 -3.07 -2.56
N PRO A 110 -9.33 -4.16 -3.11
CA PRO A 110 -9.13 -4.52 -4.50
C PRO A 110 -9.77 -3.52 -5.45
N SER A 111 -10.78 -2.82 -4.95
CA SER A 111 -11.55 -1.90 -5.76
C SER A 111 -10.83 -0.59 -5.96
N VAL A 112 -9.93 -0.27 -5.05
CA VAL A 112 -9.33 1.05 -5.02
C VAL A 112 -7.96 1.08 -5.63
N MET A 113 -7.11 0.18 -5.25
CA MET A 113 -5.77 0.19 -5.80
C MET A 113 -5.79 -0.14 -7.27
N LYS A 114 -6.96 -0.43 -7.80
CA LYS A 114 -7.10 -0.61 -9.22
C LYS A 114 -7.17 0.76 -9.88
N GLU A 115 -7.88 1.63 -9.15
CA GLU A 115 -8.17 2.96 -9.54
C GLU A 115 -6.87 3.66 -9.63
N LEU A 116 -6.15 3.39 -8.59
CA LEU A 116 -4.81 3.77 -8.41
C LEU A 116 -3.98 3.45 -9.59
N PHE A 117 -3.81 2.20 -9.87
CA PHE A 117 -3.08 1.79 -11.08
C PHE A 117 -3.56 2.59 -12.28
N GLY A 118 -4.78 3.12 -12.15
CA GLY A 118 -5.39 3.86 -13.23
C GLY A 118 -5.07 5.34 -13.16
N MET A 119 -4.72 5.82 -11.97
CA MET A 119 -4.32 7.21 -11.81
C MET A 119 -2.85 7.40 -11.60
N VAL A 120 -2.26 6.59 -10.76
CA VAL A 120 -0.85 6.73 -10.50
C VAL A 120 -0.05 6.25 -11.67
N GLU A 121 1.08 6.88 -11.80
CA GLU A 121 1.97 6.58 -12.86
C GLU A 121 3.28 6.14 -12.29
N LYS A 122 4.05 5.42 -13.08
CA LYS A 122 5.41 5.11 -12.72
C LYS A 122 6.16 6.40 -12.53
N GLY A 123 6.35 6.73 -11.28
CA GLY A 123 6.97 7.98 -10.93
C GLY A 123 6.17 8.74 -9.91
N THR A 124 4.94 8.28 -9.69
CA THR A 124 4.12 8.78 -8.62
C THR A 124 4.72 8.34 -7.29
N PRO A 125 4.55 9.10 -6.23
CA PRO A 125 5.03 8.74 -4.94
C PRO A 125 3.93 8.05 -4.17
N VAL A 126 4.29 7.41 -3.11
CA VAL A 126 3.29 6.90 -2.22
C VAL A 126 3.62 7.37 -0.84
N LEU A 127 2.64 7.49 -0.04
CA LEU A 127 2.86 7.79 1.32
C LEU A 127 2.02 6.89 2.14
N VAL A 128 2.48 6.63 3.32
CA VAL A 128 1.68 6.02 4.35
C VAL A 128 2.07 6.73 5.62
N PHE A 129 1.11 7.00 6.49
CA PHE A 129 1.38 7.73 7.73
C PHE A 129 0.09 7.93 8.53
C 1RG B . 12.69 -7.53 2.70
N 1RG B . 11.09 -7.32 0.84
O 1RG B . 11.87 -8.26 3.26
CA 1RG B . 12.24 -6.66 1.53
CB 1RG B . 11.69 -5.31 2.01
CD 1RG B . 10.08 -6.28 0.67
CG 1RG B . 10.20 -5.47 1.95
CAA 1RG B . 3.78 -5.86 2.07
CAB 1RG B . 4.86 -6.10 0.96
OAC 1RG B . 3.78 -6.49 3.11
CAD 1RG B . 6.14 -6.74 1.61
CAE 1RG B . 4.32 -6.89 -0.22
CAF 1RG B . 5.40 -7.12 -1.27
OAG 1RG B . 3.82 -8.16 0.23
CAH 1RG B . 7.16 -5.76 2.11
CAI 1RG B . 7.90 -6.58 2.96
NAJ 1RG B . 5.88 -7.53 2.83
SAK 1RG B . 9.60 -6.40 3.33
CAL 1RG B . 7.07 -7.54 3.43
CAM 1RG B . 7.44 -8.38 4.41
CAS 1RG B . 6.54 -4.61 2.89
OAT 1RG B . 6.65 -9.25 4.79
OAU 1RG B . 8.56 -8.31 4.95
NAX 1RG B . 14.01 -7.41 3.00
CAY 1RG B . 14.54 -8.14 4.02
CAZ 1RG B . 15.89 -7.98 4.30
CBA 1RG B . 16.48 -8.70 5.34
CBB 1RG B . 15.72 -9.57 6.10
CBC 1RG B . 14.37 -9.74 5.83
CBD 1RG B . 13.79 -9.03 4.80
CBE 1RG B . 17.83 -8.53 5.63
OBF 1RG B . 18.36 -9.13 6.59
OBG 1RG B . 18.54 -7.78 4.94
HN 1RG B . 10.73 -8.06 1.41
HA 1RG B . 13.06 -6.51 0.81
HB 1RG B . 12.02 -5.14 3.04
HBA 1RG B . 12.02 -4.50 1.36
HD 1RG B . 10.30 -5.67 -0.19
HDA 1RG B . 9.08 -6.72 0.60
HG 1RG B . 9.71 -4.49 1.89
HAB 1RG B . 5.08 -5.23 0.46
HAD 1RG B . 6.60 -7.39 0.87
HAE 1RG B . 3.51 -6.34 -0.67
HAF 1RG B . 4.97 -7.59 -2.13
HAFA 1RG B . 6.18 -7.74 -0.86
HAFB 1RG B . 5.82 -6.17 -1.55
HOAG 1RG B . 4.53 -8.65 0.65
HAH 1RG B . 7.76 -5.40 1.28
HNAJ 1RG B . 5.66 -8.48 2.55
HAS 1RG B . 7.26 -4.21 3.59
HASA 1RG B . 5.67 -4.96 3.44
HASB 1RG B . 6.23 -3.83 2.21
HNAX 1RG B . 14.59 -6.80 2.47
HAZ 1RG B . 16.49 -7.30 3.72
HBB 1RG B . 16.17 -10.13 6.91
HBC 1RG B . 13.78 -10.41 6.42
HBD 1RG B . 12.73 -9.16 4.59
HAT2 1RG B . 11.38 -7.67 -0.05
N GLY A 1 9.00 16.56 0.89
CA GLY A 1 8.50 17.06 -0.42
C GLY A 1 8.53 15.98 -1.49
N HIS A 2 7.38 15.78 -2.15
CA HIS A 2 7.30 14.79 -3.23
C HIS A 2 6.47 15.31 -4.38
N MET A 3 7.18 15.76 -5.41
CA MET A 3 6.57 16.01 -6.72
C MET A 3 5.50 17.09 -6.67
N GLU A 4 4.75 17.22 -7.77
CA GLU A 4 3.48 17.89 -7.76
C GLU A 4 2.52 17.16 -6.86
N ASP A 5 1.36 17.75 -6.62
CA ASP A 5 0.42 17.13 -5.74
C ASP A 5 -0.33 16.03 -6.46
N THR A 6 0.31 14.88 -6.50
CA THR A 6 -0.30 13.63 -6.87
C THR A 6 0.52 12.49 -6.31
N TYR A 7 -0.16 11.53 -5.72
CA TYR A 7 0.53 10.44 -5.05
C TYR A 7 -0.44 9.54 -4.34
N ILE A 8 -0.03 8.32 -4.09
CA ILE A 8 -0.75 7.49 -3.16
C ILE A 8 -0.41 7.92 -1.76
N GLU A 9 -1.31 7.67 -0.88
CA GLU A 9 -1.15 8.06 0.49
C GLU A 9 -1.88 7.03 1.35
N VAL A 10 -1.34 6.80 2.52
CA VAL A 10 -1.95 5.97 3.51
C VAL A 10 -1.79 6.58 4.88
N ASP A 11 -2.69 6.26 5.76
CA ASP A 11 -2.60 6.71 7.13
C ASP A 11 -2.97 5.52 8.00
N LEU A 12 -1.94 4.99 8.61
CA LEU A 12 -1.95 3.69 9.28
C LEU A 12 -2.59 3.80 10.62
N GLU A 13 -2.33 4.95 11.17
CA GLU A 13 -2.87 5.38 12.43
C GLU A 13 -4.36 5.29 12.35
N ASN A 14 -4.79 5.76 11.20
CA ASN A 14 -6.20 5.89 10.88
C ASN A 14 -6.67 4.76 9.99
N GLN A 15 -5.71 3.85 9.76
CA GLN A 15 -5.82 2.74 8.80
C GLN A 15 -6.67 3.06 7.61
N HIS A 16 -6.21 4.03 6.86
CA HIS A 16 -6.92 4.48 5.69
C HIS A 16 -5.94 4.82 4.59
N MET A 17 -6.24 4.40 3.39
CA MET A 17 -5.39 4.64 2.26
C MET A 17 -6.06 5.60 1.29
N TRP A 18 -5.25 6.23 0.47
CA TRP A 18 -5.70 7.21 -0.49
C TRP A 18 -4.91 7.13 -1.77
N TYR A 19 -5.48 7.68 -2.80
CA TYR A 19 -4.71 8.24 -3.87
C TYR A 19 -4.95 9.70 -3.84
N TYR A 20 -4.01 10.41 -4.31
CA TYR A 20 -4.08 11.85 -4.32
C TYR A 20 -3.81 12.36 -5.70
N LYS A 21 -4.79 13.00 -6.25
CA LYS A 21 -4.64 13.77 -7.46
C LYS A 21 -4.97 15.19 -7.08
N ASP A 22 -4.20 16.13 -7.58
CA ASP A 22 -4.50 17.56 -7.43
C ASP A 22 -4.35 18.07 -6.02
N GLY A 23 -3.65 17.28 -5.20
CA GLY A 23 -3.54 17.59 -3.79
C GLY A 23 -4.76 17.22 -3.02
N LYS A 24 -5.62 16.57 -3.70
CA LYS A 24 -6.85 16.08 -3.16
C LYS A 24 -6.87 14.62 -3.51
N VAL A 25 -7.86 13.87 -3.12
CA VAL A 25 -7.80 12.48 -3.43
C VAL A 25 -8.67 12.01 -4.53
N ALA A 26 -8.22 10.88 -5.02
CA ALA A 26 -8.85 10.19 -6.08
C ALA A 26 -9.47 8.98 -5.48
N LEU A 27 -8.82 8.58 -4.42
CA LEU A 27 -9.14 7.39 -3.70
C LEU A 27 -9.18 7.63 -2.25
N GLU A 28 -10.08 6.92 -1.65
CA GLU A 28 -10.23 6.90 -0.25
C GLU A 28 -10.56 5.48 0.06
N THR A 29 -9.74 4.85 0.82
CA THR A 29 -10.03 3.52 1.14
C THR A 29 -9.48 3.18 2.49
N ASP A 30 -9.95 2.11 3.03
CA ASP A 30 -9.51 1.67 4.33
C ASP A 30 -8.50 0.55 4.14
N ILE A 31 -7.47 0.51 4.97
CA ILE A 31 -6.38 -0.43 4.79
C ILE A 31 -5.95 -1.05 6.07
N VAL A 32 -4.87 -1.79 5.95
CA VAL A 32 -4.17 -2.34 7.08
C VAL A 32 -2.72 -2.53 6.73
N SER A 33 -1.94 -1.81 7.49
CA SER A 33 -0.50 -1.74 7.34
C SER A 33 0.18 -2.97 7.96
N GLY A 34 1.48 -2.96 8.11
CA GLY A 34 2.13 -4.16 8.57
C GLY A 34 2.11 -4.28 10.08
N LYS A 35 2.42 -5.48 10.55
CA LYS A 35 2.23 -5.86 11.95
C LYS A 35 3.24 -5.15 12.86
N PRO A 36 2.87 -5.03 14.16
CA PRO A 36 3.62 -4.28 15.19
C PRO A 36 5.05 -4.72 15.33
N THR A 37 5.24 -5.98 15.02
CA THR A 37 6.52 -6.62 15.18
C THR A 37 7.48 -6.09 14.13
N THR A 38 6.90 -5.77 12.99
CA THR A 38 7.62 -5.24 11.84
C THR A 38 6.79 -4.16 11.18
N PRO A 39 6.72 -3.08 11.91
CA PRO A 39 5.86 -1.92 11.69
C PRO A 39 6.03 -1.24 10.36
N THR A 40 4.98 -0.55 9.98
CA THR A 40 5.01 0.27 8.83
C THR A 40 5.65 1.61 9.21
N PRO A 41 6.61 2.10 8.41
CA PRO A 41 7.44 3.28 8.74
C PRO A 41 6.65 4.57 8.63
N ALA A 42 5.92 4.68 7.54
CA ALA A 42 5.21 5.89 7.17
C ALA A 42 6.12 7.09 6.95
N GLY A 43 5.74 7.83 5.95
CA GLY A 43 6.44 8.99 5.50
C GLY A 43 6.24 9.17 4.01
N VAL A 44 7.30 8.95 3.26
CA VAL A 44 7.21 8.97 1.82
C VAL A 44 7.86 7.70 1.25
N PHE A 45 7.11 6.96 0.48
CA PHE A 45 7.64 5.86 -0.28
C PHE A 45 7.34 6.17 -1.74
N TYR A 46 7.60 5.28 -2.68
CA TYR A 46 7.48 5.67 -4.08
C TYR A 46 6.94 4.56 -4.98
N VAL A 47 5.89 4.86 -5.75
CA VAL A 47 5.43 3.95 -6.77
C VAL A 47 6.11 4.25 -8.08
N TRP A 48 7.18 3.53 -8.27
CA TRP A 48 7.96 3.62 -9.48
C TRP A 48 7.18 2.92 -10.60
N ASN A 49 6.13 2.21 -10.19
CA ASN A 49 5.36 1.42 -11.14
C ASN A 49 4.07 0.90 -10.51
N LYS A 50 2.97 1.05 -11.22
CA LYS A 50 1.70 0.42 -10.84
C LYS A 50 1.55 -0.93 -11.51
N GLU A 51 0.77 -1.81 -10.89
CA GLU A 51 0.70 -3.18 -11.34
C GLU A 51 -0.70 -3.74 -11.50
N GLU A 52 -0.76 -4.76 -12.32
CA GLU A 52 -1.94 -5.56 -12.56
C GLU A 52 -1.51 -7.01 -12.61
N ASP A 53 -2.17 -7.82 -11.81
CA ASP A 53 -1.82 -9.22 -11.67
C ASP A 53 -0.33 -9.33 -11.34
N ALA A 54 0.04 -8.54 -10.35
CA ALA A 54 1.36 -8.52 -9.79
C ALA A 54 1.48 -9.66 -8.82
N THR A 55 2.66 -9.96 -8.38
CA THR A 55 2.80 -10.92 -7.31
C THR A 55 3.75 -10.42 -6.24
N LEU A 56 3.19 -10.30 -5.07
CA LEU A 56 3.91 -9.84 -3.90
C LEU A 56 4.74 -10.92 -3.28
N LYS A 57 5.93 -10.99 -3.78
CA LYS A 57 6.90 -11.94 -3.32
C LYS A 57 7.94 -11.36 -2.43
N GLY A 58 8.82 -12.23 -1.98
CA GLY A 58 9.86 -11.80 -1.10
C GLY A 58 10.07 -12.78 0.02
N THR A 59 10.71 -12.32 1.08
CA THR A 59 10.76 -13.11 2.27
C THR A 59 10.03 -12.41 3.40
N ASN A 60 9.26 -13.18 4.15
CA ASN A 60 8.69 -12.71 5.39
C ASN A 60 9.77 -12.16 6.26
N ASP A 61 9.38 -11.23 7.12
CA ASP A 61 10.29 -10.63 8.10
C ASP A 61 10.88 -11.66 9.03
N ASP A 62 10.46 -12.89 8.85
CA ASP A 62 10.91 -13.97 9.70
C ASP A 62 11.72 -14.99 8.91
N GLY A 63 11.90 -14.71 7.63
CA GLY A 63 12.78 -15.49 6.84
C GLY A 63 12.08 -16.55 6.04
N THR A 64 10.81 -16.35 5.88
CA THR A 64 9.97 -17.32 5.21
C THR A 64 9.45 -16.73 3.89
N PRO A 65 10.08 -17.10 2.77
CA PRO A 65 9.71 -16.59 1.45
C PRO A 65 8.27 -16.87 1.09
N TYR A 66 7.72 -15.97 0.32
CA TYR A 66 6.30 -15.98 0.08
C TYR A 66 5.93 -15.38 -1.25
N GLU A 67 4.65 -15.47 -1.55
CA GLU A 67 4.06 -14.82 -2.69
C GLU A 67 2.65 -14.40 -2.37
N SER A 68 2.23 -13.31 -2.96
CA SER A 68 0.85 -12.92 -2.92
C SER A 68 0.50 -12.30 -4.24
N PRO A 69 -0.08 -13.07 -5.13
CA PRO A 69 -0.45 -12.59 -6.43
C PRO A 69 -1.56 -11.60 -6.30
N VAL A 70 -1.19 -10.38 -6.55
CA VAL A 70 -1.98 -9.25 -6.27
C VAL A 70 -2.50 -8.71 -7.58
N ASN A 71 -3.58 -7.99 -7.55
CA ASN A 71 -4.22 -7.54 -8.77
C ASN A 71 -3.62 -6.24 -9.18
N TYR A 72 -3.01 -5.57 -8.21
CA TYR A 72 -2.53 -4.20 -8.37
C TYR A 72 -1.47 -3.94 -7.32
N TRP A 73 -0.33 -3.48 -7.77
CA TRP A 73 0.86 -3.43 -6.94
C TRP A 73 1.69 -2.21 -7.26
N MET A 74 2.18 -1.58 -6.23
CA MET A 74 3.08 -0.46 -6.39
C MET A 74 4.39 -0.80 -5.69
N PRO A 75 5.37 -1.37 -6.42
CA PRO A 75 6.65 -1.74 -5.83
C PRO A 75 7.44 -0.54 -5.33
N ILE A 76 7.14 -0.14 -4.11
CA ILE A 76 7.87 0.93 -3.46
C ILE A 76 9.10 0.32 -2.77
N ASP A 77 9.95 1.12 -2.15
CA ASP A 77 11.25 0.59 -1.74
C ASP A 77 11.87 1.34 -0.55
N TRP A 78 13.16 1.02 -0.30
CA TRP A 78 14.03 1.59 0.77
C TRP A 78 13.47 1.45 2.18
N THR A 79 12.24 0.98 2.28
CA THR A 79 11.59 0.76 3.56
C THR A 79 11.01 -0.64 3.65
N GLY A 80 10.92 -1.30 2.51
CA GLY A 80 10.40 -2.65 2.46
C GLY A 80 8.95 -2.66 2.09
N VAL A 81 8.26 -1.58 2.47
CA VAL A 81 6.82 -1.43 2.27
C VAL A 81 6.41 -1.61 0.81
N GLY A 82 5.12 -1.64 0.57
CA GLY A 82 4.59 -1.62 -0.76
C GLY A 82 3.09 -1.62 -0.73
N ILE A 83 2.49 -0.62 -1.32
CA ILE A 83 1.07 -0.52 -1.34
C ILE A 83 0.50 -1.40 -2.44
N HIS A 84 -0.63 -2.03 -2.16
CA HIS A 84 -1.22 -2.98 -3.09
C HIS A 84 -2.68 -3.20 -2.81
N ASP A 85 -3.39 -3.72 -3.81
CA ASP A 85 -4.76 -4.15 -3.63
C ASP A 85 -4.73 -5.55 -3.02
N SER A 86 -5.72 -5.89 -2.23
CA SER A 86 -5.70 -7.14 -1.49
C SER A 86 -7.02 -7.83 -1.63
N ASP A 87 -7.07 -8.75 -2.56
CA ASP A 87 -8.29 -9.47 -2.88
C ASP A 87 -8.50 -10.59 -1.89
N TRP A 88 -7.43 -10.87 -1.15
CA TRP A 88 -7.41 -11.96 -0.20
C TRP A 88 -7.81 -11.51 1.18
N GLN A 89 -7.73 -10.22 1.44
CA GLN A 89 -8.08 -9.69 2.75
C GLN A 89 -9.43 -9.02 2.71
N PRO A 90 -10.33 -9.59 3.49
CA PRO A 90 -11.73 -9.22 3.54
C PRO A 90 -12.03 -8.09 4.49
N GLU A 91 -11.08 -7.75 5.34
CA GLU A 91 -11.23 -6.63 6.20
C GLU A 91 -10.33 -5.47 5.84
N TYR A 92 -10.84 -4.31 6.17
CA TYR A 92 -10.11 -3.06 6.14
C TYR A 92 -10.85 -2.15 7.05
N GLY A 93 -10.14 -1.57 7.96
CA GLY A 93 -10.77 -0.74 8.94
C GLY A 93 -9.83 -0.39 10.04
N GLY A 94 -10.38 -0.01 11.18
CA GLY A 94 -9.59 0.11 12.38
C GLY A 94 -8.61 -1.01 12.50
N ASP A 95 -7.70 -0.80 13.38
CA ASP A 95 -6.42 -1.45 13.32
C ASP A 95 -6.52 -2.95 13.20
N LEU A 96 -6.31 -3.39 11.97
CA LEU A 96 -6.25 -4.80 11.61
C LEU A 96 -4.81 -5.25 11.60
N TRP A 97 -3.95 -4.33 11.23
CA TRP A 97 -2.52 -4.61 11.03
C TRP A 97 -1.89 -5.25 12.24
N LYS A 98 -2.44 -4.99 13.40
CA LYS A 98 -1.90 -5.51 14.63
C LYS A 98 -2.49 -6.85 14.98
N THR A 99 -3.75 -7.01 14.64
CA THR A 99 -4.48 -8.22 14.98
C THR A 99 -4.34 -9.26 13.87
N ARG A 100 -4.42 -8.78 12.65
CA ARG A 100 -4.34 -9.60 11.46
C ARG A 100 -2.91 -9.65 10.96
N GLY A 101 -2.12 -8.68 11.41
CA GLY A 101 -0.69 -8.75 11.32
C GLY A 101 -0.14 -9.03 9.94
N SER A 102 -0.60 -8.32 8.92
CA SER A 102 -0.24 -8.68 7.57
C SER A 102 1.13 -8.11 7.17
N HIS A 103 2.09 -9.02 7.02
CA HIS A 103 3.45 -8.72 6.58
C HIS A 103 3.98 -7.38 7.13
N GLY A 104 4.29 -6.45 6.22
CA GLY A 104 4.89 -5.19 6.60
C GLY A 104 4.30 -3.98 5.88
N CYS A 105 3.60 -4.22 4.77
CA CYS A 105 3.08 -3.11 3.97
C CYS A 105 1.59 -2.90 4.18
N ILE A 106 1.01 -2.09 3.29
CA ILE A 106 -0.38 -1.67 3.40
C ILE A 106 -1.26 -2.51 2.50
N ASN A 107 -2.32 -3.03 3.09
CA ASN A 107 -3.25 -3.90 2.37
C ASN A 107 -4.50 -3.13 1.97
N THR A 108 -4.51 -2.68 0.74
CA THR A 108 -5.56 -1.87 0.18
C THR A 108 -6.61 -2.71 -0.54
N PRO A 109 -7.88 -2.29 -0.44
CA PRO A 109 -9.01 -2.92 -1.15
C PRO A 109 -8.77 -3.08 -2.62
N PRO A 110 -9.26 -4.18 -3.17
CA PRO A 110 -9.05 -4.53 -4.57
C PRO A 110 -9.70 -3.53 -5.52
N SER A 111 -10.79 -2.93 -5.07
CA SER A 111 -11.55 -2.00 -5.89
C SER A 111 -10.83 -0.66 -6.07
N VAL A 112 -9.94 -0.34 -5.14
CA VAL A 112 -9.36 0.99 -5.09
C VAL A 112 -7.99 1.05 -5.68
N MET A 113 -7.13 0.14 -5.32
CA MET A 113 -5.78 0.17 -5.84
C MET A 113 -5.79 -0.13 -7.33
N LYS A 114 -6.96 -0.42 -7.87
CA LYS A 114 -7.09 -0.57 -9.29
C LYS A 114 -7.16 0.82 -9.91
N GLU A 115 -7.88 1.67 -9.18
CA GLU A 115 -8.17 3.01 -9.54
C GLU A 115 -6.88 3.72 -9.63
N LEU A 116 -6.16 3.43 -8.58
CA LEU A 116 -4.80 3.78 -8.42
C LEU A 116 -3.98 3.47 -9.60
N PHE A 117 -3.85 2.20 -9.89
CA PHE A 117 -3.14 1.77 -11.09
C PHE A 117 -3.59 2.62 -12.29
N GLY A 118 -4.79 3.18 -12.15
CA GLY A 118 -5.39 3.95 -13.22
C GLY A 118 -5.03 5.41 -13.13
N MET A 119 -4.75 5.90 -11.92
CA MET A 119 -4.36 7.29 -11.76
C MET A 119 -2.89 7.46 -11.55
N VAL A 120 -2.29 6.65 -10.73
CA VAL A 120 -0.88 6.79 -10.48
C VAL A 120 -0.09 6.35 -11.67
N GLU A 121 1.00 7.02 -11.83
CA GLU A 121 1.88 6.76 -12.90
C GLU A 121 3.16 6.19 -12.35
N LYS A 122 3.88 5.49 -13.20
CA LYS A 122 5.24 5.15 -12.88
C LYS A 122 6.01 6.42 -12.71
N GLY A 123 6.22 6.75 -11.46
CA GLY A 123 6.84 8.01 -11.12
C GLY A 123 6.03 8.76 -10.09
N THR A 124 4.84 8.25 -9.79
CA THR A 124 4.06 8.74 -8.69
C THR A 124 4.70 8.27 -7.40
N PRO A 125 4.57 9.01 -6.30
CA PRO A 125 5.08 8.60 -5.05
C PRO A 125 3.99 7.91 -4.25
N VAL A 126 4.35 7.34 -3.14
CA VAL A 126 3.34 6.82 -2.25
C VAL A 126 3.63 7.32 -0.86
N LEU A 127 2.63 7.41 -0.07
CA LEU A 127 2.81 7.77 1.28
C LEU A 127 2.00 6.86 2.12
N VAL A 128 2.48 6.64 3.30
CA VAL A 128 1.71 6.11 4.37
C VAL A 128 2.14 6.90 5.57
N PHE A 129 1.23 7.27 6.45
CA PHE A 129 1.54 8.07 7.63
C PHE A 129 0.28 8.38 8.42
C 1RG B . 12.60 -8.95 3.72
N 1RG B . 11.24 -9.01 1.68
O 1RG B . 12.04 -8.52 4.74
CA 1RG B . 12.33 -8.30 2.37
CB 1RG B . 11.77 -6.89 2.57
CD 1RG B . 10.06 -8.55 2.37
CG 1RG B . 10.27 -7.03 2.39
CAA 1RG B . 3.68 -6.04 2.14
CAB 1RG B . 4.77 -6.28 1.03
OAC 1RG B . 3.67 -6.70 3.17
CAD 1RG B . 6.06 -6.91 1.69
CAE 1RG B . 4.25 -7.10 -0.14
CAF 1RG B . 5.33 -7.28 -1.20
OAG 1RG B . 3.80 -8.38 0.32
CAH 1RG B . 7.01 -5.88 2.28
CAI 1RG B . 7.72 -6.67 3.17
NAJ 1RG B . 5.80 -7.75 2.86
SAK 1RG B . 9.35 -6.31 3.71
CAL 1RG B . 7.00 -7.77 3.45
CAM 1RG B . 7.45 -8.75 4.26
CAS 1RG B . 6.32 -4.75 3.01
OAT 1RG B . 6.73 -9.76 4.47
OAU 1RG B . 8.57 -8.69 4.80
NAX 1RG B . 13.48 -10.00 3.67
CAY 1RG B . 13.81 -10.68 4.79
CAZ 1RG B . 14.69 -11.76 4.67
CBA 1RG B . 15.05 -12.49 5.80
CBB 1RG B . 14.54 -12.15 7.05
CBC 1RG B . 13.68 -11.08 7.18
CBD 1RG B . 13.31 -10.35 6.06
CBE 1RG B . 15.92 -13.57 5.68
OBF 1RG B . 16.20 -14.28 6.66
OBG 1RG B . 16.44 -13.86 4.58
HN 1RG B . 11.33 -10.00 1.79
HA 1RG B . 13.24 -8.29 1.76
HB 1RG B . 12.00 -6.56 3.57
HBA 1RG B . 12.18 -6.20 1.83
HD 1RG B . 9.17 -8.81 1.81
HDA 1RG B . 10.02 -8.93 3.40
HG 1RG B . 9.98 -6.56 1.43
HAB 1RG B . 4.98 -5.41 0.52
HAD 1RG B . 6.58 -7.47 0.94
HAE 1RG B . 3.40 -6.57 -0.58
HAF 1RG B . 4.90 -7.80 -2.05
HAFA 1RG B . 6.14 -7.85 -0.79
HAFB 1RG B . 5.68 -6.31 -1.52
HOAG 1RG B . 4.52 -8.84 0.74
HAH 1RG B . 7.66 -5.51 1.50
HNAJ 1RG B . 5.59 -8.69 2.53
HAS 1RG B . 6.16 -3.94 2.32
HASA 1RG B . 6.95 -4.41 3.83
HASB 1RG B . 5.38 -5.09 3.40
HNAX 1RG B . 13.87 -10.28 2.79
HAZ 1RG B . 15.09 -12.02 3.71
HBB 1RG B . 14.82 -12.72 7.92
HBC 1RG B . 13.27 -10.82 8.15
HBD 1RG B . 12.63 -9.53 6.16
HAT2 1RG B . 11.22 -8.76 0.70
N GLY A 1 9.84 17.45 -0.10
CA GLY A 1 8.47 17.20 -0.62
C GLY A 1 8.46 16.10 -1.66
N HIS A 2 7.33 15.89 -2.29
CA HIS A 2 7.22 14.90 -3.36
C HIS A 2 6.41 15.40 -4.52
N MET A 3 7.13 15.83 -5.56
CA MET A 3 6.53 16.06 -6.87
C MET A 3 5.45 17.15 -6.84
N GLU A 4 4.64 17.17 -7.90
CA GLU A 4 3.38 17.89 -7.91
C GLU A 4 2.46 17.22 -6.90
N ASP A 5 1.28 17.79 -6.69
CA ASP A 5 0.37 17.17 -5.74
C ASP A 5 -0.38 16.05 -6.42
N THR A 6 0.27 14.91 -6.47
CA THR A 6 -0.34 13.67 -6.85
C THR A 6 0.48 12.53 -6.28
N TYR A 7 -0.18 11.56 -5.70
CA TYR A 7 0.51 10.47 -5.03
C TYR A 7 -0.47 9.56 -4.34
N ILE A 8 -0.04 8.35 -4.09
CA ILE A 8 -0.75 7.51 -3.15
C ILE A 8 -0.41 7.94 -1.76
N GLU A 9 -1.31 7.67 -0.88
CA GLU A 9 -1.16 8.04 0.49
C GLU A 9 -1.87 7.01 1.35
N VAL A 10 -1.34 6.77 2.51
CA VAL A 10 -1.93 5.93 3.50
C VAL A 10 -1.76 6.54 4.88
N ASP A 11 -2.64 6.20 5.76
CA ASP A 11 -2.58 6.63 7.12
C ASP A 11 -2.93 5.44 7.97
N LEU A 12 -1.91 4.88 8.58
CA LEU A 12 -1.93 3.56 9.20
C LEU A 12 -2.58 3.63 10.53
N GLU A 13 -2.30 4.77 11.12
CA GLU A 13 -2.82 5.18 12.40
C GLU A 13 -4.31 5.14 12.32
N ASN A 14 -4.73 5.69 11.21
CA ASN A 14 -6.14 5.88 10.90
C ASN A 14 -6.65 4.80 9.97
N GLN A 15 -5.73 3.84 9.75
CA GLN A 15 -5.89 2.72 8.82
C GLN A 15 -6.70 3.09 7.60
N HIS A 16 -6.21 4.05 6.85
CA HIS A 16 -6.91 4.52 5.68
C HIS A 16 -5.91 4.82 4.58
N MET A 17 -6.23 4.40 3.38
CA MET A 17 -5.37 4.64 2.26
C MET A 17 -6.04 5.58 1.27
N TRP A 18 -5.24 6.22 0.46
CA TRP A 18 -5.71 7.20 -0.50
C TRP A 18 -4.91 7.11 -1.77
N TYR A 19 -5.48 7.66 -2.81
CA TYR A 19 -4.71 8.23 -3.87
C TYR A 19 -4.95 9.68 -3.84
N TYR A 20 -4.02 10.40 -4.32
CA TYR A 20 -4.10 11.83 -4.34
C TYR A 20 -3.83 12.34 -5.72
N LYS A 21 -4.81 12.98 -6.26
CA LYS A 21 -4.65 13.75 -7.47
C LYS A 21 -4.99 15.17 -7.10
N ASP A 22 -4.20 16.11 -7.59
CA ASP A 22 -4.50 17.53 -7.46
C ASP A 22 -4.36 18.05 -6.04
N GLY A 23 -3.67 17.27 -5.22
CA GLY A 23 -3.58 17.58 -3.80
C GLY A 23 -4.81 17.21 -3.04
N LYS A 24 -5.66 16.55 -3.73
CA LYS A 24 -6.89 16.05 -3.21
C LYS A 24 -6.90 14.59 -3.55
N VAL A 25 -7.89 13.85 -3.15
CA VAL A 25 -7.83 12.45 -3.46
C VAL A 25 -8.69 11.97 -4.56
N ALA A 26 -8.24 10.83 -5.05
CA ALA A 26 -8.85 10.14 -6.12
C ALA A 26 -9.44 8.91 -5.53
N LEU A 27 -8.81 8.53 -4.45
CA LEU A 27 -9.12 7.35 -3.73
C LEU A 27 -9.18 7.60 -2.27
N GLU A 28 -10.07 6.89 -1.68
CA GLU A 28 -10.24 6.89 -0.28
C GLU A 28 -10.53 5.48 0.06
N THR A 29 -9.72 4.87 0.84
CA THR A 29 -9.99 3.55 1.19
C THR A 29 -9.48 3.22 2.55
N ASP A 30 -9.94 2.13 3.05
CA ASP A 30 -9.56 1.67 4.34
C ASP A 30 -8.58 0.52 4.21
N ILE A 31 -7.54 0.53 5.03
CA ILE A 31 -6.44 -0.40 4.88
C ILE A 31 -5.99 -0.96 6.19
N VAL A 32 -4.91 -1.69 6.09
CA VAL A 32 -4.21 -2.22 7.23
C VAL A 32 -2.74 -2.36 6.85
N SER A 33 -1.93 -1.65 7.61
CA SER A 33 -0.48 -1.63 7.41
C SER A 33 0.16 -2.86 8.03
N GLY A 34 1.47 -2.89 8.16
CA GLY A 34 2.11 -4.09 8.63
C GLY A 34 2.12 -4.18 10.15
N LYS A 35 2.50 -5.34 10.64
CA LYS A 35 2.27 -5.72 12.03
C LYS A 35 3.23 -5.00 13.00
N PRO A 36 2.81 -4.88 14.28
CA PRO A 36 3.49 -4.11 15.34
C PRO A 36 4.92 -4.49 15.55
N THR A 37 5.17 -5.75 15.29
CA THR A 37 6.49 -6.32 15.50
C THR A 37 7.46 -5.71 14.51
N THR A 38 6.92 -5.38 13.37
CA THR A 38 7.67 -4.79 12.27
C THR A 38 6.83 -3.73 11.58
N PRO A 39 6.67 -2.66 12.32
CA PRO A 39 5.81 -1.54 12.01
C PRO A 39 6.13 -0.89 10.71
N THR A 40 5.10 -0.47 10.01
CA THR A 40 5.31 0.24 8.80
C THR A 40 5.83 1.65 9.16
N PRO A 41 6.73 2.19 8.33
CA PRO A 41 7.55 3.35 8.65
C PRO A 41 6.76 4.63 8.56
N ALA A 42 5.97 4.71 7.51
CA ALA A 42 5.23 5.89 7.15
C ALA A 42 6.09 7.12 6.93
N GLY A 43 5.72 7.79 5.88
CA GLY A 43 6.38 8.98 5.43
C GLY A 43 6.15 9.14 3.95
N VAL A 44 7.20 9.05 3.17
CA VAL A 44 7.08 9.11 1.74
C VAL A 44 7.84 7.95 1.06
N PHE A 45 7.09 7.08 0.40
CA PHE A 45 7.65 6.00 -0.37
C PHE A 45 7.34 6.28 -1.85
N TYR A 46 7.65 5.39 -2.78
CA TYR A 46 7.50 5.76 -4.20
C TYR A 46 6.95 4.64 -5.07
N VAL A 47 5.85 4.93 -5.77
CA VAL A 47 5.36 4.03 -6.82
C VAL A 47 5.97 4.42 -8.13
N TRP A 48 7.06 3.78 -8.40
CA TRP A 48 7.76 3.98 -9.64
C TRP A 48 7.29 2.92 -10.61
N ASN A 49 6.22 2.24 -10.19
CA ASN A 49 5.52 1.28 -11.02
C ASN A 49 4.20 0.87 -10.35
N LYS A 50 3.13 1.00 -11.10
CA LYS A 50 1.82 0.48 -10.74
C LYS A 50 1.57 -0.82 -11.48
N GLU A 51 0.90 -1.75 -10.83
CA GLU A 51 0.82 -3.12 -11.33
C GLU A 51 -0.58 -3.66 -11.52
N GLU A 52 -0.64 -4.67 -12.37
CA GLU A 52 -1.83 -5.43 -12.64
C GLU A 52 -1.44 -6.89 -12.70
N ASP A 53 -2.14 -7.69 -11.92
CA ASP A 53 -1.86 -9.11 -11.82
C ASP A 53 -0.39 -9.30 -11.44
N ALA A 54 0.00 -8.53 -10.44
CA ALA A 54 1.31 -8.56 -9.86
C ALA A 54 1.39 -9.72 -8.89
N THR A 55 2.56 -10.08 -8.47
CA THR A 55 2.66 -11.04 -7.40
C THR A 55 3.63 -10.59 -6.33
N LEU A 56 3.09 -10.45 -5.16
CA LEU A 56 3.84 -10.02 -3.99
C LEU A 56 4.62 -11.15 -3.39
N LYS A 57 5.80 -11.28 -3.88
CA LYS A 57 6.73 -12.28 -3.43
C LYS A 57 7.77 -11.74 -2.49
N GLY A 58 8.60 -12.64 -2.02
CA GLY A 58 9.60 -12.25 -1.08
C GLY A 58 9.73 -13.22 0.04
N THR A 59 10.26 -12.77 1.17
CA THR A 59 10.28 -13.58 2.34
C THR A 59 9.43 -13.00 3.44
N ASN A 60 8.72 -13.87 4.14
CA ASN A 60 8.04 -13.54 5.37
C ASN A 60 9.04 -13.01 6.37
N ASP A 61 8.51 -12.20 7.28
CA ASP A 61 9.27 -11.64 8.38
C ASP A 61 9.88 -12.72 9.25
N ASP A 62 9.61 -13.96 8.92
CA ASP A 62 10.12 -15.07 9.70
C ASP A 62 11.04 -15.95 8.87
N GLY A 63 11.25 -15.52 7.64
CA GLY A 63 12.23 -16.17 6.82
C GLY A 63 11.65 -17.20 5.92
N THR A 64 10.36 -17.11 5.75
CA THR A 64 9.62 -18.08 4.98
C THR A 64 9.06 -17.43 3.72
N PRO A 65 9.70 -17.68 2.57
CA PRO A 65 9.34 -17.06 1.31
C PRO A 65 7.91 -17.32 0.90
N TYR A 66 7.37 -16.36 0.19
CA TYR A 66 5.95 -16.33 -0.09
C TYR A 66 5.63 -15.70 -1.41
N GLU A 67 4.36 -15.77 -1.73
CA GLU A 67 3.79 -15.06 -2.85
C GLU A 67 2.41 -14.57 -2.51
N SER A 68 2.05 -13.46 -3.09
CA SER A 68 0.70 -12.98 -3.00
C SER A 68 0.35 -12.35 -4.31
N PRO A 69 -0.29 -13.09 -5.17
CA PRO A 69 -0.66 -12.59 -6.47
C PRO A 69 -1.73 -11.56 -6.33
N VAL A 70 -1.31 -10.36 -6.62
CA VAL A 70 -2.05 -9.19 -6.34
C VAL A 70 -2.52 -8.64 -7.67
N ASN A 71 -3.62 -7.95 -7.67
CA ASN A 71 -4.20 -7.49 -8.91
C ASN A 71 -3.57 -6.18 -9.29
N TYR A 72 -2.99 -5.54 -8.29
CA TYR A 72 -2.50 -4.18 -8.42
C TYR A 72 -1.45 -3.94 -7.36
N TRP A 73 -0.29 -3.49 -7.79
CA TRP A 73 0.89 -3.46 -6.95
C TRP A 73 1.73 -2.26 -7.25
N MET A 74 2.15 -1.60 -6.22
CA MET A 74 3.08 -0.53 -6.35
C MET A 74 4.37 -0.93 -5.65
N PRO A 75 5.34 -1.52 -6.38
CA PRO A 75 6.59 -1.96 -5.79
C PRO A 75 7.45 -0.80 -5.32
N ILE A 76 7.03 -0.17 -4.25
CA ILE A 76 7.78 0.91 -3.66
C ILE A 76 9.04 0.33 -3.02
N ASP A 77 9.93 1.17 -2.53
CA ASP A 77 11.27 0.67 -2.22
C ASP A 77 11.89 1.38 -1.01
N TRP A 78 13.17 1.04 -0.78
CA TRP A 78 14.07 1.61 0.27
C TRP A 78 13.48 1.63 1.69
N THR A 79 12.26 1.15 1.84
CA THR A 79 11.57 1.15 3.12
C THR A 79 10.98 -0.21 3.45
N GLY A 80 10.89 -1.06 2.43
CA GLY A 80 10.39 -2.41 2.62
C GLY A 80 8.94 -2.52 2.24
N VAL A 81 8.22 -1.45 2.51
CA VAL A 81 6.78 -1.35 2.29
C VAL A 81 6.42 -1.56 0.82
N GLY A 82 5.13 -1.64 0.55
CA GLY A 82 4.61 -1.62 -0.80
C GLY A 82 3.12 -1.64 -0.78
N ILE A 83 2.52 -0.65 -1.35
CA ILE A 83 1.09 -0.54 -1.36
C ILE A 83 0.50 -1.41 -2.47
N HIS A 84 -0.63 -2.03 -2.19
CA HIS A 84 -1.20 -2.98 -3.14
C HIS A 84 -2.69 -3.19 -2.88
N ASP A 85 -3.38 -3.73 -3.87
CA ASP A 85 -4.75 -4.15 -3.68
C ASP A 85 -4.72 -5.54 -3.07
N SER A 86 -5.68 -5.85 -2.22
CA SER A 86 -5.61 -7.08 -1.46
C SER A 86 -6.94 -7.77 -1.50
N ASP A 87 -7.01 -8.73 -2.38
CA ASP A 87 -8.23 -9.47 -2.60
C ASP A 87 -8.39 -10.55 -1.53
N TRP A 88 -7.29 -10.74 -0.78
CA TRP A 88 -7.21 -11.78 0.23
C TRP A 88 -7.56 -11.27 1.62
N GLN A 89 -7.35 -9.97 1.86
CA GLN A 89 -7.72 -9.38 3.13
C GLN A 89 -9.13 -8.87 3.04
N PRO A 90 -10.00 -9.56 3.74
CA PRO A 90 -11.44 -9.37 3.67
C PRO A 90 -11.91 -8.23 4.55
N GLU A 91 -11.06 -7.83 5.47
CA GLU A 91 -11.33 -6.67 6.27
C GLU A 91 -10.40 -5.53 5.95
N TYR A 92 -10.89 -4.37 6.29
CA TYR A 92 -10.15 -3.13 6.25
C TYR A 92 -10.89 -2.19 7.14
N GLY A 93 -10.19 -1.58 8.02
CA GLY A 93 -10.84 -0.73 8.98
C GLY A 93 -9.90 -0.36 10.06
N GLY A 94 -10.46 0.02 11.21
CA GLY A 94 -9.66 0.12 12.41
C GLY A 94 -8.75 -1.06 12.56
N ASP A 95 -7.91 -0.97 13.55
CA ASP A 95 -6.66 -1.68 13.54
C ASP A 95 -6.79 -3.17 13.27
N LEU A 96 -6.46 -3.50 12.01
CA LEU A 96 -6.31 -4.85 11.55
C LEU A 96 -4.83 -5.23 11.59
N TRP A 97 -4.00 -4.25 11.26
CA TRP A 97 -2.57 -4.49 11.06
C TRP A 97 -1.91 -5.16 12.25
N LYS A 98 -2.49 -4.95 13.43
CA LYS A 98 -1.93 -5.48 14.64
C LYS A 98 -2.48 -6.85 14.97
N THR A 99 -3.73 -7.04 14.66
CA THR A 99 -4.43 -8.27 14.97
C THR A 99 -4.33 -9.27 13.82
N ARG A 100 -4.52 -8.75 12.63
CA ARG A 100 -4.49 -9.53 11.42
C ARG A 100 -3.07 -9.56 10.87
N GLY A 101 -2.26 -8.59 11.33
CA GLY A 101 -0.82 -8.69 11.23
C GLY A 101 -0.30 -9.03 9.85
N SER A 102 -0.77 -8.37 8.81
CA SER A 102 -0.39 -8.78 7.47
C SER A 102 0.95 -8.18 7.05
N HIS A 103 1.95 -9.07 6.95
CA HIS A 103 3.32 -8.71 6.55
C HIS A 103 3.78 -7.35 7.10
N GLY A 104 4.33 -6.52 6.22
CA GLY A 104 4.85 -5.22 6.64
C GLY A 104 4.20 -4.03 5.93
N CYS A 105 3.58 -4.26 4.78
CA CYS A 105 3.07 -3.16 3.99
C CYS A 105 1.57 -2.94 4.18
N ILE A 106 1.00 -2.14 3.29
CA ILE A 106 -0.39 -1.71 3.40
C ILE A 106 -1.29 -2.59 2.55
N ASN A 107 -2.36 -3.07 3.15
CA ASN A 107 -3.30 -3.93 2.46
C ASN A 107 -4.53 -3.15 2.03
N THR A 108 -4.50 -2.66 0.81
CA THR A 108 -5.54 -1.86 0.24
C THR A 108 -6.58 -2.70 -0.49
N PRO A 109 -7.86 -2.30 -0.38
CA PRO A 109 -8.98 -2.94 -1.08
C PRO A 109 -8.73 -3.11 -2.55
N PRO A 110 -9.22 -4.22 -3.09
CA PRO A 110 -9.00 -4.59 -4.47
C PRO A 110 -9.65 -3.60 -5.45
N SER A 111 -10.72 -2.97 -5.00
CA SER A 111 -11.47 -2.06 -5.83
C SER A 111 -10.76 -0.71 -6.01
N VAL A 112 -9.87 -0.37 -5.08
CA VAL A 112 -9.31 0.96 -5.04
C VAL A 112 -7.92 1.02 -5.63
N MET A 113 -7.07 0.13 -5.26
CA MET A 113 -5.72 0.17 -5.79
C MET A 113 -5.74 -0.15 -7.28
N LYS A 114 -6.90 -0.43 -7.81
CA LYS A 114 -7.02 -0.61 -9.23
C LYS A 114 -7.12 0.76 -9.87
N GLU A 115 -7.85 1.62 -9.15
CA GLU A 115 -8.16 2.96 -9.52
C GLU A 115 -6.87 3.67 -9.61
N LEU A 116 -6.14 3.39 -8.56
CA LEU A 116 -4.80 3.78 -8.38
C LEU A 116 -3.97 3.49 -9.56
N PHE A 117 -3.78 2.23 -9.85
CA PHE A 117 -3.03 1.83 -11.06
C PHE A 117 -3.49 2.68 -12.25
N GLY A 118 -4.72 3.17 -12.13
CA GLY A 118 -5.33 3.91 -13.21
C GLY A 118 -5.01 5.38 -13.13
N MET A 119 -4.73 5.88 -11.92
CA MET A 119 -4.35 7.27 -11.76
C MET A 119 -2.87 7.45 -11.58
N VAL A 120 -2.27 6.64 -10.76
CA VAL A 120 -0.86 6.76 -10.53
C VAL A 120 -0.07 6.31 -11.71
N GLU A 121 1.05 6.93 -11.84
CA GLU A 121 1.94 6.67 -12.91
C GLU A 121 3.24 6.19 -12.35
N LYS A 122 3.99 5.46 -13.14
CA LYS A 122 5.35 5.13 -12.79
C LYS A 122 6.11 6.41 -12.59
N GLY A 123 6.29 6.73 -11.34
CA GLY A 123 6.93 7.98 -10.97
C GLY A 123 6.12 8.73 -9.95
N THR A 124 4.90 8.28 -9.71
CA THR A 124 4.08 8.77 -8.63
C THR A 124 4.69 8.33 -7.31
N PRO A 125 4.51 9.08 -6.24
CA PRO A 125 4.99 8.71 -4.96
C PRO A 125 3.90 7.98 -4.19
N VAL A 126 4.27 7.33 -3.14
CA VAL A 126 3.28 6.78 -2.26
C VAL A 126 3.59 7.27 -0.88
N LEU A 127 2.60 7.38 -0.08
CA LEU A 127 2.80 7.74 1.27
C LEU A 127 1.99 6.84 2.11
N VAL A 128 2.48 6.62 3.28
CA VAL A 128 1.72 6.06 4.36
C VAL A 128 2.16 6.84 5.56
N PHE A 129 1.26 7.22 6.45
CA PHE A 129 1.58 8.01 7.63
C PHE A 129 0.34 8.36 8.44
C 1RG B . 12.22 -9.66 4.46
N 1RG B . 11.05 -9.62 2.30
O 1RG B . 11.20 -10.14 4.96
CA 1RG B . 12.15 -9.02 3.07
CB 1RG B . 11.76 -7.55 3.19
CD 1RG B . 9.87 -8.93 2.82
CG 1RG B . 10.31 -7.48 2.76
CAA 1RG B . 3.73 -6.06 2.13
CAB 1RG B . 4.81 -6.32 1.02
OAC 1RG B . 3.72 -6.70 3.17
CAD 1RG B . 6.09 -6.97 1.69
CAE 1RG B . 4.28 -7.12 -0.16
CAF 1RG B . 5.36 -7.35 -1.21
OAG 1RG B . 3.79 -8.39 0.31
CAH 1RG B . 7.05 -5.97 2.32
CAI 1RG B . 7.70 -6.78 3.24
NAJ 1RG B . 5.78 -7.85 2.83
SAK 1RG B . 9.33 -6.47 3.84
CAL 1RG B . 6.94 -7.86 3.51
CAM 1RG B . 7.28 -8.79 4.41
CAS 1RG B . 6.35 -4.82 3.03
OAT 1RG B . 6.53 -9.77 4.60
OAU 1RG B . 8.36 -8.71 5.05
NAX 1RG B . 13.46 -9.66 5.03
CAY 1RG B . 13.66 -10.23 6.24
CAZ 1RG B . 14.95 -10.19 6.79
CBA 1RG B . 15.20 -10.76 8.03
CBB 1RG B . 14.17 -11.38 8.73
CBC 1RG B . 12.90 -11.41 8.20
CBD 1RG B . 12.64 -10.84 6.96
CBE 1RG B . 16.48 -10.72 8.57
OBF 1RG B . 16.72 -11.24 9.68
OBG 1RG B . 17.42 -10.18 7.97
HN 1RG B . 10.98 -10.59 2.48
HA 1RG B . 13.10 -9.13 2.55
HB 1RG B . 11.86 -7.22 4.23
HBA 1RG B . 12.38 -6.93 2.54
HD 1RG B . 9.02 -9.12 2.18
HDA 1RG B . 9.67 -9.23 3.85
HG 1RG B . 10.26 -7.07 1.73
HAB 1RG B . 5.05 -5.45 0.51
HAD 1RG B . 6.63 -7.53 0.93
HAE 1RG B . 3.47 -6.58 -0.61
HAF 1RG B . 6.16 -7.94 -0.77
HAFA 1RG B . 5.76 -6.40 -1.53
HAFB 1RG B . 4.95 -7.87 -2.04
HOAG 1RG B . 3.08 -8.25 0.94
HAH 1RG B . 7.74 -5.60 1.57
HNAJ 1RG B . 5.62 -8.77 2.46
HAS 1RG B . 5.41 -5.16 3.44
HASA 1RG B . 6.18 -4.02 2.34
HASB 1RG B . 6.98 -4.46 3.84
HNAX 1RG B . 14.23 -9.24 4.53
HAZ 1RG B . 15.76 -9.71 6.24
HBB 1RG B . 14.37 -11.82 9.70
HBC 1RG B . 12.11 -11.90 8.75
HBD 1RG B . 11.64 -10.88 6.56
HAT2 1RG B . 11.16 -9.43 1.32
N GLY A 1 6.26 19.29 0.30
CA GLY A 1 5.15 18.88 -0.59
C GLY A 1 5.55 17.70 -1.46
N HIS A 2 4.71 17.36 -2.42
CA HIS A 2 5.01 16.28 -3.33
C HIS A 2 4.73 16.67 -4.75
N MET A 3 5.80 16.77 -5.55
CA MET A 3 5.68 16.86 -7.01
C MET A 3 4.65 17.90 -7.41
N GLU A 4 4.00 17.67 -8.53
CA GLU A 4 2.68 18.19 -8.72
C GLU A 4 1.82 17.41 -7.73
N ASP A 5 0.71 17.94 -7.27
CA ASP A 5 0.03 17.28 -6.16
C ASP A 5 -0.67 16.03 -6.65
N THR A 6 0.07 14.95 -6.67
CA THR A 6 -0.46 13.65 -6.98
C THR A 6 0.42 12.57 -6.39
N TYR A 7 -0.21 11.59 -5.76
CA TYR A 7 0.52 10.50 -5.13
C TYR A 7 -0.43 9.61 -4.35
N ILE A 8 0.00 8.39 -4.10
CA ILE A 8 -0.70 7.57 -3.13
C ILE A 8 -0.33 8.01 -1.75
N GLU A 9 -1.23 7.82 -0.85
CA GLU A 9 -1.04 8.25 0.51
C GLU A 9 -1.78 7.34 1.45
N VAL A 10 -1.19 7.04 2.59
CA VAL A 10 -1.86 6.23 3.58
C VAL A 10 -1.75 6.83 4.96
N ASP A 11 -2.62 6.38 5.83
CA ASP A 11 -2.61 6.71 7.23
C ASP A 11 -2.95 5.46 8.00
N LEU A 12 -1.94 4.91 8.63
CA LEU A 12 -1.97 3.58 9.26
C LEU A 12 -2.59 3.67 10.60
N GLU A 13 -2.30 4.79 11.19
CA GLU A 13 -2.82 5.21 12.48
C GLU A 13 -4.30 5.15 12.42
N ASN A 14 -4.75 5.66 11.30
CA ASN A 14 -6.17 5.83 11.01
C ASN A 14 -6.66 4.77 10.05
N GLN A 15 -5.74 3.85 9.76
CA GLN A 15 -5.89 2.77 8.80
C GLN A 15 -6.73 3.14 7.60
N HIS A 16 -6.25 4.12 6.88
CA HIS A 16 -6.93 4.59 5.69
C HIS A 16 -5.91 4.92 4.62
N MET A 17 -6.20 4.48 3.42
CA MET A 17 -5.31 4.71 2.31
C MET A 17 -5.97 5.64 1.31
N TRP A 18 -5.16 6.31 0.54
CA TRP A 18 -5.59 7.32 -0.40
C TRP A 18 -4.80 7.24 -1.68
N TYR A 19 -5.41 7.70 -2.75
CA TYR A 19 -4.67 8.25 -3.83
C TYR A 19 -4.93 9.70 -3.82
N TYR A 20 -4.01 10.42 -4.33
CA TYR A 20 -4.11 11.86 -4.37
C TYR A 20 -3.91 12.35 -5.76
N LYS A 21 -4.92 12.99 -6.27
CA LYS A 21 -4.82 13.73 -7.49
C LYS A 21 -5.21 15.14 -7.16
N ASP A 22 -4.46 16.10 -7.66
CA ASP A 22 -4.78 17.52 -7.52
C ASP A 22 -4.59 18.03 -6.11
N GLY A 23 -3.88 17.25 -5.29
CA GLY A 23 -3.74 17.57 -3.88
C GLY A 23 -4.93 17.19 -3.08
N LYS A 24 -5.81 16.54 -3.76
CA LYS A 24 -7.02 16.04 -3.19
C LYS A 24 -7.01 14.58 -3.55
N VAL A 25 -7.96 13.81 -3.14
CA VAL A 25 -7.85 12.41 -3.44
C VAL A 25 -8.73 11.90 -4.52
N ALA A 26 -8.24 10.80 -5.03
CA ALA A 26 -8.85 10.10 -6.08
C ALA A 26 -9.44 8.87 -5.47
N LEU A 27 -8.78 8.50 -4.41
CA LEU A 27 -9.07 7.33 -3.69
C LEU A 27 -9.12 7.58 -2.24
N GLU A 28 -10.04 6.90 -1.64
CA GLU A 28 -10.21 6.92 -0.26
C GLU A 28 -10.52 5.52 0.10
N THR A 29 -9.69 4.92 0.88
CA THR A 29 -9.96 3.59 1.21
C THR A 29 -9.45 3.24 2.57
N ASP A 30 -9.95 2.18 3.06
CA ASP A 30 -9.62 1.70 4.34
C ASP A 30 -8.64 0.54 4.19
N ILE A 31 -7.61 0.56 5.02
CA ILE A 31 -6.47 -0.36 4.86
C ILE A 31 -6.03 -0.94 6.14
N VAL A 32 -4.94 -1.67 6.02
CA VAL A 32 -4.24 -2.20 7.14
C VAL A 32 -2.77 -2.35 6.79
N SER A 33 -1.96 -1.68 7.58
CA SER A 33 -0.52 -1.65 7.41
C SER A 33 0.11 -2.89 8.02
N GLY A 34 1.42 -2.93 8.16
CA GLY A 34 2.03 -4.16 8.62
C GLY A 34 2.03 -4.27 10.13
N LYS A 35 2.34 -5.47 10.60
CA LYS A 35 2.12 -5.86 11.99
C LYS A 35 3.13 -5.20 12.93
N PRO A 36 2.74 -5.09 14.22
CA PRO A 36 3.48 -4.37 15.29
C PRO A 36 4.89 -4.84 15.46
N THR A 37 5.06 -6.08 15.13
CA THR A 37 6.33 -6.75 15.31
C THR A 37 7.32 -6.21 14.30
N THR A 38 6.79 -5.88 13.14
CA THR A 38 7.55 -5.35 12.04
C THR A 38 6.74 -4.28 11.32
N PRO A 39 6.60 -3.19 12.06
CA PRO A 39 5.73 -2.06 11.76
C PRO A 39 6.01 -1.38 10.46
N THR A 40 5.00 -0.73 9.93
CA THR A 40 5.19 0.05 8.76
C THR A 40 5.72 1.44 9.18
N PRO A 41 6.64 1.99 8.39
CA PRO A 41 7.44 3.18 8.74
C PRO A 41 6.65 4.46 8.64
N ALA A 42 5.89 4.55 7.57
CA ALA A 42 5.17 5.74 7.19
C ALA A 42 6.08 6.95 6.95
N GLY A 43 5.73 7.61 5.88
CA GLY A 43 6.43 8.77 5.40
C GLY A 43 6.27 8.89 3.91
N VAL A 44 7.37 8.83 3.20
CA VAL A 44 7.32 8.86 1.76
C VAL A 44 7.98 7.61 1.17
N PHE A 45 7.19 6.81 0.50
CA PHE A 45 7.69 5.70 -0.26
C PHE A 45 7.39 6.02 -1.72
N TYR A 46 7.60 5.12 -2.65
CA TYR A 46 7.47 5.53 -4.04
C TYR A 46 6.93 4.46 -4.98
N VAL A 47 5.87 4.79 -5.73
CA VAL A 47 5.42 3.91 -6.78
C VAL A 47 6.18 4.18 -8.05
N TRP A 48 7.24 3.43 -8.19
CA TRP A 48 8.07 3.48 -9.37
C TRP A 48 7.29 2.86 -10.51
N ASN A 49 6.22 2.15 -10.16
CA ASN A 49 5.42 1.40 -11.12
C ASN A 49 4.14 0.90 -10.49
N LYS A 50 3.04 1.10 -11.19
CA LYS A 50 1.75 0.54 -10.83
C LYS A 50 1.55 -0.78 -11.57
N GLU A 51 0.90 -1.73 -10.90
CA GLU A 51 0.84 -3.10 -11.39
C GLU A 51 -0.55 -3.65 -11.54
N GLU A 52 -0.62 -4.65 -12.39
CA GLU A 52 -1.80 -5.45 -12.62
C GLU A 52 -1.40 -6.90 -12.67
N ASP A 53 -2.06 -7.71 -11.87
CA ASP A 53 -1.74 -9.14 -11.80
C ASP A 53 -0.26 -9.30 -11.43
N ALA A 54 0.12 -8.50 -10.44
CA ALA A 54 1.45 -8.50 -9.86
C ALA A 54 1.55 -9.64 -8.88
N THR A 55 2.74 -9.96 -8.45
CA THR A 55 2.87 -10.94 -7.39
C THR A 55 3.79 -10.46 -6.29
N LEU A 56 3.21 -10.38 -5.13
CA LEU A 56 3.92 -9.96 -3.93
C LEU A 56 4.67 -11.09 -3.29
N LYS A 57 5.87 -11.23 -3.74
CA LYS A 57 6.78 -12.22 -3.25
C LYS A 57 7.81 -11.67 -2.30
N GLY A 58 8.62 -12.56 -1.80
CA GLY A 58 9.64 -12.16 -0.88
C GLY A 58 9.77 -13.13 0.26
N THR A 59 10.38 -12.70 1.34
CA THR A 59 10.37 -13.46 2.54
C THR A 59 9.62 -12.74 3.64
N ASN A 60 8.84 -13.49 4.38
CA ASN A 60 8.24 -13.01 5.60
C ASN A 60 9.33 -12.54 6.53
N ASP A 61 8.95 -11.64 7.44
CA ASP A 61 9.86 -11.09 8.44
C ASP A 61 10.34 -12.17 9.37
N ASP A 62 9.85 -13.36 9.14
CA ASP A 62 10.17 -14.50 9.96
C ASP A 62 10.95 -15.53 9.18
N GLY A 63 11.24 -15.18 7.94
CA GLY A 63 12.12 -15.98 7.16
C GLY A 63 11.42 -16.99 6.33
N THR A 64 10.15 -16.76 6.16
CA THR A 64 9.30 -17.69 5.46
C THR A 64 8.85 -17.08 4.13
N PRO A 65 9.51 -17.48 3.04
CA PRO A 65 9.23 -16.95 1.71
C PRO A 65 7.79 -17.16 1.29
N TYR A 66 7.33 -16.24 0.47
CA TYR A 66 5.92 -16.19 0.16
C TYR A 66 5.64 -15.57 -1.20
N GLU A 67 4.39 -15.64 -1.56
CA GLU A 67 3.87 -14.98 -2.73
C GLU A 67 2.46 -14.51 -2.48
N SER A 68 2.12 -13.39 -3.07
CA SER A 68 0.76 -12.95 -3.06
C SER A 68 0.46 -12.31 -4.39
N PRO A 69 -0.13 -13.06 -5.28
CA PRO A 69 -0.49 -12.57 -6.57
C PRO A 69 -1.60 -11.57 -6.43
N VAL A 70 -1.21 -10.36 -6.69
CA VAL A 70 -1.99 -9.20 -6.40
C VAL A 70 -2.46 -8.64 -7.73
N ASN A 71 -3.55 -7.95 -7.71
CA ASN A 71 -4.15 -7.47 -8.94
C ASN A 71 -3.53 -6.15 -9.29
N TYR A 72 -2.95 -5.52 -8.30
CA TYR A 72 -2.47 -4.15 -8.42
C TYR A 72 -1.42 -3.90 -7.36
N TRP A 73 -0.27 -3.46 -7.81
CA TRP A 73 0.92 -3.41 -6.98
C TRP A 73 1.75 -2.20 -7.29
N MET A 74 2.24 -1.57 -6.27
CA MET A 74 3.16 -0.48 -6.43
C MET A 74 4.44 -0.84 -5.71
N PRO A 75 5.42 -1.43 -6.43
CA PRO A 75 6.70 -1.83 -5.84
C PRO A 75 7.51 -0.64 -5.35
N ILE A 76 7.20 -0.21 -4.14
CA ILE A 76 7.89 0.90 -3.54
C ILE A 76 9.18 0.40 -2.87
N ASP A 77 9.99 1.29 -2.31
CA ASP A 77 11.35 0.89 -1.96
C ASP A 77 11.83 1.55 -0.65
N TRP A 78 13.14 1.36 -0.37
CA TRP A 78 13.90 1.88 0.79
C TRP A 78 13.26 1.64 2.15
N THR A 79 12.08 1.07 2.17
CA THR A 79 11.36 0.83 3.41
C THR A 79 10.84 -0.59 3.51
N GLY A 80 10.86 -1.30 2.39
CA GLY A 80 10.38 -2.66 2.37
C GLY A 80 8.91 -2.72 2.05
N VAL A 81 8.22 -1.65 2.43
CA VAL A 81 6.78 -1.51 2.24
C VAL A 81 6.38 -1.68 0.77
N GLY A 82 5.09 -1.72 0.53
CA GLY A 82 4.57 -1.67 -0.81
C GLY A 82 3.08 -1.66 -0.77
N ILE A 83 2.51 -0.66 -1.37
CA ILE A 83 1.08 -0.54 -1.40
C ILE A 83 0.51 -1.41 -2.51
N HIS A 84 -0.63 -2.04 -2.23
CA HIS A 84 -1.20 -2.99 -3.15
C HIS A 84 -2.68 -3.21 -2.89
N ASP A 85 -3.38 -3.75 -3.87
CA ASP A 85 -4.74 -4.17 -3.67
C ASP A 85 -4.72 -5.57 -3.08
N SER A 86 -5.62 -5.86 -2.19
CA SER A 86 -5.54 -7.10 -1.45
C SER A 86 -6.88 -7.78 -1.40
N ASP A 87 -7.04 -8.74 -2.28
CA ASP A 87 -8.29 -9.43 -2.46
C ASP A 87 -8.40 -10.55 -1.43
N TRP A 88 -7.27 -10.86 -0.81
CA TRP A 88 -7.16 -11.95 0.14
C TRP A 88 -7.44 -11.48 1.57
N GLN A 89 -7.37 -10.18 1.77
CA GLN A 89 -7.46 -9.61 3.10
C GLN A 89 -8.89 -9.18 3.41
N PRO A 90 -9.38 -9.79 4.48
CA PRO A 90 -10.81 -9.84 4.82
C PRO A 90 -11.40 -8.49 5.21
N GLU A 91 -10.69 -7.74 6.05
CA GLU A 91 -11.22 -6.51 6.60
C GLU A 91 -10.32 -5.35 6.31
N TYR A 92 -10.90 -4.20 6.46
CA TYR A 92 -10.20 -2.95 6.33
C TYR A 92 -10.94 -1.96 7.18
N GLY A 93 -10.21 -1.37 8.05
CA GLY A 93 -10.79 -0.42 8.97
C GLY A 93 -9.81 -0.11 10.02
N GLY A 94 -10.29 0.37 11.16
CA GLY A 94 -9.44 0.48 12.32
C GLY A 94 -8.62 -0.78 12.52
N ASP A 95 -7.76 -0.70 13.49
CA ASP A 95 -6.56 -1.50 13.50
C ASP A 95 -6.80 -2.99 13.25
N LEU A 96 -6.49 -3.37 12.02
CA LEU A 96 -6.37 -4.76 11.61
C LEU A 96 -4.92 -5.18 11.68
N TRP A 97 -4.05 -4.25 11.28
CA TRP A 97 -2.62 -4.54 11.10
C TRP A 97 -1.99 -5.23 12.30
N LYS A 98 -2.53 -4.97 13.47
CA LYS A 98 -2.01 -5.51 14.70
C LYS A 98 -2.62 -6.85 15.02
N THR A 99 -3.88 -6.97 14.67
CA THR A 99 -4.66 -8.16 14.97
C THR A 99 -4.53 -9.18 13.86
N ARG A 100 -4.59 -8.71 12.63
CA ARG A 100 -4.53 -9.55 11.47
C ARG A 100 -3.09 -9.63 10.98
N GLY A 101 -2.29 -8.66 11.42
CA GLY A 101 -0.86 -8.75 11.28
C GLY A 101 -0.37 -9.07 9.89
N SER A 102 -0.88 -8.41 8.86
CA SER A 102 -0.55 -8.83 7.51
C SER A 102 0.77 -8.23 7.04
N HIS A 103 1.76 -9.12 6.91
CA HIS A 103 3.11 -8.77 6.46
C HIS A 103 3.62 -7.43 7.02
N GLY A 104 4.17 -6.60 6.15
CA GLY A 104 4.76 -5.34 6.58
C GLY A 104 4.14 -4.12 5.94
N CYS A 105 3.48 -4.30 4.80
CA CYS A 105 2.98 -3.15 4.05
C CYS A 105 1.49 -2.93 4.22
N ILE A 106 0.94 -2.09 3.35
CA ILE A 106 -0.45 -1.69 3.42
C ILE A 106 -1.31 -2.60 2.56
N ASN A 107 -2.38 -3.09 3.13
CA ASN A 107 -3.28 -3.97 2.41
C ASN A 107 -4.53 -3.20 1.98
N THR A 108 -4.44 -2.63 0.80
CA THR A 108 -5.49 -1.83 0.23
C THR A 108 -6.54 -2.68 -0.47
N PRO A 109 -7.80 -2.28 -0.35
CA PRO A 109 -8.93 -2.92 -1.01
C PRO A 109 -8.71 -3.13 -2.49
N PRO A 110 -9.23 -4.24 -2.99
CA PRO A 110 -9.02 -4.64 -4.36
C PRO A 110 -9.65 -3.67 -5.35
N SER A 111 -10.63 -2.93 -4.87
CA SER A 111 -11.41 -2.04 -5.70
C SER A 111 -10.71 -0.71 -5.94
N VAL A 112 -9.84 -0.35 -5.02
CA VAL A 112 -9.26 0.98 -5.00
C VAL A 112 -7.90 1.04 -5.61
N MET A 113 -7.03 0.14 -5.24
CA MET A 113 -5.69 0.18 -5.78
C MET A 113 -5.72 -0.14 -7.26
N LYS A 114 -6.89 -0.41 -7.79
CA LYS A 114 -7.01 -0.59 -9.21
C LYS A 114 -7.11 0.77 -9.86
N GLU A 115 -7.83 1.63 -9.14
CA GLU A 115 -8.14 2.97 -9.50
C GLU A 115 -6.86 3.67 -9.61
N LEU A 116 -6.12 3.40 -8.57
CA LEU A 116 -4.77 3.77 -8.40
C LEU A 116 -3.95 3.49 -9.59
N PHE A 117 -3.77 2.22 -9.88
CA PHE A 117 -3.04 1.84 -11.09
C PHE A 117 -3.52 2.66 -12.28
N GLY A 118 -4.74 3.17 -12.15
CA GLY A 118 -5.37 3.91 -13.21
C GLY A 118 -5.06 5.39 -13.13
N MET A 119 -4.79 5.89 -11.93
CA MET A 119 -4.41 7.27 -11.75
C MET A 119 -2.94 7.47 -11.58
N VAL A 120 -2.33 6.66 -10.76
CA VAL A 120 -0.92 6.78 -10.56
C VAL A 120 -0.17 6.28 -11.75
N GLU A 121 0.96 6.89 -11.94
CA GLU A 121 1.80 6.60 -13.03
C GLU A 121 3.16 6.25 -12.51
N LYS A 122 3.92 5.52 -13.30
CA LYS A 122 5.31 5.32 -13.01
C LYS A 122 5.97 6.65 -12.84
N GLY A 123 6.17 7.00 -11.61
CA GLY A 123 6.72 8.31 -11.28
C GLY A 123 5.94 9.00 -10.19
N THR A 124 4.76 8.47 -9.92
CA THR A 124 4.00 8.84 -8.76
C THR A 124 4.72 8.30 -7.52
N PRO A 125 4.62 8.98 -6.39
CA PRO A 125 5.17 8.52 -5.17
C PRO A 125 4.09 7.84 -4.34
N VAL A 126 4.44 7.31 -3.20
CA VAL A 126 3.43 6.81 -2.29
C VAL A 126 3.73 7.27 -0.90
N LEU A 127 2.72 7.35 -0.10
CA LEU A 127 2.90 7.66 1.27
C LEU A 127 2.06 6.76 2.10
N VAL A 128 2.52 6.54 3.30
CA VAL A 128 1.71 5.99 4.35
C VAL A 128 2.11 6.75 5.60
N PHE A 129 1.16 7.07 6.46
CA PHE A 129 1.42 7.81 7.69
C PHE A 129 0.15 8.05 8.48
C 1RG B . 12.28 -9.53 4.25
N 1RG B . 10.84 -9.45 2.26
O 1RG B . 11.75 -9.11 5.29
CA 1RG B . 12.01 -8.84 2.92
CB 1RG B . 11.59 -7.38 3.16
CD 1RG B . 9.73 -8.80 2.92
CG 1RG B . 10.13 -7.34 2.81
CAA 1RG B . 3.62 -5.99 2.12
CAB 1RG B . 4.73 -6.27 1.05
OAC 1RG B . 3.56 -6.64 3.15
CAD 1RG B . 5.98 -6.92 1.76
CAE 1RG B . 4.22 -7.09 -0.12
CAF 1RG B . 5.32 -7.31 -1.15
OAG 1RG B . 3.74 -8.36 0.35
CAH 1RG B . 6.94 -5.91 2.36
CAI 1RG B . 7.56 -6.68 3.32
NAJ 1RG B . 5.64 -7.75 2.93
SAK 1RG B . 9.18 -6.35 3.93
CAL 1RG B . 6.78 -7.73 3.63
CAM 1RG B . 7.10 -8.62 4.59
CAS 1RG B . 6.25 -4.71 3.01
OAT 1RG B . 6.34 -9.58 4.82
OAU 1RG B . 8.16 -8.51 5.24
NAX 1RG B . 13.12 -10.59 4.15
CAY 1RG B . 13.44 -11.33 5.23
CAZ 1RG B . 14.29 -12.42 5.05
CBA 1RG B . 14.66 -13.22 6.14
CBB 1RG B . 14.16 -12.93 7.41
CBC 1RG B . 13.32 -11.84 7.60
CBD 1RG B . 12.96 -11.05 6.52
CBE 1RG B . 15.50 -14.31 5.95
OBF 1RG B . 15.78 -15.08 6.89
OBG 1RG B . 15.99 -14.55 4.83
HN 1RG B . 10.81 -10.43 2.43
HA 1RG B . 12.88 -8.88 2.28
HB 1RG B . 11.74 -7.13 4.20
HBA 1RG B . 12.16 -6.70 2.51
HD 1RG B . 8.80 -9.00 2.38
HDA 1RG B . 9.65 -9.10 3.97
HG 1RG B . 10.00 -6.96 1.78
HAB 1RG B . 4.98 -5.41 0.52
HAD 1RG B . 6.51 -7.52 1.03
HAE 1RG B . 3.41 -6.56 -0.59
HAF 1RG B . 6.12 -7.90 -0.70
HAFA 1RG B . 5.71 -6.37 -1.48
HAFB 1RG B . 4.92 -7.86 -1.99
HOAG 1RG B . 3.42 -8.88 -0.39
HAH 1RG B . 7.65 -5.58 1.61
HNAJ 1RG B . 5.48 -8.69 2.61
HAS 1RG B . 6.91 -4.29 3.76
HASA 1RG B . 5.33 -5.03 3.47
HASB 1RG B . 6.05 -3.98 2.26
HNAX 1RG B . 13.49 -10.84 3.25
HAZ 1RG B . 14.67 -12.65 4.07
HBB 1RG B . 14.44 -13.55 8.25
HBC 1RG B . 12.94 -11.62 8.59
HBD 1RG B . 12.30 -10.20 6.68
HAT2 1RG B . 10.85 -9.25 1.27
N GLY A 1 10.02 17.17 0.02
CA GLY A 1 8.64 16.88 -0.44
C GLY A 1 8.62 15.85 -1.56
N HIS A 2 7.46 15.65 -2.16
CA HIS A 2 7.33 14.70 -3.26
C HIS A 2 6.53 15.26 -4.42
N MET A 3 7.26 15.68 -5.44
CA MET A 3 6.67 15.96 -6.74
C MET A 3 5.63 17.07 -6.71
N GLU A 4 4.84 17.12 -7.78
CA GLU A 4 3.60 17.87 -7.81
C GLU A 4 2.62 17.15 -6.89
N ASP A 5 1.44 17.73 -6.67
CA ASP A 5 0.53 17.12 -5.73
C ASP A 5 -0.24 16.01 -6.41
N THR A 6 0.38 14.85 -6.44
CA THR A 6 -0.25 13.61 -6.80
C THR A 6 0.55 12.46 -6.23
N TYR A 7 -0.14 11.49 -5.65
CA TYR A 7 0.54 10.39 -4.98
C TYR A 7 -0.45 9.50 -4.28
N ILE A 8 -0.04 8.27 -4.01
CA ILE A 8 -0.76 7.45 -3.07
C ILE A 8 -0.41 7.86 -1.68
N GLU A 9 -1.32 7.58 -0.79
CA GLU A 9 -1.16 7.91 0.60
C GLU A 9 -1.85 6.82 1.42
N VAL A 10 -1.33 6.55 2.61
CA VAL A 10 -1.92 5.62 3.52
C VAL A 10 -1.76 6.00 4.98
N ASP A 11 -2.82 6.37 5.63
CA ASP A 11 -2.75 6.70 7.03
C ASP A 11 -3.08 5.44 7.83
N LEU A 12 -2.03 4.89 8.43
CA LEU A 12 -2.02 3.58 9.08
C LEU A 12 -2.67 3.67 10.41
N GLU A 13 -2.39 4.80 11.00
CA GLU A 13 -2.88 5.21 12.28
C GLU A 13 -4.37 5.16 12.23
N ASN A 14 -4.82 5.67 11.12
CA ASN A 14 -6.23 5.84 10.85
C ASN A 14 -6.74 4.77 9.91
N GLN A 15 -5.83 3.82 9.67
CA GLN A 15 -5.99 2.71 8.72
C GLN A 15 -6.81 3.09 7.50
N HIS A 16 -6.30 4.05 6.76
CA HIS A 16 -7.00 4.52 5.60
C HIS A 16 -6.01 4.84 4.50
N MET A 17 -6.30 4.37 3.32
CA MET A 17 -5.44 4.59 2.21
C MET A 17 -6.08 5.55 1.23
N TRP A 18 -5.27 6.26 0.50
CA TRP A 18 -5.72 7.25 -0.46
C TRP A 18 -4.91 7.17 -1.71
N TYR A 19 -5.48 7.66 -2.76
CA TYR A 19 -4.70 8.22 -3.83
C TYR A 19 -4.94 9.68 -3.79
N TYR A 20 -3.99 10.39 -4.27
CA TYR A 20 -4.06 11.83 -4.29
C TYR A 20 -3.80 12.33 -5.67
N LYS A 21 -4.78 12.99 -6.20
CA LYS A 21 -4.64 13.70 -7.46
C LYS A 21 -4.97 15.15 -7.21
N ASP A 22 -4.10 16.05 -7.55
CA ASP A 22 -4.38 17.49 -7.34
C ASP A 22 -4.38 17.86 -5.87
N GLY A 23 -3.51 17.24 -5.11
CA GLY A 23 -3.43 17.54 -3.69
C GLY A 23 -4.68 17.22 -2.94
N LYS A 24 -5.52 16.48 -3.61
CA LYS A 24 -6.76 16.03 -3.08
C LYS A 24 -6.84 14.60 -3.52
N VAL A 25 -7.81 13.85 -3.08
CA VAL A 25 -7.77 12.45 -3.39
C VAL A 25 -8.65 11.99 -4.48
N ALA A 26 -8.21 10.86 -4.99
CA ALA A 26 -8.84 10.17 -6.04
C ALA A 26 -9.47 8.94 -5.46
N LEU A 27 -8.84 8.55 -4.39
CA LEU A 27 -9.17 7.36 -3.69
C LEU A 27 -9.26 7.57 -2.23
N GLU A 28 -10.17 6.83 -1.67
CA GLU A 28 -10.38 6.83 -0.28
C GLU A 28 -10.64 5.41 0.05
N THR A 29 -9.82 4.82 0.85
CA THR A 29 -10.08 3.50 1.20
C THR A 29 -9.58 3.17 2.58
N ASP A 30 -10.09 2.11 3.09
CA ASP A 30 -9.75 1.64 4.37
C ASP A 30 -8.79 0.48 4.24
N ILE A 31 -7.74 0.49 5.07
CA ILE A 31 -6.62 -0.45 4.90
C ILE A 31 -6.09 -0.94 6.21
N VAL A 32 -4.99 -1.64 6.07
CA VAL A 32 -4.24 -2.12 7.19
C VAL A 32 -2.78 -2.26 6.78
N SER A 33 -1.96 -1.53 7.51
CA SER A 33 -0.52 -1.52 7.34
C SER A 33 0.10 -2.78 7.95
N GLY A 34 1.40 -2.81 8.11
CA GLY A 34 2.03 -4.02 8.58
C GLY A 34 2.04 -4.11 10.10
N LYS A 35 2.52 -5.24 10.60
CA LYS A 35 2.32 -5.62 11.99
C LYS A 35 3.28 -4.89 12.94
N PRO A 36 2.88 -4.78 14.22
CA PRO A 36 3.57 -4.00 15.27
C PRO A 36 4.99 -4.40 15.48
N THR A 37 5.23 -5.66 15.23
CA THR A 37 6.52 -6.26 15.47
C THR A 37 7.51 -5.75 14.43
N THR A 38 6.98 -5.49 13.26
CA THR A 38 7.73 -4.97 12.14
C THR A 38 6.91 -3.95 11.40
N PRO A 39 6.77 -2.83 12.08
CA PRO A 39 5.91 -1.71 11.74
C PRO A 39 6.21 -1.08 10.41
N THR A 40 5.21 -0.46 9.85
CA THR A 40 5.41 0.28 8.66
C THR A 40 5.90 1.68 9.05
N PRO A 41 6.74 2.28 8.21
CA PRO A 41 7.54 3.46 8.54
C PRO A 41 6.75 4.75 8.47
N ALA A 42 5.92 4.84 7.47
CA ALA A 42 5.17 6.04 7.14
C ALA A 42 6.05 7.24 6.84
N GLY A 43 5.66 7.88 5.77
CA GLY A 43 6.34 9.03 5.23
C GLY A 43 6.19 9.03 3.74
N VAL A 44 7.30 9.11 3.03
CA VAL A 44 7.28 9.11 1.59
C VAL A 44 7.96 7.87 1.02
N PHE A 45 7.18 7.02 0.41
CA PHE A 45 7.69 5.89 -0.33
C PHE A 45 7.37 6.15 -1.79
N TYR A 46 7.61 5.22 -2.68
CA TYR A 46 7.52 5.57 -4.08
C TYR A 46 6.97 4.44 -4.96
N VAL A 47 5.90 4.75 -5.73
CA VAL A 47 5.43 3.83 -6.76
C VAL A 47 6.19 4.08 -8.05
N TRP A 48 7.23 3.30 -8.19
CA TRP A 48 8.06 3.34 -9.37
C TRP A 48 7.24 2.78 -10.54
N ASN A 49 6.17 2.08 -10.19
CA ASN A 49 5.34 1.41 -11.18
C ASN A 49 4.05 0.91 -10.56
N LYS A 50 2.97 1.15 -11.25
CA LYS A 50 1.67 0.58 -10.91
C LYS A 50 1.51 -0.73 -11.67
N GLU A 51 1.16 -1.76 -10.93
CA GLU A 51 1.12 -3.11 -11.44
C GLU A 51 -0.30 -3.63 -11.56
N GLU A 52 -0.44 -4.64 -12.40
CA GLU A 52 -1.66 -5.38 -12.58
C GLU A 52 -1.34 -6.85 -12.61
N ASP A 53 -2.10 -7.63 -11.86
CA ASP A 53 -1.89 -9.06 -11.79
C ASP A 53 -0.44 -9.33 -11.40
N ALA A 54 -0.06 -8.58 -10.39
CA ALA A 54 1.26 -8.62 -9.81
C ALA A 54 1.31 -9.75 -8.81
N THR A 55 2.48 -10.13 -8.40
CA THR A 55 2.58 -11.05 -7.31
C THR A 55 3.59 -10.59 -6.30
N LEU A 56 3.08 -10.41 -5.11
CA LEU A 56 3.87 -9.95 -3.98
C LEU A 56 4.68 -11.08 -3.41
N LYS A 57 5.84 -11.23 -3.95
CA LYS A 57 6.78 -12.22 -3.53
C LYS A 57 7.91 -11.68 -2.72
N GLY A 58 8.76 -12.59 -2.30
CA GLY A 58 9.88 -12.21 -1.50
C GLY A 58 10.10 -13.17 -0.38
N THR A 59 10.80 -12.72 0.63
CA THR A 59 10.91 -13.48 1.84
C THR A 59 10.36 -12.71 3.02
N ASN A 60 9.68 -13.44 3.89
CA ASN A 60 9.29 -12.95 5.18
C ASN A 60 10.52 -12.51 5.94
N ASP A 61 10.31 -11.60 6.88
CA ASP A 61 11.35 -11.05 7.74
C ASP A 61 12.04 -12.15 8.53
N ASP A 62 11.46 -13.32 8.44
CA ASP A 62 11.89 -14.48 9.17
C ASP A 62 12.72 -15.38 8.30
N GLY A 63 12.61 -15.20 7.01
CA GLY A 63 13.30 -16.07 6.13
C GLY A 63 12.41 -17.15 5.61
N THR A 64 11.16 -16.79 5.43
CA THR A 64 10.18 -17.70 4.91
C THR A 64 9.55 -17.10 3.65
N PRO A 65 10.02 -17.52 2.48
CA PRO A 65 9.58 -16.96 1.21
C PRO A 65 8.10 -17.12 0.96
N TYR A 66 7.57 -16.20 0.21
CA TYR A 66 6.13 -16.10 0.07
C TYR A 66 5.72 -15.52 -1.25
N GLU A 67 4.43 -15.57 -1.48
CA GLU A 67 3.82 -14.94 -2.63
C GLU A 67 2.43 -14.45 -2.28
N SER A 68 2.05 -13.35 -2.88
CA SER A 68 0.69 -12.89 -2.80
C SER A 68 0.34 -12.27 -4.12
N PRO A 69 -0.33 -13.03 -4.97
CA PRO A 69 -0.70 -12.57 -6.28
C PRO A 69 -1.76 -11.52 -6.17
N VAL A 70 -1.34 -10.33 -6.49
CA VAL A 70 -2.07 -9.15 -6.26
C VAL A 70 -2.56 -8.64 -7.60
N ASN A 71 -3.62 -7.88 -7.60
CA ASN A 71 -4.22 -7.44 -8.84
C ASN A 71 -3.56 -6.15 -9.25
N TYR A 72 -2.98 -5.50 -8.27
CA TYR A 72 -2.49 -4.13 -8.41
C TYR A 72 -1.42 -3.89 -7.37
N TRP A 73 -0.27 -3.46 -7.82
CA TRP A 73 0.92 -3.44 -7.00
C TRP A 73 1.73 -2.20 -7.31
N MET A 74 2.30 -1.63 -6.28
CA MET A 74 3.18 -0.53 -6.44
C MET A 74 4.47 -0.86 -5.71
N PRO A 75 5.49 -1.37 -6.43
CA PRO A 75 6.74 -1.83 -5.83
C PRO A 75 7.55 -0.69 -5.24
N ILE A 76 7.14 -0.24 -4.07
CA ILE A 76 7.90 0.75 -3.34
C ILE A 76 9.05 0.01 -2.64
N ASP A 77 9.96 0.73 -2.00
CA ASP A 77 11.24 0.08 -1.63
C ASP A 77 11.89 0.76 -0.42
N TRP A 78 13.05 0.21 -0.03
CA TRP A 78 14.00 0.78 0.95
C TRP A 78 13.41 1.00 2.35
N THR A 79 12.15 0.64 2.54
CA THR A 79 11.43 0.99 3.76
C THR A 79 10.72 -0.20 4.41
N GLY A 80 10.30 -1.16 3.61
CA GLY A 80 9.76 -2.40 4.12
C GLY A 80 8.28 -2.45 3.97
N VAL A 81 7.78 -1.33 3.49
CA VAL A 81 6.39 -1.16 3.14
C VAL A 81 6.15 -1.41 1.65
N GLY A 82 4.89 -1.60 1.27
CA GLY A 82 4.51 -1.55 -0.12
C GLY A 82 3.02 -1.51 -0.27
N ILE A 83 2.53 -0.56 -1.02
CA ILE A 83 1.10 -0.44 -1.21
C ILE A 83 0.62 -1.37 -2.33
N HIS A 84 -0.54 -1.98 -2.10
CA HIS A 84 -1.10 -2.92 -3.06
C HIS A 84 -2.58 -3.13 -2.78
N ASP A 85 -3.28 -3.66 -3.77
CA ASP A 85 -4.64 -4.09 -3.57
C ASP A 85 -4.60 -5.47 -2.93
N SER A 86 -5.60 -5.81 -2.16
CA SER A 86 -5.56 -7.05 -1.39
C SER A 86 -6.88 -7.76 -1.53
N ASP A 87 -6.89 -8.68 -2.47
CA ASP A 87 -8.07 -9.44 -2.81
C ASP A 87 -8.29 -10.54 -1.79
N TRP A 88 -7.22 -10.86 -1.09
CA TRP A 88 -7.21 -11.94 -0.14
C TRP A 88 -7.68 -11.49 1.24
N GLN A 89 -7.56 -10.20 1.51
CA GLN A 89 -7.95 -9.68 2.81
C GLN A 89 -9.34 -9.10 2.74
N PRO A 90 -10.21 -9.70 3.53
CA PRO A 90 -11.63 -9.40 3.58
C PRO A 90 -11.97 -8.31 4.56
N GLU A 91 -11.03 -7.94 5.40
CA GLU A 91 -11.21 -6.83 6.28
C GLU A 91 -10.34 -5.65 5.91
N TYR A 92 -10.89 -4.51 6.26
CA TYR A 92 -10.19 -3.24 6.25
C TYR A 92 -10.95 -2.36 7.18
N GLY A 93 -10.25 -1.75 8.08
CA GLY A 93 -10.90 -0.93 9.06
C GLY A 93 -9.97 -0.56 10.16
N GLY A 94 -10.54 -0.22 11.31
CA GLY A 94 -9.75 -0.10 12.52
C GLY A 94 -8.75 -1.20 12.64
N ASP A 95 -7.91 -1.04 13.60
CA ASP A 95 -6.61 -1.66 13.57
C ASP A 95 -6.67 -3.15 13.33
N LEU A 96 -6.40 -3.49 12.08
CA LEU A 96 -6.24 -4.85 11.64
C LEU A 96 -4.77 -5.21 11.60
N TRP A 97 -3.96 -4.22 11.23
CA TRP A 97 -2.53 -4.41 10.99
C TRP A 97 -1.84 -5.07 12.16
N LYS A 98 -2.41 -4.90 13.34
CA LYS A 98 -1.85 -5.46 14.54
C LYS A 98 -2.38 -6.84 14.85
N THR A 99 -3.63 -7.05 14.52
CA THR A 99 -4.29 -8.30 14.81
C THR A 99 -4.13 -9.29 13.66
N ARG A 100 -4.17 -8.74 12.46
CA ARG A 100 -4.05 -9.52 11.24
C ARG A 100 -2.62 -9.46 10.72
N GLY A 101 -1.89 -8.46 11.21
CA GLY A 101 -0.45 -8.47 11.14
C GLY A 101 0.13 -8.72 9.77
N SER A 102 -0.33 -8.02 8.74
CA SER A 102 0.11 -8.37 7.40
C SER A 102 1.43 -7.69 7.04
N HIS A 103 2.48 -8.53 6.95
CA HIS A 103 3.84 -8.12 6.55
C HIS A 103 4.22 -6.73 7.08
N GLY A 104 4.79 -5.91 6.20
CA GLY A 104 5.06 -4.53 6.53
C GLY A 104 4.31 -3.60 5.59
N CYS A 105 3.66 -4.17 4.58
CA CYS A 105 2.97 -3.40 3.56
C CYS A 105 1.49 -3.18 3.87
N ILE A 106 0.93 -2.20 3.17
CA ILE A 106 -0.44 -1.77 3.35
C ILE A 106 -1.37 -2.60 2.48
N ASN A 107 -2.40 -3.13 3.09
CA ASN A 107 -3.33 -3.99 2.40
C ASN A 107 -4.56 -3.19 1.99
N THR A 108 -4.47 -2.60 0.81
CA THR A 108 -5.52 -1.81 0.24
C THR A 108 -6.54 -2.68 -0.49
N PRO A 109 -7.83 -2.30 -0.39
CA PRO A 109 -8.92 -2.95 -1.11
C PRO A 109 -8.67 -3.10 -2.59
N PRO A 110 -9.15 -4.20 -3.16
CA PRO A 110 -8.93 -4.53 -4.55
C PRO A 110 -9.60 -3.54 -5.50
N SER A 111 -10.63 -2.90 -5.00
CA SER A 111 -11.43 -1.98 -5.78
C SER A 111 -10.75 -0.63 -5.97
N VAL A 112 -9.88 -0.31 -5.05
CA VAL A 112 -9.31 1.02 -5.02
C VAL A 112 -7.93 1.06 -5.62
N MET A 113 -7.08 0.16 -5.25
CA MET A 113 -5.73 0.18 -5.79
C MET A 113 -5.77 -0.13 -7.28
N LYS A 114 -6.93 -0.42 -7.80
CA LYS A 114 -7.07 -0.58 -9.22
C LYS A 114 -7.16 0.79 -9.86
N GLU A 115 -7.88 1.65 -9.13
CA GLU A 115 -8.17 2.98 -9.51
C GLU A 115 -6.88 3.69 -9.60
N LEU A 116 -6.16 3.43 -8.55
CA LEU A 116 -4.82 3.80 -8.37
C LEU A 116 -3.98 3.52 -9.56
N PHE A 117 -3.83 2.26 -9.86
CA PHE A 117 -3.11 1.85 -11.06
C PHE A 117 -3.57 2.71 -12.24
N GLY A 118 -4.79 3.21 -12.13
CA GLY A 118 -5.39 3.97 -13.19
C GLY A 118 -5.03 5.43 -13.10
N MET A 119 -4.79 5.93 -11.89
CA MET A 119 -4.39 7.32 -11.73
C MET A 119 -2.91 7.50 -11.55
N VAL A 120 -2.31 6.67 -10.73
CA VAL A 120 -0.90 6.80 -10.51
C VAL A 120 -0.14 6.32 -11.70
N GLU A 121 0.99 6.95 -11.86
CA GLU A 121 1.85 6.66 -12.95
C GLU A 121 3.17 6.22 -12.41
N LYS A 122 3.92 5.51 -13.23
CA LYS A 122 5.30 5.23 -12.91
C LYS A 122 6.01 6.53 -12.73
N GLY A 123 6.21 6.86 -11.48
CA GLY A 123 6.79 8.14 -11.14
C GLY A 123 6.05 8.81 -10.01
N THR A 124 4.83 8.35 -9.78
CA THR A 124 4.05 8.76 -8.65
C THR A 124 4.72 8.23 -7.38
N PRO A 125 4.60 8.94 -6.26
CA PRO A 125 5.11 8.48 -5.03
C PRO A 125 4.03 7.78 -4.24
N VAL A 126 4.36 7.23 -3.12
CA VAL A 126 3.35 6.72 -2.22
C VAL A 126 3.65 7.22 -0.83
N LEU A 127 2.64 7.31 -0.04
CA LEU A 127 2.82 7.68 1.32
C LEU A 127 2.03 6.76 2.16
N VAL A 128 2.50 6.59 3.35
CA VAL A 128 1.70 6.11 4.43
C VAL A 128 2.05 6.95 5.64
N PHE A 129 1.07 7.25 6.49
CA PHE A 129 1.25 8.08 7.69
C PHE A 129 -0.08 8.42 8.32
C 1RG B . 13.38 -9.35 3.58
N 1RG B . 11.68 -9.33 1.81
O 1RG B . 12.53 -9.81 4.35
CA 1RG B . 12.94 -8.70 2.28
CB 1RG B . 12.59 -7.23 2.51
CD 1RG B . 10.65 -8.54 2.47
CG 1RG B . 11.12 -7.13 2.17
CAA 1RG B . 4.82 -6.11 2.45
CAB 1RG B . 5.52 -6.31 1.06
OAC 1RG B . 5.46 -6.06 3.49
CAD 1RG B . 6.93 -6.98 1.30
CAE 1RG B . 4.67 -7.05 0.05
CAF 1RG B . 5.44 -7.30 -1.25
OAG 1RG B . 4.25 -8.31 0.58
CAH 1RG B . 8.02 -5.93 1.52
CAI 1RG B . 8.62 -6.33 2.69
NAJ 1RG B . 6.98 -7.81 2.53
SAK 1RG B . 10.26 -5.94 3.16
CAL 1RG B . 7.82 -7.17 3.34
CAM 1RG B . 7.86 -7.31 4.67
CAS 1RG B . 7.47 -4.51 1.63
OAT 1RG B . 7.09 -8.12 5.23
OAU 1RG B . 8.67 -6.66 5.36
NAX 1RG B . 14.72 -9.32 3.78
CAY 1RG B . 15.26 -9.91 4.88
CAZ 1RG B . 16.64 -9.84 5.06
CBA 1RG B . 17.25 -10.43 6.16
CBB 1RG B . 16.47 -11.09 7.10
CBC 1RG B . 15.10 -11.17 6.94
CBD 1RG B . 14.50 -10.58 5.84
CBE 1RG B . 18.63 -10.34 6.33
OBF 1RG B . 19.19 -10.85 7.32
OBG 1RG B . 19.34 -9.77 5.49
HN 1RG B . 11.62 -10.27 2.11
HA 1RG B . 13.72 -8.80 1.52
HB 1RG B . 12.76 -6.98 3.55
HBA 1RG B . 13.18 -6.58 1.85
HD 1RG B . 9.68 -8.73 2.02
HDA 1RG B . 10.64 -8.72 3.55
HG 1RG B . 11.02 -6.88 1.10
HAB 1RG B . 5.61 -5.41 0.56
HAD 1RG B . 7.19 -7.57 0.43
HAE 1RG B . 3.80 -6.46 -0.19
HAF 1RG B . 6.29 -7.95 -1.05
HAFA 1RG B . 5.81 -6.35 -1.63
HAFB 1RG B . 4.80 -7.76 -1.97
HOAG 1RG B . 3.71 -8.77 -0.07
HAH 1RG B . 8.73 -5.98 0.71
HNAJ 1RG B . 7.40 -8.70 2.29
HAS 1RG B . 6.59 -4.52 2.27
HASA 1RG B . 7.20 -4.15 0.66
HASB 1RG B . 8.22 -3.87 2.07
HNAX 1RG B . 15.32 -8.89 3.11
HAZ 1RG B . 17.25 -9.32 4.32
HBB 1RG B . 16.93 -11.55 7.97
HBC 1RG B . 14.49 -11.69 7.67
HBD 1RG B . 13.42 -10.65 5.71
HAT2 1RG B . 11.61 -9.26 0.81
N GLY A 1 6.64 17.85 -0.13
CA GLY A 1 8.04 17.45 -0.42
C GLY A 1 8.12 16.25 -1.35
N HIS A 2 7.12 16.08 -2.20
CA HIS A 2 7.14 15.04 -3.22
C HIS A 2 6.38 15.45 -4.45
N MET A 3 7.14 15.89 -5.46
CA MET A 3 6.59 16.07 -6.80
C MET A 3 5.51 17.14 -6.85
N GLU A 4 4.78 17.16 -7.96
CA GLU A 4 3.52 17.89 -8.07
C GLU A 4 2.53 17.25 -7.12
N ASP A 5 1.35 17.84 -6.96
CA ASP A 5 0.41 17.30 -6.01
C ASP A 5 -0.34 16.15 -6.63
N THR A 6 0.28 14.99 -6.62
CA THR A 6 -0.36 13.73 -6.93
C THR A 6 0.46 12.61 -6.34
N TYR A 7 -0.21 11.63 -5.74
CA TYR A 7 0.48 10.55 -5.07
C TYR A 7 -0.49 9.63 -4.37
N ILE A 8 -0.06 8.42 -4.10
CA ILE A 8 -0.77 7.58 -3.16
C ILE A 8 -0.44 8.03 -1.78
N GLU A 9 -1.35 7.75 -0.89
CA GLU A 9 -1.21 8.13 0.48
C GLU A 9 -1.91 7.07 1.32
N VAL A 10 -1.38 6.84 2.49
CA VAL A 10 -1.97 5.99 3.47
C VAL A 10 -1.82 6.58 4.85
N ASP A 11 -2.69 6.20 5.73
CA ASP A 11 -2.63 6.62 7.09
C ASP A 11 -2.94 5.41 7.94
N LEU A 12 -1.90 4.89 8.53
CA LEU A 12 -1.87 3.57 9.16
C LEU A 12 -2.49 3.63 10.51
N GLU A 13 -2.22 4.76 11.09
CA GLU A 13 -2.72 5.18 12.38
C GLU A 13 -4.21 5.13 12.32
N ASN A 14 -4.66 5.67 11.22
CA ASN A 14 -6.09 5.85 10.94
C ASN A 14 -6.60 4.75 10.04
N GLN A 15 -5.69 3.81 9.78
CA GLN A 15 -5.86 2.70 8.84
C GLN A 15 -6.70 3.08 7.62
N HIS A 16 -6.21 4.03 6.86
CA HIS A 16 -6.92 4.49 5.68
C HIS A 16 -5.93 4.80 4.60
N MET A 17 -6.25 4.39 3.39
CA MET A 17 -5.38 4.63 2.27
C MET A 17 -6.06 5.57 1.29
N TRP A 18 -5.27 6.22 0.47
CA TRP A 18 -5.74 7.18 -0.50
C TRP A 18 -4.95 7.10 -1.78
N TYR A 19 -5.50 7.69 -2.79
CA TYR A 19 -4.73 8.25 -3.85
C TYR A 19 -4.98 9.71 -3.84
N TYR A 20 -4.05 10.43 -4.33
CA TYR A 20 -4.13 11.86 -4.36
C TYR A 20 -3.88 12.35 -5.75
N LYS A 21 -4.86 13.00 -6.30
CA LYS A 21 -4.74 13.67 -7.56
C LYS A 21 -5.08 15.12 -7.38
N ASP A 22 -4.14 16.01 -7.60
CA ASP A 22 -4.36 17.45 -7.37
C ASP A 22 -4.35 17.81 -5.91
N GLY A 23 -3.50 17.17 -5.15
CA GLY A 23 -3.42 17.47 -3.72
C GLY A 23 -4.69 17.16 -2.98
N LYS A 24 -5.53 16.46 -3.66
CA LYS A 24 -6.78 16.03 -3.17
C LYS A 24 -6.91 14.61 -3.63
N VAL A 25 -7.87 13.86 -3.17
CA VAL A 25 -7.83 12.46 -3.46
C VAL A 25 -8.69 11.98 -4.58
N ALA A 26 -8.24 10.85 -5.05
CA ALA A 26 -8.85 10.15 -6.11
C ALA A 26 -9.44 8.92 -5.53
N LEU A 27 -8.83 8.55 -4.43
CA LEU A 27 -9.14 7.37 -3.71
C LEU A 27 -9.20 7.62 -2.25
N GLU A 28 -10.07 6.88 -1.66
CA GLU A 28 -10.23 6.88 -0.25
C GLU A 28 -10.56 5.48 0.09
N THR A 29 -9.73 4.86 0.86
CA THR A 29 -10.01 3.53 1.19
C THR A 29 -9.48 3.19 2.55
N ASP A 30 -9.95 2.11 3.05
CA ASP A 30 -9.57 1.63 4.33
C ASP A 30 -8.60 0.49 4.20
N ILE A 31 -7.51 0.55 4.97
CA ILE A 31 -6.42 -0.40 4.82
C ILE A 31 -5.99 -0.98 6.13
N VAL A 32 -4.92 -1.71 6.04
CA VAL A 32 -4.24 -2.25 7.18
C VAL A 32 -2.78 -2.42 6.82
N SER A 33 -2.00 -1.72 7.58
CA SER A 33 -0.57 -1.65 7.43
C SER A 33 0.11 -2.91 7.95
N GLY A 34 1.43 -2.91 8.07
CA GLY A 34 2.08 -4.12 8.49
C GLY A 34 2.11 -4.26 10.00
N LYS A 35 2.45 -5.45 10.46
CA LYS A 35 2.25 -5.82 11.86
C LYS A 35 3.28 -5.15 12.77
N PRO A 36 2.93 -5.03 14.07
CA PRO A 36 3.69 -4.27 15.09
C PRO A 36 5.12 -4.69 15.19
N THR A 37 5.33 -5.94 14.87
CA THR A 37 6.62 -6.57 14.98
C THR A 37 7.57 -5.99 13.93
N THR A 38 6.97 -5.66 12.80
CA THR A 38 7.67 -5.12 11.66
C THR A 38 6.80 -4.05 11.02
N PRO A 39 6.70 -2.98 11.75
CA PRO A 39 5.81 -1.85 11.52
C PRO A 39 5.95 -1.18 10.19
N THR A 40 4.92 -0.47 9.83
CA THR A 40 4.93 0.33 8.68
C THR A 40 5.54 1.70 9.04
N PRO A 41 6.57 2.14 8.29
CA PRO A 41 7.41 3.30 8.65
C PRO A 41 6.65 4.60 8.55
N ALA A 42 5.92 4.73 7.45
CA ALA A 42 5.19 5.94 7.11
C ALA A 42 6.08 7.16 6.92
N GLY A 43 5.71 7.87 5.89
CA GLY A 43 6.41 9.03 5.43
C GLY A 43 6.16 9.20 3.96
N VAL A 44 7.19 9.01 3.17
CA VAL A 44 7.04 8.99 1.73
C VAL A 44 7.76 7.77 1.15
N PHE A 45 7.04 6.98 0.37
CA PHE A 45 7.65 5.95 -0.43
C PHE A 45 7.35 6.29 -1.88
N TYR A 46 7.73 5.47 -2.84
CA TYR A 46 7.58 5.89 -4.23
C TYR A 46 7.04 4.78 -5.12
N VAL A 47 5.89 5.00 -5.76
CA VAL A 47 5.41 4.07 -6.75
C VAL A 47 6.02 4.42 -8.08
N TRP A 48 7.12 3.79 -8.30
CA TRP A 48 7.83 3.96 -9.53
C TRP A 48 7.40 2.87 -10.48
N ASN A 49 6.33 2.19 -10.07
CA ASN A 49 5.63 1.22 -10.89
C ASN A 49 4.28 0.85 -10.26
N LYS A 50 3.24 0.98 -11.05
CA LYS A 50 1.90 0.49 -10.72
C LYS A 50 1.65 -0.81 -11.49
N GLU A 51 0.95 -1.75 -10.85
CA GLU A 51 0.86 -3.11 -11.34
C GLU A 51 -0.55 -3.63 -11.51
N GLU A 52 -0.61 -4.67 -12.34
CA GLU A 52 -1.80 -5.43 -12.60
C GLU A 52 -1.43 -6.90 -12.67
N ASP A 53 -2.12 -7.71 -11.90
CA ASP A 53 -1.84 -9.14 -11.83
C ASP A 53 -0.38 -9.35 -11.45
N ALA A 54 0.00 -8.58 -10.44
CA ALA A 54 1.31 -8.60 -9.84
C ALA A 54 1.37 -9.75 -8.86
N THR A 55 2.54 -10.11 -8.42
CA THR A 55 2.63 -11.06 -7.34
C THR A 55 3.58 -10.60 -6.27
N LEU A 56 3.03 -10.44 -5.10
CA LEU A 56 3.78 -10.00 -3.94
C LEU A 56 4.58 -11.11 -3.33
N LYS A 57 5.75 -11.25 -3.84
CA LYS A 57 6.70 -12.21 -3.38
C LYS A 57 7.77 -11.61 -2.52
N GLY A 58 8.64 -12.47 -2.07
CA GLY A 58 9.70 -12.01 -1.23
C GLY A 58 9.94 -12.93 -0.08
N THR A 59 10.54 -12.42 0.96
CA THR A 59 10.65 -13.17 2.17
C THR A 59 9.99 -12.45 3.32
N ASN A 60 9.26 -13.21 4.12
CA ASN A 60 8.77 -12.73 5.38
C ASN A 60 9.92 -12.21 6.20
N ASP A 61 9.64 -11.24 7.04
CA ASP A 61 10.61 -10.66 7.96
C ASP A 61 11.22 -11.73 8.86
N ASP A 62 10.76 -12.96 8.72
CA ASP A 62 11.20 -14.04 9.56
C ASP A 62 11.93 -15.08 8.75
N GLY A 63 12.06 -14.79 7.47
CA GLY A 63 12.90 -15.59 6.62
C GLY A 63 12.15 -16.63 5.87
N THR A 64 10.87 -16.43 5.77
CA THR A 64 9.99 -17.39 5.16
C THR A 64 9.40 -16.82 3.88
N PRO A 65 9.97 -17.21 2.73
CA PRO A 65 9.54 -16.70 1.42
C PRO A 65 8.10 -16.98 1.12
N TYR A 66 7.52 -16.08 0.36
CA TYR A 66 6.08 -16.08 0.17
C TYR A 66 5.68 -15.51 -1.17
N GLU A 67 4.39 -15.60 -1.43
CA GLU A 67 3.79 -14.97 -2.59
C GLU A 67 2.39 -14.49 -2.28
N SER A 68 2.01 -13.40 -2.91
CA SER A 68 0.65 -12.95 -2.87
C SER A 68 0.32 -12.34 -4.20
N PRO A 69 -0.31 -13.10 -5.07
CA PRO A 69 -0.68 -12.62 -6.38
C PRO A 69 -1.74 -11.58 -6.27
N VAL A 70 -1.34 -10.39 -6.59
CA VAL A 70 -2.09 -9.22 -6.34
C VAL A 70 -2.55 -8.66 -7.68
N ASN A 71 -3.65 -7.96 -7.68
CA ASN A 71 -4.24 -7.50 -8.91
C ASN A 71 -3.61 -6.20 -9.29
N TYR A 72 -3.02 -5.55 -8.30
CA TYR A 72 -2.54 -4.19 -8.43
C TYR A 72 -1.50 -3.96 -7.36
N TRP A 73 -0.33 -3.51 -7.79
CA TRP A 73 0.84 -3.51 -6.94
C TRP A 73 1.68 -2.28 -7.22
N MET A 74 2.17 -1.68 -6.18
CA MET A 74 3.06 -0.56 -6.33
C MET A 74 4.40 -0.91 -5.71
N PRO A 75 5.31 -1.48 -6.53
CA PRO A 75 6.71 -1.70 -6.13
C PRO A 75 7.35 -0.39 -5.76
N ILE A 76 7.25 -0.04 -4.48
CA ILE A 76 7.64 1.27 -4.04
C ILE A 76 9.09 1.32 -3.60
N ASP A 77 9.36 1.97 -2.49
CA ASP A 77 10.70 2.36 -2.16
C ASP A 77 11.41 1.26 -1.37
N TRP A 78 12.71 1.38 -1.29
CA TRP A 78 13.61 0.32 -0.85
C TRP A 78 13.41 -0.01 0.63
N THR A 79 12.65 0.86 1.27
CA THR A 79 12.44 0.84 2.71
C THR A 79 11.62 -0.37 3.15
N GLY A 80 11.02 -1.03 2.17
CA GLY A 80 10.41 -2.32 2.43
C GLY A 80 8.95 -2.37 2.05
N VAL A 81 8.24 -1.30 2.36
CA VAL A 81 6.79 -1.22 2.17
C VAL A 81 6.41 -1.41 0.70
N GLY A 82 5.11 -1.54 0.46
CA GLY A 82 4.57 -1.52 -0.87
C GLY A 82 3.08 -1.58 -0.82
N ILE A 83 2.45 -0.60 -1.40
CA ILE A 83 1.02 -0.53 -1.39
C ILE A 83 0.44 -1.42 -2.49
N HIS A 84 -0.69 -2.05 -2.20
CA HIS A 84 -1.27 -3.01 -3.12
C HIS A 84 -2.73 -3.24 -2.84
N ASP A 85 -3.44 -3.78 -3.83
CA ASP A 85 -4.81 -4.20 -3.64
C ASP A 85 -4.82 -5.61 -3.06
N SER A 86 -5.79 -5.91 -2.22
CA SER A 86 -5.77 -7.16 -1.47
C SER A 86 -7.11 -7.83 -1.56
N ASP A 87 -7.19 -8.76 -2.50
CA ASP A 87 -8.42 -9.46 -2.79
C ASP A 87 -8.61 -10.59 -1.79
N TRP A 88 -7.50 -10.94 -1.17
CA TRP A 88 -7.45 -12.02 -0.21
C TRP A 88 -7.83 -11.54 1.18
N GLN A 89 -7.75 -10.23 1.39
CA GLN A 89 -8.09 -9.67 2.69
C GLN A 89 -9.45 -9.01 2.62
N PRO A 90 -10.36 -9.61 3.35
CA PRO A 90 -11.76 -9.24 3.36
C PRO A 90 -12.07 -8.15 4.36
N GLU A 91 -11.09 -7.85 5.19
CA GLU A 91 -11.24 -6.78 6.14
C GLU A 91 -10.36 -5.59 5.84
N TYR A 92 -10.86 -4.46 6.28
CA TYR A 92 -10.17 -3.20 6.28
C TYR A 92 -10.93 -2.32 7.24
N GLY A 93 -10.21 -1.69 8.10
CA GLY A 93 -10.84 -0.83 9.05
C GLY A 93 -9.86 -0.42 10.09
N GLY A 94 -10.37 0.00 11.25
CA GLY A 94 -9.52 0.15 12.40
C GLY A 94 -8.61 -1.03 12.57
N ASP A 95 -7.74 -0.91 13.52
CA ASP A 95 -6.50 -1.64 13.51
C ASP A 95 -6.67 -3.14 13.29
N LEU A 96 -6.39 -3.51 12.05
CA LEU A 96 -6.26 -4.88 11.62
C LEU A 96 -4.80 -5.28 11.64
N TRP A 97 -3.96 -4.33 11.28
CA TRP A 97 -2.53 -4.58 11.05
C TRP A 97 -1.86 -5.24 12.24
N LYS A 98 -2.40 -5.00 13.42
CA LYS A 98 -1.83 -5.53 14.64
C LYS A 98 -2.40 -6.89 15.01
N THR A 99 -3.67 -7.04 14.72
CA THR A 99 -4.39 -8.25 15.07
C THR A 99 -4.31 -9.28 13.95
N ARG A 100 -4.49 -8.79 12.74
CA ARG A 100 -4.48 -9.61 11.54
C ARG A 100 -3.09 -9.64 10.96
N GLY A 101 -2.27 -8.67 11.39
CA GLY A 101 -0.83 -8.76 11.23
C GLY A 101 -0.35 -9.02 9.82
N SER A 102 -0.83 -8.27 8.84
CA SER A 102 -0.46 -8.58 7.47
C SER A 102 0.89 -7.99 7.11
N HIS A 103 1.87 -8.89 6.95
CA HIS A 103 3.22 -8.58 6.50
C HIS A 103 3.79 -7.25 7.03
N GLY A 104 4.25 -6.39 6.11
CA GLY A 104 4.91 -5.17 6.52
C GLY A 104 4.33 -3.94 5.84
N CYS A 105 3.66 -4.14 4.71
CA CYS A 105 3.16 -3.02 3.94
C CYS A 105 1.66 -2.82 4.14
N ILE A 106 1.08 -2.02 3.26
CA ILE A 106 -0.32 -1.63 3.37
C ILE A 106 -1.19 -2.52 2.50
N ASN A 107 -2.27 -3.03 3.09
CA ASN A 107 -3.16 -3.93 2.39
C ASN A 107 -4.44 -3.20 2.01
N THR A 108 -4.45 -2.69 0.79
CA THR A 108 -5.52 -1.90 0.24
C THR A 108 -6.57 -2.74 -0.47
N PRO A 109 -7.84 -2.33 -0.38
CA PRO A 109 -8.96 -2.96 -1.10
C PRO A 109 -8.71 -3.14 -2.57
N PRO A 110 -9.26 -4.21 -3.13
CA PRO A 110 -9.05 -4.58 -4.51
C PRO A 110 -9.69 -3.59 -5.47
N SER A 111 -10.68 -2.88 -4.98
CA SER A 111 -11.47 -1.96 -5.78
C SER A 111 -10.76 -0.63 -5.98
N VAL A 112 -9.90 -0.31 -5.06
CA VAL A 112 -9.31 1.02 -5.02
C VAL A 112 -7.93 1.06 -5.62
N MET A 113 -7.08 0.17 -5.24
CA MET A 113 -5.74 0.18 -5.77
C MET A 113 -5.75 -0.14 -7.25
N LYS A 114 -6.91 -0.42 -7.79
CA LYS A 114 -7.03 -0.59 -9.21
C LYS A 114 -7.11 0.79 -9.85
N GLU A 115 -7.84 1.65 -9.13
CA GLU A 115 -8.13 2.98 -9.51
C GLU A 115 -6.84 3.68 -9.60
N LEU A 116 -6.13 3.41 -8.54
CA LEU A 116 -4.79 3.77 -8.35
C LEU A 116 -3.95 3.50 -9.53
N PHE A 117 -3.75 2.23 -9.82
CA PHE A 117 -2.99 1.85 -11.01
C PHE A 117 -3.46 2.67 -12.21
N GLY A 118 -4.69 3.17 -12.11
CA GLY A 118 -5.29 3.91 -13.19
C GLY A 118 -4.97 5.38 -13.11
N MET A 119 -4.70 5.87 -11.91
CA MET A 119 -4.31 7.26 -11.74
C MET A 119 -2.84 7.44 -11.53
N VAL A 120 -2.25 6.63 -10.71
CA VAL A 120 -0.84 6.74 -10.47
C VAL A 120 -0.07 6.27 -11.66
N GLU A 121 1.04 6.90 -11.82
CA GLU A 121 1.91 6.63 -12.90
C GLU A 121 3.24 6.23 -12.34
N LYS A 122 3.98 5.46 -13.09
CA LYS A 122 5.33 5.13 -12.72
C LYS A 122 6.13 6.38 -12.51
N GLY A 123 6.31 6.67 -11.24
CA GLY A 123 6.99 7.89 -10.87
C GLY A 123 6.18 8.67 -9.85
N THR A 124 4.94 8.27 -9.67
CA THR A 124 4.11 8.78 -8.62
C THR A 124 4.69 8.37 -7.29
N PRO A 125 4.51 9.15 -6.24
CA PRO A 125 4.98 8.79 -4.94
C PRO A 125 3.89 8.09 -4.18
N VAL A 126 4.25 7.42 -3.14
CA VAL A 126 3.24 6.90 -2.25
C VAL A 126 3.56 7.40 -0.88
N LEU A 127 2.56 7.51 -0.09
CA LEU A 127 2.74 7.87 1.26
C LEU A 127 1.95 6.95 2.09
N VAL A 128 2.45 6.74 3.25
CA VAL A 128 1.69 6.17 4.31
C VAL A 128 2.13 6.95 5.52
N PHE A 129 1.20 7.31 6.39
CA PHE A 129 1.48 8.09 7.57
C PHE A 129 0.20 8.42 8.33
C 1RG B . 12.66 -7.70 3.26
N 1RG B . 11.48 -6.98 1.23
O 1RG B . 11.83 -8.61 3.35
CA 1RG B . 12.39 -6.53 2.31
CB 1RG B . 11.63 -5.40 3.03
CD 1RG B . 10.37 -6.02 1.20
CG 1RG B . 10.19 -5.61 2.65
CAA 1RG B . 3.82 -5.94 2.10
CAB 1RG B . 4.86 -6.25 0.97
OAC 1RG B . 3.84 -6.54 3.17
CAD 1RG B . 6.11 -6.99 1.58
CAE 1RG B . 4.26 -6.99 -0.21
CAF 1RG B . 5.31 -7.29 -1.26
OAG 1RG B . 3.69 -8.22 0.25
CAH 1RG B . 7.17 -6.10 2.20
CAI 1RG B . 7.82 -7.02 3.03
NAJ 1RG B . 5.77 -7.85 2.73
SAK 1RG B . 9.49 -6.95 3.59
CAL 1RG B . 6.97 -8.03 3.30
CAM 1RG B . 7.30 -9.09 4.06
CAS 1RG B . 6.59 -4.94 3.02
OAT 1RG B . 6.48 -9.98 4.27
OAU 1RG B . 8.44 -9.19 4.57
NAX 1RG B . 13.87 -7.65 3.90
CAY 1RG B . 14.21 -8.62 4.78
CAZ 1RG B . 15.46 -8.54 5.42
CBA 1RG B . 15.84 -9.52 6.34
CBB 1RG B . 15.00 -10.58 6.61
CBC 1RG B . 13.77 -10.68 5.98
CBD 1RG B . 13.38 -9.72 5.07
CBE 1RG B . 17.07 -9.42 6.99
OBF 1RG B . 17.41 -10.27 7.84
OBG 1RG B . 17.86 -8.50 6.73
HN 1RG B . 11.13 -7.89 1.44
HA 1RG B . 13.32 -6.15 1.90
HB 1RG B . 11.76 -5.51 4.11
HBA 1RG B . 11.98 -4.42 2.70
HD 1RG B . 10.64 -5.16 0.59
HDA 1RG B . 9.46 -6.49 0.82
HG 1RG B . 9.62 -4.69 2.78
HAB 1RG B . 5.15 -5.38 0.47
HAD 1RG B . 6.57 -7.59 0.81
HAE 1RG B . 3.49 -6.39 -0.65
HAF 1RG B . 5.80 -6.37 -1.57
HAFA 1RG B . 4.84 -7.74 -2.12
HAFB 1RG B . 6.05 -7.97 -0.86
HOAG 1RG B . 3.00 -8.03 0.89
HAH 1RG B . 7.84 -5.73 1.42
HNAJ 1RG B . 5.46 -8.73 2.38
HAS 1RG B . 6.18 -4.21 2.34
HASA 1RG B . 7.37 -4.49 3.60
HASB 1RG B . 5.82 -5.31 3.66
HNAX 1RG B . 14.49 -6.89 3.73
HAZ 1RG B . 16.11 -7.71 5.21
HBB 1RG B . 15.30 -11.34 7.32
HBC 1RG B . 13.12 -11.51 6.20
HBD 1RG B . 12.42 -9.80 4.59
HAT2 1RG B . 11.96 -6.98 0.35
#